data_8PN5
#
_entry.id   8PN5
#
_cell.length_a   163.331
_cell.length_b   260.637
_cell.length_c   82.626
_cell.angle_alpha   90
_cell.angle_beta   90
_cell.angle_gamma   90
#
_symmetry.space_group_name_H-M   'P 21 21 21'
#
loop_
_entity.id
_entity.type
_entity.pdbx_description
1 polymer 'DUF3472 domain-containing protein'
2 polymer Triglycopeptide
3 non-polymer GLYCEROL
4 non-polymer 'ZINC ION'
5 non-polymer '2-(N-MORPHOLINO)-ETHANESULFONIC ACID'
6 non-polymer 2-acetamido-2-deoxy-alpha-D-galactopyranose
7 water water
#
loop_
_entity_poly.entity_id
_entity_poly.type
_entity_poly.pdbx_seq_one_letter_code
_entity_poly.pdbx_strand_id
1 'polypeptide(L)'
;GGGASAPGVYVTPKNSVSSDIISIDWSPVQTAPYTYWAVHNWNQGGEAGGYAGFQQQSGFDENGKRTLHFAVWDPISSKE
AIKAEYVSPTSVASNFGGEGTGLKIQTTYDWKNYNWYRMTMRSWQENGHTKFGQWLKDVSKNQWKLIGIMDFPVPNVTFN
YGQTLFQADWLGNGQDVREARVKNGYGRNISDKKWTSWNTQSIEGQEPLNNNWDGGATSEYLWFKAGGDSRSTIGTGKTF
TLNQPSQPEIGKLDYDVKSTYYENEKLNITWQLKDSSTPQFKGKIEIYNNENMTGQPINVINDIKSYQNGISQSISLPTN
TYAKIVLTDIFDQTVEKKVKIKNESPNILEGDRFAWSMKGIGDFEFAKLDLNKSTEELQVSLIAGTPHNYFDSTYASIKV
QDTSGKVVYNKEIYGNTQQNAESKTVPVKVGNFIELTHLEGGERATLTNLDNNKRESFDKKVIYEVTKDGLKKINQIVNP
KPDTEAPTQPQGLYASNVASDSVELKWNPSTDNVGVKEYQVLRDGQLIQTVQETKVTDQNLTANKEYKYTVKAVDTAGNI
SVQSNILTVTTKSQNVTYEKWDPKKAYTKGDKVEYQGKFYEAVQSYQGNGDPTWIFALSLWQPFKLI
;
A,B,C,D,E,F,G,H
2 'polypeptide(L)' AEAAATTTTPAPAK(NH2) I,J,K,L,M,N,O,P
#
loop_
_chem_comp.id
_chem_comp.type
_chem_comp.name
_chem_comp.formula
A2G D-saccharide, alpha linking 2-acetamido-2-deoxy-alpha-D-galactopyranose 'C8 H15 N O6'
GOL non-polymer GLYCEROL 'C3 H8 O3'
MES non-polymer '2-(N-MORPHOLINO)-ETHANESULFONIC ACID' 'C6 H13 N O4 S'
NH2 non-polymer 'AMINO GROUP' 'H2 N'
ZN non-polymer 'ZINC ION' 'Zn 2'
#
# COMPACT_ATOMS: atom_id res chain seq x y z
N ALA A 4 14.93 -45.79 4.93
CA ALA A 4 15.76 -44.60 4.78
C ALA A 4 14.90 -43.39 4.40
N SER A 5 13.92 -43.47 3.49
CA SER A 5 13.14 -42.32 2.96
C SER A 5 11.80 -42.27 3.70
N ALA A 6 11.28 -41.08 3.97
CA ALA A 6 9.88 -40.93 4.41
C ALA A 6 8.99 -41.46 3.29
N PRO A 7 7.88 -42.12 3.60
CA PRO A 7 6.91 -42.51 2.57
C PRO A 7 6.26 -41.26 1.96
N GLY A 8 5.96 -41.32 0.67
CA GLY A 8 5.16 -40.29 -0.01
C GLY A 8 3.75 -40.27 0.55
N VAL A 9 3.12 -39.11 0.51
CA VAL A 9 1.67 -38.97 0.82
C VAL A 9 1.03 -38.23 -0.35
N TYR A 10 -0.14 -38.69 -0.78
CA TYR A 10 -0.93 -38.16 -1.89
C TYR A 10 -2.25 -37.64 -1.34
N VAL A 11 -2.61 -36.43 -1.76
CA VAL A 11 -3.94 -35.84 -1.50
C VAL A 11 -4.58 -35.61 -2.87
N THR A 12 -5.71 -36.27 -3.11
CA THR A 12 -6.30 -36.40 -4.47
C THR A 12 -7.75 -36.02 -4.43
N PRO A 13 -8.18 -35.00 -5.22
CA PRO A 13 -9.59 -34.67 -5.31
C PRO A 13 -10.39 -35.87 -5.84
N LYS A 14 -11.63 -36.00 -5.38
CA LYS A 14 -12.52 -37.08 -5.82
C LYS A 14 -13.12 -36.76 -7.18
N ASN A 15 -13.19 -35.49 -7.57
CA ASN A 15 -14.08 -35.02 -8.65
C ASN A 15 -13.36 -34.08 -9.62
N SER A 16 -12.04 -34.18 -9.82
CA SER A 16 -11.36 -33.23 -10.73
C SER A 16 -11.66 -33.62 -12.17
N VAL A 17 -11.66 -32.65 -13.07
CA VAL A 17 -11.89 -32.82 -14.53
C VAL A 17 -10.84 -32.03 -15.32
N SER A 18 -10.84 -32.18 -16.65
CA SER A 18 -9.97 -31.42 -17.58
CA SER A 18 -9.97 -31.42 -17.58
C SER A 18 -10.21 -29.93 -17.36
N SER A 19 -9.14 -29.19 -17.09
CA SER A 19 -9.14 -27.80 -16.59
C SER A 19 -8.15 -26.94 -17.35
N ASP A 20 -8.43 -25.64 -17.45
CA ASP A 20 -7.40 -24.67 -17.95
C ASP A 20 -6.86 -23.83 -16.79
N ILE A 21 -7.54 -23.80 -15.63
CA ILE A 21 -7.01 -23.14 -14.40
C ILE A 21 -7.10 -24.18 -13.26
N ILE A 22 -6.04 -24.31 -12.47
CA ILE A 22 -6.03 -25.15 -11.26
C ILE A 22 -5.46 -24.33 -10.11
N SER A 23 -6.09 -24.42 -8.94
CA SER A 23 -5.69 -23.56 -7.80
C SER A 23 -5.77 -24.41 -6.51
N ILE A 24 -4.81 -24.21 -5.61
CA ILE A 24 -4.89 -24.76 -4.25
C ILE A 24 -4.10 -23.87 -3.29
N ASP A 25 -4.48 -23.89 -2.02
CA ASP A 25 -3.79 -23.16 -0.93
C ASP A 25 -2.99 -24.17 -0.10
N TRP A 26 -1.75 -23.81 0.25
CA TRP A 26 -0.80 -24.67 0.98
C TRP A 26 -0.16 -23.86 2.12
N SER A 27 0.05 -24.53 3.23
CA SER A 27 0.69 -23.96 4.44
C SER A 27 1.63 -25.00 5.02
N PRO A 28 2.95 -24.69 5.11
CA PRO A 28 3.92 -25.61 5.67
C PRO A 28 3.88 -25.57 7.20
N VAL A 29 4.05 -26.74 7.83
CA VAL A 29 4.01 -26.88 9.30
C VAL A 29 5.35 -27.40 9.80
N GLN A 30 5.85 -28.50 9.23
CA GLN A 30 7.23 -28.97 9.52
C GLN A 30 7.95 -29.20 8.20
N THR A 31 9.20 -28.78 8.10
CA THR A 31 9.89 -28.64 6.79
C THR A 31 11.25 -29.31 6.82
N ALA A 32 11.25 -30.65 6.89
CA ALA A 32 12.43 -31.49 6.67
C ALA A 32 13.08 -31.07 5.36
N PRO A 33 14.43 -31.02 5.30
CA PRO A 33 15.10 -30.77 4.03
C PRO A 33 14.82 -31.90 3.04
N TYR A 34 14.92 -31.58 1.75
CA TYR A 34 14.76 -32.51 0.61
C TYR A 34 13.31 -32.94 0.54
N THR A 35 12.40 -32.01 0.86
CA THR A 35 10.93 -32.24 0.74
C THR A 35 10.41 -31.45 -0.47
N TYR A 36 9.63 -32.11 -1.34
CA TYR A 36 8.87 -31.47 -2.42
C TYR A 36 7.38 -31.68 -2.12
N TRP A 37 6.69 -30.58 -1.91
CA TRP A 37 5.20 -30.51 -1.90
C TRP A 37 4.78 -30.15 -3.32
N ALA A 38 4.57 -31.14 -4.15
CA ALA A 38 4.04 -30.90 -5.52
C ALA A 38 2.53 -30.75 -5.40
N VAL A 39 2.03 -29.51 -5.31
CA VAL A 39 0.61 -29.26 -4.97
C VAL A 39 -0.26 -29.39 -6.22
N HIS A 40 0.36 -29.30 -7.40
CA HIS A 40 -0.30 -29.49 -8.71
C HIS A 40 0.46 -30.51 -9.52
N ASN A 41 -0.27 -31.40 -10.16
CA ASN A 41 0.27 -32.50 -11.00
C ASN A 41 -0.70 -32.67 -12.16
N TRP A 42 -0.20 -32.94 -13.36
CA TRP A 42 -1.10 -33.19 -14.51
C TRP A 42 -0.43 -34.11 -15.54
N ASN A 43 -1.27 -34.86 -16.24
CA ASN A 43 -0.94 -35.57 -17.50
C ASN A 43 0.21 -36.56 -17.29
N GLN A 44 0.16 -37.37 -16.24
CA GLN A 44 1.22 -38.35 -15.93
C GLN A 44 1.36 -39.31 -17.12
N GLY A 45 2.56 -39.50 -17.63
CA GLY A 45 2.83 -40.43 -18.75
C GLY A 45 2.33 -39.85 -20.06
N GLY A 46 1.90 -38.59 -20.09
CA GLY A 46 1.16 -38.03 -21.23
C GLY A 46 1.79 -36.76 -21.77
N GLU A 47 1.24 -36.26 -22.87
CA GLU A 47 1.69 -35.02 -23.51
C GLU A 47 1.55 -33.84 -22.54
N ALA A 48 2.64 -33.12 -22.33
CA ALA A 48 2.77 -31.92 -21.48
C ALA A 48 2.54 -32.29 -20.02
N GLY A 49 2.92 -33.51 -19.64
CA GLY A 49 3.02 -33.85 -18.22
C GLY A 49 3.80 -32.81 -17.45
N GLY A 50 3.33 -32.44 -16.26
CA GLY A 50 4.04 -31.45 -15.45
C GLY A 50 3.64 -31.49 -13.99
N TYR A 51 4.33 -30.68 -13.21
CA TYR A 51 3.98 -30.44 -11.79
C TYR A 51 4.51 -29.09 -11.34
N ALA A 52 4.03 -28.68 -10.18
CA ALA A 52 4.47 -27.42 -9.55
C ALA A 52 4.20 -27.49 -8.06
N GLY A 53 4.99 -26.75 -7.30
CA GLY A 53 4.80 -26.66 -5.84
C GLY A 53 5.96 -25.98 -5.18
N PHE A 54 6.30 -26.47 -3.98
CA PHE A 54 7.19 -25.83 -3.00
C PHE A 54 8.25 -26.82 -2.61
N GLN A 55 9.51 -26.38 -2.43
CA GLN A 55 10.57 -27.28 -1.95
C GLN A 55 11.32 -26.63 -0.77
N GLN A 56 11.62 -27.44 0.23
CA GLN A 56 12.69 -27.18 1.23
C GLN A 56 13.93 -27.88 0.70
N GLN A 57 14.77 -27.17 -0.02
CA GLN A 57 15.94 -27.76 -0.72
C GLN A 57 17.09 -28.01 0.25
N SER A 58 17.20 -27.25 1.34
CA SER A 58 18.24 -27.45 2.37
C SER A 58 17.77 -26.83 3.68
N GLY A 59 18.26 -27.38 4.80
CA GLY A 59 17.97 -26.88 6.17
C GLY A 59 16.56 -27.27 6.58
N PHE A 60 16.17 -26.90 7.80
CA PHE A 60 14.93 -27.32 8.47
C PHE A 60 13.97 -26.16 8.64
N ASP A 61 14.35 -24.95 8.24
CA ASP A 61 13.61 -23.73 8.60
C ASP A 61 13.84 -22.66 7.53
N GLU A 62 13.36 -21.45 7.81
CA GLU A 62 13.38 -20.29 6.88
C GLU A 62 14.82 -19.89 6.53
N ASN A 63 15.81 -20.31 7.33
CA ASN A 63 17.22 -19.98 7.05
C ASN A 63 17.79 -20.95 6.01
N GLY A 64 17.06 -22.00 5.67
CA GLY A 64 17.41 -22.95 4.60
C GLY A 64 17.04 -22.38 3.23
N LYS A 65 17.21 -23.18 2.18
CA LYS A 65 16.85 -22.74 0.82
C LYS A 65 15.41 -23.19 0.53
N ARG A 66 14.49 -22.23 0.52
CA ARG A 66 13.06 -22.48 0.24
C ARG A 66 12.74 -22.00 -1.17
N THR A 67 12.02 -22.81 -1.95
CA THR A 67 11.74 -22.50 -3.37
C THR A 67 10.29 -22.81 -3.76
N LEU A 68 9.90 -22.30 -4.93
CA LEU A 68 8.79 -22.81 -5.77
C LEU A 68 9.43 -23.65 -6.87
N HIS A 69 8.64 -24.56 -7.42
CA HIS A 69 9.07 -25.50 -8.46
C HIS A 69 7.98 -25.54 -9.50
N PHE A 70 8.35 -25.81 -10.74
CA PHE A 70 7.48 -25.85 -11.94
C PHE A 70 8.27 -26.62 -12.99
N ALA A 71 7.71 -27.68 -13.55
CA ALA A 71 8.39 -28.49 -14.57
C ALA A 71 7.35 -28.97 -15.58
N VAL A 72 7.75 -29.05 -16.83
CA VAL A 72 6.94 -29.67 -17.91
C VAL A 72 7.90 -30.58 -18.69
N TRP A 73 7.47 -31.82 -18.92
CA TRP A 73 8.29 -32.82 -19.66
C TRP A 73 8.27 -32.49 -21.15
N ASP A 74 9.36 -32.80 -21.85
CA ASP A 74 9.52 -32.55 -23.29
C ASP A 74 8.36 -33.17 -24.08
N PRO A 75 8.00 -32.52 -25.20
CA PRO A 75 7.01 -33.05 -26.12
C PRO A 75 7.31 -34.48 -26.58
N ILE A 76 6.27 -35.29 -26.78
CA ILE A 76 6.38 -36.73 -27.14
C ILE A 76 6.90 -36.82 -28.58
N SER A 77 6.32 -36.05 -29.50
CA SER A 77 6.58 -36.15 -30.97
C SER A 77 7.37 -34.93 -31.46
N SER A 78 6.93 -33.71 -31.11
CA SER A 78 7.55 -32.48 -31.66
C SER A 78 9.03 -32.44 -31.27
N LYS A 79 9.87 -31.94 -32.19
CA LYS A 79 11.31 -31.79 -31.93
C LYS A 79 11.59 -30.37 -31.44
N GLU A 80 10.58 -29.48 -31.43
CA GLU A 80 10.77 -28.08 -31.01
C GLU A 80 10.97 -28.07 -29.49
N ALA A 81 11.82 -27.17 -29.00
CA ALA A 81 12.14 -27.02 -27.57
C ALA A 81 10.98 -26.31 -26.85
N ILE A 82 10.75 -26.68 -25.60
CA ILE A 82 9.97 -25.86 -24.63
C ILE A 82 10.80 -24.61 -24.34
N LYS A 83 10.17 -23.45 -24.40
CA LYS A 83 10.82 -22.14 -24.13
C LYS A 83 10.36 -21.62 -22.77
N ALA A 84 11.29 -21.08 -21.99
CA ALA A 84 10.98 -20.25 -20.81
C ALA A 84 10.60 -18.85 -21.33
N GLU A 85 9.31 -18.58 -21.49
CA GLU A 85 8.86 -17.27 -22.04
C GLU A 85 9.08 -16.16 -21.01
N TYR A 86 8.88 -16.47 -19.73
CA TYR A 86 8.95 -15.48 -18.62
C TYR A 86 9.47 -16.21 -17.39
N VAL A 87 10.46 -15.60 -16.71
CA VAL A 87 10.94 -16.04 -15.37
C VAL A 87 10.96 -14.79 -14.49
N SER A 88 10.53 -14.92 -13.25
CA SER A 88 10.47 -13.81 -12.27
C SER A 88 11.92 -13.50 -11.90
N PRO A 89 12.16 -12.35 -11.22
CA PRO A 89 13.52 -11.98 -10.82
C PRO A 89 14.28 -13.01 -10.00
N THR A 90 13.60 -13.87 -9.27
CA THR A 90 14.27 -14.94 -8.44
C THR A 90 14.07 -16.32 -9.06
N SER A 91 13.63 -16.38 -10.31
CA SER A 91 13.37 -17.66 -11.02
C SER A 91 14.51 -18.00 -11.96
N VAL A 92 14.88 -19.28 -12.04
CA VAL A 92 15.90 -19.80 -13.00
C VAL A 92 15.32 -20.99 -13.76
N ALA A 93 15.28 -20.88 -15.08
CA ALA A 93 14.86 -21.94 -16.03
C ALA A 93 16.07 -22.80 -16.38
N SER A 94 15.91 -24.11 -16.34
CA SER A 94 16.97 -25.06 -16.75
C SER A 94 16.33 -26.32 -17.31
N ASN A 95 17.07 -27.02 -18.16
CA ASN A 95 16.64 -28.32 -18.73
C ASN A 95 17.02 -29.38 -17.70
N PHE A 96 16.13 -30.32 -17.45
CA PHE A 96 16.40 -31.47 -16.58
C PHE A 96 16.57 -32.69 -17.47
N GLY A 97 17.21 -33.73 -16.91
CA GLY A 97 17.50 -35.03 -17.54
C GLY A 97 17.44 -36.13 -16.49
N GLY A 98 18.12 -37.26 -16.69
CA GLY A 98 17.74 -38.52 -16.04
C GLY A 98 16.87 -39.29 -17.00
N GLU A 99 15.88 -40.04 -16.51
CA GLU A 99 15.09 -40.98 -17.33
C GLU A 99 14.22 -40.19 -18.28
N GLY A 100 13.82 -38.98 -17.87
CA GLY A 100 13.01 -38.07 -18.67
C GLY A 100 13.66 -36.71 -18.77
N THR A 101 13.22 -35.92 -19.73
CA THR A 101 13.81 -34.61 -20.05
C THR A 101 12.69 -33.58 -20.12
N GLY A 102 13.04 -32.33 -19.87
CA GLY A 102 12.10 -31.22 -20.05
C GLY A 102 12.66 -29.96 -19.45
N LEU A 103 11.75 -29.04 -19.10
CA LEU A 103 12.10 -27.70 -18.63
C LEU A 103 11.57 -27.54 -17.21
N LYS A 104 12.39 -26.98 -16.34
CA LYS A 104 11.95 -26.62 -14.98
C LYS A 104 12.30 -25.16 -14.71
N ILE A 105 11.47 -24.55 -13.87
CA ILE A 105 11.72 -23.20 -13.30
C ILE A 105 11.74 -23.36 -11.79
N GLN A 106 12.88 -23.05 -11.19
CA GLN A 106 13.08 -23.05 -9.72
C GLN A 106 13.17 -21.59 -9.27
N THR A 107 12.38 -21.23 -8.26
CA THR A 107 12.18 -19.83 -7.83
C THR A 107 12.54 -19.75 -6.34
N THR A 108 13.57 -19.00 -5.98
CA THR A 108 13.85 -18.71 -4.55
C THR A 108 12.67 -17.90 -4.01
N TYR A 109 12.08 -18.34 -2.93
CA TYR A 109 10.84 -17.75 -2.38
C TYR A 109 10.80 -18.01 -0.88
N ASP A 110 10.79 -16.92 -0.10
CA ASP A 110 10.90 -16.98 1.37
C ASP A 110 9.51 -17.24 1.96
N TRP A 111 8.91 -18.40 1.67
CA TRP A 111 7.62 -18.77 2.25
C TRP A 111 7.87 -19.18 3.72
N LYS A 112 6.85 -19.05 4.54
CA LYS A 112 6.94 -19.10 6.03
C LYS A 112 5.97 -20.12 6.60
N ASN A 113 6.39 -20.81 7.67
CA ASN A 113 5.56 -21.78 8.39
C ASN A 113 4.27 -21.10 8.85
N TYR A 114 3.15 -21.80 8.69
CA TYR A 114 1.82 -21.44 9.20
C TYR A 114 1.26 -20.23 8.43
N ASN A 115 1.88 -19.87 7.32
CA ASN A 115 1.31 -18.88 6.37
C ASN A 115 0.70 -19.64 5.18
N TRP A 116 -0.20 -19.02 4.45
CA TRP A 116 -0.93 -19.65 3.32
C TRP A 116 -0.39 -19.10 2.01
N TYR A 117 -0.16 -20.03 1.05
CA TYR A 117 0.32 -19.68 -0.29
C TYR A 117 -0.62 -20.32 -1.28
N ARG A 118 -1.11 -19.49 -2.18
CA ARG A 118 -2.09 -19.93 -3.20
C ARG A 118 -1.31 -20.07 -4.50
N MET A 119 -1.14 -21.30 -4.97
CA MET A 119 -0.51 -21.53 -6.30
C MET A 119 -1.62 -21.77 -7.31
N THR A 120 -1.71 -20.88 -8.30
CA THR A 120 -2.68 -20.94 -9.41
C THR A 120 -1.92 -21.09 -10.71
N MET A 121 -2.24 -22.14 -11.48
CA MET A 121 -1.65 -22.43 -12.81
C MET A 121 -2.73 -22.20 -13.85
N ARG A 122 -2.33 -21.66 -14.98
CA ARG A 122 -3.24 -21.53 -16.13
C ARG A 122 -2.54 -22.06 -17.36
N SER A 123 -3.29 -22.76 -18.21
CA SER A 123 -2.83 -23.18 -19.55
C SER A 123 -3.71 -22.47 -20.57
N TRP A 124 -3.13 -22.02 -21.65
CA TRP A 124 -3.86 -21.30 -22.72
C TRP A 124 -3.21 -21.53 -24.07
N GLN A 125 -4.00 -21.31 -25.13
CA GLN A 125 -3.56 -21.39 -26.55
C GLN A 125 -3.08 -20.02 -27.00
N GLU A 126 -1.87 -19.94 -27.58
CA GLU A 126 -1.30 -18.68 -28.13
C GLU A 126 -0.38 -19.10 -29.29
N ASN A 127 -0.65 -18.59 -30.50
CA ASN A 127 0.22 -18.77 -31.68
C ASN A 127 0.49 -20.26 -31.95
N GLY A 128 -0.53 -21.11 -31.84
CA GLY A 128 -0.45 -22.53 -32.21
C GLY A 128 0.27 -23.38 -31.17
N HIS A 129 0.72 -22.76 -30.08
CA HIS A 129 1.39 -23.47 -28.94
C HIS A 129 0.48 -23.41 -27.70
N THR A 130 0.78 -24.22 -26.69
CA THR A 130 0.15 -24.15 -25.36
C THR A 130 1.13 -23.48 -24.38
N LYS A 131 0.67 -22.46 -23.67
CA LYS A 131 1.44 -21.82 -22.59
C LYS A 131 0.95 -22.40 -21.25
N PHE A 132 1.89 -22.55 -20.34
CA PHE A 132 1.64 -22.92 -18.94
C PHE A 132 2.23 -21.85 -18.05
N GLY A 133 1.38 -21.26 -17.22
CA GLY A 133 1.79 -20.15 -16.34
C GLY A 133 1.62 -20.52 -14.87
N GLN A 134 2.51 -20.02 -14.03
CA GLN A 134 2.51 -20.24 -12.58
C GLN A 134 2.39 -18.87 -11.89
N TRP A 135 1.34 -18.70 -11.10
CA TRP A 135 1.11 -17.51 -10.24
C TRP A 135 1.08 -17.95 -8.78
N LEU A 136 1.51 -17.06 -7.89
CA LEU A 136 1.56 -17.37 -6.44
C LEU A 136 1.03 -16.15 -5.68
N LYS A 137 -0.01 -16.38 -4.87
CA LYS A 137 -0.50 -15.35 -3.94
C LYS A 137 0.07 -15.62 -2.56
N ASP A 138 0.77 -14.62 -2.02
CA ASP A 138 1.15 -14.64 -0.59
C ASP A 138 -0.06 -14.14 0.16
N VAL A 139 -0.79 -15.02 0.83
CA VAL A 139 -2.14 -14.70 1.38
C VAL A 139 -1.97 -13.69 2.51
N SER A 140 -0.97 -13.84 3.37
CA SER A 140 -0.71 -12.89 4.50
C SER A 140 -0.42 -11.49 3.94
N LYS A 141 0.37 -11.38 2.88
CA LYS A 141 0.76 -10.08 2.27
C LYS A 141 -0.34 -9.57 1.34
N ASN A 142 -1.26 -10.44 0.94
CA ASN A 142 -2.39 -10.10 0.03
C ASN A 142 -1.80 -9.65 -1.31
N GLN A 143 -0.83 -10.39 -1.83
CA GLN A 143 -0.02 -9.99 -2.99
C GLN A 143 0.18 -11.18 -3.92
N TRP A 144 -0.20 -11.00 -5.18
CA TRP A 144 0.03 -11.98 -6.27
C TRP A 144 1.40 -11.70 -6.88
N LYS A 145 2.04 -12.74 -7.39
CA LYS A 145 3.25 -12.60 -8.23
C LYS A 145 3.15 -13.61 -9.39
N LEU A 146 3.44 -13.16 -10.61
CA LEU A 146 3.72 -14.04 -11.76
C LEU A 146 5.09 -14.68 -11.59
N ILE A 147 5.17 -16.01 -11.56
CA ILE A 147 6.46 -16.71 -11.31
C ILE A 147 7.13 -17.07 -12.65
N GLY A 148 6.41 -17.71 -13.55
CA GLY A 148 7.03 -18.26 -14.75
C GLY A 148 6.01 -18.67 -15.79
N ILE A 149 6.40 -18.61 -17.06
CA ILE A 149 5.52 -19.04 -18.19
C ILE A 149 6.37 -19.92 -19.07
N MET A 150 5.91 -21.14 -19.35
CA MET A 150 6.58 -22.04 -20.29
C MET A 150 5.76 -22.08 -21.56
N ASP A 151 6.47 -22.12 -22.68
CA ASP A 151 5.86 -22.14 -24.03
C ASP A 151 6.07 -23.55 -24.57
N PHE A 152 5.01 -24.32 -24.63
CA PHE A 152 5.06 -25.75 -25.00
C PHE A 152 4.60 -25.90 -26.45
N PRO A 153 5.44 -26.49 -27.31
CA PRO A 153 5.23 -26.41 -28.77
C PRO A 153 4.22 -27.41 -29.33
N VAL A 154 3.10 -27.60 -28.65
CA VAL A 154 2.00 -28.50 -29.09
C VAL A 154 0.71 -27.80 -28.74
N PRO A 155 -0.22 -27.65 -29.70
CA PRO A 155 -1.53 -27.07 -29.43
C PRO A 155 -2.44 -28.02 -28.65
N ASN A 156 -3.41 -27.44 -27.95
CA ASN A 156 -4.63 -28.10 -27.44
C ASN A 156 -4.27 -29.11 -26.37
N VAL A 157 -3.25 -28.81 -25.56
CA VAL A 157 -2.99 -29.58 -24.32
C VAL A 157 -3.41 -28.68 -23.15
N THR A 158 -3.71 -29.27 -22.01
CA THR A 158 -4.23 -28.52 -20.82
C THR A 158 -3.93 -29.38 -19.59
N PHE A 159 -4.49 -29.03 -18.42
CA PHE A 159 -4.44 -29.90 -17.20
C PHE A 159 -5.52 -30.95 -17.38
N ASN A 160 -5.22 -31.97 -18.17
CA ASN A 160 -6.23 -32.84 -18.78
C ASN A 160 -6.72 -33.87 -17.75
N TYR A 161 -5.81 -34.47 -17.01
CA TYR A 161 -6.11 -35.48 -15.95
C TYR A 161 -4.99 -35.48 -14.90
N GLY A 162 -5.22 -36.25 -13.83
CA GLY A 162 -4.20 -36.66 -12.86
C GLY A 162 -3.97 -35.61 -11.76
N GLN A 163 -4.92 -34.71 -11.57
CA GLN A 163 -4.85 -33.71 -10.47
C GLN A 163 -4.60 -34.45 -9.17
N THR A 164 -3.51 -34.09 -8.49
CA THR A 164 -3.16 -34.65 -7.18
C THR A 164 -2.06 -33.76 -6.59
N LEU A 165 -1.93 -33.84 -5.28
CA LEU A 165 -0.80 -33.26 -4.51
C LEU A 165 0.03 -34.40 -3.96
N PHE A 166 1.36 -34.26 -3.92
CA PHE A 166 2.16 -35.20 -3.13
C PHE A 166 3.17 -34.42 -2.28
N GLN A 167 3.51 -35.02 -1.16
CA GLN A 167 4.65 -34.67 -0.30
C GLN A 167 5.69 -35.78 -0.46
N ALA A 168 6.89 -35.45 -0.94
CA ALA A 168 7.93 -36.47 -1.23
C ALA A 168 9.26 -36.06 -0.59
N ASP A 169 9.92 -37.04 0.03
CA ASP A 169 11.33 -37.03 0.46
C ASP A 169 12.17 -37.53 -0.71
N TRP A 170 13.00 -36.68 -1.32
CA TRP A 170 13.75 -37.08 -2.54
C TRP A 170 15.17 -37.56 -2.23
N LEU A 171 15.65 -37.55 -0.97
CA LEU A 171 17.07 -37.83 -0.70
C LEU A 171 17.25 -39.00 0.28
N GLY A 172 16.29 -39.28 1.14
CA GLY A 172 16.36 -40.35 2.16
C GLY A 172 16.71 -39.78 3.53
N ASN A 173 15.79 -39.07 4.15
CA ASN A 173 15.88 -38.61 5.55
C ASN A 173 14.53 -38.83 6.24
N GLY A 174 14.08 -40.09 6.25
CA GLY A 174 12.81 -40.54 6.87
C GLY A 174 12.76 -40.25 8.35
N GLN A 175 13.90 -39.95 8.99
CA GLN A 175 13.97 -39.54 10.43
C GLN A 175 13.35 -38.16 10.61
N ASP A 176 13.38 -37.33 9.56
CA ASP A 176 12.97 -35.89 9.62
C ASP A 176 11.49 -35.80 9.21
N VAL A 177 10.67 -35.18 10.04
CA VAL A 177 9.20 -35.08 9.82
C VAL A 177 8.95 -33.92 8.85
N ARG A 178 8.00 -34.12 7.93
CA ARG A 178 7.50 -33.07 7.01
C ARG A 178 5.96 -33.11 7.14
N GLU A 179 5.36 -31.94 7.25
CA GLU A 179 3.92 -31.76 7.53
C GLU A 179 3.47 -30.48 6.82
N ALA A 180 2.28 -30.50 6.22
CA ALA A 180 1.67 -29.30 5.61
C ALA A 180 0.15 -29.47 5.63
N ARG A 181 -0.52 -28.41 5.26
CA ARG A 181 -1.98 -28.28 5.25
C ARG A 181 -2.38 -27.74 3.86
N VAL A 182 -3.57 -28.08 3.39
CA VAL A 182 -4.09 -27.55 2.12
C VAL A 182 -5.58 -27.30 2.28
N LYS A 183 -6.10 -26.37 1.48
CA LYS A 183 -7.54 -26.06 1.42
C LYS A 183 -7.77 -25.32 0.10
N ASN A 184 -9.03 -25.04 -0.23
CA ASN A 184 -9.42 -24.14 -1.35
CA ASN A 184 -9.42 -24.14 -1.34
C ASN A 184 -8.93 -24.72 -2.68
N GLY A 185 -9.05 -26.02 -2.87
CA GLY A 185 -8.73 -26.66 -4.18
C GLY A 185 -9.87 -26.43 -5.17
N TYR A 186 -9.58 -25.78 -6.31
CA TYR A 186 -10.56 -25.56 -7.39
C TYR A 186 -9.89 -25.70 -8.76
N GLY A 187 -10.64 -26.19 -9.73
CA GLY A 187 -10.26 -26.17 -11.15
C GLY A 187 -11.30 -25.45 -11.96
N ARG A 188 -10.89 -24.82 -13.05
CA ARG A 188 -11.85 -24.27 -14.02
C ARG A 188 -12.00 -25.24 -15.19
N ASN A 189 -13.21 -25.68 -15.49
CA ASN A 189 -13.51 -26.76 -16.47
C ASN A 189 -13.23 -26.26 -17.89
N ILE A 190 -12.55 -27.08 -18.69
CA ILE A 190 -12.46 -26.86 -20.17
C ILE A 190 -13.88 -26.88 -20.78
N SER A 191 -14.73 -27.78 -20.32
CA SER A 191 -16.09 -28.03 -20.89
C SER A 191 -16.92 -26.73 -20.92
N ASP A 192 -17.04 -26.02 -19.79
CA ASP A 192 -18.02 -24.91 -19.67
C ASP A 192 -17.43 -23.67 -18.98
N LYS A 193 -16.12 -23.61 -18.72
CA LYS A 193 -15.46 -22.48 -18.03
C LYS A 193 -16.11 -22.22 -16.67
N LYS A 194 -16.72 -23.23 -16.05
CA LYS A 194 -17.27 -23.13 -14.67
C LYS A 194 -16.29 -23.85 -13.74
N TRP A 195 -16.40 -23.56 -12.46
CA TRP A 195 -15.45 -24.05 -11.45
C TRP A 195 -15.94 -25.38 -10.92
N THR A 196 -15.00 -26.28 -10.71
CA THR A 196 -15.18 -27.53 -9.95
C THR A 196 -14.48 -27.35 -8.60
N SER A 197 -15.23 -27.59 -7.52
CA SER A 197 -14.74 -27.47 -6.13
C SER A 197 -14.21 -28.83 -5.69
N TRP A 198 -12.92 -28.93 -5.31
CA TRP A 198 -12.31 -30.19 -4.78
C TRP A 198 -12.58 -30.22 -3.27
N ASN A 199 -13.88 -30.25 -2.88
CA ASN A 199 -14.26 -30.12 -1.46
C ASN A 199 -13.96 -31.45 -0.76
N THR A 200 -13.88 -32.55 -1.52
CA THR A 200 -13.66 -33.92 -0.99
C THR A 200 -12.38 -34.47 -1.60
N GLN A 201 -11.40 -34.82 -0.77
CA GLN A 201 -10.08 -35.32 -1.20
C GLN A 201 -9.74 -36.55 -0.36
N SER A 202 -9.03 -37.50 -0.96
CA SER A 202 -8.45 -38.66 -0.23
C SER A 202 -7.03 -38.28 0.19
N ILE A 203 -6.62 -38.71 1.39
CA ILE A 203 -5.23 -38.66 1.88
C ILE A 203 -4.76 -40.12 1.99
N GLU A 204 -3.65 -40.45 1.36
CA GLU A 204 -3.23 -41.85 1.12
C GLU A 204 -1.71 -41.91 1.13
N GLY A 205 -1.13 -42.79 1.93
CA GLY A 205 0.29 -43.11 1.85
C GLY A 205 0.61 -43.73 0.52
N GLN A 206 1.82 -43.47 0.00
CA GLN A 206 2.30 -44.01 -1.28
C GLN A 206 2.41 -45.55 -1.19
N GLU A 207 2.81 -46.07 -0.03
CA GLU A 207 3.11 -47.51 0.19
C GLU A 207 2.10 -48.04 1.21
N PRO A 208 1.12 -48.86 0.79
CA PRO A 208 0.16 -49.44 1.74
C PRO A 208 0.81 -50.25 2.87
N LEU A 209 2.07 -50.70 2.73
CA LEU A 209 2.78 -51.47 3.79
C LEU A 209 3.58 -50.55 4.71
N ASN A 210 3.66 -49.25 4.41
CA ASN A 210 4.44 -48.27 5.23
C ASN A 210 3.47 -47.28 5.89
N ASN A 211 3.42 -47.27 7.22
CA ASN A 211 2.47 -46.46 8.02
C ASN A 211 3.18 -45.28 8.69
N ASN A 212 4.40 -44.92 8.25
CA ASN A 212 5.22 -43.82 8.82
C ASN A 212 4.75 -42.46 8.23
N TRP A 213 3.44 -42.19 8.28
CA TRP A 213 2.81 -40.96 7.75
C TRP A 213 1.45 -40.89 8.45
N ASP A 214 0.76 -39.77 8.39
CA ASP A 214 -0.55 -39.58 9.03
C ASP A 214 -1.26 -38.45 8.29
N GLY A 215 -2.57 -38.33 8.47
CA GLY A 215 -3.36 -37.28 7.83
C GLY A 215 -4.70 -37.15 8.51
N GLY A 216 -5.37 -36.06 8.25
CA GLY A 216 -6.71 -35.79 8.78
C GLY A 216 -7.19 -34.43 8.30
N ALA A 217 -8.25 -33.93 8.91
CA ALA A 217 -8.85 -32.64 8.50
C ALA A 217 -9.47 -32.00 9.72
N THR A 218 -9.41 -30.69 9.77
CA THR A 218 -10.25 -29.83 10.63
C THR A 218 -11.34 -29.29 9.72
N SER A 219 -12.24 -28.48 10.24
CA SER A 219 -13.24 -27.75 9.41
C SER A 219 -12.55 -26.79 8.45
N GLU A 220 -11.28 -26.43 8.70
CA GLU A 220 -10.50 -25.38 7.98
C GLU A 220 -9.64 -25.99 6.86
N TYR A 221 -8.94 -27.10 7.12
CA TYR A 221 -7.90 -27.63 6.19
C TYR A 221 -7.78 -29.14 6.31
N LEU A 222 -7.22 -29.77 5.28
CA LEU A 222 -6.65 -31.14 5.30
C LEU A 222 -5.20 -30.99 5.75
N TRP A 223 -4.69 -31.92 6.54
CA TRP A 223 -3.26 -31.95 6.92
C TRP A 223 -2.70 -33.35 6.70
N PHE A 224 -1.39 -33.47 6.57
CA PHE A 224 -0.69 -34.72 6.30
C PHE A 224 0.75 -34.51 6.75
N LYS A 225 1.35 -35.59 7.25
CA LYS A 225 2.80 -35.60 7.57
C LYS A 225 3.39 -36.98 7.28
N ALA A 226 4.71 -37.05 7.25
CA ALA A 226 5.47 -38.29 7.01
C ALA A 226 6.84 -38.13 7.67
N GLY A 227 7.42 -39.25 8.10
CA GLY A 227 8.78 -39.30 8.65
C GLY A 227 8.73 -39.17 10.16
N GLY A 228 9.92 -39.25 10.80
CA GLY A 228 10.06 -39.21 12.27
C GLY A 228 9.09 -40.20 12.92
N ASP A 229 8.33 -39.73 13.91
CA ASP A 229 7.46 -40.60 14.76
C ASP A 229 6.04 -40.65 14.17
N SER A 230 5.83 -40.16 12.94
CA SER A 230 4.53 -40.24 12.25
C SER A 230 4.04 -41.69 12.22
N ARG A 231 2.78 -41.93 12.57
CA ARG A 231 2.15 -43.28 12.50
C ARG A 231 0.69 -43.10 12.11
N SER A 232 0.24 -43.78 11.05
CA SER A 232 -1.09 -43.51 10.47
C SER A 232 -2.17 -43.80 11.51
N THR A 233 -3.09 -42.86 11.64
CA THR A 233 -4.33 -42.98 12.44
C THR A 233 -5.50 -43.28 11.51
N ILE A 234 -5.25 -43.44 10.20
CA ILE A 234 -6.32 -43.52 9.17
C ILE A 234 -6.05 -44.70 8.23
N GLY A 235 -5.43 -45.77 8.75
CA GLY A 235 -5.09 -46.97 7.96
C GLY A 235 -4.22 -46.63 6.76
N THR A 236 -4.62 -47.07 5.57
CA THR A 236 -3.85 -46.86 4.32
C THR A 236 -4.31 -45.54 3.67
N GLY A 237 -5.40 -44.97 4.15
CA GLY A 237 -5.93 -43.69 3.63
C GLY A 237 -7.37 -43.48 4.00
N LYS A 238 -7.87 -42.25 3.80
CA LYS A 238 -9.22 -41.84 4.20
C LYS A 238 -9.58 -40.58 3.40
N THR A 239 -10.87 -40.38 3.14
CA THR A 239 -11.43 -39.22 2.43
C THR A 239 -11.98 -38.23 3.46
N PHE A 240 -11.88 -36.93 3.17
CA PHE A 240 -12.26 -35.82 4.06
C PHE A 240 -12.85 -34.70 3.20
N THR A 241 -13.85 -34.02 3.74
CA THR A 241 -14.60 -32.95 3.08
C THR A 241 -14.33 -31.63 3.82
N LEU A 242 -14.05 -30.56 3.09
CA LEU A 242 -14.09 -29.17 3.63
C LEU A 242 -15.37 -28.50 3.15
N ASN A 243 -15.90 -27.53 3.90
CA ASN A 243 -17.19 -26.87 3.62
C ASN A 243 -16.99 -25.63 2.73
N GLN A 244 -16.09 -25.69 1.79
CA GLN A 244 -15.77 -24.55 0.89
C GLN A 244 -16.94 -24.33 -0.06
N PRO A 245 -17.19 -23.09 -0.51
CA PRO A 245 -18.26 -22.81 -1.47
C PRO A 245 -17.98 -23.50 -2.80
N SER A 246 -19.03 -23.88 -3.53
CA SER A 246 -18.91 -24.63 -4.80
C SER A 246 -18.29 -23.72 -5.86
N GLN A 247 -18.46 -22.40 -5.77
CA GLN A 247 -17.75 -21.40 -6.63
C GLN A 247 -16.70 -20.72 -5.77
N PRO A 248 -15.44 -20.58 -6.24
CA PRO A 248 -14.37 -19.96 -5.49
C PRO A 248 -14.63 -18.46 -5.28
N GLU A 249 -14.16 -17.91 -4.16
CA GLU A 249 -14.07 -16.45 -3.94
C GLU A 249 -12.88 -15.94 -4.76
N ILE A 250 -13.19 -15.17 -5.80
CA ILE A 250 -12.21 -14.55 -6.73
C ILE A 250 -12.21 -13.06 -6.43
N GLY A 251 -11.02 -12.51 -6.17
CA GLY A 251 -10.81 -11.07 -6.00
C GLY A 251 -11.07 -10.30 -7.27
N LYS A 252 -10.80 -9.00 -7.24
CA LYS A 252 -11.10 -8.08 -8.35
C LYS A 252 -9.81 -7.62 -9.00
N LEU A 253 -9.90 -7.35 -10.30
CA LEU A 253 -8.86 -6.66 -11.08
C LEU A 253 -9.06 -5.17 -10.80
N ASP A 254 -7.99 -4.48 -10.44
CA ASP A 254 -8.01 -3.07 -10.05
C ASP A 254 -6.65 -2.49 -10.44
N TYR A 255 -6.64 -1.41 -11.24
CA TYR A 255 -5.38 -0.79 -11.69
C TYR A 255 -5.63 0.71 -11.87
N ASP A 256 -4.52 1.45 -11.84
CA ASP A 256 -4.50 2.89 -12.15
C ASP A 256 -3.68 3.05 -13.42
N VAL A 257 -4.22 3.85 -14.34
CA VAL A 257 -3.41 4.32 -15.50
C VAL A 257 -2.47 5.39 -14.97
N LYS A 258 -1.17 5.26 -15.26
CA LYS A 258 -0.09 6.10 -14.69
C LYS A 258 0.26 7.21 -15.69
N SER A 259 0.28 6.90 -16.98
CA SER A 259 0.53 7.84 -18.08
C SER A 259 -0.34 7.47 -19.28
N THR A 260 -0.78 8.47 -20.03
CA THR A 260 -1.53 8.35 -21.30
C THR A 260 -1.26 9.61 -22.11
N TYR A 261 -0.12 9.67 -22.80
CA TYR A 261 0.29 10.92 -23.49
C TYR A 261 0.93 10.58 -24.84
N TYR A 262 0.84 11.57 -25.73
CA TYR A 262 1.29 11.53 -27.13
C TYR A 262 2.17 12.76 -27.38
N GLU A 263 3.41 12.54 -27.82
CA GLU A 263 4.43 13.61 -27.96
C GLU A 263 5.46 13.14 -28.98
N ASN A 264 5.75 13.95 -29.99
CA ASN A 264 6.74 13.67 -31.07
C ASN A 264 6.40 12.33 -31.74
N GLU A 265 5.11 12.09 -32.00
CA GLU A 265 4.58 10.92 -32.76
C GLU A 265 4.91 9.63 -31.98
N LYS A 266 4.96 9.69 -30.64
CA LYS A 266 5.14 8.50 -29.75
C LYS A 266 4.03 8.49 -28.70
N LEU A 267 3.23 7.41 -28.69
CA LEU A 267 2.17 7.17 -27.70
C LEU A 267 2.77 6.36 -26.55
N ASN A 268 2.63 6.86 -25.33
CA ASN A 268 3.07 6.20 -24.07
C ASN A 268 1.84 6.01 -23.18
N ILE A 269 1.51 4.77 -22.86
CA ILE A 269 0.42 4.39 -21.94
C ILE A 269 1.01 3.32 -21.01
N THR A 270 0.94 3.59 -19.72
CA THR A 270 1.46 2.71 -18.65
C THR A 270 0.37 2.62 -17.59
N TRP A 271 0.44 1.55 -16.80
CA TRP A 271 -0.54 1.32 -15.72
C TRP A 271 0.15 0.51 -14.62
N GLN A 272 -0.47 0.48 -13.48
CA GLN A 272 0.03 -0.30 -12.32
C GLN A 272 -1.19 -0.93 -11.67
N LEU A 273 -1.20 -2.26 -11.59
CA LEU A 273 -2.25 -2.96 -10.82
C LEU A 273 -2.01 -2.59 -9.36
N LYS A 274 -3.10 -2.47 -8.61
CA LYS A 274 -3.05 -2.27 -7.15
C LYS A 274 -2.37 -3.49 -6.53
N ASP A 275 -1.69 -3.29 -5.40
CA ASP A 275 -0.99 -4.35 -4.63
C ASP A 275 -1.89 -5.57 -4.47
N SER A 276 -3.19 -5.35 -4.19
CA SER A 276 -4.18 -6.38 -3.84
C SER A 276 -4.94 -6.89 -5.07
N SER A 277 -4.59 -6.44 -6.27
CA SER A 277 -5.33 -6.84 -7.49
C SER A 277 -5.05 -8.30 -7.81
N THR A 278 -6.01 -8.98 -8.43
CA THR A 278 -5.74 -10.19 -9.23
C THR A 278 -4.69 -9.85 -10.27
N PRO A 279 -3.86 -10.81 -10.71
CA PRO A 279 -2.76 -10.53 -11.61
C PRO A 279 -3.20 -10.43 -13.08
N GLN A 280 -2.41 -9.69 -13.85
CA GLN A 280 -2.72 -9.38 -15.27
C GLN A 280 -2.49 -10.63 -16.12
N PHE A 281 -3.43 -10.94 -17.01
CA PHE A 281 -3.30 -12.02 -18.00
C PHE A 281 -2.99 -11.45 -19.38
N LYS A 282 -3.72 -10.40 -19.78
CA LYS A 282 -3.48 -9.80 -21.11
C LYS A 282 -4.07 -8.40 -21.15
N GLY A 283 -3.78 -7.72 -22.24
CA GLY A 283 -4.25 -6.35 -22.44
C GLY A 283 -4.49 -6.07 -23.90
N LYS A 284 -5.30 -5.05 -24.15
CA LYS A 284 -5.51 -4.49 -25.51
C LYS A 284 -5.84 -3.02 -25.34
N ILE A 285 -5.48 -2.21 -26.31
CA ILE A 285 -5.79 -0.76 -26.28
C ILE A 285 -6.32 -0.37 -27.65
N GLU A 286 -7.57 0.10 -27.68
CA GLU A 286 -8.19 0.69 -28.90
C GLU A 286 -8.06 2.20 -28.76
N ILE A 287 -7.73 2.87 -29.86
CA ILE A 287 -7.63 4.35 -29.90
C ILE A 287 -8.68 4.85 -30.86
N TYR A 288 -9.53 5.77 -30.37
CA TYR A 288 -10.67 6.35 -31.11
C TYR A 288 -10.40 7.83 -31.32
N ASN A 289 -10.96 8.36 -32.40
CA ASN A 289 -10.91 9.82 -32.73
C ASN A 289 -12.11 10.53 -32.12
N ASN A 290 -12.91 9.87 -31.30
CA ASN A 290 -14.15 10.47 -30.69
C ASN A 290 -14.33 9.94 -29.27
N GLU A 291 -14.89 10.78 -28.40
CA GLU A 291 -15.05 10.51 -26.95
C GLU A 291 -15.99 9.31 -26.73
N ASN A 292 -17.04 9.17 -27.54
CA ASN A 292 -18.05 8.10 -27.33
C ASN A 292 -17.53 6.74 -27.78
N MET A 293 -16.42 6.69 -28.51
CA MET A 293 -15.79 5.46 -29.04
C MET A 293 -16.82 4.69 -29.89
N THR A 294 -17.49 5.43 -30.77
CA THR A 294 -18.39 4.89 -31.83
C THR A 294 -17.52 4.59 -33.05
N GLY A 295 -18.07 3.84 -33.99
CA GLY A 295 -17.35 3.49 -35.24
C GLY A 295 -16.19 2.55 -34.97
N GLN A 296 -15.17 2.63 -35.84
CA GLN A 296 -13.96 1.79 -35.76
C GLN A 296 -12.84 2.60 -35.10
N PRO A 297 -12.03 1.97 -34.25
CA PRO A 297 -10.82 2.61 -33.73
C PRO A 297 -9.94 3.01 -34.91
N ILE A 298 -9.20 4.11 -34.76
CA ILE A 298 -8.20 4.54 -35.77
C ILE A 298 -6.94 3.69 -35.62
N ASN A 299 -6.69 3.14 -34.43
CA ASN A 299 -5.54 2.21 -34.22
C ASN A 299 -5.85 1.29 -33.05
N VAL A 300 -5.24 0.12 -33.06
CA VAL A 300 -5.40 -0.90 -32.00
C VAL A 300 -4.02 -1.43 -31.66
N ILE A 301 -3.74 -1.54 -30.38
CA ILE A 301 -2.51 -2.20 -29.87
C ILE A 301 -2.97 -3.52 -29.26
N ASN A 302 -2.58 -4.62 -29.90
CA ASN A 302 -3.02 -5.98 -29.53
C ASN A 302 -1.95 -6.73 -28.76
N ASP A 303 -2.35 -7.84 -28.12
CA ASP A 303 -1.42 -8.90 -27.65
C ASP A 303 -0.48 -8.31 -26.59
N ILE A 304 -1.00 -7.45 -25.70
CA ILE A 304 -0.22 -6.96 -24.53
C ILE A 304 -0.18 -8.16 -23.54
N LYS A 305 1.00 -8.58 -23.14
CA LYS A 305 1.27 -9.85 -22.38
C LYS A 305 0.95 -9.64 -20.90
N SER A 306 0.92 -10.75 -20.14
CA SER A 306 0.73 -10.73 -18.67
C SER A 306 1.83 -9.89 -18.02
N TYR A 307 3.05 -9.96 -18.55
CA TYR A 307 4.28 -9.36 -17.95
C TYR A 307 4.56 -7.96 -18.51
N GLN A 308 3.65 -7.32 -19.23
CA GLN A 308 3.86 -5.96 -19.79
C GLN A 308 2.90 -4.96 -19.13
N ASN A 309 3.43 -3.87 -18.57
CA ASN A 309 2.58 -2.88 -17.82
C ASN A 309 2.56 -1.56 -18.59
N GLY A 310 2.95 -1.57 -19.86
CA GLY A 310 2.79 -0.35 -20.69
C GLY A 310 3.16 -0.59 -22.13
N ILE A 311 2.97 0.43 -22.96
CA ILE A 311 3.31 0.43 -24.40
C ILE A 311 3.95 1.77 -24.72
N SER A 312 4.87 1.75 -25.68
CA SER A 312 5.51 2.92 -26.31
C SER A 312 5.55 2.64 -27.81
N GLN A 313 4.77 3.37 -28.62
CA GLN A 313 4.58 3.08 -30.05
C GLN A 313 4.67 4.37 -30.88
N SER A 314 5.41 4.31 -31.97
CA SER A 314 5.46 5.36 -33.03
C SER A 314 4.15 5.29 -33.79
N ILE A 315 3.41 6.38 -33.88
CA ILE A 315 2.01 6.39 -34.41
C ILE A 315 1.60 7.82 -34.77
N SER A 316 0.83 7.98 -35.84
CA SER A 316 0.32 9.29 -36.34
C SER A 316 -1.12 9.45 -35.86
N LEU A 317 -1.39 10.40 -34.95
CA LEU A 317 -2.74 10.60 -34.39
C LEU A 317 -3.23 12.01 -34.69
N PRO A 318 -4.56 12.20 -34.79
CA PRO A 318 -5.16 13.54 -34.81
C PRO A 318 -5.11 14.18 -33.43
N THR A 319 -5.58 15.41 -33.33
CA THR A 319 -5.52 16.27 -32.10
C THR A 319 -6.13 15.58 -30.86
N ASN A 320 -7.34 15.06 -30.98
CA ASN A 320 -8.19 14.61 -29.85
C ASN A 320 -8.40 13.10 -29.96
N THR A 321 -7.61 12.29 -29.26
CA THR A 321 -7.72 10.81 -29.28
C THR A 321 -8.08 10.31 -27.89
N TYR A 322 -8.74 9.15 -27.84
CA TYR A 322 -9.26 8.52 -26.60
C TYR A 322 -8.81 7.07 -26.62
N ALA A 323 -8.31 6.59 -25.50
CA ALA A 323 -7.79 5.21 -25.38
C ALA A 323 -8.78 4.39 -24.57
N LYS A 324 -9.22 3.27 -25.13
CA LYS A 324 -9.99 2.23 -24.43
C LYS A 324 -8.97 1.19 -23.99
N ILE A 325 -8.64 1.19 -22.71
CA ILE A 325 -7.63 0.26 -22.12
C ILE A 325 -8.42 -0.92 -21.56
N VAL A 326 -8.19 -2.10 -22.12
CA VAL A 326 -8.93 -3.33 -21.76
C VAL A 326 -7.91 -4.32 -21.18
N LEU A 327 -7.89 -4.45 -19.86
CA LEU A 327 -7.03 -5.45 -19.17
C LEU A 327 -7.89 -6.59 -18.68
N THR A 328 -7.37 -7.81 -18.76
CA THR A 328 -8.06 -8.97 -18.18
C THR A 328 -7.08 -9.73 -17.30
N ASP A 329 -7.61 -10.25 -16.20
CA ASP A 329 -6.83 -10.98 -15.19
C ASP A 329 -6.81 -12.46 -15.53
N ILE A 330 -6.10 -13.25 -14.72
CA ILE A 330 -5.91 -14.69 -14.97
C ILE A 330 -7.23 -15.43 -14.80
N PHE A 331 -8.25 -14.81 -14.21
CA PHE A 331 -9.59 -15.42 -14.07
C PHE A 331 -10.55 -14.91 -15.17
N ASP A 332 -10.04 -14.28 -16.21
CA ASP A 332 -10.82 -13.73 -17.34
C ASP A 332 -11.79 -12.64 -16.88
N GLN A 333 -11.48 -11.94 -15.80
CA GLN A 333 -12.24 -10.72 -15.43
C GLN A 333 -11.64 -9.57 -16.21
N THR A 334 -12.48 -8.76 -16.83
CA THR A 334 -12.03 -7.63 -17.68
C THR A 334 -12.39 -6.32 -17.00
N VAL A 335 -11.43 -5.41 -16.92
CA VAL A 335 -11.69 -4.02 -16.48
C VAL A 335 -11.23 -3.08 -17.59
N GLU A 336 -12.15 -2.25 -18.06
CA GLU A 336 -11.97 -1.31 -19.20
C GLU A 336 -11.93 0.10 -18.62
N LYS A 337 -10.89 0.88 -18.96
CA LYS A 337 -10.84 2.35 -18.66
C LYS A 337 -10.83 3.12 -19.97
N LYS A 338 -11.54 4.25 -20.00
CA LYS A 338 -11.50 5.24 -21.13
C LYS A 338 -10.69 6.43 -20.65
N VAL A 339 -9.58 6.75 -21.30
CA VAL A 339 -8.72 7.90 -20.90
C VAL A 339 -8.50 8.76 -22.15
N LYS A 340 -8.68 10.07 -22.03
CA LYS A 340 -8.30 11.01 -23.10
C LYS A 340 -6.76 10.98 -23.17
N ILE A 341 -6.20 10.85 -24.36
CA ILE A 341 -4.72 10.93 -24.55
C ILE A 341 -4.28 12.39 -24.43
N LYS A 342 -3.30 12.69 -23.58
CA LYS A 342 -2.78 14.07 -23.35
C LYS A 342 -1.67 14.34 -24.39
N ASN A 343 -1.66 15.52 -25.03
CA ASN A 343 -0.71 15.80 -26.14
C ASN A 343 0.54 16.49 -25.61
N GLU A 344 0.87 16.21 -24.36
CA GLU A 344 2.16 16.68 -23.79
C GLU A 344 2.58 15.64 -22.75
N SER A 345 3.87 15.33 -22.64
CA SER A 345 4.36 14.67 -21.42
C SER A 345 4.59 15.70 -20.32
N GLY B 3 -48.48 -8.09 -53.14
CA GLY B 3 -49.70 -8.97 -52.99
C GLY B 3 -49.48 -10.01 -51.87
N ALA B 4 -50.32 -11.05 -51.77
CA ALA B 4 -50.25 -12.08 -50.71
C ALA B 4 -48.94 -12.88 -50.85
N SER B 5 -48.33 -13.21 -49.72
CA SER B 5 -46.97 -13.78 -49.57
C SER B 5 -47.10 -15.28 -49.37
N ALA B 6 -46.15 -16.06 -49.88
CA ALA B 6 -46.04 -17.48 -49.54
C ALA B 6 -45.77 -17.55 -48.04
N PRO B 7 -46.33 -18.54 -47.32
CA PRO B 7 -45.98 -18.73 -45.91
C PRO B 7 -44.51 -19.15 -45.79
N GLY B 8 -43.88 -18.71 -44.70
CA GLY B 8 -42.53 -19.14 -44.34
C GLY B 8 -42.56 -20.63 -43.99
N VAL B 9 -41.46 -21.31 -44.26
CA VAL B 9 -41.25 -22.71 -43.78
C VAL B 9 -39.96 -22.72 -42.98
N TYR B 10 -39.98 -23.40 -41.84
CA TYR B 10 -38.83 -23.54 -40.93
C TYR B 10 -38.44 -25.02 -40.84
N VAL B 11 -37.16 -25.28 -40.97
CA VAL B 11 -36.56 -26.63 -40.76
C VAL B 11 -35.59 -26.50 -39.60
N THR B 12 -35.84 -27.24 -38.51
CA THR B 12 -35.18 -27.00 -37.22
C THR B 12 -34.63 -28.33 -36.69
N PRO B 13 -33.33 -28.42 -36.40
CA PRO B 13 -32.75 -29.62 -35.78
C PRO B 13 -33.40 -29.87 -34.42
N LYS B 14 -33.49 -31.14 -34.04
CA LYS B 14 -34.05 -31.53 -32.73
C LYS B 14 -32.98 -31.38 -31.67
N ASN B 15 -31.70 -31.39 -32.02
CA ASN B 15 -30.60 -31.64 -31.06
C ASN B 15 -29.45 -30.66 -31.22
N SER B 16 -29.68 -29.44 -31.72
CA SER B 16 -28.57 -28.49 -31.88
C SER B 16 -28.16 -27.94 -30.52
N VAL B 17 -26.90 -27.59 -30.38
CA VAL B 17 -26.30 -27.00 -29.15
C VAL B 17 -25.41 -25.82 -29.54
N SER B 18 -24.90 -25.09 -28.53
CA SER B 18 -23.95 -23.98 -28.71
CA SER B 18 -23.95 -23.98 -28.71
C SER B 18 -22.73 -24.50 -29.47
N SER B 19 -22.39 -23.83 -30.57
CA SER B 19 -21.44 -24.30 -31.60
C SER B 19 -20.48 -23.19 -32.02
N ASP B 20 -19.27 -23.55 -32.44
CA ASP B 20 -18.36 -22.59 -33.11
C ASP B 20 -18.31 -22.85 -34.63
N ILE B 21 -18.76 -24.00 -35.09
CA ILE B 21 -18.87 -24.31 -36.55
C ILE B 21 -20.29 -24.84 -36.78
N ILE B 22 -20.96 -24.33 -37.79
CA ILE B 22 -22.29 -24.83 -38.22
C ILE B 22 -22.24 -25.05 -39.74
N SER B 23 -22.77 -26.18 -40.19
CA SER B 23 -22.68 -26.58 -41.60
C SER B 23 -24.02 -27.18 -42.03
N ILE B 24 -24.45 -26.87 -43.25
CA ILE B 24 -25.58 -27.57 -43.89
C ILE B 24 -25.40 -27.56 -45.41
N ASP B 25 -25.95 -28.55 -46.08
CA ASP B 25 -25.97 -28.70 -47.56
C ASP B 25 -27.36 -28.35 -48.05
N TRP B 26 -27.44 -27.52 -49.10
CA TRP B 26 -28.67 -26.99 -49.67
C TRP B 26 -28.67 -27.17 -51.18
N SER B 27 -29.84 -27.49 -51.72
CA SER B 27 -30.07 -27.64 -53.18
C SER B 27 -31.40 -27.01 -53.54
N PRO B 28 -31.40 -26.00 -54.45
CA PRO B 28 -32.62 -25.36 -54.89
C PRO B 28 -33.34 -26.21 -55.94
N VAL B 29 -34.65 -26.28 -55.85
CA VAL B 29 -35.50 -27.06 -56.80
C VAL B 29 -36.40 -26.11 -57.60
N GLN B 30 -37.16 -25.24 -56.91
CA GLN B 30 -37.94 -24.17 -57.58
C GLN B 30 -37.57 -22.84 -56.96
N THR B 31 -37.38 -21.81 -57.79
CA THR B 31 -36.73 -20.57 -57.32
C THR B 31 -37.58 -19.36 -57.71
N ALA B 32 -38.76 -19.22 -57.06
CA ALA B 32 -39.57 -18.00 -57.15
C ALA B 32 -38.70 -16.79 -56.86
N PRO B 33 -38.88 -15.66 -57.58
CA PRO B 33 -38.17 -14.45 -57.24
C PRO B 33 -38.47 -13.96 -55.84
N TYR B 34 -37.47 -13.31 -55.22
CA TYR B 34 -37.60 -12.65 -53.90
C TYR B 34 -37.77 -13.72 -52.83
N THR B 35 -37.02 -14.78 -53.01
CA THR B 35 -36.92 -15.90 -52.01
C THR B 35 -35.58 -15.83 -51.28
N TYR B 36 -35.60 -15.91 -49.95
CA TYR B 36 -34.40 -16.08 -49.11
C TYR B 36 -34.48 -17.44 -48.42
N TRP B 37 -33.53 -18.30 -48.71
CA TRP B 37 -33.24 -19.56 -47.96
C TRP B 37 -32.19 -19.21 -46.93
N ALA B 38 -32.61 -18.81 -45.76
CA ALA B 38 -31.64 -18.56 -44.65
C ALA B 38 -31.33 -19.92 -44.02
N VAL B 39 -30.22 -20.54 -44.42
CA VAL B 39 -29.96 -21.97 -44.03
C VAL B 39 -29.33 -22.02 -42.66
N HIS B 40 -28.77 -20.89 -42.20
CA HIS B 40 -28.17 -20.74 -40.85
C HIS B 40 -28.76 -19.51 -40.19
N ASN B 41 -29.11 -19.67 -38.92
CA ASN B 41 -29.72 -18.61 -38.08
C ASN B 41 -29.17 -18.80 -36.68
N TRP B 42 -28.87 -17.74 -35.97
CA TRP B 42 -28.39 -17.85 -34.58
C TRP B 42 -28.76 -16.62 -33.76
N ASN B 43 -28.96 -16.84 -32.47
CA ASN B 43 -29.03 -15.78 -31.42
C ASN B 43 -30.14 -14.78 -31.69
N GLN B 44 -31.35 -15.25 -31.99
CA GLN B 44 -32.50 -14.40 -32.30
C GLN B 44 -32.78 -13.50 -31.08
N GLY B 45 -32.88 -12.20 -31.30
CA GLY B 45 -33.15 -11.24 -30.23
C GLY B 45 -31.95 -11.04 -29.34
N GLY B 46 -30.78 -11.58 -29.70
CA GLY B 46 -29.65 -11.68 -28.75
C GLY B 46 -28.37 -11.10 -29.31
N GLU B 47 -27.34 -11.07 -28.49
CA GLU B 47 -26.00 -10.53 -28.87
C GLU B 47 -25.43 -11.35 -30.05
N ALA B 48 -25.09 -10.64 -31.11
CA ALA B 48 -24.48 -11.15 -32.37
C ALA B 48 -25.48 -12.05 -33.08
N GLY B 49 -26.77 -11.76 -32.94
CA GLY B 49 -27.79 -12.36 -33.81
C GLY B 49 -27.37 -12.25 -35.28
N GLY B 50 -27.56 -13.31 -36.06
CA GLY B 50 -27.22 -13.28 -37.47
C GLY B 50 -27.91 -14.38 -38.25
N TYR B 51 -27.70 -14.33 -39.56
CA TYR B 51 -28.17 -15.38 -40.49
C TYR B 51 -27.30 -15.37 -41.74
N ALA B 52 -27.43 -16.45 -42.51
CA ALA B 52 -26.72 -16.61 -43.78
C ALA B 52 -27.46 -17.62 -44.65
N GLY B 53 -27.32 -17.46 -45.95
CA GLY B 53 -27.94 -18.38 -46.90
C GLY B 53 -27.86 -17.85 -48.32
N PHE B 54 -28.89 -18.18 -49.07
CA PHE B 54 -28.96 -18.03 -50.54
C PHE B 54 -30.19 -17.22 -50.90
N GLN B 55 -30.06 -16.29 -51.87
CA GLN B 55 -31.23 -15.53 -52.33
C GLN B 55 -31.38 -15.61 -53.86
N GLN B 56 -32.62 -15.81 -54.32
CA GLN B 56 -33.05 -15.45 -55.70
C GLN B 56 -33.55 -13.98 -55.64
N GLN B 57 -32.67 -13.06 -55.93
CA GLN B 57 -32.91 -11.61 -55.72
C GLN B 57 -33.75 -11.00 -56.84
N SER B 58 -33.73 -11.57 -58.02
CA SER B 58 -34.58 -11.19 -59.17
C SER B 58 -34.69 -12.38 -60.13
N GLY B 59 -35.77 -12.44 -60.91
CA GLY B 59 -36.02 -13.48 -61.92
C GLY B 59 -36.41 -14.79 -61.26
N PHE B 60 -36.67 -15.82 -62.05
CA PHE B 60 -37.21 -17.14 -61.63
C PHE B 60 -36.20 -18.24 -61.87
N ASP B 61 -35.03 -17.92 -62.40
CA ASP B 61 -34.06 -18.94 -62.89
C ASP B 61 -32.65 -18.37 -62.83
N GLU B 62 -31.70 -19.10 -63.40
CA GLU B 62 -30.26 -18.77 -63.38
C GLU B 62 -30.00 -17.48 -64.17
N ASN B 63 -30.92 -16.98 -64.98
CA ASN B 63 -30.75 -15.66 -65.65
C ASN B 63 -31.06 -14.51 -64.70
N GLY B 64 -31.64 -14.80 -63.55
CA GLY B 64 -31.87 -13.80 -62.50
C GLY B 64 -30.62 -13.55 -61.67
N LYS B 65 -30.74 -12.72 -60.65
CA LYS B 65 -29.60 -12.38 -59.76
C LYS B 65 -29.62 -13.35 -58.58
N ARG B 66 -28.73 -14.31 -58.58
CA ARG B 66 -28.57 -15.32 -57.49
C ARG B 66 -27.42 -14.88 -56.59
N THR B 67 -27.62 -14.95 -55.27
CA THR B 67 -26.60 -14.48 -54.30
C THR B 67 -26.45 -15.47 -53.13
N LEU B 68 -25.39 -15.23 -52.37
CA LEU B 68 -25.21 -15.64 -50.94
C LEU B 68 -25.49 -14.41 -50.09
N HIS B 69 -25.93 -14.65 -48.87
CA HIS B 69 -26.33 -13.60 -47.91
C HIS B 69 -25.71 -13.95 -46.58
N PHE B 70 -25.40 -12.95 -45.78
CA PHE B 70 -24.70 -13.05 -44.48
C PHE B 70 -24.96 -11.72 -43.78
N ALA B 71 -25.51 -11.73 -42.58
CA ALA B 71 -25.84 -10.49 -41.84
C ALA B 71 -25.62 -10.77 -40.35
N VAL B 72 -25.12 -9.77 -39.63
CA VAL B 72 -25.01 -9.80 -38.15
C VAL B 72 -25.56 -8.46 -37.66
N TRP B 73 -26.43 -8.51 -36.67
CA TRP B 73 -27.06 -7.30 -36.11
C TRP B 73 -26.04 -6.60 -35.20
N ASP B 74 -26.13 -5.28 -35.11
CA ASP B 74 -25.26 -4.45 -34.27
C ASP B 74 -25.23 -4.94 -32.83
N PRO B 75 -24.09 -4.72 -32.17
CA PRO B 75 -23.94 -5.02 -30.76
C PRO B 75 -25.02 -4.35 -29.88
N ILE B 76 -25.43 -5.03 -28.82
CA ILE B 76 -26.52 -4.57 -27.90
C ILE B 76 -26.02 -3.33 -27.13
N SER B 77 -24.82 -3.40 -26.56
CA SER B 77 -24.27 -2.39 -25.63
C SER B 77 -23.12 -1.62 -26.30
N SER B 78 -22.16 -2.32 -26.92
CA SER B 78 -20.93 -1.69 -27.45
C SER B 78 -21.34 -0.67 -28.52
N LYS B 79 -20.63 0.45 -28.58
CA LYS B 79 -20.84 1.47 -29.63
C LYS B 79 -19.87 1.23 -30.79
N GLU B 80 -18.99 0.24 -30.68
CA GLU B 80 -17.93 -0.03 -31.69
C GLU B 80 -18.64 -0.65 -32.90
N ALA B 81 -18.18 -0.33 -34.11
CA ALA B 81 -18.75 -0.83 -35.37
C ALA B 81 -18.33 -2.30 -35.59
N ILE B 82 -19.23 -3.08 -36.19
CA ILE B 82 -18.90 -4.35 -36.89
C ILE B 82 -18.08 -3.97 -38.11
N LYS B 83 -16.97 -4.64 -38.33
CA LYS B 83 -16.07 -4.43 -39.49
C LYS B 83 -16.27 -5.60 -40.46
N ALA B 84 -16.33 -5.30 -41.76
CA ALA B 84 -16.15 -6.29 -42.83
C ALA B 84 -14.65 -6.52 -42.98
N GLU B 85 -14.10 -7.54 -42.32
CA GLU B 85 -12.66 -7.82 -42.33
C GLU B 85 -12.25 -8.35 -43.71
N TYR B 86 -13.10 -9.16 -44.34
CA TYR B 86 -12.82 -9.77 -45.66
C TYR B 86 -14.14 -9.89 -46.43
N VAL B 87 -14.11 -9.50 -47.71
CA VAL B 87 -15.19 -9.73 -48.69
C VAL B 87 -14.53 -10.32 -49.93
N SER B 88 -15.16 -11.32 -50.53
CA SER B 88 -14.66 -12.02 -51.72
C SER B 88 -14.79 -11.05 -52.89
N PRO B 89 -14.15 -11.33 -54.05
CA PRO B 89 -14.24 -10.41 -55.19
C PRO B 89 -15.66 -10.12 -55.69
N THR B 90 -16.64 -10.99 -55.44
CA THR B 90 -18.05 -10.76 -55.85
C THR B 90 -18.93 -10.41 -54.64
N SER B 91 -18.31 -10.07 -53.51
CA SER B 91 -19.03 -9.74 -52.26
C SER B 91 -19.06 -8.23 -52.07
N VAL B 92 -20.18 -7.71 -51.55
CA VAL B 92 -20.29 -6.29 -51.12
C VAL B 92 -20.84 -6.23 -49.70
N ALA B 93 -20.08 -5.58 -48.81
CA ALA B 93 -20.47 -5.28 -47.41
C ALA B 93 -21.23 -3.96 -47.39
N SER B 94 -22.36 -3.91 -46.67
CA SER B 94 -23.10 -2.65 -46.48
C SER B 94 -23.81 -2.70 -45.13
N ASN B 95 -24.07 -1.51 -44.57
CA ASN B 95 -24.85 -1.39 -43.32
C ASN B 95 -26.33 -1.46 -43.70
N PHE B 96 -27.11 -2.19 -42.93
CA PHE B 96 -28.59 -2.23 -43.10
C PHE B 96 -29.20 -1.45 -41.95
N GLY B 97 -30.43 -0.99 -42.16
CA GLY B 97 -31.27 -0.23 -41.21
C GLY B 97 -32.72 -0.50 -41.51
N GLY B 98 -33.64 -0.08 -40.65
CA GLY B 98 -35.09 -0.25 -40.86
C GLY B 98 -35.55 -1.68 -40.64
N GLU B 99 -34.70 -2.53 -40.09
CA GLU B 99 -35.01 -3.94 -39.77
C GLU B 99 -34.04 -4.33 -38.65
N GLY B 100 -34.00 -3.47 -37.62
CA GLY B 100 -32.81 -3.26 -36.78
C GLY B 100 -31.66 -2.76 -37.64
N THR B 101 -30.47 -2.72 -37.09
CA THR B 101 -29.27 -2.23 -37.79
C THR B 101 -28.14 -3.26 -37.67
N GLY B 102 -27.24 -3.27 -38.64
CA GLY B 102 -26.05 -4.11 -38.57
C GLY B 102 -25.32 -4.14 -39.90
N LEU B 103 -24.59 -5.22 -40.12
CA LEU B 103 -23.72 -5.37 -41.31
C LEU B 103 -24.17 -6.59 -42.10
N LYS B 104 -24.26 -6.43 -43.42
CA LYS B 104 -24.54 -7.57 -44.31
C LYS B 104 -23.50 -7.64 -45.41
N ILE B 105 -23.22 -8.85 -45.85
CA ILE B 105 -22.39 -9.13 -47.04
C ILE B 105 -23.24 -9.91 -48.02
N GLN B 106 -23.47 -9.33 -49.19
CA GLN B 106 -24.22 -9.93 -50.31
C GLN B 106 -23.18 -10.30 -51.40
N THR B 107 -23.25 -11.53 -51.89
CA THR B 107 -22.23 -12.12 -52.78
C THR B 107 -22.93 -12.64 -54.04
N THR B 108 -22.62 -12.09 -55.22
CA THR B 108 -23.09 -12.68 -56.48
C THR B 108 -22.47 -14.07 -56.61
N TYR B 109 -23.32 -15.06 -56.84
CA TYR B 109 -22.92 -16.47 -56.87
C TYR B 109 -23.89 -17.23 -57.75
N ASP B 110 -23.39 -17.81 -58.85
CA ASP B 110 -24.24 -18.48 -59.87
C ASP B 110 -24.55 -19.92 -59.43
N TRP B 111 -25.29 -20.07 -58.35
CA TRP B 111 -25.69 -21.42 -57.89
C TRP B 111 -26.81 -21.93 -58.82
N LYS B 112 -26.92 -23.25 -58.92
CA LYS B 112 -27.74 -23.93 -59.95
C LYS B 112 -28.75 -24.87 -59.32
N ASN B 113 -29.90 -25.01 -59.97
CA ASN B 113 -30.97 -25.95 -59.56
C ASN B 113 -30.39 -27.37 -59.52
N TYR B 114 -30.74 -28.12 -58.50
CA TYR B 114 -30.44 -29.56 -58.31
C TYR B 114 -28.94 -29.78 -58.11
N ASN B 115 -28.19 -28.73 -57.84
CA ASN B 115 -26.79 -28.82 -57.40
C ASN B 115 -26.75 -28.58 -55.88
N TRP B 116 -25.69 -29.07 -55.23
CA TRP B 116 -25.56 -29.04 -53.76
C TRP B 116 -24.54 -27.99 -53.40
N TYR B 117 -24.88 -27.19 -52.39
CA TYR B 117 -23.98 -26.15 -51.86
C TYR B 117 -23.86 -26.35 -50.36
N ARG B 118 -22.63 -26.36 -49.89
CA ARG B 118 -22.35 -26.56 -48.46
C ARG B 118 -21.99 -25.18 -47.90
N MET B 119 -22.84 -24.62 -47.06
CA MET B 119 -22.50 -23.38 -46.35
C MET B 119 -22.02 -23.74 -44.94
N THR B 120 -20.77 -23.42 -44.64
CA THR B 120 -20.12 -23.63 -43.34
C THR B 120 -19.72 -22.27 -42.77
N MET B 121 -20.19 -21.99 -41.57
CA MET B 121 -19.89 -20.75 -40.80
C MET B 121 -19.02 -21.14 -39.63
N ARG B 122 -18.05 -20.29 -39.31
CA ARG B 122 -17.22 -20.50 -38.11
C ARG B 122 -17.18 -19.19 -37.34
N SER B 123 -17.25 -19.28 -36.02
CA SER B 123 -17.03 -18.12 -35.13
C SER B 123 -15.80 -18.43 -34.31
N TRP B 124 -14.96 -17.43 -34.06
CA TRP B 124 -13.73 -17.62 -33.29
C TRP B 124 -13.35 -16.35 -32.55
N GLN B 125 -12.53 -16.51 -31.50
CA GLN B 125 -11.98 -15.40 -30.68
C GLN B 125 -10.67 -14.93 -31.29
N GLU B 126 -10.52 -13.63 -31.54
CA GLU B 126 -9.27 -13.02 -32.08
C GLU B 126 -9.21 -11.60 -31.54
N ASN B 127 -8.13 -11.24 -30.82
CA ASN B 127 -7.87 -9.84 -30.38
C ASN B 127 -9.06 -9.28 -29.58
N GLY B 128 -9.66 -10.08 -28.71
CA GLY B 128 -10.71 -9.61 -27.78
C GLY B 128 -12.07 -9.43 -28.46
N HIS B 129 -12.15 -9.72 -29.76
CA HIS B 129 -13.40 -9.67 -30.56
C HIS B 129 -13.80 -11.08 -30.97
N THR B 130 -15.04 -11.24 -31.46
CA THR B 130 -15.50 -12.49 -32.10
C THR B 130 -15.57 -12.28 -33.60
N LYS B 131 -14.96 -13.17 -34.36
CA LYS B 131 -15.07 -13.17 -35.85
C LYS B 131 -16.15 -14.16 -36.25
N PHE B 132 -16.89 -13.83 -37.30
CA PHE B 132 -17.83 -14.72 -37.99
C PHE B 132 -17.42 -14.84 -39.44
N GLY B 133 -17.17 -16.07 -39.87
CA GLY B 133 -16.72 -16.37 -41.24
C GLY B 133 -17.73 -17.22 -41.99
N GLN B 134 -17.87 -16.97 -43.29
CA GLN B 134 -18.78 -17.71 -44.19
C GLN B 134 -17.94 -18.37 -45.29
N TRP B 135 -17.98 -19.69 -45.37
CA TRP B 135 -17.35 -20.50 -46.44
C TRP B 135 -18.42 -21.25 -47.21
N LEU B 136 -18.18 -21.49 -48.50
CA LEU B 136 -19.16 -22.16 -49.39
C LEU B 136 -18.43 -23.19 -50.24
N LYS B 137 -18.85 -24.44 -50.14
CA LYS B 137 -18.37 -25.50 -51.05
C LYS B 137 -19.36 -25.72 -52.18
N ASP B 138 -18.89 -25.57 -53.40
CA ASP B 138 -19.68 -25.95 -54.60
C ASP B 138 -19.42 -27.44 -54.77
N VAL B 139 -20.42 -28.27 -54.47
CA VAL B 139 -20.21 -29.76 -54.35
C VAL B 139 -19.89 -30.30 -55.76
N SER B 140 -20.59 -29.84 -56.79
CA SER B 140 -20.37 -30.29 -58.19
C SER B 140 -18.93 -29.96 -58.63
N LYS B 141 -18.42 -28.79 -58.30
CA LYS B 141 -17.06 -28.33 -58.69
C LYS B 141 -16.01 -28.88 -57.72
N ASN B 142 -16.44 -29.35 -56.55
CA ASN B 142 -15.55 -29.85 -55.47
C ASN B 142 -14.59 -28.73 -55.07
N GLN B 143 -15.13 -27.54 -54.85
CA GLN B 143 -14.33 -26.30 -54.65
C GLN B 143 -14.93 -25.49 -53.50
N TRP B 144 -14.09 -25.19 -52.52
CA TRP B 144 -14.41 -24.30 -51.38
C TRP B 144 -14.09 -22.88 -51.78
N LYS B 145 -14.83 -21.92 -51.26
CA LYS B 145 -14.50 -20.49 -51.37
C LYS B 145 -14.75 -19.81 -50.03
N LEU B 146 -13.80 -18.98 -49.57
CA LEU B 146 -14.04 -18.01 -48.47
C LEU B 146 -14.89 -16.86 -49.00
N ILE B 147 -16.06 -16.61 -48.39
CA ILE B 147 -16.96 -15.55 -48.88
C ILE B 147 -16.71 -14.25 -48.13
N GLY B 148 -16.69 -14.29 -46.80
CA GLY B 148 -16.76 -13.06 -46.00
C GLY B 148 -16.43 -13.31 -44.55
N ILE B 149 -15.82 -12.34 -43.87
CA ILE B 149 -15.52 -12.41 -42.42
C ILE B 149 -15.97 -11.09 -41.81
N MET B 150 -16.81 -11.18 -40.79
CA MET B 150 -17.23 -10.00 -40.00
C MET B 150 -16.49 -10.03 -38.67
N ASP B 151 -16.07 -8.85 -38.25
CA ASP B 151 -15.35 -8.63 -36.97
C ASP B 151 -16.34 -7.99 -36.02
N PHE B 152 -16.77 -8.75 -35.04
CA PHE B 152 -17.85 -8.32 -34.11
C PHE B 152 -17.21 -7.92 -32.79
N PRO B 153 -17.43 -6.68 -32.32
CA PRO B 153 -16.63 -6.10 -31.23
C PRO B 153 -17.07 -6.51 -29.82
N VAL B 154 -17.36 -7.79 -29.63
CA VAL B 154 -17.74 -8.35 -28.31
C VAL B 154 -17.08 -9.71 -28.24
N PRO B 155 -16.37 -10.01 -27.14
CA PRO B 155 -15.79 -11.35 -26.95
C PRO B 155 -16.84 -12.38 -26.56
N ASN B 156 -16.52 -13.65 -26.83
CA ASN B 156 -17.15 -14.85 -26.22
C ASN B 156 -18.61 -14.95 -26.66
N VAL B 157 -18.91 -14.56 -27.90
CA VAL B 157 -20.22 -14.88 -28.52
C VAL B 157 -19.93 -15.97 -29.54
N THR B 158 -20.95 -16.74 -29.91
CA THR B 158 -20.83 -17.87 -30.86
C THR B 158 -22.22 -18.14 -31.43
N PHE B 159 -22.40 -19.28 -32.14
CA PHE B 159 -23.73 -19.75 -32.59
C PHE B 159 -24.38 -20.40 -31.39
N ASN B 160 -24.93 -19.57 -30.50
CA ASN B 160 -25.20 -19.97 -29.11
C ASN B 160 -26.52 -20.77 -29.06
N TYR B 161 -27.53 -20.30 -29.75
CA TYR B 161 -28.88 -20.93 -29.82
C TYR B 161 -29.58 -20.55 -31.11
N GLY B 162 -30.73 -21.19 -31.36
CA GLY B 162 -31.71 -20.81 -32.38
C GLY B 162 -31.37 -21.35 -33.77
N GLN B 163 -30.55 -22.38 -33.86
CA GLN B 163 -30.22 -23.02 -35.15
C GLN B 163 -31.51 -23.39 -35.84
N THR B 164 -31.71 -22.87 -37.06
CA THR B 164 -32.90 -23.14 -37.87
C THR B 164 -32.59 -22.68 -39.28
N LEU B 165 -33.33 -23.23 -40.23
CA LEU B 165 -33.41 -22.78 -41.63
C LEU B 165 -34.77 -22.19 -41.86
N PHE B 166 -34.87 -21.12 -42.67
CA PHE B 166 -36.21 -20.73 -43.16
C PHE B 166 -36.12 -20.42 -44.66
N GLN B 167 -37.21 -20.66 -45.32
CA GLN B 167 -37.53 -20.20 -46.69
C GLN B 167 -38.54 -19.06 -46.59
N ALA B 168 -38.21 -17.88 -47.09
CA ALA B 168 -39.08 -16.69 -46.94
C ALA B 168 -39.26 -15.97 -48.28
N ASP B 169 -40.49 -15.56 -48.54
CA ASP B 169 -40.94 -14.67 -49.66
C ASP B 169 -40.91 -13.24 -49.12
N TRP B 170 -40.03 -12.39 -49.60
CA TRP B 170 -39.92 -10.98 -49.08
C TRP B 170 -40.64 -9.99 -49.98
N LEU B 171 -41.27 -10.39 -51.08
CA LEU B 171 -41.97 -9.39 -51.94
C LEU B 171 -43.51 -9.48 -51.86
N GLY B 172 -44.06 -10.68 -51.65
CA GLY B 172 -45.49 -10.98 -51.79
C GLY B 172 -45.80 -11.55 -53.16
N ASN B 173 -45.36 -12.78 -53.43
CA ASN B 173 -45.68 -13.52 -54.67
C ASN B 173 -45.98 -14.97 -54.27
N GLY B 174 -46.99 -15.13 -53.40
CA GLY B 174 -47.46 -16.43 -52.90
C GLY B 174 -47.93 -17.36 -54.02
N GLN B 175 -48.20 -16.82 -55.21
CA GLN B 175 -48.58 -17.60 -56.42
C GLN B 175 -47.39 -18.41 -56.92
N ASP B 176 -46.16 -17.94 -56.65
CA ASP B 176 -44.91 -18.52 -57.20
C ASP B 176 -44.38 -19.54 -56.17
N VAL B 177 -44.15 -20.77 -56.62
CA VAL B 177 -43.67 -21.85 -55.74
CA VAL B 177 -43.67 -21.87 -55.74
C VAL B 177 -42.15 -21.70 -55.52
N ARG B 178 -41.69 -21.97 -54.29
CA ARG B 178 -40.25 -22.02 -53.95
C ARG B 178 -40.09 -23.35 -53.19
N GLU B 179 -39.06 -24.09 -53.57
CA GLU B 179 -38.77 -25.45 -53.08
C GLU B 179 -37.26 -25.61 -53.00
N ALA B 180 -36.77 -26.28 -51.93
CA ALA B 180 -35.35 -26.62 -51.81
C ALA B 180 -35.25 -27.89 -50.94
N ARG B 181 -34.05 -28.38 -50.85
CA ARG B 181 -33.69 -29.62 -50.13
C ARG B 181 -32.51 -29.27 -49.23
N VAL B 182 -32.38 -29.96 -48.08
CA VAL B 182 -31.19 -29.80 -47.23
C VAL B 182 -30.85 -31.20 -46.65
N LYS B 183 -29.61 -31.38 -46.36
CA LYS B 183 -29.07 -32.58 -45.67
C LYS B 183 -27.72 -32.17 -45.08
N ASN B 184 -27.10 -33.06 -44.32
CA ASN B 184 -25.71 -32.88 -43.83
C ASN B 184 -25.64 -31.67 -42.90
N GLY B 185 -26.65 -31.47 -42.07
CA GLY B 185 -26.62 -30.50 -40.95
C GLY B 185 -25.75 -30.99 -39.83
N TYR B 186 -24.67 -30.25 -39.50
CA TYR B 186 -23.76 -30.58 -38.38
C TYR B 186 -23.33 -29.28 -37.69
N GLY B 187 -23.15 -29.38 -36.38
CA GLY B 187 -22.50 -28.34 -35.58
C GLY B 187 -21.31 -28.89 -34.88
N ARG B 188 -20.30 -28.04 -34.64
CA ARG B 188 -19.20 -28.42 -33.74
C ARG B 188 -19.44 -27.80 -32.36
N ASN B 189 -19.44 -28.61 -31.31
CA ASN B 189 -19.88 -28.20 -29.95
C ASN B 189 -18.81 -27.27 -29.35
N ILE B 190 -19.24 -26.16 -28.73
CA ILE B 190 -18.35 -25.33 -27.85
C ILE B 190 -17.84 -26.20 -26.68
N SER B 191 -18.69 -27.03 -26.12
CA SER B 191 -18.41 -27.83 -24.89
C SER B 191 -17.15 -28.69 -25.08
N ASP B 192 -17.05 -29.47 -26.15
CA ASP B 192 -15.98 -30.50 -26.27
C ASP B 192 -15.34 -30.51 -27.67
N LYS B 193 -15.65 -29.57 -28.57
CA LYS B 193 -15.12 -29.54 -29.95
C LYS B 193 -15.46 -30.84 -30.70
N LYS B 194 -16.52 -31.53 -30.33
CA LYS B 194 -16.99 -32.74 -31.07
C LYS B 194 -18.21 -32.36 -31.90
N TRP B 195 -18.53 -33.19 -32.89
CA TRP B 195 -19.62 -32.88 -33.85
C TRP B 195 -20.94 -33.38 -33.32
N THR B 196 -21.98 -32.59 -33.50
CA THR B 196 -23.40 -32.96 -33.32
C THR B 196 -24.02 -33.11 -34.72
N SER B 197 -24.64 -34.26 -35.01
CA SER B 197 -25.33 -34.53 -36.30
C SER B 197 -26.80 -34.16 -36.15
N TRP B 198 -27.31 -33.21 -36.96
CA TRP B 198 -28.73 -32.82 -37.01
C TRP B 198 -29.49 -33.80 -37.92
N ASN B 199 -29.48 -35.09 -37.58
CA ASN B 199 -30.02 -36.15 -38.47
C ASN B 199 -31.54 -36.11 -38.40
N THR B 200 -32.09 -35.53 -37.33
CA THR B 200 -33.57 -35.43 -37.09
C THR B 200 -33.96 -33.94 -37.05
N GLN B 201 -34.77 -33.51 -37.99
CA GLN B 201 -35.22 -32.10 -38.13
C GLN B 201 -36.73 -32.06 -38.26
N SER B 202 -37.36 -31.01 -37.75
CA SER B 202 -38.79 -30.76 -37.91
C SER B 202 -38.95 -29.81 -39.12
N ILE B 203 -39.99 -30.02 -39.91
CA ILE B 203 -40.44 -29.10 -40.99
C ILE B 203 -41.80 -28.54 -40.55
N GLU B 204 -41.94 -27.23 -40.54
CA GLU B 204 -43.08 -26.55 -39.87
C GLU B 204 -43.40 -25.28 -40.67
N GLY B 205 -44.66 -25.10 -41.05
CA GLY B 205 -45.10 -23.82 -41.62
C GLY B 205 -45.01 -22.73 -40.57
N GLN B 206 -44.73 -21.50 -41.00
CA GLN B 206 -44.61 -20.33 -40.09
C GLN B 206 -45.97 -20.02 -39.44
N GLU B 207 -47.05 -20.22 -40.16
CA GLU B 207 -48.43 -19.89 -39.75
C GLU B 207 -49.23 -21.19 -39.64
N PRO B 208 -49.58 -21.63 -38.41
CA PRO B 208 -50.35 -22.86 -38.24
C PRO B 208 -51.70 -22.85 -38.97
N LEU B 209 -52.24 -21.68 -39.31
CA LEU B 209 -53.56 -21.55 -40.00
C LEU B 209 -53.36 -21.50 -41.52
N ASN B 210 -52.12 -21.45 -42.02
CA ASN B 210 -51.83 -21.40 -43.48
C ASN B 210 -51.15 -22.71 -43.91
N ASN B 211 -51.79 -23.46 -44.79
CA ASN B 211 -51.37 -24.81 -45.27
C ASN B 211 -50.81 -24.75 -46.69
N ASN B 212 -50.47 -23.55 -47.20
CA ASN B 212 -49.95 -23.34 -48.57
C ASN B 212 -48.44 -23.62 -48.61
N TRP B 213 -48.01 -24.78 -48.10
CA TRP B 213 -46.59 -25.21 -48.03
C TRP B 213 -46.67 -26.73 -47.82
N ASP B 214 -45.55 -27.41 -47.99
CA ASP B 214 -45.48 -28.88 -47.85
C ASP B 214 -44.05 -29.24 -47.54
N GLY B 215 -43.81 -30.46 -47.05
CA GLY B 215 -42.47 -30.92 -46.73
C GLY B 215 -42.47 -32.42 -46.57
N GLY B 216 -41.30 -32.99 -46.62
CA GLY B 216 -41.08 -34.43 -46.41
C GLY B 216 -39.61 -34.74 -46.54
N ALA B 217 -39.30 -36.02 -46.65
CA ALA B 217 -37.90 -36.47 -46.67
C ALA B 217 -37.81 -37.74 -47.51
N THR B 218 -36.68 -37.89 -48.18
CA THR B 218 -36.18 -39.16 -48.72
C THR B 218 -35.17 -39.66 -47.70
N SER B 219 -34.52 -40.78 -47.97
CA SER B 219 -33.42 -41.29 -47.13
C SER B 219 -32.24 -40.30 -47.17
N GLU B 220 -32.17 -39.44 -48.22
CA GLU B 220 -31.02 -38.56 -48.51
C GLU B 220 -31.25 -37.14 -47.96
N TYR B 221 -32.43 -36.56 -48.13
CA TYR B 221 -32.64 -35.11 -47.84
C TYR B 221 -34.04 -34.83 -47.32
N LEU B 222 -34.20 -33.70 -46.63
CA LEU B 222 -35.47 -33.05 -46.30
C LEU B 222 -35.78 -32.15 -47.48
N TRP B 223 -37.03 -32.06 -47.89
CA TRP B 223 -37.48 -31.07 -48.88
C TRP B 223 -38.67 -30.30 -48.31
N PHE B 224 -38.91 -29.09 -48.84
CA PHE B 224 -39.94 -28.20 -48.34
C PHE B 224 -40.26 -27.25 -49.49
N LYS B 225 -41.51 -26.90 -49.59
CA LYS B 225 -41.92 -25.87 -50.60
C LYS B 225 -43.05 -25.04 -50.02
N ALA B 226 -43.33 -23.91 -50.68
CA ALA B 226 -44.40 -22.98 -50.26
C ALA B 226 -44.84 -22.21 -51.51
N GLY B 227 -46.09 -21.80 -51.54
CA GLY B 227 -46.64 -20.96 -52.61
C GLY B 227 -47.27 -21.82 -53.68
N GLY B 228 -47.86 -21.18 -54.68
CA GLY B 228 -48.61 -21.84 -55.77
C GLY B 228 -49.63 -22.79 -55.21
N ASP B 229 -49.66 -24.01 -55.72
CA ASP B 229 -50.65 -25.06 -55.40
C ASP B 229 -50.12 -25.94 -54.25
N SER B 230 -49.03 -25.54 -53.56
CA SER B 230 -48.53 -26.26 -52.37
C SER B 230 -49.67 -26.45 -51.35
N ARG B 231 -49.83 -27.66 -50.80
CA ARG B 231 -50.83 -27.94 -49.76
C ARG B 231 -50.25 -28.99 -48.81
N SER B 232 -50.21 -28.68 -47.51
CA SER B 232 -49.48 -29.54 -46.55
C SER B 232 -50.05 -30.95 -46.55
N THR B 233 -49.17 -31.92 -46.64
CA THR B 233 -49.47 -33.37 -46.47
C THR B 233 -49.05 -33.80 -45.06
N ILE B 234 -48.59 -32.88 -44.22
CA ILE B 234 -47.95 -33.20 -42.91
C ILE B 234 -48.54 -32.30 -41.82
N GLY B 235 -49.81 -31.92 -41.95
CA GLY B 235 -50.49 -31.05 -40.98
C GLY B 235 -49.76 -29.73 -40.79
N THR B 236 -49.48 -29.36 -39.55
CA THR B 236 -48.80 -28.09 -39.19
C THR B 236 -47.30 -28.32 -39.18
N GLY B 237 -46.86 -29.57 -39.21
CA GLY B 237 -45.42 -29.90 -39.23
C GLY B 237 -45.19 -31.35 -38.82
N LYS B 238 -44.00 -31.84 -39.13
CA LYS B 238 -43.60 -33.24 -38.87
C LYS B 238 -42.08 -33.29 -38.78
N THR B 239 -41.57 -34.26 -38.02
CA THR B 239 -40.13 -34.53 -37.86
C THR B 239 -39.74 -35.69 -38.77
N PHE B 240 -38.51 -35.66 -39.29
CA PHE B 240 -37.96 -36.65 -40.23
C PHE B 240 -36.49 -36.87 -39.86
N THR B 241 -36.02 -38.10 -40.04
CA THR B 241 -34.64 -38.53 -39.77
C THR B 241 -33.98 -38.91 -41.09
N LEU B 242 -32.76 -38.45 -41.31
CA LEU B 242 -31.92 -38.82 -42.47
C LEU B 242 -30.87 -39.81 -42.01
N ASN B 243 -30.34 -40.59 -42.95
CA ASN B 243 -29.30 -41.61 -42.63
C ASN B 243 -27.91 -40.99 -42.83
N GLN B 244 -27.73 -39.70 -42.54
CA GLN B 244 -26.38 -39.07 -42.64
C GLN B 244 -25.48 -39.66 -41.56
N PRO B 245 -24.15 -39.77 -41.81
CA PRO B 245 -23.25 -40.31 -40.80
C PRO B 245 -23.21 -39.37 -39.59
N SER B 246 -22.98 -39.93 -38.39
CA SER B 246 -22.96 -39.14 -37.13
C SER B 246 -21.75 -38.21 -37.14
N GLN B 247 -20.67 -38.54 -37.86
CA GLN B 247 -19.51 -37.65 -38.08
C GLN B 247 -19.59 -37.07 -39.49
N PRO B 248 -19.38 -35.75 -39.66
CA PRO B 248 -19.43 -35.14 -40.98
C PRO B 248 -18.26 -35.59 -41.86
N GLU B 249 -18.48 -35.69 -43.18
CA GLU B 249 -17.38 -36.00 -44.14
C GLU B 249 -16.56 -34.72 -44.33
N ILE B 250 -15.35 -34.75 -43.80
CA ILE B 250 -14.38 -33.62 -43.82
C ILE B 250 -13.27 -34.04 -44.77
N GLY B 251 -13.00 -33.20 -45.76
CA GLY B 251 -11.89 -33.43 -46.69
C GLY B 251 -10.56 -33.18 -46.01
N LYS B 252 -9.52 -33.08 -46.81
CA LYS B 252 -8.13 -32.93 -46.31
C LYS B 252 -7.63 -31.57 -46.74
N LEU B 253 -6.75 -31.00 -45.93
CA LEU B 253 -5.98 -29.80 -46.30
C LEU B 253 -4.80 -30.28 -47.14
N ASP B 254 -4.57 -29.65 -48.28
CA ASP B 254 -3.54 -30.06 -49.26
C ASP B 254 -3.10 -28.80 -49.99
N TYR B 255 -1.80 -28.49 -49.99
CA TYR B 255 -1.27 -27.26 -50.62
C TYR B 255 0.14 -27.53 -51.13
N ASP B 256 0.58 -26.68 -52.05
CA ASP B 256 1.95 -26.68 -52.60
C ASP B 256 2.59 -25.35 -52.22
N VAL B 257 3.80 -25.39 -51.68
CA VAL B 257 4.62 -24.16 -51.50
C VAL B 257 5.13 -23.75 -52.89
N LYS B 258 4.93 -22.49 -53.25
CA LYS B 258 5.21 -21.97 -54.62
C LYS B 258 6.57 -21.28 -54.63
N SER B 259 6.89 -20.53 -53.58
CA SER B 259 8.18 -19.81 -53.42
C SER B 259 8.61 -19.85 -51.95
N THR B 260 9.92 -19.93 -51.71
CA THR B 260 10.55 -19.90 -50.38
C THR B 260 11.97 -19.36 -50.54
N TYR B 261 12.14 -18.05 -50.58
CA TYR B 261 13.47 -17.44 -50.86
C TYR B 261 13.64 -16.16 -50.03
N TYR B 262 14.91 -15.84 -49.81
CA TYR B 262 15.41 -14.68 -49.03
C TYR B 262 16.40 -13.89 -49.89
N GLU B 263 16.16 -12.60 -50.09
CA GLU B 263 16.93 -11.74 -51.03
C GLU B 263 16.73 -10.29 -50.60
N ASN B 264 17.83 -9.54 -50.42
CA ASN B 264 17.83 -8.10 -50.04
C ASN B 264 17.03 -7.91 -48.76
N GLU B 265 17.22 -8.80 -47.78
CA GLU B 265 16.62 -8.73 -46.42
C GLU B 265 15.09 -8.78 -46.51
N LYS B 266 14.56 -9.51 -47.50
CA LYS B 266 13.10 -9.76 -47.66
C LYS B 266 12.90 -11.27 -47.81
N LEU B 267 12.09 -11.85 -46.91
CA LEU B 267 11.67 -13.28 -46.98
C LEU B 267 10.35 -13.33 -47.75
N ASN B 268 10.29 -14.15 -48.80
CA ASN B 268 9.08 -14.38 -49.62
C ASN B 268 8.74 -15.86 -49.53
N ILE B 269 7.55 -16.15 -48.98
CA ILE B 269 7.00 -17.53 -48.91
C ILE B 269 5.55 -17.42 -49.35
N THR B 270 5.19 -18.18 -50.37
CA THR B 270 3.84 -18.24 -50.95
C THR B 270 3.45 -19.69 -51.11
N TRP B 271 2.15 -19.96 -51.14
CA TRP B 271 1.61 -21.32 -51.30
C TRP B 271 0.26 -21.22 -52.02
N GLN B 272 -0.23 -22.35 -52.46
CA GLN B 272 -1.54 -22.45 -53.13
C GLN B 272 -2.19 -23.74 -52.67
N LEU B 273 -3.37 -23.64 -52.05
CA LEU B 273 -4.15 -24.84 -51.72
C LEU B 273 -4.58 -25.47 -53.05
N LYS B 274 -4.62 -26.78 -53.09
CA LYS B 274 -5.16 -27.55 -54.23
C LYS B 274 -6.63 -27.19 -54.38
N ASP B 275 -7.13 -27.24 -55.61
CA ASP B 275 -8.55 -26.96 -55.98
C ASP B 275 -9.50 -27.67 -55.02
N SER B 276 -9.21 -28.91 -54.65
CA SER B 276 -10.08 -29.80 -53.84
C SER B 276 -9.77 -29.72 -52.33
N SER B 277 -8.88 -28.83 -51.92
CA SER B 277 -8.49 -28.72 -50.49
C SER B 277 -9.64 -28.13 -49.67
N THR B 278 -9.74 -28.53 -48.41
CA THR B 278 -10.46 -27.74 -47.38
C THR B 278 -9.85 -26.35 -47.35
N PRO B 279 -10.62 -25.31 -46.97
CA PRO B 279 -10.13 -23.95 -47.04
C PRO B 279 -9.25 -23.56 -45.84
N GLN B 280 -8.38 -22.60 -46.07
CA GLN B 280 -7.40 -22.12 -45.08
C GLN B 280 -8.10 -21.33 -43.97
N PHE B 281 -7.76 -21.61 -42.70
CA PHE B 281 -8.23 -20.86 -41.52
C PHE B 281 -7.11 -19.95 -41.01
N LYS B 282 -5.89 -20.46 -40.90
CA LYS B 282 -4.77 -19.64 -40.41
C LYS B 282 -3.46 -20.29 -40.81
N GLY B 283 -2.40 -19.54 -40.58
CA GLY B 283 -1.04 -19.98 -40.90
C GLY B 283 -0.06 -19.45 -39.88
N LYS B 284 1.08 -20.12 -39.84
CA LYS B 284 2.23 -19.69 -39.02
C LYS B 284 3.47 -20.23 -39.71
N ILE B 285 4.58 -19.51 -39.61
CA ILE B 285 5.86 -19.93 -40.20
C ILE B 285 6.93 -19.75 -39.14
N GLU B 286 7.52 -20.87 -38.72
CA GLU B 286 8.71 -20.88 -37.83
C GLU B 286 9.94 -21.00 -38.74
N ILE B 287 10.97 -20.22 -38.47
CA ILE B 287 12.25 -20.27 -39.23
C ILE B 287 13.33 -20.77 -38.26
N TYR B 288 14.00 -21.85 -38.67
CA TYR B 288 15.05 -22.54 -37.90
C TYR B 288 16.38 -22.36 -38.62
N ASN B 289 17.47 -22.39 -37.86
CA ASN B 289 18.85 -22.32 -38.41
C ASN B 289 19.38 -23.74 -38.65
N ASN B 290 18.53 -24.78 -38.57
CA ASN B 290 18.95 -26.19 -38.72
C ASN B 290 17.84 -26.99 -39.40
N GLU B 291 18.22 -28.01 -40.17
CA GLU B 291 17.30 -28.86 -40.97
C GLU B 291 16.37 -29.65 -40.05
N ASN B 292 16.82 -30.09 -38.87
CA ASN B 292 16.01 -30.97 -38.00
C ASN B 292 14.93 -30.16 -37.26
N MET B 293 15.04 -28.82 -37.27
CA MET B 293 14.13 -27.89 -36.56
C MET B 293 14.04 -28.28 -35.08
N THR B 294 15.23 -28.52 -34.48
CA THR B 294 15.42 -28.72 -33.03
C THR B 294 15.67 -27.34 -32.43
N GLY B 295 15.61 -27.27 -31.09
CA GLY B 295 15.69 -25.99 -30.36
C GLY B 295 14.57 -25.03 -30.67
N GLN B 296 14.85 -23.74 -30.56
CA GLN B 296 13.90 -22.64 -30.76
C GLN B 296 14.09 -22.05 -32.15
N PRO B 297 13.00 -21.69 -32.83
CA PRO B 297 13.10 -20.95 -34.08
C PRO B 297 13.84 -19.63 -33.82
N ILE B 298 14.60 -19.15 -34.80
CA ILE B 298 15.27 -17.83 -34.75
C ILE B 298 14.25 -16.74 -35.09
N ASN B 299 13.17 -17.09 -35.80
CA ASN B 299 12.10 -16.11 -36.08
C ASN B 299 10.78 -16.86 -36.29
N VAL B 300 9.70 -16.19 -35.97
CA VAL B 300 8.32 -16.73 -36.16
C VAL B 300 7.50 -15.65 -36.83
N ILE B 301 6.78 -16.03 -37.88
CA ILE B 301 5.75 -15.16 -38.50
C ILE B 301 4.40 -15.73 -38.06
N ASN B 302 3.68 -14.95 -37.26
CA ASN B 302 2.41 -15.36 -36.62
C ASN B 302 1.24 -14.71 -37.34
N ASP B 303 0.04 -15.22 -37.04
CA ASP B 303 -1.25 -14.54 -37.31
C ASP B 303 -1.40 -14.40 -38.84
N ILE B 304 -1.01 -15.41 -39.61
CA ILE B 304 -1.30 -15.43 -41.08
C ILE B 304 -2.80 -15.79 -41.19
N LYS B 305 -3.56 -14.95 -41.88
CA LYS B 305 -5.04 -14.99 -41.90
C LYS B 305 -5.55 -16.04 -42.89
N SER B 306 -6.85 -16.35 -42.83
CA SER B 306 -7.52 -17.27 -43.77
C SER B 306 -7.32 -16.82 -45.22
N TYR B 307 -7.32 -15.50 -45.45
CA TYR B 307 -7.32 -14.87 -46.78
C TYR B 307 -5.90 -14.51 -47.25
N GLN B 308 -4.85 -14.99 -46.59
CA GLN B 308 -3.43 -14.68 -46.98
C GLN B 308 -2.76 -15.96 -47.46
N ASN B 309 -2.26 -15.98 -48.69
CA ASN B 309 -1.60 -17.20 -49.27
C ASN B 309 -0.09 -16.94 -49.41
N GLY B 310 0.43 -15.92 -48.73
CA GLY B 310 1.88 -15.72 -48.66
C GLY B 310 2.28 -14.63 -47.70
N ILE B 311 3.58 -14.44 -47.53
CA ILE B 311 4.17 -13.34 -46.74
C ILE B 311 5.35 -12.78 -47.54
N SER B 312 5.56 -11.49 -47.40
CA SER B 312 6.74 -10.73 -47.89
C SER B 312 7.16 -9.81 -46.77
N GLN B 313 8.26 -10.14 -46.08
CA GLN B 313 8.60 -9.50 -44.79
C GLN B 313 10.09 -9.14 -44.76
N SER B 314 10.37 -7.90 -44.35
CA SER B 314 11.72 -7.40 -44.00
C SER B 314 12.20 -8.13 -42.74
N ILE B 315 13.35 -8.79 -42.81
CA ILE B 315 13.88 -9.67 -41.73
C ILE B 315 15.37 -9.93 -42.00
N SER B 316 16.17 -10.03 -40.93
CA SER B 316 17.59 -10.46 -40.99
C SER B 316 17.70 -11.96 -40.72
N LEU B 317 18.14 -12.73 -41.70
CA LEU B 317 18.34 -14.20 -41.59
C LEU B 317 19.81 -14.54 -41.84
N PRO B 318 20.34 -15.58 -41.17
CA PRO B 318 21.63 -16.16 -41.51
C PRO B 318 21.53 -17.06 -42.75
N THR B 319 22.63 -17.75 -43.09
CA THR B 319 22.89 -18.39 -44.40
C THR B 319 21.92 -19.55 -44.66
N ASN B 320 21.86 -20.56 -43.78
CA ASN B 320 21.15 -21.84 -44.06
C ASN B 320 19.93 -21.95 -43.15
N THR B 321 18.80 -21.39 -43.58
CA THR B 321 17.54 -21.38 -42.79
C THR B 321 16.52 -22.32 -43.43
N TYR B 322 15.62 -22.82 -42.59
CA TYR B 322 14.55 -23.76 -42.96
C TYR B 322 13.26 -23.17 -42.41
N ALA B 323 12.18 -23.26 -43.19
CA ALA B 323 10.86 -22.74 -42.83
C ALA B 323 9.97 -23.93 -42.51
N LYS B 324 9.38 -23.93 -41.32
CA LYS B 324 8.27 -24.83 -40.94
C LYS B 324 6.99 -24.06 -41.24
N ILE B 325 6.29 -24.45 -42.31
CA ILE B 325 5.02 -23.82 -42.72
C ILE B 325 3.91 -24.64 -42.11
N VAL B 326 3.12 -23.99 -41.25
CA VAL B 326 2.03 -24.66 -40.50
C VAL B 326 0.73 -23.99 -40.93
N LEU B 327 -0.04 -24.67 -41.79
CA LEU B 327 -1.36 -24.19 -42.21
C LEU B 327 -2.42 -25.03 -41.51
N THR B 328 -3.50 -24.40 -41.08
CA THR B 328 -4.67 -25.13 -40.55
C THR B 328 -5.93 -24.67 -41.27
N ASP B 329 -6.80 -25.63 -41.52
CA ASP B 329 -8.07 -25.42 -42.25
C ASP B 329 -9.17 -25.07 -41.26
N ILE B 330 -10.35 -24.79 -41.79
CA ILE B 330 -11.51 -24.32 -40.97
C ILE B 330 -11.98 -25.43 -40.04
N PHE B 331 -11.54 -26.66 -40.25
CA PHE B 331 -11.88 -27.80 -39.36
C PHE B 331 -10.74 -28.10 -38.38
N ASP B 332 -9.80 -27.18 -38.23
CA ASP B 332 -8.64 -27.31 -37.31
C ASP B 332 -7.73 -28.48 -37.70
N GLN B 333 -7.73 -28.89 -38.97
CA GLN B 333 -6.74 -29.87 -39.46
C GLN B 333 -5.48 -29.11 -39.84
N THR B 334 -4.33 -29.58 -39.38
CA THR B 334 -3.04 -28.90 -39.60
C THR B 334 -2.18 -29.73 -40.56
N VAL B 335 -1.61 -29.07 -41.55
CA VAL B 335 -0.60 -29.69 -42.44
C VAL B 335 0.66 -28.82 -42.40
N GLU B 336 1.76 -29.48 -42.03
CA GLU B 336 3.08 -28.84 -41.80
C GLU B 336 4.02 -29.26 -42.93
N LYS B 337 4.65 -28.31 -43.61
CA LYS B 337 5.74 -28.58 -44.59
C LYS B 337 7.05 -27.92 -44.12
N LYS B 338 8.17 -28.61 -44.34
CA LYS B 338 9.54 -28.10 -44.06
C LYS B 338 10.19 -27.78 -45.40
N VAL B 339 10.57 -26.53 -45.64
CA VAL B 339 11.22 -26.11 -46.90
C VAL B 339 12.49 -25.34 -46.59
N LYS B 340 13.59 -25.69 -47.27
CA LYS B 340 14.85 -24.92 -47.18
C LYS B 340 14.59 -23.54 -47.80
N ILE B 341 14.99 -22.47 -47.13
CA ILE B 341 14.85 -21.10 -47.69
C ILE B 341 16.01 -20.90 -48.68
N LYS B 342 15.71 -20.52 -49.93
CA LYS B 342 16.72 -20.30 -51.01
C LYS B 342 17.20 -18.84 -50.96
N ASN B 343 18.40 -18.53 -51.49
CA ASN B 343 19.07 -17.20 -51.29
C ASN B 343 19.31 -16.49 -52.63
N GLU B 344 18.35 -16.67 -53.55
CA GLU B 344 18.33 -15.99 -54.87
C GLU B 344 16.89 -15.49 -55.09
N SER B 345 16.27 -15.81 -56.23
CA SER B 345 14.80 -15.93 -56.42
C SER B 345 14.51 -17.03 -57.46
N GLY C 2 16.18 9.52 -23.72
CA GLY C 2 16.33 9.20 -25.15
C GLY C 2 16.69 10.43 -25.96
N GLY C 3 17.66 11.21 -25.47
CA GLY C 3 18.13 12.38 -26.22
C GLY C 3 19.54 12.14 -26.72
N ALA C 4 20.32 13.21 -26.88
CA ALA C 4 21.72 13.10 -27.33
C ALA C 4 22.50 12.34 -26.27
N SER C 5 23.56 11.66 -26.67
CA SER C 5 24.31 10.81 -25.71
C SER C 5 25.65 11.43 -25.35
N ALA C 6 26.12 11.23 -24.11
CA ALA C 6 27.48 11.58 -23.72
C ALA C 6 28.41 10.81 -24.67
N PRO C 7 29.53 11.41 -25.09
CA PRO C 7 30.54 10.67 -25.84
C PRO C 7 31.16 9.58 -24.95
N GLY C 8 31.51 8.45 -25.58
CA GLY C 8 32.28 7.39 -24.91
C GLY C 8 33.68 7.90 -24.59
N VAL C 9 34.28 7.37 -23.55
CA VAL C 9 35.70 7.60 -23.20
C VAL C 9 36.36 6.23 -23.05
N TYR C 10 37.55 6.07 -23.61
CA TYR C 10 38.36 4.84 -23.58
C TYR C 10 39.64 5.13 -22.81
N VAL C 11 39.98 4.22 -21.91
CA VAL C 11 41.28 4.21 -21.20
C VAL C 11 41.97 2.89 -21.58
N THR C 12 43.12 2.97 -22.23
CA THR C 12 43.76 1.82 -22.90
C THR C 12 45.21 1.70 -22.47
N PRO C 13 45.62 0.56 -21.89
CA PRO C 13 47.02 0.34 -21.56
C PRO C 13 47.88 0.41 -22.83
N LYS C 14 49.11 0.88 -22.67
CA LYS C 14 50.08 0.97 -23.80
C LYS C 14 50.70 -0.40 -24.03
N ASN C 15 50.72 -1.29 -23.05
CA ASN C 15 51.62 -2.47 -23.04
C ASN C 15 50.90 -3.75 -22.64
N SER C 16 49.59 -3.88 -22.89
CA SER C 16 48.89 -5.12 -22.46
C SER C 16 49.24 -6.26 -23.44
N VAL C 17 49.23 -7.48 -22.93
CA VAL C 17 49.52 -8.72 -23.72
C VAL C 17 48.46 -9.79 -23.40
N SER C 18 48.52 -10.90 -24.15
CA SER C 18 47.66 -12.08 -23.92
CA SER C 18 47.66 -12.08 -23.92
C SER C 18 47.83 -12.55 -22.47
N SER C 19 46.73 -12.66 -21.75
CA SER C 19 46.66 -12.83 -20.29
C SER C 19 45.67 -13.91 -19.90
N ASP C 20 45.91 -14.58 -18.76
CA ASP C 20 44.87 -15.45 -18.16
C ASP C 20 44.25 -14.78 -16.92
N ILE C 21 44.89 -13.73 -16.36
CA ILE C 21 44.30 -12.93 -15.25
C ILE C 21 44.39 -11.45 -15.67
N ILE C 22 43.32 -10.72 -15.54
CA ILE C 22 43.29 -9.25 -15.75
C ILE C 22 42.63 -8.59 -14.54
N SER C 23 43.23 -7.49 -14.07
CA SER C 23 42.78 -6.85 -12.82
C SER C 23 42.83 -5.34 -13.00
N ILE C 24 41.84 -4.62 -12.47
CA ILE C 24 41.89 -3.14 -12.37
C ILE C 24 41.03 -2.68 -11.19
N ASP C 25 41.41 -1.54 -10.61
CA ASP C 25 40.68 -0.89 -9.49
C ASP C 25 39.89 0.30 -10.05
N TRP C 26 38.62 0.43 -9.65
CA TRP C 26 37.68 1.45 -10.15
C TRP C 26 36.97 2.12 -8.97
N SER C 27 36.75 3.41 -9.09
CA SER C 27 36.03 4.22 -8.07
C SER C 27 35.12 5.20 -8.80
N PRO C 28 33.78 5.14 -8.55
CA PRO C 28 32.85 6.05 -9.17
C PRO C 28 32.86 7.39 -8.44
N VAL C 29 32.72 8.47 -9.21
CA VAL C 29 32.71 9.86 -8.68
C VAL C 29 31.37 10.52 -9.01
N GLN C 30 30.93 10.50 -10.26
CA GLN C 30 29.56 10.94 -10.62
C GLN C 30 28.88 9.85 -11.42
N THR C 31 27.60 9.58 -11.14
CA THR C 31 26.94 8.35 -11.64
C THR C 31 25.62 8.65 -12.32
N ALA C 32 25.70 9.29 -13.50
CA ALA C 32 24.54 9.45 -14.39
C ALA C 32 23.91 8.09 -14.64
N PRO C 33 22.56 8.00 -14.69
CA PRO C 33 21.93 6.75 -15.07
C PRO C 33 22.30 6.35 -16.50
N TYR C 34 22.24 5.04 -16.77
CA TYR C 34 22.45 4.42 -18.11
C TYR C 34 23.93 4.56 -18.45
N THR C 35 24.79 4.46 -17.44
CA THR C 35 26.26 4.47 -17.62
C THR C 35 26.80 3.04 -17.40
N TYR C 36 27.61 2.56 -18.33
CA TYR C 36 28.39 1.31 -18.21
C TYR C 36 29.87 1.69 -18.21
N TRP C 37 30.52 1.39 -17.09
CA TRP C 37 32.00 1.39 -16.95
C TRP C 37 32.45 -0.03 -17.24
N ALA C 38 32.74 -0.32 -18.48
CA ALA C 38 33.29 -1.65 -18.86
C ALA C 38 34.78 -1.59 -18.60
N VAL C 39 35.23 -2.04 -17.43
CA VAL C 39 36.63 -1.84 -16.97
C VAL C 39 37.53 -2.91 -17.61
N HIS C 40 36.94 -4.01 -18.07
CA HIS C 40 37.62 -5.11 -18.79
C HIS C 40 36.94 -5.37 -20.10
N ASN C 41 37.73 -5.55 -21.16
CA ASN C 41 37.27 -5.83 -22.53
C ASN C 41 38.28 -6.78 -23.13
N TRP C 42 37.84 -7.75 -23.92
CA TRP C 42 38.78 -8.68 -24.61
C TRP C 42 38.17 -9.18 -25.92
N ASN C 43 39.06 -9.46 -26.87
CA ASN C 43 38.78 -10.28 -28.07
C ASN C 43 37.65 -9.69 -28.91
N GLN C 44 37.69 -8.38 -29.18
CA GLN C 44 36.68 -7.68 -29.96
C GLN C 44 36.58 -8.32 -31.35
N GLY C 45 35.37 -8.70 -31.75
CA GLY C 45 35.12 -9.30 -33.06
C GLY C 45 35.67 -10.71 -33.14
N GLY C 46 36.08 -11.30 -32.02
CA GLY C 46 36.83 -12.55 -32.01
C GLY C 46 36.20 -13.62 -31.14
N GLU C 47 36.78 -14.81 -31.17
CA GLU C 47 36.35 -15.96 -30.36
C GLU C 47 36.43 -15.60 -28.85
N ALA C 48 35.32 -15.76 -28.16
CA ALA C 48 35.13 -15.52 -26.71
C ALA C 48 35.32 -14.05 -26.40
N GLY C 49 34.94 -13.18 -27.33
CA GLY C 49 34.82 -11.76 -27.02
C GLY C 49 33.97 -11.53 -25.78
N GLY C 50 34.38 -10.63 -24.91
CA GLY C 50 33.61 -10.35 -23.71
C GLY C 50 33.97 -9.01 -23.09
N TYR C 51 33.22 -8.67 -22.05
CA TYR C 51 33.52 -7.51 -21.20
C TYR C 51 32.92 -7.70 -19.81
N ALA C 52 33.34 -6.82 -18.91
CA ALA C 52 32.85 -6.83 -17.53
C ALA C 52 33.07 -5.45 -16.92
N GLY C 53 32.24 -5.11 -15.95
CA GLY C 53 32.39 -3.84 -15.23
C GLY C 53 31.16 -3.56 -14.38
N PHE C 54 30.83 -2.29 -14.30
CA PHE C 54 29.87 -1.71 -13.33
C PHE C 54 28.84 -0.89 -14.10
N GLN C 55 27.57 -0.96 -13.70
CA GLN C 55 26.52 -0.16 -14.35
C GLN C 55 25.71 0.60 -13.29
N GLN C 56 25.42 1.87 -13.58
CA GLN C 56 24.30 2.62 -12.97
C GLN C 56 23.11 2.42 -13.93
N GLN C 57 22.28 1.46 -13.65
CA GLN C 57 21.15 1.08 -14.55
C GLN C 57 19.97 2.06 -14.42
N SER C 58 19.81 2.70 -13.27
CA SER C 58 18.75 3.72 -13.05
C SER C 58 19.16 4.62 -11.89
N GLY C 59 18.64 5.86 -11.91
CA GLY C 59 18.83 6.87 -10.86
C GLY C 59 20.22 7.45 -10.93
N PHE C 60 20.52 8.39 -10.04
CA PHE C 60 21.75 9.20 -10.03
C PHE C 60 22.66 8.84 -8.87
N ASP C 61 22.23 7.93 -7.99
CA ASP C 61 22.88 7.73 -6.68
C ASP C 61 22.70 6.29 -6.23
N GLU C 62 23.10 6.04 -5.00
CA GLU C 62 23.08 4.68 -4.38
C GLU C 62 21.64 4.14 -4.27
N ASN C 63 20.63 4.99 -4.36
CA ASN C 63 19.21 4.54 -4.29
C ASN C 63 18.74 4.01 -5.65
N GLY C 64 19.55 4.22 -6.69
CA GLY C 64 19.29 3.66 -8.03
C GLY C 64 19.73 2.23 -8.10
N LYS C 65 19.65 1.64 -9.28
CA LYS C 65 20.01 0.21 -9.47
C LYS C 65 21.46 0.13 -9.91
N ARG C 66 22.34 -0.27 -9.00
CA ARG C 66 23.79 -0.36 -9.25
C ARG C 66 24.13 -1.84 -9.41
N THR C 67 24.91 -2.17 -10.44
CA THR C 67 25.22 -3.57 -10.77
C THR C 67 26.70 -3.76 -11.15
N LEU C 68 27.09 -5.03 -11.16
CA LEU C 68 28.25 -5.56 -11.92
C LEU C 68 27.67 -6.18 -13.19
N HIS C 69 28.50 -6.24 -14.22
CA HIS C 69 28.13 -6.76 -15.55
C HIS C 69 29.26 -7.67 -16.00
N PHE C 70 28.92 -8.65 -16.80
CA PHE C 70 29.85 -9.70 -17.32
C PHE C 70 29.12 -10.30 -18.51
N ALA C 71 29.73 -10.34 -19.68
CA ALA C 71 29.11 -10.91 -20.90
C ALA C 71 30.18 -11.57 -21.72
N VAL C 72 29.84 -12.68 -22.38
CA VAL C 72 30.73 -13.34 -23.37
C VAL C 72 29.83 -13.65 -24.56
N TRP C 73 30.30 -13.32 -25.75
CA TRP C 73 29.55 -13.56 -27.00
C TRP C 73 29.64 -15.04 -27.38
N ASP C 74 28.58 -15.56 -28.01
CA ASP C 74 28.48 -16.97 -28.44
C ASP C 74 29.68 -17.37 -29.29
N PRO C 75 30.09 -18.65 -29.15
CA PRO C 75 31.15 -19.22 -29.95
C PRO C 75 30.95 -19.02 -31.47
N ILE C 76 32.04 -18.76 -32.18
CA ILE C 76 32.10 -18.78 -33.67
C ILE C 76 32.13 -20.26 -34.08
N SER C 77 32.97 -21.06 -33.43
CA SER C 77 33.44 -22.39 -33.93
C SER C 77 32.80 -23.57 -33.19
N SER C 78 31.60 -23.44 -32.63
CA SER C 78 30.90 -24.48 -31.87
C SER C 78 29.41 -24.14 -31.79
N LYS C 79 28.55 -25.15 -31.81
CA LYS C 79 27.09 -24.98 -31.67
C LYS C 79 26.70 -25.17 -30.20
N GLU C 80 27.64 -25.55 -29.33
CA GLU C 80 27.35 -25.83 -27.91
C GLU C 80 27.09 -24.50 -27.22
N ALA C 81 26.17 -24.46 -26.26
CA ALA C 81 25.81 -23.26 -25.48
C ALA C 81 26.92 -22.92 -24.46
N ILE C 82 27.09 -21.62 -24.22
CA ILE C 82 27.80 -21.11 -23.01
C ILE C 82 26.92 -21.42 -21.82
N LYS C 83 27.51 -21.97 -20.76
CA LYS C 83 26.80 -22.29 -19.51
C LYS C 83 27.18 -21.27 -18.42
N ALA C 84 26.17 -20.82 -17.67
CA ALA C 84 26.40 -20.09 -16.40
C ALA C 84 26.73 -21.13 -15.33
N GLU C 85 28.01 -21.42 -15.11
CA GLU C 85 28.44 -22.52 -14.21
C GLU C 85 28.21 -22.08 -12.76
N TYR C 86 28.42 -20.80 -12.45
CA TYR C 86 28.19 -20.23 -11.11
C TYR C 86 27.63 -18.82 -11.26
N VAL C 87 26.59 -18.51 -10.47
CA VAL C 87 26.09 -17.12 -10.30
C VAL C 87 25.98 -16.89 -8.80
N SER C 88 26.36 -15.71 -8.34
CA SER C 88 26.32 -15.34 -6.91
C SER C 88 24.85 -15.19 -6.53
N PRO C 89 24.52 -15.11 -5.23
CA PRO C 89 23.13 -14.96 -4.81
C PRO C 89 22.39 -13.74 -5.39
N THR C 90 23.10 -12.68 -5.76
CA THR C 90 22.47 -11.46 -6.37
C THR C 90 22.75 -11.39 -7.87
N SER C 91 23.20 -12.48 -8.48
CA SER C 91 23.53 -12.53 -9.91
C SER C 91 22.39 -13.21 -10.68
N VAL C 92 22.08 -12.68 -11.88
CA VAL C 92 21.13 -13.33 -12.82
C VAL C 92 21.79 -13.50 -14.20
N ALA C 93 21.84 -14.73 -14.68
CA ALA C 93 22.34 -15.12 -16.02
C ALA C 93 21.19 -15.03 -17.02
N SER C 94 21.42 -14.41 -18.18
CA SER C 94 20.43 -14.45 -19.28
C SER C 94 21.17 -14.49 -20.61
N ASN C 95 20.52 -15.04 -21.63
CA ASN C 95 21.02 -14.98 -23.02
C ASN C 95 20.60 -13.63 -23.58
N PHE C 96 21.51 -12.95 -24.26
CA PHE C 96 21.23 -11.66 -24.92
C PHE C 96 21.17 -11.91 -26.42
N GLY C 97 20.52 -11.00 -27.14
CA GLY C 97 20.34 -11.02 -28.60
C GLY C 97 20.17 -9.60 -29.09
N GLY C 98 20.18 -9.38 -30.41
CA GLY C 98 20.00 -8.04 -31.00
C GLY C 98 21.24 -7.18 -30.85
N GLU C 99 22.35 -7.76 -30.41
CA GLU C 99 23.65 -7.04 -30.28
C GLU C 99 24.72 -8.11 -30.37
N GLY C 100 24.60 -8.94 -31.42
CA GLY C 100 25.09 -10.33 -31.41
C GLY C 100 24.35 -11.11 -30.36
N THR C 101 24.81 -12.32 -30.08
CA THR C 101 24.16 -13.22 -29.10
C THR C 101 25.22 -13.73 -28.14
N GLY C 102 24.81 -14.08 -26.93
CA GLY C 102 25.70 -14.71 -25.96
C GLY C 102 25.09 -14.74 -24.59
N LEU C 103 25.94 -14.80 -23.57
CA LEU C 103 25.50 -14.96 -22.18
C LEU C 103 25.97 -13.75 -21.38
N LYS C 104 25.10 -13.22 -20.55
CA LYS C 104 25.49 -12.15 -19.63
C LYS C 104 25.05 -12.52 -18.21
N ILE C 105 25.84 -12.05 -17.24
CA ILE C 105 25.52 -12.16 -15.80
C ILE C 105 25.48 -10.74 -15.25
N GLN C 106 24.33 -10.33 -14.77
CA GLN C 106 24.09 -9.01 -14.12
C GLN C 106 23.92 -9.26 -12.63
N THR C 107 24.66 -8.53 -11.81
CA THR C 107 24.78 -8.75 -10.35
C THR C 107 24.40 -7.45 -9.64
N THR C 108 23.32 -7.46 -8.87
CA THR C 108 23.00 -6.31 -7.99
C THR C 108 24.12 -6.19 -6.96
N TYR C 109 24.70 -5.03 -6.86
CA TYR C 109 25.89 -4.80 -6.01
C TYR C 109 25.89 -3.33 -5.60
N ASP C 110 25.79 -3.08 -4.29
CA ASP C 110 25.59 -1.69 -3.76
C ASP C 110 26.96 -1.02 -3.63
N TRP C 111 27.66 -0.80 -4.75
CA TRP C 111 28.95 -0.10 -4.75
C TRP C 111 28.66 1.40 -4.51
N LYS C 112 29.64 2.10 -3.95
CA LYS C 112 29.50 3.47 -3.38
C LYS C 112 30.48 4.44 -4.00
N ASN C 113 30.05 5.71 -4.13
CA ASN C 113 30.91 6.80 -4.62
C ASN C 113 32.14 6.93 -3.73
N TYR C 114 33.31 7.12 -4.36
CA TYR C 114 34.61 7.40 -3.72
C TYR C 114 35.11 6.16 -2.97
N ASN C 115 34.52 5.00 -3.19
CA ASN C 115 35.06 3.71 -2.68
C ASN C 115 35.75 2.99 -3.86
N TRP C 116 36.67 2.08 -3.57
CA TRP C 116 37.49 1.37 -4.58
C TRP C 116 37.01 -0.06 -4.71
N TYR C 117 36.86 -0.51 -5.96
CA TYR C 117 36.44 -1.88 -6.27
C TYR C 117 37.46 -2.49 -7.22
N ARG C 118 37.95 -3.65 -6.85
CA ARG C 118 38.93 -4.39 -7.68
C ARG C 118 38.18 -5.48 -8.42
N MET C 119 38.08 -5.35 -9.74
CA MET C 119 37.50 -6.44 -10.57
C MET C 119 38.65 -7.25 -11.19
N THR C 120 38.75 -8.52 -10.82
CA THR C 120 39.76 -9.48 -11.30
C THR C 120 39.04 -10.61 -12.04
N MET C 121 39.42 -10.84 -13.29
CA MET C 121 38.87 -11.87 -14.18
C MET C 121 39.98 -12.90 -14.38
N ARG C 122 39.59 -14.16 -14.42
CA ARG C 122 40.55 -15.23 -14.74
C ARG C 122 39.91 -16.12 -15.79
N SER C 123 40.72 -16.56 -16.75
CA SER C 123 40.31 -17.58 -17.74
C SER C 123 41.20 -18.81 -17.53
N TRP C 124 40.64 -19.99 -17.64
CA TRP C 124 41.39 -21.24 -17.41
C TRP C 124 40.80 -22.37 -18.25
N GLN C 125 41.63 -23.40 -18.48
CA GLN C 125 41.26 -24.64 -19.21
C GLN C 125 40.73 -25.66 -18.21
N GLU C 126 39.56 -26.23 -18.45
CA GLU C 126 38.94 -27.28 -17.60
C GLU C 126 38.09 -28.15 -18.54
N ASN C 127 38.36 -29.46 -18.60
CA ASN C 127 37.52 -30.44 -19.32
C ASN C 127 37.33 -30.04 -20.79
N GLY C 128 38.38 -29.56 -21.46
CA GLY C 128 38.35 -29.28 -22.90
C GLY C 128 37.64 -27.97 -23.23
N HIS C 129 37.13 -27.26 -22.23
CA HIS C 129 36.45 -25.95 -22.38
C HIS C 129 37.32 -24.85 -21.74
N THR C 130 37.00 -23.58 -22.02
CA THR C 130 37.61 -22.41 -21.33
C THR C 130 36.56 -21.84 -20.36
N LYS C 131 36.95 -21.65 -19.10
CA LYS C 131 36.12 -20.94 -18.10
C LYS C 131 36.58 -19.50 -18.02
N PHE C 132 35.63 -18.62 -17.79
CA PHE C 132 35.84 -17.19 -17.49
C PHE C 132 35.18 -16.89 -16.16
N GLY C 133 35.97 -16.43 -15.20
CA GLY C 133 35.49 -16.12 -13.84
C GLY C 133 35.62 -14.64 -13.53
N GLN C 134 34.66 -14.12 -12.77
CA GLN C 134 34.61 -12.71 -12.33
C GLN C 134 34.67 -12.68 -10.79
N TRP C 135 35.69 -12.05 -10.24
CA TRP C 135 35.86 -11.80 -8.78
C TRP C 135 35.88 -10.30 -8.53
N LEU C 136 35.38 -9.89 -7.36
CA LEU C 136 35.29 -8.46 -6.99
C LEU C 136 35.75 -8.30 -5.54
N LYS C 137 36.77 -7.47 -5.34
CA LYS C 137 37.20 -7.08 -3.99
C LYS C 137 36.61 -5.72 -3.63
N ASP C 138 35.84 -5.69 -2.55
CA ASP C 138 35.36 -4.42 -1.97
C ASP C 138 36.51 -3.94 -1.09
N VAL C 139 37.22 -2.90 -1.55
CA VAL C 139 38.52 -2.49 -0.90
C VAL C 139 38.22 -1.96 0.50
N SER C 140 37.15 -1.17 0.65
CA SER C 140 36.75 -0.59 1.97
C SER C 140 36.46 -1.73 2.97
N LYS C 141 35.76 -2.77 2.55
CA LYS C 141 35.36 -3.90 3.42
C LYS C 141 36.48 -4.91 3.55
N ASN C 142 37.47 -4.87 2.66
CA ASN C 142 38.59 -5.83 2.61
C ASN C 142 38.02 -7.23 2.40
N GLN C 143 37.12 -7.36 1.42
CA GLN C 143 36.37 -8.61 1.21
C GLN C 143 36.29 -8.92 -0.29
N TRP C 144 36.74 -10.12 -0.64
CA TRP C 144 36.59 -10.69 -2.00
C TRP C 144 35.25 -11.38 -2.12
N LYS C 145 34.69 -11.39 -3.32
CA LYS C 145 33.48 -12.18 -3.62
C LYS C 145 33.63 -12.78 -5.02
N LEU C 146 33.36 -14.08 -5.16
CA LEU C 146 33.14 -14.71 -6.48
C LEU C 146 31.78 -14.28 -7.05
N ILE C 147 31.75 -13.65 -8.23
CA ILE C 147 30.49 -13.15 -8.80
C ILE C 147 29.89 -14.19 -9.76
N GLY C 148 30.68 -14.71 -10.69
CA GLY C 148 30.11 -15.57 -11.73
C GLY C 148 31.17 -16.30 -12.51
N ILE C 149 30.82 -17.47 -13.07
CA ILE C 149 31.75 -18.28 -13.90
C ILE C 149 30.96 -18.68 -15.13
N MET C 150 31.50 -18.38 -16.31
CA MET C 150 30.92 -18.83 -17.58
C MET C 150 31.78 -19.96 -18.12
N ASP C 151 31.10 -20.96 -18.65
CA ASP C 151 31.75 -22.17 -19.22
C ASP C 151 31.61 -22.03 -20.74
N PHE C 152 32.72 -21.75 -21.40
CA PHE C 152 32.74 -21.44 -22.84
C PHE C 152 33.26 -22.66 -23.59
N PRO C 153 32.46 -23.19 -24.54
CA PRO C 153 32.71 -24.53 -25.09
C PRO C 153 33.77 -24.57 -26.19
N VAL C 154 34.88 -23.87 -26.01
CA VAL C 154 36.02 -23.85 -26.94
C VAL C 154 37.28 -23.83 -26.10
N PRO C 155 38.23 -24.75 -26.36
CA PRO C 155 39.51 -24.74 -25.66
C PRO C 155 40.43 -23.62 -26.11
N ASN C 156 41.35 -23.24 -25.24
CA ASN C 156 42.58 -22.48 -25.55
C ASN C 156 42.22 -21.06 -26.00
N VAL C 157 41.16 -20.48 -25.44
CA VAL C 157 40.90 -19.02 -25.61
C VAL C 157 41.26 -18.37 -24.27
N THR C 158 41.56 -17.09 -24.28
CA THR C 158 41.97 -16.33 -23.07
CA THR C 158 41.95 -16.33 -23.06
C THR C 158 41.63 -14.86 -23.30
N PHE C 159 42.13 -13.96 -22.43
CA PHE C 159 42.07 -12.49 -22.67
C PHE C 159 43.20 -12.16 -23.65
N ASN C 160 42.95 -12.43 -24.92
CA ASN C 160 44.02 -12.58 -25.94
C ASN C 160 44.51 -11.20 -26.39
N TYR C 161 43.61 -10.28 -26.64
CA TYR C 161 43.91 -8.89 -27.09
C TYR C 161 42.77 -7.97 -26.68
N GLY C 162 42.98 -6.66 -26.89
CA GLY C 162 41.95 -5.62 -26.87
C GLY C 162 41.65 -5.10 -25.48
N GLN C 163 42.54 -5.31 -24.52
CA GLN C 163 42.40 -4.78 -23.14
C GLN C 163 42.12 -3.28 -23.24
N THR C 164 41.00 -2.85 -22.69
CA THR C 164 40.62 -1.43 -22.65
C THR C 164 39.49 -1.29 -21.64
N LEU C 165 39.31 -0.08 -21.16
CA LEU C 165 38.14 0.33 -20.34
C LEU C 165 37.33 1.32 -21.16
N PHE C 166 36.01 1.27 -21.08
CA PHE C 166 35.21 2.40 -21.61
C PHE C 166 34.16 2.80 -20.59
N GLN C 167 33.81 4.06 -20.64
CA GLN C 167 32.64 4.68 -19.98
C GLN C 167 31.64 5.02 -21.08
N ALA C 168 30.44 4.43 -21.04
CA ALA C 168 29.46 4.59 -22.13
C ALA C 168 28.09 4.96 -21.55
N ASP C 169 27.46 5.95 -22.19
CA ASP C 169 26.03 6.31 -22.05
C ASP C 169 25.26 5.46 -23.07
N TRP C 170 24.44 4.52 -22.61
CA TRP C 170 23.73 3.59 -23.52
C TRP C 170 22.32 4.06 -23.90
N LEU C 171 21.80 5.16 -23.37
CA LEU C 171 20.37 5.50 -23.55
C LEU C 171 20.19 6.89 -24.17
N GLY C 172 21.13 7.82 -23.98
CA GLY C 172 21.04 9.20 -24.49
C GLY C 172 20.64 10.18 -23.40
N ASN C 173 21.55 10.45 -22.47
CA ASN C 173 21.39 11.51 -21.44
C ASN C 173 22.71 12.25 -21.29
N GLY C 174 23.20 12.83 -22.41
CA GLY C 174 24.46 13.59 -22.48
C GLY C 174 24.46 14.80 -21.55
N GLN C 175 23.29 15.22 -21.05
CA GLN C 175 23.17 16.34 -20.06
C GLN C 175 23.75 15.90 -18.72
N ASP C 176 23.73 14.60 -18.43
CA ASP C 176 24.08 14.02 -17.11
C ASP C 176 25.56 13.65 -17.11
N VAL C 177 26.32 14.14 -16.13
CA VAL C 177 27.79 13.91 -16.07
CA VAL C 177 27.80 13.92 -16.07
C VAL C 177 28.04 12.53 -15.44
N ARG C 178 29.02 11.80 -15.97
CA ARG C 178 29.52 10.51 -15.41
C ARG C 178 31.04 10.66 -15.33
N GLU C 179 31.59 10.25 -14.20
CA GLU C 179 33.02 10.41 -13.85
C GLU C 179 33.43 9.21 -12.99
N ALA C 180 34.62 8.65 -13.25
CA ALA C 180 35.21 7.61 -12.40
C ALA C 180 36.74 7.71 -12.51
N ARG C 181 37.38 6.89 -11.68
CA ARG C 181 38.84 6.84 -11.52
C ARG C 181 39.25 5.37 -11.64
N VAL C 182 40.45 5.11 -12.16
CA VAL C 182 41.00 3.74 -12.18
C VAL C 182 42.48 3.81 -11.85
N LYS C 183 43.00 2.72 -11.29
CA LYS C 183 44.44 2.54 -11.01
C LYS C 183 44.67 1.04 -10.88
N ASN C 184 45.90 0.61 -10.73
CA ASN C 184 46.26 -0.80 -10.40
C ASN C 184 45.80 -1.73 -11.53
N GLY C 185 45.93 -1.31 -12.77
CA GLY C 185 45.75 -2.21 -13.94
C GLY C 185 46.91 -3.17 -14.10
N TYR C 186 46.65 -4.47 -14.02
CA TYR C 186 47.67 -5.55 -14.20
C TYR C 186 47.07 -6.71 -14.97
N GLY C 187 47.90 -7.35 -15.79
CA GLY C 187 47.57 -8.64 -16.42
C GLY C 187 48.60 -9.67 -16.04
N ARG C 188 48.20 -10.93 -15.99
CA ARG C 188 49.16 -12.04 -15.86
C ARG C 188 49.38 -12.66 -17.25
N ASN C 189 50.62 -12.72 -17.71
CA ASN C 189 50.99 -13.10 -19.09
C ASN C 189 50.74 -14.59 -19.30
N ILE C 190 50.14 -14.96 -20.42
CA ILE C 190 50.11 -16.38 -20.91
C ILE C 190 51.54 -16.86 -21.14
N SER C 191 52.38 -16.03 -21.72
CA SER C 191 53.76 -16.39 -22.16
C SER C 191 54.57 -16.96 -20.98
N ASP C 192 54.63 -16.26 -19.84
CA ASP C 192 55.57 -16.64 -18.75
C ASP C 192 54.92 -16.60 -17.36
N LYS C 193 53.61 -16.44 -17.23
CA LYS C 193 52.89 -16.36 -15.93
C LYS C 193 53.46 -15.21 -15.06
N LYS C 194 54.06 -14.19 -15.66
CA LYS C 194 54.55 -12.99 -14.93
C LYS C 194 53.53 -11.87 -15.14
N TRP C 195 53.58 -10.88 -14.25
CA TRP C 195 52.64 -9.75 -14.29
C TRP C 195 53.19 -8.67 -15.23
N THR C 196 52.28 -8.09 -15.97
CA THR C 196 52.47 -6.85 -16.76
C THR C 196 51.73 -5.73 -16.04
N SER C 197 52.43 -4.63 -15.74
CA SER C 197 51.85 -3.44 -15.09
C SER C 197 51.39 -2.46 -16.17
N TRP C 198 50.08 -2.12 -16.22
CA TRP C 198 49.51 -1.11 -17.14
C TRP C 198 49.72 0.29 -16.51
N ASN C 199 50.97 0.67 -16.25
CA ASN C 199 51.29 1.92 -15.52
C ASN C 199 51.06 3.11 -16.45
N THR C 200 51.09 2.89 -17.77
CA THR C 200 50.94 3.94 -18.81
C THR C 200 49.69 3.61 -19.63
N GLN C 201 48.71 4.50 -19.62
CA GLN C 201 47.42 4.32 -20.32
C GLN C 201 47.10 5.60 -21.07
N SER C 202 46.44 5.48 -22.21
CA SER C 202 45.87 6.63 -22.97
C SER C 202 44.43 6.83 -22.49
N ILE C 203 44.00 8.09 -22.40
CA ILE C 203 42.58 8.49 -22.21
C ILE C 203 42.15 9.22 -23.48
N GLU C 204 41.07 8.79 -24.11
CA GLU C 204 40.71 9.18 -25.48
C GLU C 204 39.19 9.20 -25.59
N GLY C 205 38.62 10.31 -26.06
CA GLY C 205 37.20 10.36 -26.41
C GLY C 205 36.93 9.43 -27.58
N GLN C 206 35.74 8.86 -27.62
CA GLN C 206 35.33 7.91 -28.67
C GLN C 206 35.23 8.65 -30.02
N GLU C 207 34.80 9.91 -30.00
CA GLU C 207 34.60 10.75 -31.21
C GLU C 207 35.59 11.90 -31.18
N PRO C 208 36.63 11.89 -32.04
CA PRO C 208 37.59 13.00 -32.09
C PRO C 208 36.94 14.38 -32.36
N LEU C 209 35.72 14.43 -32.89
CA LEU C 209 35.00 15.72 -33.17
C LEU C 209 34.14 16.15 -31.97
N ASN C 210 34.02 15.31 -30.92
CA ASN C 210 33.17 15.60 -29.74
C ASN C 210 34.09 15.77 -28.52
N ASN C 211 34.09 16.98 -27.92
CA ASN C 211 34.99 17.34 -26.79
C ASN C 211 34.21 17.41 -25.47
N ASN C 212 32.99 16.87 -25.40
CA ASN C 212 32.13 16.87 -24.20
C ASN C 212 32.56 15.74 -23.21
N TRP C 213 33.84 15.69 -22.89
CA TRP C 213 34.45 14.68 -21.98
C TRP C 213 35.78 15.29 -21.56
N ASP C 214 36.44 14.73 -20.55
CA ASP C 214 37.72 15.25 -20.03
C ASP C 214 38.41 14.10 -19.30
N GLY C 215 39.71 14.24 -19.07
CA GLY C 215 40.48 13.19 -18.39
C GLY C 215 41.80 13.77 -17.92
N GLY C 216 42.44 13.05 -17.01
CA GLY C 216 43.76 13.38 -16.49
C GLY C 216 44.19 12.38 -15.47
N ALA C 217 45.22 12.69 -14.71
CA ALA C 217 45.80 11.76 -13.73
C ALA C 217 46.36 12.56 -12.58
N THR C 218 46.25 11.99 -11.39
CA THR C 218 47.04 12.36 -10.19
C THR C 218 48.16 11.33 -10.11
N SER C 219 48.99 11.43 -9.09
CA SER C 219 50.04 10.42 -8.82
C SER C 219 49.39 9.06 -8.49
N GLU C 220 48.10 9.05 -8.11
CA GLU C 220 47.39 7.84 -7.59
C GLU C 220 46.54 7.18 -8.70
N TYR C 221 45.82 7.95 -9.51
CA TYR C 221 44.78 7.38 -10.42
C TYR C 221 44.64 8.19 -11.69
N LEU C 222 44.11 7.54 -12.74
CA LEU C 222 43.57 8.19 -13.95
C LEU C 222 42.13 8.53 -13.64
N TRP C 223 41.64 9.67 -14.11
CA TRP C 223 40.19 10.02 -14.01
C TRP C 223 39.68 10.44 -15.39
N PHE C 224 38.39 10.35 -15.59
CA PHE C 224 37.75 10.65 -16.88
C PHE C 224 36.30 10.96 -16.57
N LYS C 225 35.72 11.86 -17.34
CA LYS C 225 34.28 12.15 -17.25
C LYS C 225 33.73 12.52 -18.63
N ALA C 226 32.42 12.52 -18.77
CA ALA C 226 31.71 12.83 -20.01
C ALA C 226 30.33 13.35 -19.66
N GLY C 227 29.76 14.21 -20.50
CA GLY C 227 28.40 14.72 -20.37
C GLY C 227 28.39 16.02 -19.59
N GLY C 228 27.20 16.62 -19.46
CA GLY C 228 26.99 17.95 -18.86
C GLY C 228 27.98 18.97 -19.42
N ASP C 229 28.68 19.69 -18.54
CA ASP C 229 29.57 20.82 -18.91
C ASP C 229 31.00 20.31 -19.13
N SER C 230 31.23 18.98 -19.18
CA SER C 230 32.57 18.41 -19.45
C SER C 230 33.13 19.00 -20.74
N ARG C 231 34.39 19.42 -20.75
CA ARG C 231 35.05 19.95 -21.97
C ARG C 231 36.53 19.55 -21.91
N SER C 232 37.03 18.89 -22.96
CA SER C 232 38.38 18.28 -22.93
C SER C 232 39.43 19.35 -22.68
N THR C 233 40.32 19.06 -21.74
CA THR C 233 41.55 19.85 -21.45
C THR C 233 42.75 19.15 -22.08
N ILE C 234 42.53 18.04 -22.80
CA ILE C 234 43.63 17.16 -23.27
C ILE C 234 43.43 16.82 -24.76
N GLY C 235 42.85 17.76 -25.52
CA GLY C 235 42.58 17.59 -26.95
C GLY C 235 41.72 16.36 -27.22
N THR C 236 42.15 15.50 -28.12
CA THR C 236 41.40 14.28 -28.53
C THR C 236 41.82 13.12 -27.62
N GLY C 237 42.90 13.29 -26.85
CA GLY C 237 43.40 12.26 -25.94
C GLY C 237 44.82 12.53 -25.52
N LYS C 238 45.27 11.84 -24.49
CA LYS C 238 46.61 12.03 -23.90
C LYS C 238 46.95 10.75 -23.13
N THR C 239 48.23 10.44 -23.02
CA THR C 239 48.77 9.28 -22.25
C THR C 239 49.27 9.81 -20.90
N PHE C 240 49.15 8.98 -19.86
CA PHE C 240 49.51 9.31 -18.46
C PHE C 240 50.15 8.07 -17.86
N THR C 241 51.13 8.26 -16.98
CA THR C 241 51.80 7.20 -16.20
C THR C 241 51.45 7.34 -14.73
N LEU C 242 51.13 6.23 -14.07
CA LEU C 242 50.99 6.15 -12.60
C LEU C 242 52.25 5.51 -12.02
N ASN C 243 52.54 5.80 -10.75
CA ASN C 243 53.72 5.23 -10.06
C ASN C 243 53.31 3.96 -9.32
N GLN C 244 52.44 3.13 -9.90
CA GLN C 244 52.04 1.84 -9.29
C GLN C 244 53.23 0.90 -9.32
N PRO C 245 53.37 -0.02 -8.35
CA PRO C 245 54.44 -1.01 -8.38
C PRO C 245 54.31 -1.93 -9.60
N SER C 246 55.44 -2.40 -10.11
CA SER C 246 55.49 -3.26 -11.31
C SER C 246 54.83 -4.61 -10.99
N GLN C 247 54.82 -5.05 -9.72
CA GLN C 247 54.09 -6.26 -9.26
C GLN C 247 52.83 -5.82 -8.52
N PRO C 248 51.68 -6.46 -8.78
CA PRO C 248 50.45 -6.12 -8.06
C PRO C 248 50.51 -6.62 -6.60
N GLU C 249 49.85 -5.91 -5.68
CA GLU C 249 49.75 -6.32 -4.26
C GLU C 249 48.72 -7.44 -4.16
N ILE C 250 49.20 -8.64 -3.87
CA ILE C 250 48.41 -9.90 -3.75
C ILE C 250 48.39 -10.27 -2.28
N GLY C 251 47.22 -10.46 -1.71
CA GLY C 251 47.06 -10.92 -0.32
C GLY C 251 47.45 -12.39 -0.20
N LYS C 252 47.09 -12.99 0.93
CA LYS C 252 47.40 -14.39 1.24
C LYS C 252 46.10 -15.18 1.31
N LEU C 253 46.21 -16.47 1.00
CA LEU C 253 45.13 -17.45 1.21
C LEU C 253 45.21 -17.87 2.67
N ASP C 254 44.09 -17.87 3.37
CA ASP C 254 44.02 -18.18 4.82
C ASP C 254 42.63 -18.78 5.09
N TYR C 255 42.58 -19.98 5.67
CA TYR C 255 41.31 -20.67 5.96
C TYR C 255 41.46 -21.55 7.21
N ASP C 256 40.33 -21.91 7.80
CA ASP C 256 40.24 -22.83 8.95
C ASP C 256 39.42 -24.03 8.51
N VAL C 257 39.89 -25.24 8.82
CA VAL C 257 39.08 -26.46 8.64
C VAL C 257 38.03 -26.48 9.76
N LYS C 258 36.77 -26.68 9.42
CA LYS C 258 35.62 -26.59 10.35
C LYS C 258 35.23 -28.00 10.83
N SER C 259 35.24 -28.98 9.93
CA SER C 259 34.91 -30.40 10.22
C SER C 259 35.81 -31.33 9.42
N THR C 260 36.17 -32.48 10.00
CA THR C 260 36.95 -33.55 9.34
C THR C 260 36.60 -34.88 9.99
N TYR C 261 35.52 -35.53 9.59
CA TYR C 261 35.02 -36.76 10.24
C TYR C 261 34.42 -37.73 9.22
N TYR C 262 34.44 -39.01 9.60
CA TYR C 262 33.96 -40.16 8.80
C TYR C 262 32.98 -40.97 9.66
N GLU C 263 31.76 -41.15 9.16
CA GLU C 263 30.63 -41.72 9.92
C GLU C 263 29.60 -42.25 8.93
N ASN C 264 29.18 -43.52 9.10
CA ASN C 264 28.17 -44.20 8.23
C ASN C 264 28.62 -44.14 6.77
N GLU C 265 29.92 -44.36 6.52
CA GLU C 265 30.55 -44.46 5.17
C GLU C 265 30.36 -43.14 4.41
N LYS C 266 30.38 -42.02 5.14
CA LYS C 266 30.33 -40.65 4.56
C LYS C 266 31.49 -39.84 5.18
N LEU C 267 32.37 -39.33 4.31
CA LEU C 267 33.46 -38.40 4.71
C LEU C 267 32.93 -36.97 4.60
N ASN C 268 33.03 -36.20 5.67
CA ASN C 268 32.64 -34.76 5.74
C ASN C 268 33.87 -33.95 6.08
N ILE C 269 34.28 -33.07 5.15
CA ILE C 269 35.39 -32.11 5.36
C ILE C 269 34.89 -30.78 4.84
N THR C 270 34.91 -29.77 5.71
CA THR C 270 34.43 -28.40 5.41
C THR C 270 35.49 -27.43 5.90
N TRP C 271 35.50 -26.23 5.32
CA TRP C 271 36.47 -25.19 5.70
C TRP C 271 35.82 -23.81 5.43
N GLN C 272 36.43 -22.79 5.96
CA GLN C 272 35.94 -21.39 5.78
C GLN C 272 37.17 -20.52 5.60
N LEU C 273 37.25 -19.83 4.47
CA LEU C 273 38.31 -18.83 4.25
C LEU C 273 38.01 -17.70 5.24
N LYS C 274 39.07 -17.08 5.73
CA LYS C 274 38.98 -15.84 6.55
C LYS C 274 38.36 -14.74 5.67
N ASP C 275 37.63 -13.82 6.29
CA ASP C 275 36.98 -12.65 5.62
C ASP C 275 37.95 -11.95 4.68
N SER C 276 39.20 -11.79 5.09
CA SER C 276 40.26 -11.04 4.38
C SER C 276 41.11 -11.94 3.48
N SER C 277 40.76 -13.21 3.30
CA SER C 277 41.55 -14.13 2.45
C SER C 277 41.35 -13.74 0.96
N THR C 278 42.38 -13.98 0.16
CA THR C 278 42.22 -14.14 -1.31
C THR C 278 41.17 -15.22 -1.55
N PRO C 279 40.43 -15.16 -2.67
CA PRO C 279 39.33 -16.10 -2.89
C PRO C 279 39.81 -17.46 -3.42
N GLN C 280 39.01 -18.48 -3.15
CA GLN C 280 39.34 -19.89 -3.49
C GLN C 280 39.22 -20.10 -5.00
N PHE C 281 40.19 -20.76 -5.61
CA PHE C 281 40.16 -21.15 -7.03
C PHE C 281 39.85 -22.64 -7.18
N LYS C 282 40.52 -23.48 -6.37
CA LYS C 282 40.28 -24.93 -6.46
C LYS C 282 40.77 -25.60 -5.18
N GLY C 283 40.44 -26.88 -5.09
CA GLY C 283 40.84 -27.69 -3.94
C GLY C 283 41.09 -29.11 -4.35
N LYS C 284 41.81 -29.80 -3.49
CA LYS C 284 42.04 -31.26 -3.62
C LYS C 284 42.28 -31.80 -2.21
N ILE C 285 41.87 -33.04 -1.98
CA ILE C 285 42.07 -33.68 -0.65
C ILE C 285 42.63 -35.07 -0.92
N GLU C 286 43.84 -35.30 -0.45
CA GLU C 286 44.49 -36.63 -0.47
C GLU C 286 44.27 -37.27 0.92
N ILE C 287 43.87 -38.54 0.93
CA ILE C 287 43.63 -39.29 2.19
C ILE C 287 44.69 -40.38 2.28
N TYR C 288 45.43 -40.38 3.38
CA TYR C 288 46.56 -41.28 3.66
C TYR C 288 46.16 -42.17 4.84
N ASN C 289 46.72 -43.37 4.87
CA ASN C 289 46.56 -44.33 5.99
C ASN C 289 47.69 -44.13 7.01
N ASN C 290 48.49 -43.07 6.91
CA ASN C 290 49.61 -42.81 7.84
C ASN C 290 49.75 -41.30 8.08
N GLU C 291 50.20 -40.93 9.27
CA GLU C 291 50.33 -39.52 9.75
C GLU C 291 51.34 -38.76 8.89
N ASN C 292 52.45 -39.40 8.48
CA ASN C 292 53.54 -38.71 7.75
C ASN C 292 53.16 -38.43 6.30
N MET C 293 52.09 -39.07 5.81
CA MET C 293 51.61 -38.95 4.41
C MET C 293 52.75 -39.31 3.44
N THR C 294 53.41 -40.43 3.74
CA THR C 294 54.41 -41.08 2.84
C THR C 294 53.65 -42.04 1.93
N GLY C 295 54.30 -42.52 0.88
CA GLY C 295 53.70 -43.42 -0.12
C GLY C 295 52.58 -42.76 -0.89
N GLN C 296 51.61 -43.57 -1.33
CA GLN C 296 50.47 -43.11 -2.16
C GLN C 296 49.25 -42.95 -1.26
N PRO C 297 48.44 -41.91 -1.48
CA PRO C 297 47.15 -41.79 -0.81
C PRO C 297 46.30 -43.03 -1.14
N ILE C 298 45.45 -43.45 -0.21
CA ILE C 298 44.45 -44.54 -0.47
C ILE C 298 43.26 -43.96 -1.23
N ASN C 299 43.02 -42.66 -1.14
CA ASN C 299 41.94 -42.00 -1.91
C ASN C 299 42.32 -40.55 -2.16
N VAL C 300 41.81 -40.03 -3.25
CA VAL C 300 41.97 -38.57 -3.59
C VAL C 300 40.59 -38.08 -3.96
N ILE C 301 40.21 -36.92 -3.43
CA ILE C 301 39.04 -36.16 -3.90
C ILE C 301 39.59 -35.00 -4.73
N ASN C 302 39.31 -35.04 -6.02
CA ASN C 302 39.84 -34.08 -7.02
C ASN C 302 38.75 -33.09 -7.40
N ASP C 303 39.18 -32.01 -8.05
CA ASP C 303 38.29 -31.10 -8.82
C ASP C 303 37.29 -30.46 -7.83
N ILE C 304 37.75 -30.08 -6.64
CA ILE C 304 36.92 -29.24 -5.71
C ILE C 304 36.94 -27.82 -6.31
N LYS C 305 35.77 -27.27 -6.56
CA LYS C 305 35.59 -26.02 -7.37
C LYS C 305 35.84 -24.79 -6.49
N SER C 306 35.94 -23.61 -7.14
CA SER C 306 36.08 -22.30 -6.45
C SER C 306 34.91 -22.10 -5.48
N TYR C 307 33.71 -22.54 -5.85
CA TYR C 307 32.43 -22.27 -5.14
C TYR C 307 32.07 -23.41 -4.16
N GLN C 308 32.96 -24.33 -3.86
CA GLN C 308 32.70 -25.45 -2.91
C GLN C 308 33.59 -25.28 -1.68
N ASN C 309 33.01 -25.15 -0.48
CA ASN C 309 33.77 -24.98 0.78
C ASN C 309 33.69 -26.28 1.61
N GLY C 310 33.32 -27.39 0.99
CA GLY C 310 33.40 -28.70 1.64
C GLY C 310 33.09 -29.83 0.70
N ILE C 311 33.21 -31.04 1.23
CA ILE C 311 32.79 -32.28 0.52
C ILE C 311 32.02 -33.13 1.53
N SER C 312 31.03 -33.83 1.03
CA SER C 312 30.24 -34.88 1.74
C SER C 312 30.12 -36.04 0.76
N GLN C 313 30.88 -37.11 0.99
CA GLN C 313 31.12 -38.12 -0.06
C GLN C 313 31.01 -39.51 0.56
N SER C 314 30.23 -40.37 -0.12
CA SER C 314 30.15 -41.83 0.16
C SER C 314 31.49 -42.46 -0.22
N ILE C 315 32.14 -43.14 0.72
CA ILE C 315 33.51 -43.69 0.53
C ILE C 315 33.75 -44.75 1.62
N SER C 316 34.49 -45.81 1.29
CA SER C 316 35.00 -46.81 2.26
C SER C 316 36.42 -46.43 2.69
N LEU C 317 36.59 -46.12 3.98
CA LEU C 317 37.91 -45.81 4.58
C LEU C 317 38.20 -46.82 5.68
N PRO C 318 39.49 -47.15 5.92
CA PRO C 318 39.88 -47.88 7.14
C PRO C 318 39.89 -46.93 8.34
N THR C 319 40.27 -47.41 9.52
CA THR C 319 40.46 -46.54 10.72
C THR C 319 41.79 -45.82 10.51
N ASN C 320 41.99 -44.72 11.23
CA ASN C 320 43.28 -43.98 11.28
C ASN C 320 43.70 -43.48 9.88
N THR C 321 42.89 -42.58 9.34
CA THR C 321 43.17 -41.86 8.07
C THR C 321 43.48 -40.40 8.38
N TYR C 322 44.24 -39.78 7.49
CA TYR C 322 44.72 -38.38 7.58
C TYR C 322 44.41 -37.71 6.23
N ALA C 323 43.89 -36.49 6.29
CA ALA C 323 43.50 -35.72 5.09
C ALA C 323 44.54 -34.61 4.88
N LYS C 324 45.13 -34.58 3.68
CA LYS C 324 45.94 -33.45 3.18
C LYS C 324 44.99 -32.57 2.37
N ILE C 325 44.60 -31.44 2.95
CA ILE C 325 43.70 -30.46 2.29
C ILE C 325 44.57 -29.43 1.57
N VAL C 326 44.44 -29.38 0.25
CA VAL C 326 45.26 -28.50 -0.62
C VAL C 326 44.30 -27.52 -1.31
N LEU C 327 44.26 -26.28 -0.84
CA LEU C 327 43.47 -25.20 -1.47
C LEU C 327 44.40 -24.26 -2.20
N THR C 328 43.96 -23.76 -3.37
CA THR C 328 44.70 -22.71 -4.08
C THR C 328 43.76 -21.57 -4.44
N ASP C 329 44.28 -20.37 -4.38
CA ASP C 329 43.51 -19.11 -4.62
C ASP C 329 43.61 -18.73 -6.09
N ILE C 330 42.92 -17.66 -6.48
CA ILE C 330 42.82 -17.24 -7.91
C ILE C 330 44.19 -16.76 -8.40
N PHE C 331 45.14 -16.51 -7.50
CA PHE C 331 46.51 -16.13 -7.89
C PHE C 331 47.47 -17.33 -7.86
N ASP C 332 46.94 -18.54 -7.81
CA ASP C 332 47.72 -19.81 -7.80
C ASP C 332 48.58 -19.92 -6.53
N GLN C 333 48.21 -19.27 -5.44
CA GLN C 333 48.88 -19.49 -4.13
C GLN C 333 48.24 -20.69 -3.47
N THR C 334 49.04 -21.61 -2.97
CA THR C 334 48.54 -22.87 -2.36
C THR C 334 48.77 -22.85 -0.84
N VAL C 335 47.76 -23.24 -0.07
CA VAL C 335 47.92 -23.50 1.38
C VAL C 335 47.42 -24.91 1.69
N GLU C 336 48.28 -25.70 2.32
CA GLU C 336 48.05 -27.15 2.62
C GLU C 336 47.86 -27.31 4.14
N LYS C 337 46.78 -27.96 4.57
CA LYS C 337 46.57 -28.38 6.00
C LYS C 337 46.51 -29.92 6.09
N LYS C 338 47.10 -30.49 7.14
CA LYS C 338 47.03 -31.95 7.45
C LYS C 338 46.14 -32.12 8.68
N VAL C 339 45.05 -32.86 8.56
CA VAL C 339 44.10 -33.08 9.69
C VAL C 339 43.81 -34.58 9.82
N LYS C 340 43.84 -35.12 11.04
CA LYS C 340 43.39 -36.50 11.30
C LYS C 340 41.89 -36.57 11.06
N ILE C 341 41.41 -37.55 10.31
CA ILE C 341 39.95 -37.76 10.12
C ILE C 341 39.39 -38.41 11.40
N LYS C 342 38.35 -37.82 12.01
CA LYS C 342 37.72 -38.31 13.26
C LYS C 342 36.56 -39.25 12.92
N ASN C 343 35.95 -39.82 13.95
CA ASN C 343 34.58 -40.43 13.92
C ASN C 343 33.58 -39.46 14.57
N GLY D 3 38.66 37.09 6.73
CA GLY D 3 37.68 36.92 5.65
C GLY D 3 36.24 36.91 6.11
N ALA D 4 35.30 37.33 5.25
CA ALA D 4 33.86 37.25 5.58
C ALA D 4 33.47 35.78 5.79
N SER D 5 32.48 35.49 6.64
CA SER D 5 32.16 34.10 7.05
C SER D 5 30.85 33.67 6.38
N ALA D 6 30.73 32.40 6.02
CA ALA D 6 29.43 31.83 5.62
C ALA D 6 28.51 31.94 6.82
N PRO D 7 27.22 32.22 6.64
CA PRO D 7 26.27 32.17 7.75
C PRO D 7 26.12 30.73 8.28
N GLY D 8 25.95 30.59 9.59
CA GLY D 8 25.62 29.31 10.22
C GLY D 8 24.25 28.84 9.77
N VAL D 9 24.06 27.54 9.74
CA VAL D 9 22.72 26.91 9.52
C VAL D 9 22.48 25.94 10.66
N TYR D 10 21.28 25.96 11.21
CA TYR D 10 20.83 25.10 12.32
C TYR D 10 19.71 24.19 11.82
N VAL D 11 19.81 22.92 12.15
CA VAL D 11 18.75 21.92 11.93
C VAL D 11 18.35 21.37 13.29
N THR D 12 17.09 21.58 13.69
CA THR D 12 16.64 21.39 15.08
C THR D 12 15.40 20.52 15.10
N PRO D 13 15.41 19.37 15.80
CA PRO D 13 14.22 18.54 15.96
C PRO D 13 13.12 19.34 16.66
N LYS D 14 11.87 19.03 16.31
CA LYS D 14 10.71 19.70 16.92
C LYS D 14 10.40 19.05 18.27
N ASN D 15 10.83 17.81 18.50
CA ASN D 15 10.28 16.96 19.58
C ASN D 15 11.38 16.26 20.38
N SER D 16 12.60 16.82 20.47
CA SER D 16 13.66 16.14 21.25
C SER D 16 13.40 16.30 22.75
N VAL D 17 13.82 15.32 23.53
CA VAL D 17 13.67 15.29 25.02
C VAL D 17 15.00 14.85 25.64
N SER D 18 15.06 14.90 26.97
CA SER D 18 16.21 14.44 27.77
C SER D 18 16.47 12.97 27.44
N SER D 19 17.71 12.68 27.04
CA SER D 19 18.12 11.41 26.41
C SER D 19 19.42 10.89 27.02
N ASP D 20 19.61 9.57 27.02
CA ASP D 20 20.93 8.97 27.32
C ASP D 20 21.61 8.47 26.03
N ILE D 21 20.87 8.32 24.92
CA ILE D 21 21.45 7.99 23.59
C ILE D 21 20.91 9.01 22.60
N ILE D 22 21.78 9.59 21.79
CA ILE D 22 21.38 10.46 20.66
C ILE D 22 22.10 9.96 19.39
N SER D 23 21.38 9.90 18.29
CA SER D 23 21.90 9.32 17.03
C SER D 23 21.43 10.17 15.87
N ILE D 24 22.30 10.38 14.89
CA ILE D 24 21.89 10.98 13.59
C ILE D 24 22.85 10.47 12.50
N ASP D 25 22.35 10.41 11.28
CA ASP D 25 23.13 10.03 10.06
C ASP D 25 23.44 11.29 9.27
N TRP D 26 24.69 11.43 8.82
CA TRP D 26 25.21 12.61 8.12
C TRP D 26 25.98 12.16 6.86
N SER D 27 25.84 12.94 5.80
CA SER D 27 26.53 12.72 4.51
C SER D 27 26.98 14.06 3.97
N PRO D 28 28.31 14.24 3.75
CA PRO D 28 28.84 15.48 3.21
C PRO D 28 28.66 15.54 1.70
N VAL D 29 28.35 16.72 1.18
CA VAL D 29 28.18 16.95 -0.28
C VAL D 29 29.21 17.95 -0.78
N GLN D 30 29.36 19.11 -0.14
CA GLN D 30 30.44 20.07 -0.47
C GLN D 30 31.17 20.44 0.81
N THR D 31 32.50 20.49 0.78
CA THR D 31 33.32 20.50 2.02
C THR D 31 34.34 21.61 1.98
N ALA D 32 33.89 22.86 2.06
CA ALA D 32 34.76 24.04 2.26
C ALA D 32 35.64 23.78 3.48
N PRO D 33 36.92 24.20 3.45
CA PRO D 33 37.76 24.10 4.63
C PRO D 33 37.19 24.97 5.76
N TYR D 34 37.51 24.60 6.99
CA TYR D 34 37.18 25.34 8.24
C TYR D 34 35.66 25.23 8.45
N THR D 35 35.10 24.09 8.10
CA THR D 35 33.66 23.79 8.32
C THR D 35 33.55 22.77 9.46
N TYR D 36 32.70 23.06 10.44
CA TYR D 36 32.31 22.12 11.50
C TYR D 36 30.82 21.82 11.34
N TRP D 37 30.51 20.56 11.07
CA TRP D 37 29.14 19.99 11.15
C TRP D 37 29.02 19.41 12.55
N ALA D 38 28.57 20.21 13.49
CA ALA D 38 28.28 19.72 14.86
C ALA D 38 26.89 19.07 14.81
N VAL D 39 26.85 17.75 14.64
CA VAL D 39 25.57 17.05 14.35
C VAL D 39 24.83 16.78 15.67
N HIS D 40 25.55 16.83 16.79
CA HIS D 40 25.02 16.67 18.16
C HIS D 40 25.46 17.86 18.99
N ASN D 41 24.54 18.40 19.77
CA ASN D 41 24.77 19.55 20.68
C ASN D 41 23.89 19.28 21.89
N TRP D 42 24.39 19.60 23.08
CA TRP D 42 23.57 19.45 24.31
C TRP D 42 23.99 20.47 25.37
N ASN D 43 23.01 20.85 26.17
CA ASN D 43 23.21 21.55 27.48
C ASN D 43 23.93 22.88 27.30
N GLN D 44 23.51 23.70 26.34
CA GLN D 44 24.15 25.00 26.05
C GLN D 44 24.08 25.88 27.31
N GLY D 45 25.21 26.41 27.74
CA GLY D 45 25.26 27.29 28.92
C GLY D 45 25.11 26.50 30.20
N GLY D 46 25.13 25.16 30.14
CA GLY D 46 24.73 24.30 31.27
C GLY D 46 25.77 23.29 31.66
N GLU D 47 25.52 22.57 32.75
CA GLU D 47 26.44 21.52 33.24
C GLU D 47 26.60 20.43 32.17
N ALA D 48 27.85 20.14 31.81
CA ALA D 48 28.28 19.11 30.85
C ALA D 48 27.78 19.47 29.46
N GLY D 49 27.70 20.76 29.15
CA GLY D 49 27.53 21.23 27.79
C GLY D 49 28.57 20.57 26.87
N GLY D 50 28.15 20.13 25.69
CA GLY D 50 29.09 19.51 24.75
C GLY D 50 28.54 19.51 23.34
N TYR D 51 29.37 19.05 22.42
CA TYR D 51 28.99 18.82 21.01
C TYR D 51 29.91 17.76 20.41
N ALA D 52 29.50 17.28 19.25
CA ALA D 52 30.26 16.30 18.48
C ALA D 52 29.84 16.37 17.01
N GLY D 53 30.75 16.00 16.13
CA GLY D 53 30.45 15.96 14.70
C GLY D 53 31.71 15.77 13.88
N PHE D 54 31.72 16.41 12.72
CA PHE D 54 32.70 16.18 11.64
C PHE D 54 33.31 17.51 11.25
N GLN D 55 34.62 17.54 10.95
CA GLN D 55 35.26 18.78 10.50
C GLN D 55 36.06 18.54 9.22
N GLN D 56 35.96 19.48 8.28
CA GLN D 56 36.96 19.68 7.21
C GLN D 56 37.95 20.72 7.74
N GLN D 57 39.05 20.27 8.32
CA GLN D 57 40.02 21.17 8.99
C GLN D 57 40.93 21.86 7.96
N SER D 58 41.16 21.28 6.79
CA SER D 58 41.97 21.89 5.72
C SER D 58 41.60 21.28 4.37
N GLY D 59 41.77 22.05 3.30
CA GLY D 59 41.52 21.63 1.90
C GLY D 59 40.03 21.52 1.63
N PHE D 60 39.68 21.13 0.40
CA PHE D 60 38.31 21.18 -0.14
C PHE D 60 37.75 19.79 -0.36
N ASP D 61 38.54 18.74 -0.11
CA ASP D 61 38.20 17.36 -0.58
C ASP D 61 38.85 16.35 0.35
N GLU D 62 38.78 15.08 -0.04
CA GLU D 62 39.29 13.94 0.75
C GLU D 62 40.82 14.02 0.94
N ASN D 63 41.51 14.82 0.14
CA ASN D 63 42.98 14.97 0.29
C ASN D 63 43.30 15.98 1.41
N GLY D 64 42.28 16.69 1.90
CA GLY D 64 42.43 17.59 3.06
C GLY D 64 42.40 16.83 4.38
N LYS D 65 42.39 17.53 5.51
CA LYS D 65 42.37 16.90 6.82
C LYS D 65 40.90 16.80 7.27
N ARG D 66 40.37 15.59 7.26
CA ARG D 66 38.97 15.31 7.66
C ARG D 66 38.99 14.65 9.04
N THR D 67 38.13 15.11 9.96
CA THR D 67 38.12 14.62 11.35
C THR D 67 36.69 14.39 11.87
N LEU D 68 36.64 13.69 13.00
CA LEU D 68 35.51 13.71 13.98
C LEU D 68 35.93 14.66 15.10
N HIS D 69 34.93 15.22 15.77
CA HIS D 69 35.12 16.18 16.87
C HIS D 69 34.19 15.77 17.99
N PHE D 70 34.55 16.06 19.22
CA PHE D 70 33.84 15.72 20.47
C PHE D 70 34.43 16.65 21.52
N ALA D 71 33.61 17.40 22.24
CA ALA D 71 34.10 18.33 23.28
C ALA D 71 33.06 18.37 24.39
N VAL D 72 33.52 18.48 25.64
CA VAL D 72 32.63 18.71 26.81
C VAL D 72 33.29 19.83 27.61
N TRP D 73 32.51 20.82 28.00
CA TRP D 73 33.02 21.97 28.78
C TRP D 73 33.22 21.54 30.23
N ASP D 74 34.20 22.16 30.90
CA ASP D 74 34.55 21.85 32.31
C ASP D 74 33.33 21.99 33.21
N PRO D 75 33.30 21.19 34.27
CA PRO D 75 32.27 21.28 35.30
C PRO D 75 32.11 22.70 35.87
N ILE D 76 30.88 23.08 36.20
CA ILE D 76 30.53 24.45 36.68
C ILE D 76 31.15 24.66 38.06
N SER D 77 30.98 23.70 38.98
CA SER D 77 31.38 23.83 40.41
C SER D 77 32.59 22.93 40.70
N SER D 78 32.54 21.64 40.32
CA SER D 78 33.57 20.66 40.71
C SER D 78 34.94 21.14 40.18
N LYS D 79 35.98 20.90 40.95
CA LYS D 79 37.37 21.25 40.57
C LYS D 79 38.04 20.02 39.96
N GLU D 80 37.38 18.86 39.95
CA GLU D 80 37.96 17.61 39.41
C GLU D 80 38.01 17.76 37.88
N ALA D 81 39.05 17.22 37.25
CA ALA D 81 39.27 17.29 35.79
C ALA D 81 38.36 16.29 35.09
N ILE D 82 37.89 16.65 33.90
CA ILE D 82 37.36 15.67 32.91
C ILE D 82 38.54 14.82 32.47
N LYS D 83 38.36 13.51 32.44
CA LYS D 83 39.38 12.54 32.00
C LYS D 83 39.01 11.98 30.63
N ALA D 84 40.00 11.85 29.74
CA ALA D 84 39.86 11.06 28.50
C ALA D 84 40.05 9.59 28.88
N GLU D 85 38.96 8.87 29.12
CA GLU D 85 39.03 7.47 29.56
C GLU D 85 39.47 6.57 28.40
N TYR D 86 39.05 6.88 27.19
CA TYR D 86 39.38 6.10 25.98
C TYR D 86 39.49 7.04 24.80
N VAL D 87 40.55 6.86 23.99
CA VAL D 87 40.73 7.52 22.67
C VAL D 87 41.10 6.41 21.68
N SER D 88 40.53 6.46 20.48
CA SER D 88 40.76 5.46 19.41
C SER D 88 42.18 5.67 18.91
N PRO D 89 42.74 4.74 18.12
CA PRO D 89 44.12 4.89 17.64
C PRO D 89 44.40 6.18 16.85
N THR D 90 43.39 6.78 16.23
CA THR D 90 43.57 8.06 15.46
C THR D 90 42.97 9.24 16.21
N SER D 91 42.67 9.06 17.50
CA SER D 91 42.06 10.12 18.34
C SER D 91 43.12 10.76 19.24
N VAL D 92 43.04 12.08 19.44
CA VAL D 92 43.88 12.78 20.44
C VAL D 92 42.98 13.63 21.35
N ALA D 93 43.10 13.42 22.66
CA ALA D 93 42.46 14.24 23.71
C ALA D 93 43.34 15.45 24.03
N SER D 94 42.77 16.65 24.11
CA SER D 94 43.50 17.85 24.56
C SER D 94 42.55 18.78 25.29
N ASN D 95 43.10 19.60 26.18
CA ASN D 95 42.31 20.63 26.90
C ASN D 95 42.21 21.83 25.97
N PHE D 96 41.04 22.44 25.90
CA PHE D 96 40.84 23.71 25.19
C PHE D 96 40.67 24.81 26.23
N GLY D 97 40.93 26.04 25.80
CA GLY D 97 40.81 27.31 26.55
C GLY D 97 40.49 28.41 25.56
N GLY D 98 40.15 29.60 26.05
CA GLY D 98 39.87 30.77 25.18
C GLY D 98 38.53 30.67 24.47
N GLU D 99 37.69 29.71 24.89
CA GLU D 99 36.31 29.56 24.36
C GLU D 99 35.54 28.84 25.46
N GLY D 100 35.69 29.35 26.68
CA GLY D 100 35.55 28.54 27.90
C GLY D 100 36.65 27.51 27.94
N THR D 101 36.56 26.56 28.87
CA THR D 101 37.59 25.53 29.04
C THR D 101 36.92 24.16 29.09
N GLY D 102 37.64 23.12 28.70
CA GLY D 102 37.18 21.75 28.81
C GLY D 102 38.06 20.79 28.06
N LEU D 103 37.48 19.67 27.66
CA LEU D 103 38.24 18.57 27.03
C LEU D 103 37.66 18.32 25.65
N LYS D 104 38.53 18.13 24.66
CA LYS D 104 38.09 17.76 23.30
C LYS D 104 38.88 16.53 22.84
N ILE D 105 38.23 15.72 22.02
CA ILE D 105 38.85 14.57 21.32
C ILE D 105 38.68 14.82 19.82
N GLN D 106 39.81 14.96 19.12
CA GLN D 106 39.85 15.15 17.65
C GLN D 106 40.37 13.84 17.05
N THR D 107 39.66 13.33 16.05
CA THR D 107 39.90 11.97 15.49
C THR D 107 40.11 12.12 13.98
N THR D 108 41.29 11.80 13.48
CA THR D 108 41.50 11.74 12.01
C THR D 108 40.62 10.61 11.47
N TYR D 109 39.83 10.89 10.48
CA TYR D 109 38.82 9.94 9.95
C TYR D 109 38.54 10.28 8.50
N ASP D 110 38.86 9.36 7.58
CA ASP D 110 38.76 9.62 6.11
C ASP D 110 37.31 9.40 5.64
N TRP D 111 36.39 10.23 6.11
CA TRP D 111 34.99 10.15 5.66
C TRP D 111 34.91 10.73 4.24
N LYS D 112 33.91 10.30 3.47
CA LYS D 112 33.82 10.49 2.01
C LYS D 112 32.50 11.15 1.61
N ASN D 113 32.56 11.97 0.58
CA ASN D 113 31.39 12.65 0.00
C ASN D 113 30.37 11.60 -0.43
N TYR D 114 29.09 11.86 -0.12
CA TYR D 114 27.91 11.07 -0.57
C TYR D 114 27.89 9.70 0.14
N ASN D 115 28.71 9.51 1.16
CA ASN D 115 28.65 8.31 2.03
C ASN D 115 27.96 8.73 3.34
N TRP D 116 27.41 7.76 4.08
CA TRP D 116 26.59 8.02 5.29
C TRP D 116 27.40 7.64 6.51
N TYR D 117 27.38 8.51 7.53
CA TYR D 117 28.06 8.24 8.80
C TYR D 117 27.06 8.45 9.93
N ARG D 118 26.97 7.45 10.78
CA ARG D 118 26.02 7.45 11.90
C ARG D 118 26.84 7.78 13.15
N MET D 119 26.60 8.96 13.73
CA MET D 119 27.26 9.31 15.00
C MET D 119 26.24 9.08 16.12
N THR D 120 26.54 8.14 17.01
CA THR D 120 25.73 7.77 18.18
C THR D 120 26.54 8.08 19.44
N MET D 121 25.95 8.90 20.32
CA MET D 121 26.55 9.29 21.62
C MET D 121 25.72 8.63 22.71
N ARG D 122 26.39 8.15 23.73
CA ARG D 122 25.69 7.61 24.91
C ARG D 122 26.28 8.26 26.16
N SER D 123 25.42 8.59 27.11
CA SER D 123 25.85 9.04 28.45
C SER D 123 25.37 8.01 29.44
N TRP D 124 26.18 7.71 30.43
CA TRP D 124 25.82 6.71 31.46
C TRP D 124 26.47 7.06 32.80
N GLN D 125 25.88 6.52 33.87
CA GLN D 125 26.38 6.65 35.27
C GLN D 125 27.34 5.50 35.56
N GLU D 126 28.53 5.80 36.06
CA GLU D 126 29.56 4.80 36.43
C GLU D 126 30.38 5.44 37.57
N ASN D 127 30.44 4.80 38.73
CA ASN D 127 31.31 5.23 39.86
C ASN D 127 31.05 6.68 40.26
N GLY D 128 29.79 7.11 40.28
CA GLY D 128 29.38 8.44 40.77
C GLY D 128 29.70 9.55 39.79
N HIS D 129 30.23 9.22 38.62
CA HIS D 129 30.52 10.17 37.51
C HIS D 129 29.57 9.89 36.34
N THR D 130 29.49 10.81 35.39
CA THR D 130 28.80 10.61 34.10
C THR D 130 29.86 10.38 33.01
N LYS D 131 29.72 9.31 32.24
CA LYS D 131 30.57 9.06 31.04
C LYS D 131 29.80 9.53 29.82
N PHE D 132 30.55 10.07 28.86
CA PHE D 132 30.04 10.45 27.53
C PHE D 132 30.87 9.71 26.49
N GLY D 133 30.20 8.91 25.69
CA GLY D 133 30.87 8.06 24.67
C GLY D 133 30.44 8.46 23.27
N GLN D 134 31.38 8.39 22.32
CA GLN D 134 31.16 8.69 20.90
C GLN D 134 31.44 7.42 20.09
N TRP D 135 30.43 6.93 19.37
CA TRP D 135 30.53 5.81 18.41
C TRP D 135 30.20 6.33 17.02
N LEU D 136 30.82 5.68 16.02
CA LEU D 136 30.62 6.09 14.61
C LEU D 136 30.45 4.83 13.79
N LYS D 137 29.33 4.73 13.07
CA LYS D 137 29.11 3.68 12.08
C LYS D 137 29.43 4.23 10.70
N ASP D 138 30.38 3.58 10.03
CA ASP D 138 30.65 3.87 8.61
C ASP D 138 29.65 3.01 7.84
N VAL D 139 28.62 3.61 7.29
CA VAL D 139 27.44 2.86 6.74
C VAL D 139 27.90 2.07 5.51
N SER D 140 28.74 2.65 4.66
CA SER D 140 29.28 1.97 3.45
C SER D 140 30.08 0.72 3.85
N LYS D 141 30.92 0.82 4.89
CA LYS D 141 31.76 -0.32 5.36
C LYS D 141 30.95 -1.26 6.25
N ASN D 142 29.80 -0.80 6.75
CA ASN D 142 28.91 -1.57 7.66
C ASN D 142 29.69 -1.89 8.94
N GLN D 143 30.38 -0.89 9.48
CA GLN D 143 31.36 -1.09 10.58
C GLN D 143 31.20 0.02 11.61
N TRP D 144 31.01 -0.38 12.85
CA TRP D 144 30.99 0.52 14.02
C TRP D 144 32.42 0.70 14.54
N LYS D 145 32.72 1.87 15.08
CA LYS D 145 33.99 2.12 15.78
C LYS D 145 33.71 2.95 17.04
N LEU D 146 34.23 2.53 18.18
CA LEU D 146 34.31 3.39 19.39
C LEU D 146 35.37 4.46 19.18
N ILE D 147 34.99 5.74 19.27
CA ILE D 147 35.93 6.86 19.02
C ILE D 147 36.55 7.33 20.33
N GLY D 148 35.73 7.62 21.34
CA GLY D 148 36.25 8.29 22.55
C GLY D 148 35.26 8.21 23.69
N ILE D 149 35.77 8.20 24.93
CA ILE D 149 34.91 8.24 26.15
C ILE D 149 35.50 9.31 27.06
N MET D 150 34.69 10.26 27.46
CA MET D 150 35.08 11.28 28.46
C MET D 150 34.42 10.91 29.78
N ASP D 151 35.19 11.08 30.84
CA ASP D 151 34.74 10.80 32.23
C ASP D 151 34.51 12.15 32.89
N PHE D 152 33.24 12.49 33.09
CA PHE D 152 32.83 13.83 33.58
C PHE D 152 32.49 13.70 35.06
N PRO D 153 33.17 14.50 35.93
CA PRO D 153 33.13 14.26 37.38
C PRO D 153 31.89 14.82 38.09
N VAL D 154 30.71 14.62 37.52
CA VAL D 154 29.42 15.06 38.11
C VAL D 154 28.42 13.98 37.78
N PRO D 155 27.68 13.47 38.78
CA PRO D 155 26.62 12.48 38.53
C PRO D 155 25.39 13.10 37.90
N ASN D 156 24.61 12.27 37.19
CA ASN D 156 23.20 12.51 36.83
C ASN D 156 23.11 13.67 35.85
N VAL D 157 24.09 13.80 34.96
CA VAL D 157 23.94 14.72 33.79
C VAL D 157 23.77 13.81 32.56
N THR D 158 23.19 14.33 31.49
CA THR D 158 22.85 13.55 30.28
C THR D 158 22.71 14.56 29.13
N PHE D 159 22.20 14.12 27.98
CA PHE D 159 21.83 15.01 26.85
C PHE D 159 20.48 15.61 27.20
N ASN D 160 20.50 16.64 28.04
CA ASN D 160 19.31 17.05 28.81
C ASN D 160 18.41 17.91 27.94
N TYR D 161 18.97 18.85 27.20
CA TYR D 161 18.25 19.78 26.31
C TYR D 161 19.16 20.26 25.19
N GLY D 162 18.59 20.99 24.22
CA GLY D 162 19.31 21.78 23.22
C GLY D 162 19.78 20.96 22.03
N GLN D 163 19.19 19.80 21.80
CA GLN D 163 19.51 18.94 20.62
C GLN D 163 19.36 19.81 19.39
N THR D 164 20.43 19.90 18.60
CA THR D 164 20.46 20.67 17.36
C THR D 164 21.72 20.25 16.61
N LEU D 165 21.69 20.49 15.31
CA LEU D 165 22.86 20.37 14.41
C LEU D 165 23.20 21.77 13.93
N PHE D 166 24.49 22.08 13.80
CA PHE D 166 24.84 23.30 13.04
C PHE D 166 25.97 22.96 12.07
N GLN D 167 25.97 23.73 10.99
CA GLN D 167 27.07 23.85 10.01
C GLN D 167 27.69 25.22 10.23
N ALA D 168 28.97 25.28 10.58
CA ALA D 168 29.62 26.56 10.91
C ALA D 168 30.95 26.68 10.14
N ASP D 169 31.16 27.88 9.58
CA ASP D 169 32.45 28.37 9.06
C ASP D 169 33.18 29.04 10.24
N TRP D 170 34.29 28.48 10.71
CA TRP D 170 34.99 29.01 11.91
C TRP D 170 36.13 29.95 11.56
N LEU D 171 36.47 30.18 10.28
CA LEU D 171 37.71 30.96 9.96
C LEU D 171 37.39 32.18 9.10
N GLY D 172 36.31 32.18 8.32
CA GLY D 172 35.93 33.29 7.44
C GLY D 172 36.31 33.00 6.00
N ASN D 173 35.57 32.08 5.36
CA ASN D 173 35.70 31.79 3.91
C ASN D 173 34.29 31.61 3.34
N GLY D 174 33.45 32.63 3.48
CA GLY D 174 32.06 32.67 2.99
C GLY D 174 31.95 32.46 1.49
N GLN D 175 33.05 32.63 0.75
CA GLN D 175 33.13 32.38 -0.72
C GLN D 175 33.00 30.89 -1.00
N ASP D 176 33.41 30.05 -0.05
CA ASP D 176 33.50 28.56 -0.23
C ASP D 176 32.18 27.93 0.24
N VAL D 177 31.56 27.12 -0.61
CA VAL D 177 30.23 26.50 -0.29
C VAL D 177 30.47 25.25 0.59
N ARG D 178 29.61 25.04 1.57
CA ARG D 178 29.56 23.81 2.42
C ARG D 178 28.11 23.33 2.40
N GLU D 179 27.93 22.03 2.22
CA GLU D 179 26.61 21.37 2.01
C GLU D 179 26.69 19.97 2.60
N ALA D 180 25.65 19.53 3.32
CA ALA D 180 25.54 18.17 3.84
C ALA D 180 24.05 17.80 3.96
N ARG D 181 23.83 16.54 4.29
CA ARG D 181 22.50 15.91 4.39
C ARG D 181 22.45 15.18 5.73
N VAL D 182 21.26 15.06 6.34
CA VAL D 182 21.09 14.29 7.58
C VAL D 182 19.73 13.59 7.50
N LYS D 183 19.63 12.47 8.19
CA LYS D 183 18.39 11.70 8.34
C LYS D 183 18.58 10.80 9.56
N ASN D 184 17.54 10.08 9.97
CA ASN D 184 17.65 9.02 11.03
C ASN D 184 18.08 9.66 12.36
N GLY D 185 17.57 10.84 12.68
CA GLY D 185 17.70 11.43 14.01
C GLY D 185 16.80 10.75 15.03
N TYR D 186 17.39 10.16 16.07
CA TYR D 186 16.67 9.49 17.17
C TYR D 186 17.37 9.78 18.49
N GLY D 187 16.57 9.89 19.54
CA GLY D 187 17.05 9.90 20.94
C GLY D 187 16.44 8.75 21.69
N ARG D 188 17.15 8.23 22.67
CA ARG D 188 16.56 7.30 23.66
C ARG D 188 16.21 8.09 24.93
N ASN D 189 14.95 8.02 25.36
CA ASN D 189 14.41 8.87 26.47
C ASN D 189 15.03 8.42 27.80
N ILE D 190 15.45 9.36 28.64
CA ILE D 190 15.78 9.09 30.07
C ILE D 190 14.53 8.53 30.79
N SER D 191 13.36 9.10 30.50
CA SER D 191 12.09 8.81 31.22
C SER D 191 11.78 7.32 31.16
N ASP D 192 11.77 6.70 29.97
CA ASP D 192 11.23 5.33 29.80
C ASP D 192 12.15 4.43 28.94
N LYS D 193 13.35 4.88 28.57
CA LYS D 193 14.26 4.10 27.71
C LYS D 193 13.60 3.73 26.37
N LYS D 194 12.63 4.52 25.91
CA LYS D 194 12.00 4.34 24.58
C LYS D 194 12.55 5.37 23.63
N TRP D 195 12.42 5.10 22.33
CA TRP D 195 13.02 5.98 21.29
C TRP D 195 12.05 7.08 20.92
N THR D 196 12.58 8.26 20.74
CA THR D 196 11.92 9.43 20.12
C THR D 196 12.50 9.62 18.73
N SER D 197 11.64 9.66 17.71
CA SER D 197 12.02 9.89 16.29
C SER D 197 11.98 11.37 15.98
N TRP D 198 13.10 11.99 15.57
CA TRP D 198 13.18 13.40 15.12
C TRP D 198 12.78 13.47 13.64
N ASN D 199 11.56 13.05 13.32
CA ASN D 199 11.12 12.93 11.90
C ASN D 199 10.83 14.34 11.37
N THR D 200 10.58 15.32 12.25
CA THR D 200 10.26 16.71 11.88
C THR D 200 11.33 17.64 12.46
N GLN D 201 12.03 18.36 11.58
CA GLN D 201 13.13 19.27 11.98
C GLN D 201 12.94 20.60 11.25
N SER D 202 13.34 21.69 11.89
CA SER D 202 13.43 23.02 11.26
C SER D 202 14.85 23.21 10.70
N ILE D 203 14.97 23.86 9.55
CA ILE D 203 16.24 24.35 8.96
C ILE D 203 16.17 25.87 8.98
N GLU D 204 17.18 26.53 9.55
CA GLU D 204 17.13 27.98 9.86
C GLU D 204 18.54 28.55 9.73
N GLY D 205 18.70 29.62 8.95
CA GLY D 205 19.94 30.40 8.93
C GLY D 205 20.17 31.04 10.29
N GLN D 206 21.43 31.19 10.69
CA GLN D 206 21.83 31.77 11.98
C GLN D 206 21.41 33.26 12.04
N GLU D 207 21.51 33.95 10.90
CA GLU D 207 21.26 35.41 10.79
C GLU D 207 20.04 35.62 9.89
N PRO D 208 18.87 36.02 10.44
CA PRO D 208 17.69 36.26 9.61
C PRO D 208 17.90 37.29 8.49
N LEU D 209 18.91 38.16 8.58
CA LEU D 209 19.20 39.21 7.55
C LEU D 209 20.18 38.68 6.51
N ASN D 210 20.75 37.47 6.69
CA ASN D 210 21.72 36.88 5.73
C ASN D 210 21.10 35.65 5.07
N ASN D 211 20.94 35.70 3.75
CA ASN D 211 20.23 34.66 2.95
C ASN D 211 21.25 33.83 2.13
N ASN D 212 22.55 33.90 2.46
CA ASN D 212 23.64 33.18 1.75
C ASN D 212 23.72 31.72 2.25
N TRP D 213 22.59 31.02 2.26
CA TRP D 213 22.45 29.62 2.72
C TRP D 213 21.15 29.12 2.10
N ASP D 214 20.88 27.82 2.13
CA ASP D 214 19.65 27.23 1.56
C ASP D 214 19.44 25.88 2.24
N GLY D 215 18.23 25.34 2.14
CA GLY D 215 17.90 24.05 2.75
C GLY D 215 16.62 23.51 2.16
N GLY D 216 16.39 22.23 2.36
CA GLY D 216 15.17 21.55 1.93
C GLY D 216 15.24 20.10 2.31
N ALA D 217 14.35 19.29 1.75
CA ALA D 217 14.26 17.86 2.06
C ALA D 217 13.84 17.12 0.80
N THR D 218 14.32 15.90 0.67
CA THR D 218 13.74 14.84 -0.18
C THR D 218 12.93 13.96 0.76
N SER D 219 12.32 12.90 0.24
CA SER D 219 11.63 11.88 1.06
C SER D 219 12.64 11.19 2.00
N GLU D 220 13.94 11.23 1.68
CA GLU D 220 15.01 10.47 2.38
C GLU D 220 15.74 11.34 3.42
N TYR D 221 16.08 12.57 3.10
CA TYR D 221 17.01 13.38 3.95
C TYR D 221 16.66 14.86 3.91
N LEU D 222 17.09 15.58 4.94
CA LEU D 222 17.16 17.06 5.00
C LEU D 222 18.53 17.42 4.40
N TRP D 223 18.61 18.50 3.65
CA TRP D 223 19.90 19.02 3.16
C TRP D 223 19.97 20.52 3.46
N PHE D 224 21.18 21.05 3.50
CA PHE D 224 21.43 22.47 3.84
C PHE D 224 22.79 22.81 3.26
N LYS D 225 22.96 24.06 2.87
CA LYS D 225 24.26 24.58 2.41
C LYS D 225 24.38 26.07 2.79
N ALA D 226 25.60 26.59 2.72
CA ALA D 226 25.92 27.99 3.04
C ALA D 226 27.18 28.38 2.29
N GLY D 227 27.32 29.66 1.94
CA GLY D 227 28.53 30.20 1.31
C GLY D 227 28.40 30.18 -0.20
N GLY D 228 29.40 30.74 -0.88
CA GLY D 228 29.42 30.86 -2.36
C GLY D 228 28.13 31.47 -2.87
N ASP D 229 27.51 30.86 -3.86
CA ASP D 229 26.31 31.38 -4.56
C ASP D 229 25.02 30.87 -3.89
N SER D 230 25.11 30.27 -2.70
CA SER D 230 23.92 29.82 -1.93
C SER D 230 22.95 31.00 -1.75
N ARG D 231 21.64 30.80 -1.99
CA ARG D 231 20.62 31.83 -1.76
C ARG D 231 19.34 31.14 -1.28
N SER D 232 18.78 31.55 -0.14
CA SER D 232 17.68 30.82 0.51
C SER D 232 16.47 30.77 -0.41
N THR D 233 15.90 29.58 -0.57
CA THR D 233 14.63 29.31 -1.25
C THR D 233 13.54 29.11 -0.20
N ILE D 234 13.86 29.27 1.10
CA ILE D 234 12.91 28.92 2.20
C ILE D 234 12.85 30.08 3.22
N GLY D 235 13.02 31.31 2.74
CA GLY D 235 13.02 32.51 3.61
C GLY D 235 14.07 32.42 4.71
N THR D 236 13.66 32.63 5.96
CA THR D 236 14.56 32.63 7.14
C THR D 236 14.64 31.21 7.69
N GLY D 237 13.75 30.31 7.25
CA GLY D 237 13.74 28.92 7.70
C GLY D 237 12.42 28.25 7.44
N LYS D 238 12.38 26.93 7.57
CA LYS D 238 11.21 26.09 7.22
C LYS D 238 11.37 24.75 7.93
N THR D 239 10.26 24.10 8.28
CA THR D 239 10.20 22.77 8.90
C THR D 239 9.91 21.73 7.80
N PHE D 240 10.44 20.52 7.95
CA PHE D 240 10.33 19.41 6.99
C PHE D 240 10.17 18.13 7.80
N THR D 241 9.39 17.18 7.27
CA THR D 241 9.18 15.84 7.85
C THR D 241 9.80 14.79 6.92
N LEU D 242 10.52 13.83 7.49
CA LEU D 242 11.02 12.63 6.77
C LEU D 242 10.13 11.45 7.12
N ASN D 243 10.09 10.43 6.25
CA ASN D 243 9.23 9.23 6.44
C ASN D 243 10.05 8.14 7.16
N GLN D 244 10.94 8.50 8.07
CA GLN D 244 11.77 7.51 8.81
C GLN D 244 10.84 6.74 9.75
N PRO D 245 11.14 5.46 10.06
CA PRO D 245 10.35 4.70 11.02
C PRO D 245 10.44 5.33 12.41
N SER D 246 9.38 5.20 13.20
CA SER D 246 9.29 5.75 14.57
C SER D 246 10.31 5.04 15.48
N GLN D 247 10.67 3.78 15.18
CA GLN D 247 11.75 3.04 15.87
C GLN D 247 13.00 3.02 14.98
N PRO D 248 14.19 3.30 15.53
CA PRO D 248 15.43 3.24 14.75
C PRO D 248 15.78 1.79 14.39
N GLU D 249 16.41 1.57 13.24
CA GLU D 249 16.90 0.22 12.85
C GLU D 249 18.17 -0.07 13.63
N ILE D 250 18.07 -1.01 14.57
CA ILE D 250 19.16 -1.41 15.49
C ILE D 250 19.56 -2.82 15.06
N GLY D 251 20.84 -3.00 14.75
CA GLY D 251 21.39 -4.30 14.40
C GLY D 251 21.44 -5.20 15.61
N LYS D 252 22.15 -6.31 15.47
CA LYS D 252 22.29 -7.33 16.52
C LYS D 252 23.73 -7.34 16.98
N LEU D 253 23.91 -7.72 18.25
CA LEU D 253 25.22 -8.03 18.83
C LEU D 253 25.56 -9.46 18.43
N ASP D 254 26.76 -9.67 17.92
CA ASP D 254 27.22 -10.98 17.39
C ASP D 254 28.72 -11.02 17.58
N TYR D 255 29.24 -12.06 18.26
CA TYR D 255 30.68 -12.20 18.55
C TYR D 255 31.05 -13.67 18.59
N ASP D 256 32.33 -13.94 18.41
CA ASP D 256 32.96 -15.27 18.52
C ASP D 256 33.94 -15.22 19.68
N VAL D 257 33.85 -16.19 20.58
CA VAL D 257 34.89 -16.37 21.61
C VAL D 257 36.10 -16.98 20.92
N LYS D 258 37.27 -16.38 21.12
CA LYS D 258 38.53 -16.73 20.40
C LYS D 258 39.37 -17.66 21.27
N SER D 259 39.43 -17.40 22.57
CA SER D 259 40.17 -18.20 23.57
C SER D 259 39.38 -18.26 24.88
N THR D 260 39.46 -19.38 25.57
CA THR D 260 38.87 -19.61 26.91
C THR D 260 39.69 -20.68 27.61
N TYR D 261 40.80 -20.31 28.25
CA TYR D 261 41.74 -21.28 28.86
C TYR D 261 42.33 -20.73 30.16
N TYR D 262 42.74 -21.66 31.02
CA TYR D 262 43.31 -21.41 32.37
C TYR D 262 44.64 -22.17 32.48
N GLU D 263 45.74 -21.48 32.77
CA GLU D 263 47.11 -22.02 32.71
C GLU D 263 48.01 -21.14 33.59
N ASN D 264 48.76 -21.74 34.51
CA ASN D 264 49.70 -21.05 35.44
C ASN D 264 48.94 -19.96 36.22
N GLU D 265 47.72 -20.27 36.69
CA GLU D 265 46.90 -19.39 37.56
C GLU D 265 46.56 -18.08 36.82
N LYS D 266 46.41 -18.15 35.49
CA LYS D 266 45.97 -17.01 34.65
C LYS D 266 44.80 -17.49 33.78
N LEU D 267 43.65 -16.82 33.90
CA LEU D 267 42.46 -17.06 33.03
C LEU D 267 42.57 -16.12 31.84
N ASN D 268 42.50 -16.66 30.63
CA ASN D 268 42.51 -15.89 29.35
C ASN D 268 41.20 -16.18 28.63
N ILE D 269 40.40 -15.14 28.44
CA ILE D 269 39.14 -15.19 27.66
C ILE D 269 39.18 -13.96 26.76
N THR D 270 39.08 -14.20 25.47
CA THR D 270 39.10 -13.14 24.43
C THR D 270 37.94 -13.45 23.48
N TRP D 271 37.48 -12.41 22.81
CA TRP D 271 36.38 -12.51 21.84
C TRP D 271 36.60 -11.44 20.78
N GLN D 272 35.87 -11.58 19.70
CA GLN D 272 35.89 -10.61 18.59
C GLN D 272 34.45 -10.45 18.13
N LEU D 273 33.95 -9.23 18.20
CA LEU D 273 32.63 -8.93 17.61
C LEU D 273 32.81 -9.09 16.11
N LYS D 274 31.77 -9.57 15.44
CA LYS D 274 31.71 -9.66 13.97
C LYS D 274 31.83 -8.24 13.43
N ASP D 275 32.40 -8.10 12.23
CA ASP D 275 32.60 -6.81 11.54
C ASP D 275 31.31 -5.99 11.58
N SER D 276 30.16 -6.64 11.37
CA SER D 276 28.82 -6.00 11.23
C SER D 276 28.05 -5.96 12.56
N SER D 277 28.67 -6.34 13.68
CA SER D 277 27.99 -6.32 15.00
C SER D 277 27.76 -4.87 15.44
N THR D 278 26.70 -4.64 16.20
CA THR D 278 26.59 -3.46 17.09
C THR D 278 27.81 -3.45 18.01
N PRO D 279 28.27 -2.27 18.46
CA PRO D 279 29.49 -2.19 19.26
C PRO D 279 29.28 -2.55 20.74
N GLN D 280 30.35 -3.00 21.36
CA GLN D 280 30.36 -3.45 22.77
C GLN D 280 30.20 -2.26 23.73
N PHE D 281 29.33 -2.40 24.72
CA PHE D 281 29.15 -1.41 25.81
C PHE D 281 29.80 -1.93 27.10
N LYS D 282 29.57 -3.19 27.43
CA LYS D 282 30.15 -3.75 28.66
C LYS D 282 30.13 -5.27 28.57
N GLY D 283 30.81 -5.87 29.53
CA GLY D 283 30.93 -7.32 29.65
C GLY D 283 30.95 -7.75 31.09
N LYS D 284 30.62 -9.02 31.30
CA LYS D 284 30.76 -9.69 32.60
C LYS D 284 30.99 -11.17 32.31
N ILE D 285 31.75 -11.84 33.16
CA ILE D 285 32.02 -13.29 33.00
C ILE D 285 31.81 -13.92 34.37
N GLU D 286 30.84 -14.82 34.46
CA GLU D 286 30.59 -15.67 35.65
C GLU D 286 31.27 -17.01 35.37
N ILE D 287 31.97 -17.54 36.37
CA ILE D 287 32.65 -18.86 36.26
C ILE D 287 31.95 -19.81 37.22
N TYR D 288 31.47 -20.94 36.68
CA TYR D 288 30.71 -21.97 37.40
C TYR D 288 31.55 -23.25 37.44
N ASN D 289 31.31 -24.08 38.44
CA ASN D 289 31.97 -25.42 38.56
C ASN D 289 31.11 -26.49 37.92
N ASN D 290 30.05 -26.13 37.18
CA ASN D 290 29.11 -27.10 36.57
C ASN D 290 28.61 -26.55 35.23
N GLU D 291 28.33 -27.45 34.29
CA GLU D 291 27.91 -27.14 32.90
C GLU D 291 26.57 -26.40 32.89
N ASN D 292 25.65 -26.74 33.78
CA ASN D 292 24.27 -26.19 33.76
C ASN D 292 24.26 -24.76 34.33
N MET D 293 25.34 -24.34 34.99
CA MET D 293 25.49 -23.01 35.66
C MET D 293 24.33 -22.79 36.64
N THR D 294 24.07 -23.81 37.46
CA THR D 294 23.17 -23.76 38.63
C THR D 294 23.98 -23.28 39.83
N GLY D 295 23.29 -22.91 40.90
CA GLY D 295 23.93 -22.38 42.12
C GLY D 295 24.62 -21.06 41.89
N GLN D 296 25.67 -20.80 42.67
CA GLN D 296 26.43 -19.53 42.65
C GLN D 296 27.71 -19.74 41.84
N PRO D 297 28.11 -18.76 41.03
CA PRO D 297 29.42 -18.80 40.40
C PRO D 297 30.50 -18.85 41.49
N ILE D 298 31.59 -19.55 41.22
CA ILE D 298 32.77 -19.62 42.13
C ILE D 298 33.59 -18.34 41.96
N ASN D 299 33.49 -17.65 40.82
CA ASN D 299 34.12 -16.31 40.66
C ASN D 299 33.39 -15.55 39.56
N VAL D 300 33.51 -14.23 39.62
CA VAL D 300 32.89 -13.31 38.64
C VAL D 300 33.96 -12.29 38.26
N ILE D 301 34.08 -12.02 36.96
CA ILE D 301 34.86 -10.87 36.42
C ILE D 301 33.85 -9.82 36.01
N ASN D 302 33.85 -8.70 36.71
CA ASN D 302 32.88 -7.60 36.55
C ASN D 302 33.53 -6.44 35.81
N ASP D 303 32.68 -5.53 35.32
CA ASP D 303 33.09 -4.17 34.87
C ASP D 303 34.06 -4.32 33.68
N ILE D 304 33.81 -5.26 32.77
CA ILE D 304 34.57 -5.34 31.49
C ILE D 304 34.06 -4.18 30.62
N LYS D 305 34.96 -3.32 30.18
CA LYS D 305 34.63 -2.00 29.57
C LYS D 305 34.28 -2.18 28.08
N SER D 306 33.74 -1.13 27.46
CA SER D 306 33.40 -1.09 26.01
C SER D 306 34.64 -1.42 25.19
N TYR D 307 35.82 -0.95 25.63
CA TYR D 307 37.10 -1.01 24.88
C TYR D 307 37.95 -2.22 25.25
N GLN D 308 37.39 -3.22 25.95
CA GLN D 308 38.14 -4.45 26.32
C GLN D 308 37.52 -5.63 25.59
N ASN D 309 38.30 -6.34 24.76
CA ASN D 309 37.79 -7.54 24.02
C ASN D 309 38.40 -8.81 24.63
N GLY D 310 38.92 -8.73 25.84
CA GLY D 310 39.34 -9.90 26.58
C GLY D 310 39.75 -9.55 27.99
N ILE D 311 40.07 -10.59 28.74
CA ILE D 311 40.63 -10.48 30.11
C ILE D 311 41.78 -11.47 30.18
N SER D 312 42.81 -11.08 30.92
CA SER D 312 43.97 -11.93 31.31
C SER D 312 44.20 -11.64 32.79
N GLN D 313 43.80 -12.58 33.65
CA GLN D 313 43.62 -12.28 35.09
C GLN D 313 44.21 -13.39 35.93
N SER D 314 45.03 -13.03 36.92
CA SER D 314 45.53 -13.92 37.98
C SER D 314 44.36 -14.32 38.86
N ILE D 315 44.11 -15.63 39.01
CA ILE D 315 42.92 -16.17 39.72
C ILE D 315 43.21 -17.65 40.03
N SER D 316 42.72 -18.15 41.17
CA SER D 316 42.69 -19.59 41.53
C SER D 316 41.35 -20.19 41.12
N LEU D 317 41.38 -21.14 40.19
CA LEU D 317 40.18 -21.89 39.74
C LEU D 317 40.42 -23.38 39.98
N PRO D 318 39.37 -24.18 40.19
CA PRO D 318 39.50 -25.65 40.13
C PRO D 318 39.55 -26.12 38.67
N THR D 319 39.58 -27.43 38.44
CA THR D 319 39.43 -28.01 37.07
C THR D 319 37.94 -27.96 36.73
N ASN D 320 37.60 -28.13 35.46
CA ASN D 320 36.20 -28.36 34.98
C ASN D 320 35.27 -27.18 35.36
N THR D 321 35.66 -26.02 34.85
CA THR D 321 34.92 -24.75 35.03
C THR D 321 34.32 -24.36 33.69
N TYR D 322 33.23 -23.60 33.76
CA TYR D 322 32.46 -23.09 32.61
C TYR D 322 32.31 -21.59 32.80
N ALA D 323 32.48 -20.85 31.71
CA ALA D 323 32.38 -19.39 31.68
C ALA D 323 31.05 -19.03 31.04
N LYS D 324 30.25 -18.23 31.75
CA LYS D 324 29.07 -17.53 31.20
C LYS D 324 29.57 -16.15 30.78
N ILE D 325 29.71 -15.94 29.48
CA ILE D 325 30.19 -14.66 28.92
C ILE D 325 28.94 -13.85 28.57
N VAL D 326 28.78 -12.70 29.22
CA VAL D 326 27.62 -11.81 29.05
C VAL D 326 28.13 -10.49 28.50
N LEU D 327 27.94 -10.27 27.20
CA LEU D 327 28.28 -8.98 26.55
C LEU D 327 27.01 -8.23 26.26
N THR D 328 27.06 -6.90 26.41
CA THR D 328 25.93 -6.05 26.01
C THR D 328 26.45 -4.91 25.15
N ASP D 329 25.65 -4.55 24.16
CA ASP D 329 25.98 -3.51 23.17
C ASP D 329 25.49 -2.15 23.67
N ILE D 330 25.79 -1.10 22.90
CA ILE D 330 25.47 0.29 23.30
C ILE D 330 23.96 0.50 23.30
N PHE D 331 23.18 -0.42 22.73
CA PHE D 331 21.71 -0.35 22.75
C PHE D 331 21.12 -1.25 23.84
N ASP D 332 21.95 -1.71 24.79
CA ASP D 332 21.54 -2.56 25.93
C ASP D 332 21.03 -3.91 25.45
N GLN D 333 21.41 -4.40 24.27
CA GLN D 333 21.11 -5.78 23.86
C GLN D 333 22.18 -6.69 24.43
N THR D 334 21.77 -7.79 25.04
CA THR D 334 22.70 -8.73 25.71
C THR D 334 22.77 -10.05 24.92
N VAL D 335 23.98 -10.55 24.69
CA VAL D 335 24.19 -11.91 24.15
C VAL D 335 25.09 -12.68 25.11
N GLU D 336 24.62 -13.83 25.55
CA GLU D 336 25.27 -14.72 26.54
C GLU D 336 25.79 -15.97 25.82
N LYS D 337 27.06 -16.31 25.99
CA LYS D 337 27.66 -17.61 25.55
C LYS D 337 28.15 -18.40 26.75
N LYS D 338 28.00 -19.72 26.73
CA LYS D 338 28.54 -20.67 27.74
C LYS D 338 29.71 -21.42 27.08
N VAL D 339 30.91 -21.29 27.62
CA VAL D 339 32.11 -21.97 27.06
C VAL D 339 32.84 -22.73 28.18
N LYS D 340 33.23 -23.98 27.93
CA LYS D 340 34.08 -24.75 28.85
C LYS D 340 35.44 -24.09 28.90
N ILE D 341 35.99 -23.85 30.08
CA ILE D 341 37.37 -23.30 30.23
C ILE D 341 38.36 -24.47 30.02
N LYS D 342 39.32 -24.32 29.09
CA LYS D 342 40.33 -25.35 28.74
C LYS D 342 41.59 -25.16 29.59
N ASN D 343 42.60 -26.01 29.41
CA ASN D 343 44.00 -25.82 29.92
C ASN D 343 45.03 -25.67 28.76
N GLU D 344 44.76 -24.84 27.73
CA GLU D 344 45.64 -24.66 26.52
C GLU D 344 46.11 -23.20 26.39
N GLY E 1 9.53 58.97 27.66
CA GLY E 1 10.84 58.36 27.97
C GLY E 1 11.88 58.72 26.93
N GLY E 2 12.51 57.72 26.31
CA GLY E 2 13.60 58.05 25.38
C GLY E 2 14.85 58.28 26.20
N GLY E 3 15.90 57.50 25.98
CA GLY E 3 17.10 57.52 26.84
C GLY E 3 17.58 56.09 26.99
N ALA E 4 18.77 55.87 27.55
CA ALA E 4 19.26 54.50 27.78
C ALA E 4 18.26 53.69 28.61
N SER E 5 18.32 52.37 28.49
CA SER E 5 17.30 51.53 29.16
C SER E 5 17.89 50.64 30.25
N ALA E 6 17.13 50.41 31.33
CA ALA E 6 17.52 49.43 32.36
C ALA E 6 17.73 48.10 31.65
N PRO E 7 18.71 47.29 32.06
CA PRO E 7 18.84 45.94 31.52
C PRO E 7 17.65 45.08 31.95
N GLY E 8 17.23 44.18 31.06
CA GLY E 8 16.23 43.16 31.38
C GLY E 8 16.76 42.22 32.43
N VAL E 9 15.87 41.66 33.25
CA VAL E 9 16.20 40.55 34.18
C VAL E 9 15.23 39.42 33.91
N TYR E 10 15.73 38.19 33.90
CA TYR E 10 14.96 36.95 33.65
C TYR E 10 15.02 36.10 34.90
N VAL E 11 13.87 35.58 35.32
CA VAL E 11 13.76 34.56 36.38
C VAL E 11 13.15 33.32 35.75
N THR E 12 13.88 32.22 35.76
CA THR E 12 13.55 31.02 34.94
C THR E 12 13.56 29.79 35.82
N PRO E 13 12.44 29.03 35.87
CA PRO E 13 12.43 27.77 36.61
C PRO E 13 13.45 26.80 36.00
N LYS E 14 14.02 25.95 36.84
CA LYS E 14 14.99 24.92 36.40
C LYS E 14 14.23 23.73 35.80
N ASN E 15 12.96 23.53 36.19
CA ASN E 15 12.28 22.23 35.98
C ASN E 15 10.85 22.41 35.46
N SER E 16 10.57 23.45 34.69
CA SER E 16 9.23 23.63 34.08
C SER E 16 9.06 22.64 32.94
N VAL E 17 7.82 22.20 32.72
CA VAL E 17 7.43 21.26 31.63
C VAL E 17 6.16 21.78 30.94
N SER E 18 5.77 21.10 29.86
CA SER E 18 4.53 21.39 29.11
CA SER E 18 4.53 21.39 29.11
C SER E 18 3.34 21.31 30.08
N SER E 19 2.55 22.38 30.12
CA SER E 19 1.53 22.63 31.17
C SER E 19 0.23 23.11 30.55
N ASP E 20 -0.91 22.83 31.20
CA ASP E 20 -2.19 23.46 30.84
C ASP E 20 -2.58 24.54 31.88
N ILE E 21 -1.97 24.53 33.06
CA ILE E 21 -2.13 25.62 34.08
C ILE E 21 -0.73 26.09 34.47
N ILE E 22 -0.51 27.39 34.46
CA ILE E 22 0.74 28.00 35.00
C ILE E 22 0.35 29.10 36.01
N SER E 23 1.04 29.13 37.14
CA SER E 23 0.69 30.04 38.24
C SER E 23 1.97 30.60 38.85
N ILE E 24 1.96 31.88 39.19
CA ILE E 24 3.04 32.49 40.00
C ILE E 24 2.45 33.66 40.81
N ASP E 25 3.06 33.93 41.95
CA ASP E 25 2.73 35.06 42.85
C ASP E 25 3.78 36.15 42.67
N TRP E 26 3.34 37.41 42.51
CA TRP E 26 4.19 38.57 42.23
C TRP E 26 3.82 39.71 43.19
N SER E 27 4.83 40.44 43.63
CA SER E 27 4.68 41.63 44.51
C SER E 27 5.63 42.70 44.04
N PRO E 28 5.10 43.90 43.68
CA PRO E 28 5.93 45.01 43.26
C PRO E 28 6.54 45.73 44.48
N VAL E 29 7.79 46.15 44.35
CA VAL E 29 8.52 46.90 45.41
C VAL E 29 8.85 48.30 44.90
N GLN E 30 9.47 48.44 43.73
CA GLN E 30 9.70 49.77 43.11
C GLN E 30 9.20 49.73 41.68
N THR E 31 8.50 50.78 41.24
CA THR E 31 7.70 50.72 40.01
C THR E 31 8.01 51.93 39.11
N ALA E 32 9.21 51.93 38.53
CA ALA E 32 9.58 52.83 37.43
C ALA E 32 8.51 52.76 36.34
N PRO E 33 8.15 53.89 35.72
CA PRO E 33 7.25 53.85 34.57
C PRO E 33 7.89 53.09 33.41
N TYR E 34 7.03 52.54 32.55
CA TYR E 34 7.40 51.84 31.30
C TYR E 34 8.10 50.53 31.69
N THR E 35 7.63 49.92 32.77
CA THR E 35 8.11 48.58 33.22
C THR E 35 7.03 47.54 32.93
N TYR E 36 7.42 46.45 32.28
CA TYR E 36 6.58 45.24 32.12
C TYR E 36 7.23 44.11 32.90
N TRP E 37 6.51 43.61 33.90
CA TRP E 37 6.80 42.33 34.58
C TRP E 37 5.98 41.27 33.86
N ALA E 38 6.57 40.66 32.84
CA ALA E 38 5.92 39.53 32.15
C ALA E 38 6.18 38.29 33.00
N VAL E 39 5.25 37.91 33.86
CA VAL E 39 5.50 36.85 34.89
C VAL E 39 5.30 35.48 34.27
N HIS E 40 4.58 35.43 33.13
CA HIS E 40 4.33 34.19 32.35
C HIS E 40 4.73 34.46 30.90
N ASN E 41 5.42 33.49 30.32
CA ASN E 41 5.92 33.53 28.92
C ASN E 41 5.83 32.11 28.42
N TRP E 42 5.45 31.93 27.16
CA TRP E 42 5.40 30.56 26.57
C TRP E 42 5.64 30.62 25.07
N ASN E 43 6.22 29.54 24.56
CA ASN E 43 6.26 29.20 23.11
C ASN E 43 6.94 30.29 22.29
N GLN E 44 8.10 30.76 22.73
CA GLN E 44 8.84 31.83 22.03
C GLN E 44 9.17 31.37 20.61
N GLY E 45 8.83 32.19 19.61
CA GLY E 45 9.09 31.87 18.20
C GLY E 45 8.17 30.77 17.70
N GLY E 46 7.15 30.38 18.47
CA GLY E 46 6.38 29.16 18.20
C GLY E 46 4.89 29.41 18.11
N GLU E 47 4.14 28.37 17.76
CA GLU E 47 2.67 28.41 17.66
C GLU E 47 2.07 28.78 19.02
N ALA E 48 1.26 29.84 19.03
CA ALA E 48 0.52 30.37 20.20
C ALA E 48 1.49 30.91 21.22
N GLY E 49 2.63 31.43 20.77
CA GLY E 49 3.51 32.24 21.62
C GLY E 49 2.69 33.30 22.35
N GLY E 50 2.96 33.50 23.64
CA GLY E 50 2.27 34.55 24.39
C GLY E 50 3.00 34.92 25.66
N TYR E 51 2.45 35.93 26.34
CA TYR E 51 2.91 36.35 27.66
C TYR E 51 1.79 37.03 28.41
N ALA E 52 2.01 37.23 29.70
CA ALA E 52 1.06 37.91 30.58
C ALA E 52 1.80 38.41 31.81
N GLY E 53 1.29 39.49 32.38
CA GLY E 53 1.85 40.05 33.61
C GLY E 53 1.26 41.41 33.93
N PHE E 54 2.11 42.27 34.47
CA PHE E 54 1.74 43.54 35.11
C PHE E 54 2.55 44.65 34.48
N GLN E 55 1.94 45.82 34.25
CA GLN E 55 2.68 46.98 33.71
C GLN E 55 2.43 48.22 34.57
N GLN E 56 3.51 48.95 34.83
CA GLN E 56 3.45 50.39 35.23
C GLN E 56 3.56 51.18 33.93
N GLN E 57 2.42 51.57 33.36
CA GLN E 57 2.39 52.23 32.03
C GLN E 57 2.76 53.71 32.14
N SER E 58 2.52 54.35 33.28
CA SER E 58 2.86 55.78 33.49
C SER E 58 2.99 56.05 34.99
N GLY E 59 3.85 57.01 35.33
CA GLY E 59 4.11 57.46 36.71
C GLY E 59 4.89 56.43 37.49
N PHE E 60 5.15 56.73 38.76
CA PHE E 60 6.10 55.97 39.63
C PHE E 60 5.36 55.23 40.73
N ASP E 61 4.02 55.37 40.83
CA ASP E 61 3.28 54.91 42.01
C ASP E 61 1.85 54.56 41.64
N GLU E 62 1.02 54.30 42.64
CA GLU E 62 -0.37 53.85 42.47
C GLU E 62 -1.23 54.89 41.76
N ASN E 63 -0.78 56.15 41.76
CA ASN E 63 -1.53 57.26 41.11
C ASN E 63 -1.24 57.26 39.60
N GLY E 64 -0.28 56.46 39.14
CA GLY E 64 0.03 56.25 37.71
C GLY E 64 -0.93 55.24 37.11
N LYS E 65 -0.70 54.83 35.86
CA LYS E 65 -1.59 53.84 35.20
C LYS E 65 -0.98 52.45 35.41
N ARG E 66 -1.60 51.67 36.27
CA ARG E 66 -1.18 50.27 36.54
C ARG E 66 -2.14 49.30 35.83
N THR E 67 -1.59 48.30 35.16
CA THR E 67 -2.38 47.35 34.35
C THR E 67 -1.94 45.89 34.56
N LEU E 68 -2.79 44.99 34.08
CA LEU E 68 -2.45 43.59 33.70
C LEU E 68 -2.31 43.59 32.18
N HIS E 69 -1.53 42.64 31.68
CA HIS E 69 -1.24 42.48 30.26
C HIS E 69 -1.38 41.00 29.93
N PHE E 70 -1.73 40.70 28.69
CA PHE E 70 -2.01 39.34 28.17
C PHE E 70 -1.94 39.49 26.65
N ALA E 71 -1.12 38.71 25.97
CA ALA E 71 -0.97 38.81 24.50
C ALA E 71 -0.71 37.40 23.96
N VAL E 72 -1.26 37.09 22.81
CA VAL E 72 -0.96 35.85 22.06
C VAL E 72 -0.71 36.26 20.62
N TRP E 73 0.38 35.79 20.05
CA TRP E 73 0.76 36.10 18.65
C TRP E 73 -0.12 35.30 17.70
N ASP E 74 -0.40 35.87 16.52
CA ASP E 74 -1.24 35.24 15.49
C ASP E 74 -0.72 33.85 15.13
N PRO E 75 -1.66 32.97 14.74
CA PRO E 75 -1.32 31.63 14.27
C PRO E 75 -0.28 31.64 13.12
N ILE E 76 0.58 30.64 13.09
CA ILE E 76 1.68 30.51 12.10
C ILE E 76 1.05 30.20 10.73
N SER E 77 0.12 29.24 10.67
CA SER E 77 -0.41 28.68 9.40
C SER E 77 -1.86 29.12 9.18
N SER E 78 -2.73 28.95 10.20
CA SER E 78 -4.17 29.25 10.06
C SER E 78 -4.33 30.74 9.72
N LYS E 79 -5.30 31.08 8.87
CA LYS E 79 -5.63 32.49 8.54
C LYS E 79 -6.78 32.95 9.43
N GLU E 80 -7.32 32.09 10.28
CA GLU E 80 -8.47 32.45 11.16
C GLU E 80 -7.95 33.40 12.24
N ALA E 81 -8.77 34.36 12.65
CA ALA E 81 -8.42 35.37 13.68
C ALA E 81 -8.49 34.75 15.07
N ILE E 82 -7.60 35.20 15.95
CA ILE E 82 -7.77 35.04 17.43
C ILE E 82 -8.95 35.90 17.83
N LYS E 83 -9.87 35.35 18.63
CA LYS E 83 -11.03 36.07 19.16
C LYS E 83 -10.82 36.40 20.64
N ALA E 84 -11.17 37.61 21.05
CA ALA E 84 -11.34 37.95 22.49
C ALA E 84 -12.69 37.42 22.94
N GLU E 85 -12.75 36.22 23.50
CA GLU E 85 -14.02 35.58 23.91
C GLU E 85 -14.60 36.27 25.14
N TYR E 86 -13.75 36.72 26.05
CA TYR E 86 -14.17 37.41 27.30
C TYR E 86 -13.15 38.47 27.65
N VAL E 87 -13.62 39.66 28.01
CA VAL E 87 -12.80 40.75 28.61
C VAL E 87 -13.57 41.23 29.85
N SER E 88 -12.85 41.48 30.94
CA SER E 88 -13.43 41.94 32.22
C SER E 88 -13.89 43.38 32.00
N PRO E 89 -14.71 43.95 32.92
CA PRO E 89 -15.20 45.31 32.75
C PRO E 89 -14.10 46.39 32.60
N THR E 90 -12.90 46.15 33.11
CA THR E 90 -11.76 47.11 32.99
C THR E 90 -10.73 46.63 31.97
N SER E 91 -11.09 45.65 31.14
CA SER E 91 -10.19 45.07 30.12
C SER E 91 -10.54 45.64 28.74
N VAL E 92 -9.53 45.87 27.91
CA VAL E 92 -9.71 46.21 26.47
C VAL E 92 -8.86 45.28 25.61
N ALA E 93 -9.49 44.59 24.67
CA ALA E 93 -8.86 43.74 23.63
C ALA E 93 -8.51 44.62 22.43
N SER E 94 -7.31 44.49 21.89
CA SER E 94 -6.94 45.14 20.62
C SER E 94 -5.96 44.27 19.87
N ASN E 95 -5.92 44.43 18.55
CA ASN E 95 -4.91 43.76 17.70
C ASN E 95 -3.64 44.59 17.76
N PHE E 96 -2.49 43.96 17.91
CA PHE E 96 -1.19 44.64 17.86
C PHE E 96 -0.52 44.28 16.53
N GLY E 97 0.42 45.13 16.12
CA GLY E 97 1.22 45.03 14.88
C GLY E 97 2.55 45.70 15.12
N GLY E 98 3.50 45.55 14.19
CA GLY E 98 4.84 46.18 14.28
C GLY E 98 5.73 45.51 15.31
N GLU E 99 5.33 44.36 15.83
CA GLU E 99 6.12 43.57 16.80
C GLU E 99 5.65 42.13 16.66
N GLY E 100 5.62 41.68 15.39
CA GLY E 100 4.69 40.64 14.93
C GLY E 100 3.27 41.14 15.08
N THR E 101 2.29 40.25 14.91
CA THR E 101 0.86 40.60 15.00
C THR E 101 0.17 39.61 15.94
N GLY E 102 -0.92 40.05 16.55
CA GLY E 102 -1.74 39.16 17.37
C GLY E 102 -2.75 39.94 18.17
N LEU E 103 -3.18 39.35 19.29
CA LEU E 103 -4.25 39.94 20.12
C LEU E 103 -3.68 40.20 21.52
N LYS E 104 -4.01 41.36 22.08
CA LYS E 104 -3.63 41.66 23.46
C LYS E 104 -4.88 42.13 24.22
N ILE E 105 -4.90 41.84 25.51
CA ILE E 105 -5.89 42.36 26.47
C ILE E 105 -5.12 43.13 27.54
N GLN E 106 -5.40 44.43 27.64
CA GLN E 106 -4.85 45.33 28.67
C GLN E 106 -5.97 45.63 29.68
N THR E 107 -5.68 45.48 30.96
CA THR E 107 -6.69 45.56 32.04
C THR E 107 -6.25 46.61 33.07
N THR E 108 -7.00 47.68 33.25
CA THR E 108 -6.71 48.63 34.36
C THR E 108 -6.94 47.88 35.66
N TYR E 109 -5.95 47.91 36.54
CA TYR E 109 -5.95 47.11 37.79
C TYR E 109 -5.09 47.83 38.81
N ASP E 110 -5.71 48.24 39.93
CA ASP E 110 -5.01 49.04 40.97
C ASP E 110 -4.22 48.11 41.91
N TRP E 111 -3.20 47.46 41.38
CA TRP E 111 -2.33 46.60 42.22
C TRP E 111 -1.41 47.52 43.05
N LYS E 112 -0.98 47.03 44.20
CA LYS E 112 -0.34 47.86 45.26
C LYS E 112 1.03 47.30 45.63
N ASN E 113 1.95 48.18 45.96
CA ASN E 113 3.32 47.84 46.41
C ASN E 113 3.20 46.95 47.66
N TYR E 114 4.02 45.91 47.70
CA TYR E 114 4.20 44.98 48.85
C TYR E 114 2.95 44.13 49.06
N ASN E 115 2.03 44.12 48.10
CA ASN E 115 0.87 43.20 48.10
C ASN E 115 1.17 42.08 47.09
N TRP E 116 0.52 40.93 47.25
CA TRP E 116 0.77 39.72 46.46
C TRP E 116 -0.37 39.53 45.47
N TYR E 117 0.00 39.22 44.23
CA TYR E 117 -0.97 38.96 43.16
C TYR E 117 -0.62 37.63 42.52
N ARG E 118 -1.62 36.77 42.44
CA ARG E 118 -1.44 35.43 41.88
C ARG E 118 -2.03 35.47 40.47
N MET E 119 -1.16 35.36 39.47
CA MET E 119 -1.63 35.27 38.07
C MET E 119 -1.60 33.79 37.66
N THR E 120 -2.77 33.24 37.38
CA THR E 120 -2.97 31.85 36.95
C THR E 120 -3.57 31.86 35.54
N MET E 121 -2.89 31.21 34.62
CA MET E 121 -3.32 31.06 33.21
C MET E 121 -3.71 29.60 33.01
N ARG E 122 -4.76 29.37 32.25
CA ARG E 122 -5.14 28.00 31.88
C ARG E 122 -5.35 27.98 30.36
N SER E 123 -4.90 26.90 29.73
CA SER E 123 -5.19 26.62 28.31
C SER E 123 -6.03 25.35 28.28
N TRP E 124 -7.02 25.31 27.40
CA TRP E 124 -7.90 24.14 27.29
C TRP E 124 -8.42 23.99 25.86
N GLN E 125 -8.84 22.78 25.53
CA GLN E 125 -9.43 22.42 24.21
C GLN E 125 -10.94 22.63 24.28
N GLU E 126 -11.52 23.36 23.32
CA GLU E 126 -12.98 23.60 23.23
C GLU E 126 -13.27 23.79 21.73
N ASN E 127 -14.17 22.95 21.17
CA ASN E 127 -14.67 23.11 19.78
C ASN E 127 -13.51 23.16 18.78
N GLY E 128 -12.48 22.34 18.95
CA GLY E 128 -11.38 22.19 17.97
C GLY E 128 -10.40 23.34 18.01
N HIS E 129 -10.60 24.30 18.92
CA HIS E 129 -9.68 25.44 19.16
C HIS E 129 -9.02 25.29 20.54
N THR E 130 -7.97 26.06 20.81
CA THR E 130 -7.36 26.18 22.14
C THR E 130 -7.78 27.53 22.74
N LYS E 131 -8.29 27.52 23.96
CA LYS E 131 -8.58 28.75 24.73
C LYS E 131 -7.41 29.01 25.67
N PHE E 132 -7.11 30.29 25.86
CA PHE E 132 -6.16 30.78 26.87
C PHE E 132 -6.89 31.75 27.78
N GLY E 133 -6.89 31.45 29.07
CA GLY E 133 -7.58 32.25 30.08
C GLY E 133 -6.61 32.83 31.09
N GLN E 134 -6.90 34.05 31.56
CA GLN E 134 -6.09 34.77 32.55
C GLN E 134 -6.98 35.05 33.78
N TRP E 135 -6.58 34.51 34.92
CA TRP E 135 -7.21 34.76 36.25
C TRP E 135 -6.19 35.44 37.17
N LEU E 136 -6.70 36.27 38.08
CA LEU E 136 -5.84 37.03 39.01
C LEU E 136 -6.48 36.97 40.39
N LYS E 137 -5.72 36.47 41.37
CA LYS E 137 -6.11 36.51 42.77
C LYS E 137 -5.44 37.69 43.45
N ASP E 138 -6.24 38.58 44.01
CA ASP E 138 -5.73 39.64 44.91
C ASP E 138 -5.60 38.98 46.28
N VAL E 139 -4.38 38.71 46.71
CA VAL E 139 -4.12 37.82 47.90
C VAL E 139 -4.61 38.58 49.15
N SER E 140 -4.36 39.88 49.24
CA SER E 140 -4.79 40.71 50.41
C SER E 140 -6.32 40.68 50.53
N LYS E 141 -7.04 40.81 49.41
CA LYS E 141 -8.52 40.84 49.40
C LYS E 141 -9.10 39.43 49.45
N ASN E 142 -8.28 38.42 49.15
CA ASN E 142 -8.69 37.00 49.10
C ASN E 142 -9.79 36.86 48.05
N GLN E 143 -9.56 37.44 46.86
CA GLN E 143 -10.58 37.56 45.80
C GLN E 143 -9.95 37.20 44.45
N TRP E 144 -10.56 36.25 43.76
CA TRP E 144 -10.18 35.88 42.37
C TRP E 144 -10.98 36.75 41.41
N LYS E 145 -10.42 37.04 40.25
CA LYS E 145 -11.16 37.67 39.15
C LYS E 145 -10.75 37.02 37.82
N LEU E 146 -11.73 36.68 36.98
CA LEU E 146 -11.48 36.33 35.55
C LEU E 146 -11.16 37.60 34.79
N ILE E 147 -9.99 37.66 34.14
CA ILE E 147 -9.56 38.88 33.41
C ILE E 147 -9.94 38.78 31.94
N GLY E 148 -9.60 37.68 31.28
CA GLY E 148 -9.72 37.61 29.81
C GLY E 148 -9.58 36.20 29.29
N ILE E 149 -10.25 35.89 28.18
CA ILE E 149 -10.14 34.57 27.51
C ILE E 149 -9.91 34.85 26.02
N MET E 150 -8.86 34.30 25.46
CA MET E 150 -8.59 34.37 24.01
C MET E 150 -8.89 33.02 23.41
N ASP E 151 -9.51 33.04 22.23
CA ASP E 151 -9.89 31.84 21.48
C ASP E 151 -8.91 31.72 20.31
N PHE E 152 -8.01 30.76 20.40
CA PHE E 152 -6.89 30.60 19.44
C PHE E 152 -7.24 29.46 18.47
N PRO E 153 -7.27 29.74 17.15
CA PRO E 153 -7.86 28.82 16.17
C PRO E 153 -6.97 27.66 15.74
N VAL E 154 -6.30 27.02 16.69
CA VAL E 154 -5.44 25.84 16.44
C VAL E 154 -5.64 24.91 17.61
N PRO E 155 -5.94 23.61 17.36
CA PRO E 155 -6.04 22.63 18.45
C PRO E 155 -4.69 22.24 19.02
N ASN E 156 -4.70 21.78 20.27
CA ASN E 156 -3.62 20.98 20.91
C ASN E 156 -2.38 21.84 21.07
N VAL E 157 -2.53 23.13 21.34
CA VAL E 157 -1.38 23.98 21.76
C VAL E 157 -1.60 24.24 23.25
N THR E 158 -0.53 24.57 23.97
CA THR E 158 -0.58 24.75 25.45
C THR E 158 0.61 25.62 25.83
N PHE E 159 0.90 25.74 27.13
CA PHE E 159 2.14 26.38 27.64
C PHE E 159 3.26 25.34 27.49
N ASN E 160 3.77 25.21 26.27
CA ASN E 160 4.50 24.00 25.83
C ASN E 160 5.95 24.07 26.33
N TYR E 161 6.58 25.21 26.18
CA TYR E 161 7.99 25.46 26.62
C TYR E 161 8.19 26.95 26.90
N GLY E 162 9.37 27.28 27.44
CA GLY E 162 9.88 28.65 27.55
C GLY E 162 9.36 29.41 28.76
N GLN E 163 8.83 28.71 29.76
CA GLN E 163 8.36 29.33 31.03
C GLN E 163 9.49 30.19 31.57
N THR E 164 9.21 31.48 31.77
CA THR E 164 10.18 32.45 32.29
C THR E 164 9.39 33.69 32.69
N LEU E 165 9.98 34.48 33.58
CA LEU E 165 9.53 35.84 33.94
C LEU E 165 10.57 36.82 33.43
N PHE E 166 10.16 37.98 32.93
CA PHE E 166 11.15 39.06 32.74
C PHE E 166 10.57 40.36 33.30
N GLN E 167 11.49 41.21 33.73
CA GLN E 167 11.27 42.62 34.06
C GLN E 167 11.93 43.44 32.96
N ALA E 168 11.16 44.25 32.22
CA ALA E 168 11.69 44.99 31.06
C ALA E 168 11.29 46.44 31.13
N ASP E 169 12.27 47.31 30.83
CA ASP E 169 12.11 48.76 30.55
C ASP E 169 11.86 48.89 29.04
N TRP E 170 10.67 49.30 28.62
CA TRP E 170 10.31 49.34 27.18
C TRP E 170 10.52 50.74 26.57
N LEU E 171 10.91 51.77 27.33
CA LEU E 171 10.94 53.14 26.75
C LEU E 171 12.32 53.80 26.89
N GLY E 172 13.16 53.39 27.84
CA GLY E 172 14.51 53.95 28.05
C GLY E 172 14.54 54.92 29.21
N ASN E 173 14.44 54.41 30.43
CA ASN E 173 14.59 55.20 31.69
C ASN E 173 15.39 54.36 32.69
N GLY E 174 16.61 53.98 32.30
CA GLY E 174 17.55 53.18 33.11
C GLY E 174 17.91 53.86 34.41
N GLN E 175 17.66 55.17 34.54
CA GLN E 175 17.89 55.94 35.80
C GLN E 175 16.90 55.51 36.87
N ASP E 176 15.72 55.02 36.45
CA ASP E 176 14.58 54.70 37.36
C ASP E 176 14.67 53.23 37.76
N VAL E 177 14.67 52.95 39.06
CA VAL E 177 14.80 51.57 39.58
C VAL E 177 13.43 50.88 39.50
N ARG E 178 13.44 49.59 39.13
CA ARG E 178 12.25 48.71 39.16
C ARG E 178 12.67 47.45 39.91
N GLU E 179 11.81 46.99 40.81
CA GLU E 179 12.08 45.88 41.75
C GLU E 179 10.78 45.16 42.01
N ALA E 180 10.80 43.82 42.06
CA ALA E 180 9.64 43.00 42.42
C ALA E 180 10.13 41.68 43.02
N ARG E 181 9.19 40.91 43.50
CA ARG E 181 9.40 39.63 44.20
C ARG E 181 8.46 38.62 43.58
N VAL E 182 8.85 37.34 43.55
CA VAL E 182 7.95 36.26 43.09
C VAL E 182 8.17 35.06 43.97
N LYS E 183 7.14 34.25 44.10
CA LYS E 183 7.17 32.95 44.81
C LYS E 183 6.00 32.14 44.28
N ASN E 184 5.88 30.88 44.70
CA ASN E 184 4.70 30.03 44.44
C ASN E 184 4.53 29.83 42.92
N GLY E 185 5.63 29.65 42.21
CA GLY E 185 5.61 29.20 40.80
C GLY E 185 5.26 27.74 40.69
N TYR E 186 4.15 27.41 40.02
CA TYR E 186 3.69 26.03 39.78
C TYR E 186 3.11 25.92 38.37
N GLY E 187 3.31 24.76 37.77
CA GLY E 187 2.61 24.35 36.54
C GLY E 187 1.84 23.09 36.77
N ARG E 188 0.73 22.92 36.06
CA ARG E 188 0.04 21.61 36.02
C ARG E 188 0.46 20.89 34.72
N ASN E 189 0.98 19.67 34.84
CA ASN E 189 1.59 18.92 33.71
C ASN E 189 0.51 18.48 32.72
N ILE E 190 0.77 18.66 31.43
CA ILE E 190 -0.04 18.01 30.35
C ILE E 190 0.01 16.48 30.50
N SER E 191 1.20 15.95 30.80
CA SER E 191 1.48 14.49 30.83
C SER E 191 0.51 13.77 31.79
N ASP E 192 0.39 14.23 33.04
CA ASP E 192 -0.32 13.45 34.10
C ASP E 192 -1.27 14.32 34.94
N LYS E 193 -1.50 15.59 34.60
CA LYS E 193 -2.38 16.51 35.37
C LYS E 193 -1.87 16.63 36.82
N LYS E 194 -0.58 16.41 37.09
CA LYS E 194 0.02 16.63 38.43
C LYS E 194 0.79 17.93 38.41
N TRP E 195 1.04 18.48 39.60
CA TRP E 195 1.70 19.81 39.73
C TRP E 195 3.20 19.63 39.75
N THR E 196 3.88 20.54 39.07
CA THR E 196 5.34 20.74 39.14
C THR E 196 5.60 22.02 39.93
N SER E 197 6.41 21.95 40.97
CA SER E 197 6.83 23.10 41.80
C SER E 197 8.10 23.71 41.25
N TRP E 198 8.08 25.00 40.84
CA TRP E 198 9.27 25.77 40.39
C TRP E 198 10.01 26.30 41.62
N ASN E 199 10.46 25.42 42.51
CA ASN E 199 11.05 25.83 43.82
C ASN E 199 12.46 26.35 43.55
N THR E 200 13.08 25.98 42.44
CA THR E 200 14.46 26.39 42.06
C THR E 200 14.40 27.20 40.76
N GLN E 201 14.83 28.45 40.82
CA GLN E 201 14.78 29.38 39.66
C GLN E 201 16.13 30.08 39.57
N SER E 202 16.57 30.40 38.35
CA SER E 202 17.75 31.24 38.09
C SER E 202 17.29 32.68 37.95
N ILE E 203 18.08 33.62 38.45
CA ILE E 203 17.94 35.08 38.20
C ILE E 203 19.15 35.51 37.38
N GLU E 204 18.93 36.16 36.24
CA GLU E 204 19.98 36.39 35.22
C GLU E 204 19.71 37.72 34.53
N GLY E 205 20.69 38.60 34.48
CA GLY E 205 20.61 39.82 33.65
C GLY E 205 20.53 39.44 32.18
N GLN E 206 19.83 40.24 31.38
CA GLN E 206 19.65 40.03 29.93
C GLN E 206 21.01 40.14 29.22
N GLU E 207 21.88 41.06 29.68
CA GLU E 207 23.19 41.35 29.07
C GLU E 207 24.27 40.98 30.07
N PRO E 208 25.05 39.89 29.82
CA PRO E 208 26.15 39.52 30.70
C PRO E 208 27.20 40.63 30.91
N LEU E 209 27.28 41.63 30.02
CA LEU E 209 28.24 42.76 30.15
C LEU E 209 27.63 43.94 30.92
N ASN E 210 26.34 43.88 31.27
CA ASN E 210 25.63 44.99 31.98
C ASN E 210 25.24 44.49 33.37
N ASN E 211 25.79 45.14 34.41
CA ASN E 211 25.61 44.72 35.84
C ASN E 211 24.68 45.70 36.58
N ASN E 212 23.90 46.52 35.86
CA ASN E 212 22.97 47.52 36.45
C ASN E 212 21.65 46.84 36.85
N TRP E 213 21.71 45.74 37.59
CA TRP E 213 20.56 44.93 38.06
C TRP E 213 21.10 44.12 39.22
N ASP E 214 20.23 43.48 40.00
CA ASP E 214 20.63 42.67 41.17
C ASP E 214 19.48 41.71 41.46
N GLY E 215 19.74 40.67 42.25
CA GLY E 215 18.74 39.67 42.60
C GLY E 215 19.21 38.85 43.76
N GLY E 216 18.28 38.16 44.38
CA GLY E 216 18.55 37.25 45.50
C GLY E 216 17.28 36.62 45.97
N ALA E 217 17.31 36.00 47.13
CA ALA E 217 16.16 35.27 47.68
C ALA E 217 16.20 35.36 49.19
N THR E 218 15.02 35.39 49.79
CA THR E 218 14.79 35.04 51.21
C THR E 218 14.28 33.61 51.20
N SER E 219 13.95 33.06 52.36
CA SER E 219 13.28 31.75 52.48
C SER E 219 11.91 31.79 51.79
N GLU E 220 11.32 32.99 51.62
CA GLU E 220 9.92 33.19 51.15
C GLU E 220 9.86 33.48 49.64
N TYR E 221 10.74 34.33 49.11
CA TYR E 221 10.60 34.84 47.71
C TYR E 221 11.95 35.09 47.06
N LEU E 222 11.96 35.09 45.73
CA LEU E 222 13.05 35.62 44.87
C LEU E 222 12.76 37.11 44.71
N TRP E 223 13.78 37.94 44.70
CA TRP E 223 13.63 39.37 44.35
C TRP E 223 14.65 39.73 43.28
N PHE E 224 14.39 40.82 42.55
CA PHE E 224 15.23 41.25 41.44
C PHE E 224 14.93 42.73 41.24
N LYS E 225 15.94 43.48 40.83
CA LYS E 225 15.76 44.90 40.45
C LYS E 225 16.73 45.25 39.32
N ALA E 226 16.48 46.40 38.69
CA ALA E 226 17.30 46.91 37.58
C ALA E 226 17.14 48.42 37.54
N GLY E 227 18.16 49.13 37.07
CA GLY E 227 18.13 50.59 36.87
C GLY E 227 18.66 51.30 38.10
N GLY E 228 18.74 52.63 38.02
CA GLY E 228 19.31 53.49 39.08
C GLY E 228 20.66 52.96 39.53
N ASP E 229 20.85 52.81 40.85
CA ASP E 229 22.15 52.45 41.46
C ASP E 229 22.26 50.93 41.62
N SER E 230 21.35 50.16 41.03
CA SER E 230 21.41 48.67 41.05
C SER E 230 22.80 48.20 40.57
N ARG E 231 23.42 47.26 41.29
CA ARG E 231 24.72 46.68 40.87
C ARG E 231 24.74 45.22 41.30
N SER E 232 24.99 44.30 40.37
CA SER E 232 24.82 42.85 40.64
C SER E 232 25.75 42.42 41.78
N THR E 233 25.20 41.70 42.74
CA THR E 233 25.92 41.03 43.83
C THR E 233 26.05 39.54 43.50
N ILE E 234 25.58 39.11 42.32
CA ILE E 234 25.46 37.66 41.96
C ILE E 234 26.05 37.43 40.56
N GLY E 235 27.07 38.20 40.18
CA GLY E 235 27.72 38.09 38.87
C GLY E 235 26.74 38.27 37.73
N THR E 236 26.72 37.33 36.79
CA THR E 236 25.84 37.35 35.58
C THR E 236 24.52 36.66 35.92
N GLY E 237 24.46 35.96 37.05
CA GLY E 237 23.24 35.27 37.49
C GLY E 237 23.54 34.20 38.50
N LYS E 238 22.50 33.70 39.16
CA LYS E 238 22.61 32.72 40.26
C LYS E 238 21.26 32.02 40.39
N THR E 239 21.27 30.78 40.83
CA THR E 239 20.07 29.95 41.10
C THR E 239 19.77 30.00 42.60
N PHE E 240 18.49 29.95 42.97
CA PHE E 240 17.99 30.03 44.36
C PHE E 240 16.84 29.05 44.49
N THR E 241 16.71 28.43 45.66
CA THR E 241 15.62 27.50 46.01
C THR E 241 14.75 28.13 47.10
N LEU E 242 13.44 28.06 46.95
CA LEU E 242 12.46 28.48 47.96
C LEU E 242 11.91 27.23 48.64
N ASN E 243 11.42 27.38 49.87
CA ASN E 243 10.87 26.25 50.67
C ASN E 243 9.36 26.16 50.44
N GLN E 244 8.88 26.46 49.23
CA GLN E 244 7.44 26.35 48.91
C GLN E 244 7.04 24.88 48.92
N PRO E 245 5.79 24.55 49.28
CA PRO E 245 5.34 23.16 49.24
C PRO E 245 5.35 22.63 47.80
N SER E 246 5.58 21.32 47.64
CA SER E 246 5.65 20.68 46.31
C SER E 246 4.26 20.70 45.66
N GLN E 247 3.17 20.75 46.45
CA GLN E 247 1.79 20.95 45.95
C GLN E 247 1.36 22.38 46.22
N PRO E 248 0.75 23.07 45.24
CA PRO E 248 0.27 24.44 45.45
C PRO E 248 -0.94 24.45 46.40
N GLU E 249 -1.10 25.54 47.16
CA GLU E 249 -2.28 25.76 48.03
C GLU E 249 -3.44 26.18 47.13
N ILE E 250 -4.42 25.28 47.01
CA ILE E 250 -5.63 25.46 46.16
C ILE E 250 -6.80 25.62 47.13
N GLY E 251 -7.55 26.71 46.99
CA GLY E 251 -8.76 26.94 47.79
C GLY E 251 -9.87 25.99 47.37
N LYS E 252 -11.07 26.27 47.85
CA LYS E 252 -12.27 25.45 47.56
C LYS E 252 -13.23 26.26 46.70
N LEU E 253 -14.00 25.54 45.89
CA LEU E 253 -15.14 26.11 45.16
C LEU E 253 -16.31 26.14 46.13
N ASP E 254 -16.99 27.27 46.22
CA ASP E 254 -18.11 27.48 47.19
C ASP E 254 -19.04 28.50 46.56
N TYR E 255 -20.33 28.17 46.44
CA TYR E 255 -21.33 29.06 45.81
C TYR E 255 -22.68 28.84 46.46
N ASP E 256 -23.55 29.83 46.31
CA ASP E 256 -24.97 29.76 46.74
C ASP E 256 -25.81 29.86 45.48
N VAL E 257 -26.79 28.97 45.37
CA VAL E 257 -27.85 29.10 44.33
C VAL E 257 -28.78 30.23 44.80
N LYS E 258 -29.04 31.20 43.92
CA LYS E 258 -29.77 32.43 44.27
C LYS E 258 -31.23 32.30 43.84
N SER E 259 -31.48 31.68 42.69
CA SER E 259 -32.84 31.42 42.16
C SER E 259 -32.85 30.05 41.47
N THR E 260 -33.98 29.35 41.57
CA THR E 260 -34.24 28.06 40.89
C THR E 260 -35.75 27.92 40.73
N TYR E 261 -36.31 28.53 39.68
CA TYR E 261 -37.78 28.58 39.50
C TYR E 261 -38.14 28.46 38.02
N TYR E 262 -39.36 27.98 37.80
CA TYR E 262 -39.97 27.71 36.48
C TYR E 262 -41.34 28.42 36.43
N GLU E 263 -41.53 29.28 35.43
CA GLU E 263 -42.71 30.18 35.33
C GLU E 263 -42.87 30.60 33.87
N ASN E 264 -44.07 30.42 33.30
CA ASN E 264 -44.41 30.81 31.89
C ASN E 264 -43.42 30.14 30.93
N GLU E 265 -43.13 28.86 31.16
CA GLU E 265 -42.29 28.00 30.29
C GLU E 265 -40.87 28.58 30.18
N LYS E 266 -40.38 29.21 31.25
CA LYS E 266 -38.98 29.73 31.35
C LYS E 266 -38.37 29.23 32.67
N LEU E 267 -37.25 28.51 32.57
CA LEU E 267 -36.45 28.04 33.73
C LEU E 267 -35.39 29.11 34.00
N ASN E 268 -35.34 29.58 35.25
CA ASN E 268 -34.32 30.57 35.73
C ASN E 268 -33.55 29.93 36.86
N ILE E 269 -32.24 29.78 36.67
CA ILE E 269 -31.31 29.26 37.70
C ILE E 269 -30.10 30.19 37.66
N THR E 270 -29.79 30.78 38.81
CA THR E 270 -28.66 31.72 38.99
C THR E 270 -27.93 31.30 40.25
N TRP E 271 -26.66 31.68 40.35
CA TRP E 271 -25.82 31.36 41.51
C TRP E 271 -24.78 32.48 41.66
N GLN E 272 -24.13 32.49 42.80
CA GLN E 272 -23.06 33.46 43.10
C GLN E 272 -21.99 32.71 43.87
N LEU E 273 -20.77 32.70 43.33
CA LEU E 273 -19.63 32.13 44.06
C LEU E 273 -19.41 33.07 45.24
N LYS E 274 -18.99 32.51 46.37
CA LYS E 274 -18.59 33.27 47.57
C LYS E 274 -17.38 34.11 47.18
N ASP E 275 -17.23 35.27 47.84
CA ASP E 275 -16.10 36.21 47.66
C ASP E 275 -14.76 35.47 47.63
N SER E 276 -14.59 34.47 48.50
CA SER E 276 -13.33 33.72 48.73
C SER E 276 -13.24 32.45 47.87
N SER E 277 -14.19 32.19 47.00
CA SER E 277 -14.23 30.94 46.20
C SER E 277 -13.12 30.97 45.15
N THR E 278 -12.59 29.81 44.81
CA THR E 278 -11.87 29.60 43.53
C THR E 278 -12.82 30.01 42.40
N PRO E 279 -12.30 30.46 41.25
CA PRO E 279 -13.14 30.98 40.18
C PRO E 279 -13.75 29.88 39.31
N GLN E 280 -14.90 30.19 38.73
CA GLN E 280 -15.71 29.25 37.92
C GLN E 280 -15.00 28.97 36.58
N PHE E 281 -14.91 27.69 36.21
CA PHE E 281 -14.36 27.27 34.90
C PHE E 281 -15.51 26.86 33.96
N LYS E 282 -16.46 26.09 34.46
CA LYS E 282 -17.61 25.67 33.62
C LYS E 282 -18.75 25.22 34.52
N GLY E 283 -19.88 24.99 33.88
CA GLY E 283 -21.10 24.56 34.56
C GLY E 283 -21.89 23.62 33.69
N LYS E 284 -22.76 22.85 34.33
CA LYS E 284 -23.76 21.99 33.67
C LYS E 284 -24.93 21.86 34.63
N ILE E 285 -26.13 21.75 34.07
CA ILE E 285 -27.35 21.55 34.90
C ILE E 285 -28.15 20.43 34.27
N GLU E 286 -28.33 19.35 35.03
CA GLU E 286 -29.22 18.23 34.68
C GLU E 286 -30.55 18.46 35.41
N ILE E 287 -31.66 18.27 34.73
CA ILE E 287 -33.02 18.39 35.32
C ILE E 287 -33.66 17.01 35.33
N TYR E 288 -34.07 16.57 36.51
CA TYR E 288 -34.67 15.25 36.77
C TYR E 288 -36.12 15.44 37.19
N ASN E 289 -36.95 14.44 36.90
CA ASN E 289 -38.38 14.40 37.29
C ASN E 289 -38.53 13.71 38.66
N ASN E 290 -37.44 13.44 39.38
CA ASN E 290 -37.47 12.72 40.68
C ASN E 290 -36.36 13.26 41.59
N GLU E 291 -36.62 13.23 42.90
CA GLU E 291 -35.72 13.76 43.96
C GLU E 291 -34.39 13.01 43.98
N ASN E 292 -34.40 11.69 43.75
CA ASN E 292 -33.18 10.86 43.90
C ASN E 292 -32.25 11.04 42.69
N MET E 293 -32.74 11.65 41.61
CA MET E 293 -32.01 11.85 40.33
C MET E 293 -31.50 10.49 39.81
N THR E 294 -32.39 9.50 39.81
CA THR E 294 -32.21 8.19 39.15
C THR E 294 -32.65 8.32 37.69
N GLY E 295 -32.30 7.33 36.88
CA GLY E 295 -32.61 7.33 35.44
C GLY E 295 -31.92 8.44 34.68
N GLN E 296 -32.54 8.88 33.59
CA GLN E 296 -32.01 9.91 32.69
C GLN E 296 -32.66 11.24 33.03
N PRO E 297 -31.88 12.34 33.00
CA PRO E 297 -32.46 13.67 33.10
C PRO E 297 -33.45 13.87 31.95
N ILE E 298 -34.51 14.64 32.18
CA ILE E 298 -35.49 15.03 31.14
C ILE E 298 -34.89 16.17 30.32
N ASN E 299 -33.96 16.93 30.88
CA ASN E 299 -33.25 17.98 30.10
C ASN E 299 -31.88 18.23 30.71
N VAL E 300 -30.96 18.66 29.87
CA VAL E 300 -29.57 19.00 30.29
C VAL E 300 -29.23 20.33 29.65
N ILE E 301 -28.67 21.23 30.46
CA ILE E 301 -28.09 22.50 29.96
C ILE E 301 -26.58 22.33 30.06
N ASN E 302 -25.92 22.27 28.91
CA ASN E 302 -24.46 21.98 28.80
C ASN E 302 -23.70 23.27 28.49
N ASP E 303 -22.38 23.21 28.67
CA ASP E 303 -21.42 24.23 28.14
C ASP E 303 -21.76 25.59 28.76
N ILE E 304 -22.07 25.62 30.07
CA ILE E 304 -22.17 26.90 30.81
C ILE E 304 -20.72 27.37 31.02
N LYS E 305 -20.42 28.59 30.59
CA LYS E 305 -19.03 29.11 30.46
C LYS E 305 -18.54 29.63 31.81
N SER E 306 -17.22 29.89 31.93
CA SER E 306 -16.59 30.48 33.13
C SER E 306 -17.29 31.79 33.52
N TYR E 307 -17.71 32.58 32.52
CA TYR E 307 -18.23 33.96 32.70
C TYR E 307 -19.77 33.99 32.80
N GLN E 308 -20.44 32.86 32.96
CA GLN E 308 -21.93 32.81 33.07
C GLN E 308 -22.33 32.35 34.47
N ASN E 309 -23.10 33.15 35.20
CA ASN E 309 -23.52 32.83 36.59
C ASN E 309 -25.03 32.52 36.62
N GLY E 310 -25.62 32.25 35.46
CA GLY E 310 -27.03 31.77 35.43
C GLY E 310 -27.48 31.37 34.06
N ILE E 311 -28.71 30.85 33.97
CA ILE E 311 -29.37 30.48 32.69
C ILE E 311 -30.82 30.94 32.79
N SER E 312 -31.38 31.35 31.65
CA SER E 312 -32.80 31.68 31.45
C SER E 312 -33.21 31.01 30.13
N GLN E 313 -33.97 29.92 30.20
CA GLN E 313 -34.20 29.05 29.02
C GLN E 313 -35.68 28.71 28.88
N SER E 314 -36.19 28.84 27.66
CA SER E 314 -37.53 28.36 27.24
C SER E 314 -37.51 26.84 27.23
N ILE E 315 -38.42 26.20 27.97
CA ILE E 315 -38.40 24.73 28.20
C ILE E 315 -39.77 24.29 28.75
N SER E 316 -40.23 23.09 28.38
CA SER E 316 -41.46 22.45 28.92
C SER E 316 -41.06 21.48 30.04
N LEU E 317 -41.47 21.76 31.27
CA LEU E 317 -41.19 20.91 32.46
C LEU E 317 -42.49 20.44 33.09
N PRO E 318 -42.51 19.21 33.63
CA PRO E 318 -43.59 18.74 34.49
C PRO E 318 -43.51 19.35 35.88
N THR E 319 -44.40 18.92 36.79
CA THR E 319 -44.72 19.56 38.09
C THR E 319 -43.53 19.55 39.04
N ASN E 320 -42.95 18.38 39.35
CA ASN E 320 -41.95 18.23 40.44
C ASN E 320 -40.58 17.93 39.83
N THR E 321 -39.81 18.95 39.49
CA THR E 321 -38.46 18.79 38.87
C THR E 321 -37.39 19.21 39.89
N TYR E 322 -36.21 18.61 39.73
CA TYR E 322 -35.02 18.81 40.58
C TYR E 322 -33.85 19.11 39.64
N ALA E 323 -33.03 20.09 40.00
CA ALA E 323 -31.88 20.53 39.22
C ALA E 323 -30.62 20.04 39.93
N LYS E 324 -29.78 19.30 39.20
CA LYS E 324 -28.41 18.96 39.61
C LYS E 324 -27.49 20.00 39.00
N ILE E 325 -27.00 20.91 39.84
CA ILE E 325 -26.12 22.03 39.40
C ILE E 325 -24.70 21.55 39.64
N VAL E 326 -23.93 21.44 38.56
CA VAL E 326 -22.54 20.93 38.59
C VAL E 326 -21.63 22.07 38.13
N LEU E 327 -20.95 22.72 39.07
CA LEU E 327 -19.96 23.77 38.74
C LEU E 327 -18.57 23.19 38.98
N THR E 328 -17.62 23.54 38.11
CA THR E 328 -16.20 23.20 38.34
C THR E 328 -15.36 24.45 38.20
N ASP E 329 -14.33 24.51 39.04
CA ASP E 329 -13.42 25.67 39.12
C ASP E 329 -12.24 25.45 38.18
N ILE E 330 -11.36 26.45 38.11
CA ILE E 330 -10.21 26.44 37.16
C ILE E 330 -9.21 25.35 37.56
N PHE E 331 -9.32 24.78 38.76
CA PHE E 331 -8.47 23.65 39.19
C PHE E 331 -9.17 22.31 39.04
N ASP E 332 -10.26 22.27 38.27
CA ASP E 332 -11.05 21.03 38.00
C ASP E 332 -11.66 20.47 39.30
N GLN E 333 -11.89 21.29 40.32
CA GLN E 333 -12.66 20.86 41.51
C GLN E 333 -14.13 21.05 41.19
N THR E 334 -14.94 20.03 41.47
CA THR E 334 -16.38 20.07 41.15
C THR E 334 -17.20 20.16 42.45
N VAL E 335 -18.17 21.04 42.48
CA VAL E 335 -19.18 21.09 43.57
C VAL E 335 -20.57 20.98 42.95
N GLU E 336 -21.29 19.96 43.40
CA GLU E 336 -22.64 19.61 42.88
C GLU E 336 -23.68 19.97 43.94
N LYS E 337 -24.71 20.73 43.59
CA LYS E 337 -25.89 20.99 44.46
C LYS E 337 -27.15 20.43 43.80
N LYS E 338 -28.06 19.89 44.61
CA LYS E 338 -29.41 19.44 44.18
C LYS E 338 -30.42 20.43 44.73
N VAL E 339 -31.18 21.09 43.86
CA VAL E 339 -32.20 22.09 44.28
C VAL E 339 -33.53 21.73 43.62
N LYS E 340 -34.60 21.72 44.42
CA LYS E 340 -35.98 21.54 43.89
C LYS E 340 -36.31 22.80 43.07
N ILE E 341 -36.82 22.64 41.86
CA ILE E 341 -37.24 23.80 41.02
C ILE E 341 -38.61 24.27 41.54
N LYS E 342 -38.74 25.57 41.87
CA LYS E 342 -39.99 26.18 42.40
C LYS E 342 -40.83 26.71 41.24
N ASN E 343 -42.05 27.19 41.53
CA ASN E 343 -42.93 27.91 40.56
C ASN E 343 -43.17 29.38 40.96
N GLU E 344 -42.20 30.06 41.58
CA GLU E 344 -42.29 31.50 41.98
C GLU E 344 -42.71 32.34 40.75
N GLY F 1 -21.33 65.53 56.95
CA GLY F 1 -22.01 64.80 58.03
C GLY F 1 -23.25 65.53 58.51
N GLY F 2 -23.61 65.37 59.78
CA GLY F 2 -24.74 66.14 60.34
C GLY F 2 -26.05 65.36 60.39
N GLY F 3 -26.06 64.13 59.89
CA GLY F 3 -27.28 63.32 59.99
C GLY F 3 -27.20 62.30 61.12
N ALA F 4 -28.12 61.34 61.12
CA ALA F 4 -28.02 60.24 62.10
C ALA F 4 -26.63 59.60 62.04
N SER F 5 -26.18 59.03 63.15
CA SER F 5 -24.81 58.49 63.30
C SER F 5 -24.90 56.98 63.26
N ALA F 6 -23.89 56.32 62.70
CA ALA F 6 -23.72 54.85 62.84
C ALA F 6 -23.54 54.60 64.34
N PRO F 7 -24.08 53.50 64.86
CA PRO F 7 -23.78 53.12 66.25
C PRO F 7 -22.31 52.74 66.39
N GLY F 8 -21.73 53.07 67.55
CA GLY F 8 -20.37 52.65 67.90
C GLY F 8 -20.35 51.13 68.06
N VAL F 9 -19.20 50.53 67.79
CA VAL F 9 -18.93 49.10 68.11
C VAL F 9 -17.68 49.04 68.96
N TYR F 10 -17.71 48.22 70.01
CA TYR F 10 -16.61 48.00 70.98
C TYR F 10 -16.16 46.55 70.88
N VAL F 11 -14.85 46.36 70.80
CA VAL F 11 -14.20 45.03 70.88
C VAL F 11 -13.30 45.06 72.12
N THR F 12 -13.59 44.18 73.09
CA THR F 12 -13.02 44.26 74.44
C THR F 12 -12.43 42.91 74.83
N PRO F 13 -11.13 42.85 75.18
CA PRO F 13 -10.54 41.61 75.67
C PRO F 13 -11.22 41.17 76.96
N LYS F 14 -11.31 39.86 77.16
CA LYS F 14 -11.91 39.28 78.39
C LYS F 14 -10.90 39.33 79.53
N ASN F 15 -9.60 39.43 79.25
CA ASN F 15 -8.53 39.12 80.23
C ASN F 15 -7.42 40.17 80.24
N SER F 16 -7.68 41.43 79.87
CA SER F 16 -6.60 42.43 79.87
C SER F 16 -6.29 42.85 81.30
N VAL F 17 -5.03 43.23 81.55
CA VAL F 17 -4.54 43.71 82.88
C VAL F 17 -3.69 44.97 82.69
N SER F 18 -3.28 45.58 83.80
CA SER F 18 -2.34 46.74 83.80
C SER F 18 -1.07 46.36 83.04
N SER F 19 -0.72 47.15 82.05
CA SER F 19 0.31 46.84 81.04
C SER F 19 1.24 48.03 80.81
N ASP F 20 2.49 47.78 80.42
CA ASP F 20 3.39 48.85 79.94
C ASP F 20 3.55 48.76 78.41
N ILE F 21 3.18 47.64 77.77
CA ILE F 21 3.13 47.50 76.30
C ILE F 21 1.75 46.96 75.93
N ILE F 22 1.09 47.59 74.94
CA ILE F 22 -0.19 47.09 74.39
C ILE F 22 -0.06 47.06 72.86
N SER F 23 -0.53 45.97 72.25
CA SER F 23 -0.35 45.74 70.81
C SER F 23 -1.62 45.15 70.23
N ILE F 24 -2.01 45.59 69.03
CA ILE F 24 -3.08 44.91 68.26
C ILE F 24 -2.84 45.14 66.77
N ASP F 25 -3.32 44.21 65.95
CA ASP F 25 -3.25 44.26 64.46
C ASP F 25 -4.64 44.62 63.93
N TRP F 26 -4.69 45.57 62.98
CA TRP F 26 -5.93 46.13 62.43
C TRP F 26 -5.83 46.14 60.90
N SER F 27 -6.95 45.84 60.26
CA SER F 27 -7.10 45.88 58.77
C SER F 27 -8.44 46.48 58.42
N PRO F 28 -8.45 47.60 57.66
CA PRO F 28 -9.68 48.23 57.23
C PRO F 28 -10.30 47.48 56.03
N VAL F 29 -11.61 47.34 56.03
CA VAL F 29 -12.38 46.69 54.92
C VAL F 29 -13.28 47.72 54.23
N GLN F 30 -14.10 48.47 54.96
CA GLN F 30 -14.92 49.56 54.39
C GLN F 30 -14.70 50.82 55.22
N THR F 31 -14.56 51.99 54.59
CA THR F 31 -13.97 53.17 55.26
C THR F 31 -14.83 54.40 55.01
N ALA F 32 -16.04 54.42 55.58
CA ALA F 32 -16.89 55.63 55.61
C ALA F 32 -16.08 56.79 56.15
N PRO F 33 -16.26 58.02 55.62
CA PRO F 33 -15.57 59.17 56.19
C PRO F 33 -16.06 59.41 57.63
N TYR F 34 -15.20 60.07 58.40
CA TYR F 34 -15.47 60.52 59.80
C TYR F 34 -15.56 59.26 60.68
N THR F 35 -14.73 58.28 60.37
CA THR F 35 -14.61 57.03 61.18
C THR F 35 -13.30 57.06 61.95
N TYR F 36 -13.36 56.82 63.26
CA TYR F 36 -12.18 56.61 64.12
C TYR F 36 -12.23 55.17 64.63
N TRP F 37 -11.24 54.41 64.26
CA TRP F 37 -10.91 53.07 64.85
C TRP F 37 -9.90 53.35 65.95
N ALA F 38 -10.39 53.59 67.16
CA ALA F 38 -9.50 53.73 68.32
C ALA F 38 -9.14 52.32 68.79
N VAL F 39 -8.00 51.80 68.36
CA VAL F 39 -7.68 50.35 68.57
C VAL F 39 -7.11 50.16 69.98
N HIS F 40 -6.64 51.24 70.60
CA HIS F 40 -6.10 51.26 71.98
C HIS F 40 -6.80 52.36 72.76
N ASN F 41 -7.19 52.05 73.99
CA ASN F 41 -7.88 52.98 74.92
C ASN F 41 -7.38 52.65 76.30
N TRP F 42 -7.15 53.65 77.14
CA TRP F 42 -6.72 53.38 78.54
C TRP F 42 -7.19 54.49 79.48
N ASN F 43 -7.42 54.10 80.73
CA ASN F 43 -7.56 55.01 81.89
C ASN F 43 -8.72 56.01 81.70
N GLN F 44 -9.89 55.53 81.29
CA GLN F 44 -11.07 56.38 81.05
C GLN F 44 -11.43 57.12 82.35
N GLY F 45 -11.54 58.44 82.28
CA GLY F 45 -11.90 59.24 83.48
C GLY F 45 -10.74 59.36 84.43
N GLY F 46 -9.54 58.90 84.06
CA GLY F 46 -8.41 58.74 85.00
C GLY F 46 -7.17 59.46 84.56
N GLU F 47 -6.16 59.50 85.42
CA GLU F 47 -4.86 60.15 85.16
C GLU F 47 -4.21 59.47 83.94
N ALA F 48 -3.83 60.30 82.98
CA ALA F 48 -3.14 59.92 81.72
C ALA F 48 -4.07 59.05 80.86
N GLY F 49 -5.38 59.26 80.96
CA GLY F 49 -6.34 58.73 79.99
C GLY F 49 -5.89 59.03 78.57
N GLY F 50 -6.01 58.07 77.67
CA GLY F 50 -5.60 58.28 76.27
C GLY F 50 -6.22 57.27 75.33
N TYR F 51 -5.96 57.48 74.04
CA TYR F 51 -6.33 56.52 72.99
C TYR F 51 -5.42 56.71 71.78
N ALA F 52 -5.48 55.73 70.89
CA ALA F 52 -4.70 55.76 69.65
C ALA F 52 -5.37 54.84 68.62
N GLY F 53 -5.19 55.16 67.35
CA GLY F 53 -5.71 54.33 66.27
C GLY F 53 -5.62 55.04 64.93
N PHE F 54 -6.59 54.78 64.10
CA PHE F 54 -6.62 55.12 62.66
C PHE F 54 -7.88 55.91 62.37
N GLN F 55 -7.79 56.94 61.51
CA GLN F 55 -8.98 57.71 61.11
C GLN F 55 -9.07 57.82 59.58
N GLN F 56 -10.27 57.63 59.05
CA GLN F 56 -10.70 58.13 57.72
C GLN F 56 -11.30 59.51 57.95
N GLN F 57 -10.50 60.55 57.80
CA GLN F 57 -10.92 61.94 58.14
C GLN F 57 -11.78 62.54 57.03
N SER F 58 -11.63 62.11 55.78
CA SER F 58 -12.45 62.58 54.65
C SER F 58 -12.45 61.53 53.54
N GLY F 59 -13.51 61.50 52.73
CA GLY F 59 -13.66 60.61 51.57
C GLY F 59 -13.92 59.18 52.00
N PHE F 60 -14.09 58.28 51.04
CA PHE F 60 -14.58 56.90 51.22
C PHE F 60 -13.45 55.87 50.99
N ASP F 61 -12.26 56.32 50.57
CA ASP F 61 -11.24 55.41 50.03
C ASP F 61 -9.87 56.04 50.25
N GLU F 62 -8.84 55.42 49.65
CA GLU F 62 -7.42 55.83 49.80
C GLU F 62 -7.18 57.23 49.25
N ASN F 63 -8.08 57.76 48.42
CA ASN F 63 -7.93 59.13 47.87
C ASN F 63 -8.39 60.17 48.89
N GLY F 64 -9.04 59.74 49.97
CA GLY F 64 -9.40 60.61 51.12
C GLY F 64 -8.21 60.84 52.04
N LYS F 65 -8.46 61.48 53.19
CA LYS F 65 -7.38 61.80 54.15
C LYS F 65 -7.35 60.69 55.20
N ARG F 66 -6.34 59.84 55.14
CA ARG F 66 -6.18 58.72 56.13
C ARG F 66 -5.07 59.07 57.11
N THR F 67 -5.32 58.83 58.41
CA THR F 67 -4.35 59.21 59.47
C THR F 67 -4.19 58.11 60.54
N LEU F 68 -3.17 58.29 61.36
CA LEU F 68 -3.04 57.69 62.71
C LEU F 68 -3.41 58.80 63.70
N HIS F 69 -3.83 58.39 64.88
CA HIS F 69 -4.30 59.28 65.95
C HIS F 69 -3.68 58.78 67.25
N PHE F 70 -3.44 59.70 68.17
CA PHE F 70 -2.79 59.45 69.49
C PHE F 70 -3.14 60.68 70.33
N ALA F 71 -3.73 60.50 71.50
CA ALA F 71 -4.12 61.62 72.38
C ALA F 71 -3.91 61.17 73.82
N VAL F 72 -3.48 62.09 74.67
CA VAL F 72 -3.42 61.88 76.15
C VAL F 72 -4.03 63.12 76.77
N TRP F 73 -4.97 62.93 77.69
CA TRP F 73 -5.65 64.05 78.38
C TRP F 73 -4.71 64.68 79.42
N ASP F 74 -4.84 65.98 79.65
CA ASP F 74 -3.99 66.75 80.58
C ASP F 74 -3.98 66.12 81.97
N PRO F 75 -2.85 66.29 82.67
CA PRO F 75 -2.74 65.86 84.06
C PRO F 75 -3.85 66.41 84.96
N ILE F 76 -4.30 65.62 85.93
CA ILE F 76 -5.43 65.98 86.83
C ILE F 76 -4.99 67.14 87.75
N SER F 77 -3.82 67.03 88.36
CA SER F 77 -3.32 67.99 89.38
C SER F 77 -2.16 68.83 88.82
N SER F 78 -1.14 68.19 88.21
CA SER F 78 0.10 68.89 87.80
C SER F 78 -0.26 70.01 86.81
N LYS F 79 0.43 71.13 86.91
CA LYS F 79 0.25 72.29 86.02
C LYS F 79 1.33 72.25 84.95
N GLU F 80 2.24 71.27 84.99
CA GLU F 80 3.29 71.12 83.94
C GLU F 80 2.58 70.61 82.68
N ALA F 81 3.05 71.06 81.52
CA ALA F 81 2.46 70.70 80.20
C ALA F 81 2.91 69.28 79.82
N ILE F 82 2.04 68.56 79.12
CA ILE F 82 2.44 67.38 78.30
C ILE F 82 3.29 67.93 77.15
N LYS F 83 4.43 67.31 76.91
CA LYS F 83 5.37 67.69 75.84
C LYS F 83 5.28 66.65 74.73
N ALA F 84 5.26 67.10 73.47
CA ALA F 84 5.52 66.24 72.30
C ALA F 84 7.03 66.07 72.19
N GLU F 85 7.57 64.99 72.77
CA GLU F 85 9.03 64.76 72.79
C GLU F 85 9.53 64.41 71.39
N TYR F 86 8.73 63.66 70.63
CA TYR F 86 9.06 63.23 69.25
C TYR F 86 7.79 63.17 68.44
N VAL F 87 7.85 63.71 67.22
CA VAL F 87 6.78 63.57 66.18
C VAL F 87 7.48 63.13 64.90
N SER F 88 6.89 62.20 64.17
CA SER F 88 7.47 61.66 62.91
C SER F 88 7.34 62.78 61.87
N PRO F 89 8.02 62.68 60.71
CA PRO F 89 7.95 63.73 59.70
C PRO F 89 6.54 64.06 59.20
N THR F 90 5.58 63.13 59.28
CA THR F 90 4.18 63.37 58.83
C THR F 90 3.25 63.53 60.03
N SER F 91 3.80 63.72 61.22
CA SER F 91 3.02 63.88 62.47
C SER F 91 2.95 65.36 62.83
N VAL F 92 1.79 65.79 63.35
CA VAL F 92 1.63 67.13 63.95
C VAL F 92 1.03 66.99 65.35
N ALA F 93 1.73 67.54 66.34
CA ALA F 93 1.29 67.66 67.74
C ALA F 93 0.46 68.94 67.90
N SER F 94 -0.69 68.88 68.55
CA SER F 94 -1.50 70.07 68.86
C SER F 94 -2.25 69.83 70.16
N ASN F 95 -2.58 70.91 70.86
CA ASN F 95 -3.41 70.85 72.09
C ASN F 95 -4.86 70.81 71.63
N PHE F 96 -5.67 69.96 72.25
CA PHE F 96 -7.12 69.89 72.01
C PHE F 96 -7.82 70.50 73.22
N GLY F 97 -9.07 70.94 73.02
CA GLY F 97 -9.96 71.53 74.02
C GLY F 97 -11.40 71.24 73.64
N GLY F 98 -12.35 71.53 74.53
CA GLY F 98 -13.79 71.35 74.28
C GLY F 98 -14.20 69.90 74.27
N GLU F 99 -13.33 69.01 74.74
CA GLU F 99 -13.61 67.56 74.89
C GLU F 99 -12.66 67.09 76.00
N GLY F 100 -12.67 67.82 77.12
CA GLY F 100 -11.51 67.95 78.01
C GLY F 100 -10.37 68.60 77.26
N THR F 101 -9.19 68.59 77.85
CA THR F 101 -7.99 69.22 77.25
C THR F 101 -6.85 68.21 77.28
N GLY F 102 -5.91 68.35 76.36
CA GLY F 102 -4.69 67.54 76.36
C GLY F 102 -3.92 67.69 75.07
N LEU F 103 -3.14 66.69 74.76
CA LEU F 103 -2.20 66.71 73.61
C LEU F 103 -2.60 65.59 72.66
N LYS F 104 -2.64 65.91 71.38
CA LYS F 104 -2.87 64.88 70.34
C LYS F 104 -1.76 64.98 69.31
N ILE F 105 -1.45 63.84 68.71
CA ILE F 105 -0.55 63.73 67.55
C ILE F 105 -1.39 63.08 66.43
N GLN F 106 -1.58 63.81 65.34
CA GLN F 106 -2.24 63.33 64.10
C GLN F 106 -1.16 63.11 63.05
N THR F 107 -1.16 61.95 62.41
CA THR F 107 -0.09 61.50 61.50
C THR F 107 -0.74 61.15 60.16
N THR F 108 -0.38 61.86 59.08
CA THR F 108 -0.82 61.43 57.73
C THR F 108 -0.15 60.09 57.44
N TYR F 109 -0.95 59.12 57.04
CA TYR F 109 -0.45 57.74 56.84
C TYR F 109 -1.34 57.04 55.83
N ASP F 110 -0.78 56.65 54.69
CA ASP F 110 -1.56 56.09 53.54
CA ASP F 110 -1.57 56.09 53.56
C ASP F 110 -1.79 54.60 53.78
N TRP F 111 -2.55 54.24 54.81
CA TRP F 111 -2.86 52.83 55.09
C TRP F 111 -3.91 52.37 54.07
N LYS F 112 -3.94 51.07 53.80
CA LYS F 112 -4.66 50.47 52.65
C LYS F 112 -5.65 49.42 53.10
N ASN F 113 -6.75 49.32 52.37
CA ASN F 113 -7.79 48.31 52.63
C ASN F 113 -7.15 46.92 52.50
N TYR F 114 -7.51 46.03 53.42
CA TYR F 114 -7.14 44.59 53.44
C TYR F 114 -5.65 44.42 53.70
N ASN F 115 -4.96 45.46 54.14
CA ASN F 115 -3.56 45.37 54.63
C ASN F 115 -3.61 45.43 56.17
N TRP F 116 -2.58 44.90 56.82
CA TRP F 116 -2.52 44.75 58.29
C TRP F 116 -1.57 45.79 58.83
N TYR F 117 -1.99 46.45 59.91
CA TYR F 117 -1.17 47.45 60.60
C TYR F 117 -1.12 47.08 62.09
N ARG F 118 0.09 47.02 62.60
CA ARG F 118 0.31 46.65 64.02
C ARG F 118 0.59 47.94 64.77
N MET F 119 -0.33 48.36 65.63
CA MET F 119 -0.07 49.53 66.51
C MET F 119 0.35 49.00 67.89
N THR F 120 1.58 49.32 68.28
CA THR F 120 2.18 48.98 69.58
C THR F 120 2.49 50.26 70.34
N MET F 121 1.96 50.39 71.54
CA MET F 121 2.16 51.53 72.46
C MET F 121 3.00 51.04 73.63
N ARG F 122 3.91 51.88 74.08
CA ARG F 122 4.68 51.57 75.28
C ARG F 122 4.64 52.77 76.22
N SER F 123 4.51 52.52 77.50
CA SER F 123 4.65 53.56 78.55
C SER F 123 5.85 53.20 79.39
N TRP F 124 6.64 54.18 79.78
CA TRP F 124 7.87 53.92 80.57
C TRP F 124 8.17 55.12 81.47
N GLN F 125 8.95 54.87 82.52
CA GLN F 125 9.44 55.87 83.49
C GLN F 125 10.78 56.43 83.01
N GLU F 126 10.91 57.75 82.91
CA GLU F 126 12.16 58.43 82.51
C GLU F 126 12.17 59.77 83.24
N ASN F 127 13.20 60.03 84.05
CA ASN F 127 13.44 61.34 84.70
C ASN F 127 12.20 61.79 85.51
N GLY F 128 11.53 60.88 86.21
CA GLY F 128 10.42 61.21 87.11
C GLY F 128 9.13 61.51 86.39
N HIS F 129 9.12 61.37 85.06
CA HIS F 129 7.90 61.51 84.21
C HIS F 129 7.54 60.14 83.62
N THR F 130 6.32 60.01 83.06
CA THR F 130 5.90 58.85 82.25
C THR F 130 5.90 59.24 80.79
N LYS F 131 6.57 58.46 79.94
CA LYS F 131 6.51 58.63 78.47
C LYS F 131 5.49 57.64 77.92
N PHE F 132 4.78 58.07 76.88
CA PHE F 132 3.87 57.23 76.08
C PHE F 132 4.34 57.31 74.62
N GLY F 133 4.65 56.15 74.07
CA GLY F 133 5.15 56.05 72.69
C GLY F 133 4.20 55.26 71.79
N GLN F 134 4.11 55.66 70.53
CA GLN F 134 3.28 55.01 69.50
C GLN F 134 4.20 54.53 68.38
N TRP F 135 4.20 53.21 68.13
CA TRP F 135 4.92 52.56 67.03
C TRP F 135 3.90 51.89 66.11
N LEU F 136 4.21 51.84 64.82
CA LEU F 136 3.31 51.23 63.81
C LEU F 136 4.13 50.37 62.87
N LYS F 137 3.76 49.10 62.77
CA LYS F 137 4.36 48.19 61.78
C LYS F 137 3.43 48.08 60.58
N ASP F 138 3.94 48.41 59.41
CA ASP F 138 3.25 48.14 58.13
C ASP F 138 3.57 46.68 57.79
N VAL F 139 2.61 45.79 57.95
CA VAL F 139 2.87 44.32 57.92
C VAL F 139 3.25 43.94 56.48
N SER F 140 2.57 44.49 55.46
CA SER F 140 2.88 44.20 54.04
C SER F 140 4.34 44.61 53.73
N LYS F 141 4.78 45.78 54.21
CA LYS F 141 6.14 46.31 53.94
C LYS F 141 7.17 45.70 54.89
N ASN F 142 6.71 45.09 55.97
CA ASN F 142 7.58 44.46 57.00
C ASN F 142 8.46 45.54 57.61
N GLN F 143 7.87 46.67 57.96
CA GLN F 143 8.62 47.89 58.36
C GLN F 143 7.93 48.56 59.55
N TRP F 144 8.70 48.78 60.61
CA TRP F 144 8.26 49.53 61.80
C TRP F 144 8.52 51.01 61.58
N LYS F 145 7.72 51.85 62.22
CA LYS F 145 7.99 53.30 62.29
C LYS F 145 7.64 53.81 63.68
N LEU F 146 8.52 54.60 64.28
CA LEU F 146 8.20 55.42 65.47
C LEU F 146 7.31 56.59 65.04
N ILE F 147 6.11 56.72 65.59
CA ILE F 147 5.16 57.79 65.20
C ILE F 147 5.30 59.00 66.13
N GLY F 148 5.27 58.80 67.44
CA GLY F 148 5.22 59.92 68.38
C GLY F 148 5.52 59.48 69.80
N ILE F 149 6.11 60.37 70.60
CA ILE F 149 6.33 60.13 72.05
C ILE F 149 5.80 61.37 72.79
N MET F 150 4.90 61.14 73.73
CA MET F 150 4.41 62.20 74.62
C MET F 150 5.07 62.04 75.98
N ASP F 151 5.49 63.16 76.54
CA ASP F 151 6.16 63.23 77.86
C ASP F 151 5.13 63.75 78.85
N PHE F 152 4.67 62.87 79.72
CA PHE F 152 3.55 63.17 80.64
C PHE F 152 4.13 63.42 82.03
N PRO F 153 3.88 64.60 82.63
CA PRO F 153 4.65 65.06 83.79
C PRO F 153 4.18 64.47 85.13
N VAL F 154 3.89 63.18 85.16
CA VAL F 154 3.45 62.46 86.39
C VAL F 154 4.12 61.10 86.33
N PRO F 155 4.79 60.69 87.43
CA PRO F 155 5.38 59.36 87.49
C PRO F 155 4.33 58.26 87.70
N ASN F 156 4.69 57.04 87.30
CA ASN F 156 4.08 55.76 87.73
C ASN F 156 2.67 55.66 87.18
N VAL F 157 2.40 56.18 85.99
CA VAL F 157 1.12 55.89 85.29
C VAL F 157 1.47 54.94 84.14
N THR F 158 0.49 54.20 83.66
CA THR F 158 0.69 53.18 82.60
C THR F 158 -0.65 52.94 81.91
N PHE F 159 -0.77 51.91 81.06
CA PHE F 159 -2.06 51.45 80.50
C PHE F 159 -2.74 50.62 81.59
N ASN F 160 -3.35 51.32 82.54
CA ASN F 160 -3.68 50.75 83.85
C ASN F 160 -4.95 49.90 83.74
N TYR F 161 -5.97 50.40 83.07
CA TYR F 161 -7.27 49.71 82.87
C TYR F 161 -7.94 50.22 81.60
N GLY F 162 -9.06 49.59 81.22
CA GLY F 162 -9.98 50.08 80.19
C GLY F 162 -9.59 49.71 78.77
N GLN F 163 -8.71 48.72 78.60
CA GLN F 163 -8.30 48.25 77.25
C GLN F 163 -9.55 47.91 76.47
N THR F 164 -9.72 48.56 75.32
CA THR F 164 -10.86 48.31 74.42
C THR F 164 -10.52 48.96 73.08
N LEU F 165 -11.18 48.48 72.05
CA LEU F 165 -11.18 49.09 70.70
C LEU F 165 -12.57 49.64 70.45
N PHE F 166 -12.68 50.79 69.79
CA PHE F 166 -14.00 51.18 69.27
C PHE F 166 -13.85 51.66 67.83
N GLN F 167 -14.91 51.46 67.09
CA GLN F 167 -15.18 52.05 65.76
C GLN F 167 -16.27 53.10 65.97
N ALA F 168 -15.98 54.37 65.67
CA ALA F 168 -16.94 55.47 65.95
C ALA F 168 -17.10 56.33 64.70
N ASP F 169 -18.36 56.67 64.43
CA ASP F 169 -18.80 57.74 63.48
C ASP F 169 -18.87 59.04 64.27
N TRP F 170 -17.99 60.00 64.01
CA TRP F 170 -17.93 61.24 64.82
C TRP F 170 -18.73 62.38 64.20
N LEU F 171 -19.33 62.24 63.02
CA LEU F 171 -19.95 63.41 62.34
C LEU F 171 -21.44 63.19 62.05
N GLY F 172 -21.90 61.95 61.89
CA GLY F 172 -23.31 61.62 61.61
C GLY F 172 -23.50 61.26 60.15
N ASN F 173 -23.02 60.09 59.74
CA ASN F 173 -23.25 59.52 58.39
C ASN F 173 -23.53 58.02 58.54
N GLY F 174 -24.57 57.70 59.31
CA GLY F 174 -25.04 56.33 59.58
C GLY F 174 -25.38 55.56 58.31
N GLN F 175 -25.62 56.25 57.20
CA GLN F 175 -25.91 55.66 55.86
C GLN F 175 -24.66 54.95 55.34
N ASP F 176 -23.48 55.41 55.73
CA ASP F 176 -22.16 54.96 55.17
C ASP F 176 -21.63 53.81 56.05
N VAL F 177 -21.33 52.67 55.44
CA VAL F 177 -20.85 51.46 56.17
CA VAL F 177 -20.84 51.45 56.16
C VAL F 177 -19.35 51.63 56.49
N ARG F 178 -18.94 51.21 57.69
CA ARG F 178 -17.52 51.13 58.12
C ARG F 178 -17.31 49.73 58.70
N GLU F 179 -16.23 49.08 58.31
CA GLU F 179 -15.91 47.67 58.63
C GLU F 179 -14.39 47.55 58.77
N ALA F 180 -13.92 46.79 59.78
CA ALA F 180 -12.49 46.49 59.94
C ALA F 180 -12.38 45.13 60.67
N ARG F 181 -11.17 44.67 60.75
CA ARG F 181 -10.79 43.36 61.33
C ARG F 181 -9.66 43.64 62.33
N VAL F 182 -9.56 42.81 63.39
CA VAL F 182 -8.43 42.92 64.34
C VAL F 182 -8.07 41.50 64.77
N LYS F 183 -6.82 41.33 65.12
CA LYS F 183 -6.27 40.07 65.69
C LYS F 183 -4.98 40.44 66.40
N ASN F 184 -4.35 39.49 67.07
CA ASN F 184 -3.00 39.65 67.68
C ASN F 184 -3.03 40.73 68.74
N GLY F 185 -4.09 40.81 69.53
CA GLY F 185 -4.13 41.64 70.75
C GLY F 185 -3.30 41.05 71.86
N TYR F 186 -2.28 41.78 72.33
CA TYR F 186 -1.41 41.34 73.46
C TYR F 186 -1.07 42.57 74.33
N GLY F 187 -0.93 42.31 75.61
CA GLY F 187 -0.38 43.27 76.58
C GLY F 187 0.80 42.69 77.28
N ARG F 188 1.76 43.53 77.66
CA ARG F 188 2.82 43.10 78.57
C ARG F 188 2.48 43.53 80.00
N ASN F 189 2.47 42.60 80.96
CA ASN F 189 1.95 42.83 82.34
C ASN F 189 2.93 43.73 83.11
N ILE F 190 2.42 44.72 83.83
CA ILE F 190 3.21 45.48 84.84
C ILE F 190 3.72 44.51 85.93
N SER F 191 2.87 43.59 86.35
CA SER F 191 3.13 42.66 87.49
C SER F 191 4.42 41.88 87.27
N ASP F 192 4.59 41.22 86.12
CA ASP F 192 5.69 40.23 85.93
C ASP F 192 6.41 40.39 84.59
N LYS F 193 6.11 41.43 83.80
CA LYS F 193 6.74 41.65 82.46
C LYS F 193 6.48 40.44 81.55
N LYS F 194 5.42 39.68 81.76
CA LYS F 194 5.03 38.55 80.87
C LYS F 194 3.85 39.00 80.01
N TRP F 195 3.63 38.29 78.90
CA TRP F 195 2.58 38.68 77.93
C TRP F 195 1.25 38.05 78.34
N THR F 196 0.21 38.82 78.17
CA THR F 196 -1.20 38.37 78.20
C THR F 196 -1.73 38.37 76.76
N SER F 197 -2.30 37.27 76.32
CA SER F 197 -2.91 37.13 74.96
C SER F 197 -4.40 37.41 75.07
N TRP F 198 -4.90 38.44 74.34
CA TRP F 198 -6.34 38.77 74.26
C TRP F 198 -6.99 37.87 73.20
N ASN F 199 -6.94 36.55 73.36
CA ASN F 199 -7.39 35.58 72.33
C ASN F 199 -8.92 35.55 72.34
N THR F 200 -9.54 35.97 73.42
CA THR F 200 -11.02 35.99 73.61
C THR F 200 -11.46 37.45 73.80
N GLN F 201 -12.27 37.95 72.86
CA GLN F 201 -12.76 39.35 72.91
C GLN F 201 -14.28 39.32 72.70
N SER F 202 -14.98 40.28 73.30
CA SER F 202 -16.42 40.51 73.05
C SER F 202 -16.54 41.58 71.95
N ILE F 203 -17.52 41.43 71.07
CA ILE F 203 -17.94 42.47 70.09
C ILE F 203 -19.34 42.90 70.48
N GLU F 204 -19.55 44.21 70.67
CA GLU F 204 -20.76 44.73 71.34
C GLU F 204 -21.10 46.09 70.71
N GLY F 205 -22.33 46.26 70.27
CA GLY F 205 -22.83 47.59 69.86
C GLY F 205 -22.84 48.54 71.05
N GLN F 206 -22.60 49.82 70.80
CA GLN F 206 -22.58 50.86 71.85
C GLN F 206 -23.98 51.03 72.46
N GLU F 207 -25.02 50.90 71.66
CA GLU F 207 -26.44 51.12 72.05
C GLU F 207 -27.17 49.79 71.94
N PRO F 208 -27.56 49.16 73.07
CA PRO F 208 -28.29 47.89 73.01
C PRO F 208 -29.61 47.96 72.24
N LEU F 209 -30.19 49.15 72.04
CA LEU F 209 -31.46 49.32 71.27
C LEU F 209 -31.18 49.57 69.78
N ASN F 210 -29.91 49.71 69.38
CA ASN F 210 -29.55 49.97 67.96
C ASN F 210 -28.79 48.75 67.40
N ASN F 211 -29.36 48.10 66.38
CA ASN F 211 -28.84 46.85 65.78
C ASN F 211 -28.23 47.12 64.39
N ASN F 212 -27.93 48.38 64.06
CA ASN F 212 -27.35 48.79 62.74
C ASN F 212 -25.83 48.57 62.76
N TRP F 213 -25.38 47.38 63.13
CA TRP F 213 -23.94 47.00 63.22
C TRP F 213 -23.94 45.48 63.22
N ASP F 214 -22.79 44.86 63.04
CA ASP F 214 -22.67 43.37 63.00
C ASP F 214 -21.23 43.02 63.33
N GLY F 215 -20.97 41.76 63.66
CA GLY F 215 -19.63 41.30 64.01
C GLY F 215 -19.58 39.78 63.97
N GLY F 216 -18.38 39.28 63.94
CA GLY F 216 -18.11 37.83 63.98
C GLY F 216 -16.64 37.60 63.92
N ALA F 217 -16.24 36.36 63.68
CA ALA F 217 -14.82 35.97 63.67
C ALA F 217 -14.63 34.84 62.67
N THR F 218 -13.46 34.81 62.08
CA THR F 218 -12.87 33.62 61.42
C THR F 218 -11.89 33.05 62.44
N SER F 219 -11.20 31.98 62.08
CA SER F 219 -10.09 31.42 62.90
C SER F 219 -8.97 32.46 63.03
N GLU F 220 -8.89 33.45 62.13
CA GLU F 220 -7.75 34.41 62.02
C GLU F 220 -8.07 35.75 62.73
N TYR F 221 -9.27 36.29 62.56
CA TYR F 221 -9.57 37.68 63.01
C TYR F 221 -11.01 37.82 63.46
N LEU F 222 -11.26 38.85 64.29
CA LEU F 222 -12.58 39.39 64.64
C LEU F 222 -12.87 40.44 63.56
N TRP F 223 -14.11 40.53 63.10
CA TRP F 223 -14.53 41.62 62.19
C TRP F 223 -15.80 42.27 62.79
N PHE F 224 -16.07 43.51 62.37
CA PHE F 224 -17.18 44.29 62.89
C PHE F 224 -17.45 45.35 61.84
N LYS F 225 -18.71 45.71 61.71
CA LYS F 225 -19.14 46.83 60.85
C LYS F 225 -20.33 47.54 61.47
N ALA F 226 -20.63 48.74 60.96
CA ALA F 226 -21.75 49.57 61.43
C ALA F 226 -22.15 50.48 60.27
N GLY F 227 -23.43 50.86 60.23
CA GLY F 227 -23.96 51.82 59.24
C GLY F 227 -24.51 51.09 58.03
N GLY F 228 -25.09 51.85 57.11
CA GLY F 228 -25.74 51.31 55.89
C GLY F 228 -26.72 50.21 56.25
N ASP F 229 -26.61 49.06 55.57
CA ASP F 229 -27.58 47.93 55.69
C ASP F 229 -27.09 46.94 56.77
N SER F 230 -26.07 47.29 57.56
CA SER F 230 -25.59 46.45 58.69
C SER F 230 -26.78 46.08 59.60
N ARG F 231 -26.90 44.81 59.98
CA ARG F 231 -27.95 44.36 60.93
C ARG F 231 -27.36 43.23 61.76
N SER F 232 -27.41 43.35 63.09
CA SER F 232 -26.69 42.41 63.99
C SER F 232 -27.21 41.00 63.76
N THR F 233 -26.28 40.07 63.60
CA THR F 233 -26.54 38.61 63.57
C THR F 233 -26.19 38.01 64.93
N ILE F 234 -25.78 38.84 65.91
CA ILE F 234 -25.20 38.36 67.19
C ILE F 234 -25.88 39.09 68.37
N GLY F 235 -27.15 39.44 68.22
CA GLY F 235 -27.93 40.16 69.25
C GLY F 235 -27.26 41.48 69.65
N THR F 236 -27.05 41.69 70.95
CA THR F 236 -26.44 42.93 71.49
C THR F 236 -24.93 42.75 71.56
N GLY F 237 -24.44 41.52 71.38
CA GLY F 237 -23.00 41.24 71.40
C GLY F 237 -22.71 39.79 71.64
N LYS F 238 -21.47 39.39 71.40
CA LYS F 238 -21.04 37.98 71.46
C LYS F 238 -19.53 37.96 71.64
N THR F 239 -19.02 36.91 72.31
CA THR F 239 -17.58 36.70 72.55
C THR F 239 -17.08 35.68 71.52
N PHE F 240 -15.83 35.84 71.08
CA PHE F 240 -15.18 35.01 70.05
C PHE F 240 -13.74 34.78 70.48
N THR F 241 -13.23 33.58 70.19
CA THR F 241 -11.82 33.20 70.50
C THR F 241 -11.08 33.01 69.18
N LEU F 242 -9.88 33.57 69.08
CA LEU F 242 -8.97 33.38 67.93
C LEU F 242 -7.89 32.38 68.32
N ASN F 243 -7.29 31.79 67.29
CA ASN F 243 -6.23 30.77 67.34
C ASN F 243 -4.85 31.42 67.50
N GLN F 244 -4.74 32.68 67.98
CA GLN F 244 -3.42 33.34 68.05
C GLN F 244 -2.57 32.63 69.10
N PRO F 245 -1.23 32.59 68.93
CA PRO F 245 -0.37 31.97 69.94
C PRO F 245 -0.45 32.76 71.26
N SER F 246 -0.28 32.08 72.38
CA SER F 246 -0.37 32.71 73.72
C SER F 246 0.83 33.66 73.90
N GLN F 247 1.95 33.42 73.20
CA GLN F 247 3.10 34.37 73.14
C GLN F 247 3.08 35.13 71.83
N PRO F 248 3.25 36.46 71.84
CA PRO F 248 3.23 37.23 70.60
C PRO F 248 4.44 36.94 69.72
N GLU F 249 4.26 36.98 68.39
CA GLU F 249 5.40 36.81 67.45
C GLU F 249 6.14 38.15 67.42
N ILE F 250 7.33 38.15 68.02
CA ILE F 250 8.22 39.33 68.17
C ILE F 250 9.40 39.05 67.26
N GLY F 251 9.69 39.98 66.37
CA GLY F 251 10.87 39.89 65.50
C GLY F 251 12.14 40.11 66.30
N LYS F 252 13.23 40.29 65.59
CA LYS F 252 14.56 40.47 66.17
C LYS F 252 15.02 41.89 65.91
N LEU F 253 15.84 42.40 66.83
CA LEU F 253 16.58 43.65 66.65
C LEU F 253 17.81 43.29 65.83
N ASP F 254 18.09 44.06 64.80
CA ASP F 254 19.19 43.80 63.83
C ASP F 254 19.62 45.15 63.28
N TYR F 255 20.91 45.49 63.38
CA TYR F 255 21.45 46.79 62.94
C TYR F 255 22.90 46.62 62.50
N ASP F 256 23.37 47.57 61.72
CA ASP F 256 24.78 47.67 61.27
C ASP F 256 25.35 48.96 61.83
N VAL F 257 26.55 48.87 62.42
CA VAL F 257 27.31 50.09 62.78
C VAL F 257 27.88 50.68 61.49
N LYS F 258 27.67 51.97 61.27
CA LYS F 258 28.01 52.67 59.99
C LYS F 258 29.35 53.39 60.16
N SER F 259 29.61 53.99 61.32
CA SER F 259 30.88 54.70 61.64
C SER F 259 31.23 54.48 63.12
N THR F 260 32.52 54.41 63.43
CA THR F 260 33.05 54.27 64.81
C THR F 260 34.48 54.83 64.83
N TYR F 261 34.63 56.15 64.99
CA TYR F 261 35.94 56.80 64.87
C TYR F 261 36.05 57.97 65.85
N TYR F 262 37.29 58.29 66.20
CA TYR F 262 37.71 59.33 67.16
C TYR F 262 38.74 60.23 66.49
N GLU F 263 38.50 61.54 66.45
CA GLU F 263 39.28 62.53 65.68
C GLU F 263 39.02 63.90 66.27
N ASN F 264 40.09 64.66 66.60
CA ASN F 264 40.01 66.04 67.16
C ASN F 264 39.15 66.02 68.44
N GLU F 265 39.32 65.00 69.28
CA GLU F 265 38.65 64.87 70.60
C GLU F 265 37.13 64.80 70.43
N LYS F 266 36.67 64.21 69.32
CA LYS F 266 35.22 63.95 69.05
C LYS F 266 35.05 62.48 68.67
N LEU F 267 34.22 61.76 69.42
CA LEU F 267 33.83 60.36 69.12
C LEU F 267 32.56 60.40 68.28
N ASN F 268 32.58 59.74 67.12
CA ASN F 268 31.43 59.62 66.21
C ASN F 268 31.11 58.14 66.04
N ILE F 269 29.90 57.75 66.45
CA ILE F 269 29.38 56.37 66.32
C ILE F 269 27.96 56.51 65.81
N THR F 270 27.67 55.87 64.68
CA THR F 270 26.35 55.87 64.03
C THR F 270 26.01 54.44 63.67
N TRP F 271 24.71 54.16 63.53
CA TRP F 271 24.22 52.82 63.16
C TRP F 271 22.91 52.98 62.38
N GLN F 272 22.48 51.90 61.77
CA GLN F 272 21.21 51.87 61.02
C GLN F 272 20.57 50.52 61.27
N LEU F 273 19.35 50.52 61.82
CA LEU F 273 18.58 49.28 61.97
C LEU F 273 18.26 48.79 60.56
N LYS F 274 18.25 47.49 60.36
CA LYS F 274 17.80 46.84 59.11
C LYS F 274 16.33 47.20 58.93
N ASP F 275 15.89 47.27 57.68
CA ASP F 275 14.51 47.57 57.26
C ASP F 275 13.52 46.74 58.06
N SER F 276 13.83 45.46 58.32
CA SER F 276 12.94 44.46 58.96
C SER F 276 13.13 44.38 60.48
N SER F 277 13.98 45.23 61.06
CA SER F 277 14.28 45.18 62.51
C SER F 277 13.07 45.63 63.32
N THR F 278 12.92 45.08 64.50
CA THR F 278 12.13 45.71 65.59
C THR F 278 12.68 47.10 65.83
N PRO F 279 11.86 48.06 66.28
CA PRO F 279 12.32 49.45 66.42
C PRO F 279 13.13 49.70 67.69
N GLN F 280 14.00 50.69 67.62
CA GLN F 280 14.95 51.06 68.70
C GLN F 280 14.17 51.70 69.86
N PHE F 281 14.46 51.27 71.09
CA PHE F 281 13.88 51.87 72.32
C PHE F 281 14.93 52.74 73.01
N LYS F 282 16.16 52.23 73.14
CA LYS F 282 17.24 53.00 73.79
C LYS F 282 18.57 52.44 73.37
N GLY F 283 19.60 53.17 73.75
CA GLY F 283 20.99 52.79 73.49
C GLY F 283 21.89 53.19 74.62
N LYS F 284 23.05 52.53 74.66
CA LYS F 284 24.15 52.88 75.56
C LYS F 284 25.44 52.43 74.88
N ILE F 285 26.53 53.13 75.14
CA ILE F 285 27.85 52.78 74.57
C ILE F 285 28.87 52.86 75.70
N GLU F 286 29.47 51.70 76.00
CA GLU F 286 30.58 51.57 76.97
C GLU F 286 31.87 51.55 76.17
N ILE F 287 32.87 52.31 76.60
CA ILE F 287 34.19 52.38 75.93
C ILE F 287 35.23 51.77 76.88
N TYR F 288 35.94 50.76 76.38
CA TYR F 288 36.92 49.95 77.13
C TYR F 288 38.31 50.19 76.52
N ASN F 289 39.34 50.03 77.33
CA ASN F 289 40.76 50.14 76.87
C ASN F 289 41.28 48.75 76.48
N ASN F 290 40.42 47.74 76.41
CA ASN F 290 40.81 46.34 76.07
C ASN F 290 39.71 45.69 75.23
N GLU F 291 40.12 44.79 74.34
CA GLU F 291 39.23 44.09 73.36
C GLU F 291 38.24 43.19 74.12
N ASN F 292 38.64 42.56 75.23
CA ASN F 292 37.77 41.58 75.94
C ASN F 292 36.65 42.29 76.73
N MET F 293 36.79 43.62 76.93
CA MET F 293 35.85 44.46 77.71
C MET F 293 35.67 43.88 79.11
N THR F 294 36.81 43.54 79.73
CA THR F 294 36.92 43.16 81.16
C THR F 294 37.14 44.45 81.95
N GLY F 295 37.02 44.37 83.28
CA GLY F 295 37.13 45.53 84.17
C GLY F 295 36.03 46.55 83.92
N GLN F 296 36.33 47.81 84.20
CA GLN F 296 35.39 48.94 84.10
C GLN F 296 35.65 49.69 82.81
N PRO F 297 34.61 50.17 82.13
CA PRO F 297 34.78 51.04 80.98
C PRO F 297 35.51 52.31 81.45
N ILE F 298 36.31 52.92 80.58
CA ILE F 298 36.93 54.25 80.85
C ILE F 298 35.89 55.35 80.62
N ASN F 299 34.85 55.10 79.82
CA ASN F 299 33.76 56.08 79.62
C ASN F 299 32.49 55.35 79.19
N VAL F 300 31.37 55.95 79.52
CA VAL F 300 30.02 55.44 79.15
C VAL F 300 29.22 56.60 78.56
N ILE F 301 28.57 56.37 77.44
CA ILE F 301 27.56 57.29 76.88
C ILE F 301 26.20 56.66 77.15
N ASN F 302 25.42 57.31 77.99
CA ASN F 302 24.10 56.82 78.48
C ASN F 302 22.96 57.55 77.78
N ASP F 303 21.75 57.01 77.94
CA ASP F 303 20.47 57.70 77.67
C ASP F 303 20.41 58.05 76.16
N ILE F 304 20.85 57.16 75.29
CA ILE F 304 20.63 57.31 73.83
C ILE F 304 19.16 56.96 73.58
N LYS F 305 18.41 57.86 72.95
CA LYS F 305 16.92 57.81 72.84
C LYS F 305 16.49 56.87 71.71
N SER F 306 15.22 56.51 71.66
CA SER F 306 14.62 55.71 70.58
C SER F 306 14.87 56.36 69.22
N TYR F 307 14.83 57.69 69.14
CA TYR F 307 14.89 58.46 67.87
C TYR F 307 16.33 58.92 67.54
N GLN F 308 17.35 58.40 68.21
CA GLN F 308 18.77 58.78 67.93
C GLN F 308 19.53 57.59 67.36
N ASN F 309 20.10 57.72 66.17
CA ASN F 309 20.82 56.63 65.48
C ASN F 309 22.33 56.92 65.47
N GLY F 310 22.78 57.83 66.32
CA GLY F 310 24.23 58.04 66.50
C GLY F 310 24.54 58.99 67.63
N ILE F 311 25.82 59.17 67.90
CA ILE F 311 26.35 60.15 68.88
C ILE F 311 27.56 60.83 68.24
N SER F 312 27.72 62.10 68.59
CA SER F 312 28.91 62.93 68.29
C SER F 312 29.24 63.67 69.57
N GLN F 313 30.30 63.28 70.25
CA GLN F 313 30.56 63.73 71.64
C GLN F 313 32.03 64.13 71.80
N SER F 314 32.27 65.31 72.38
CA SER F 314 33.58 65.78 72.87
C SER F 314 34.00 64.89 74.05
N ILE F 315 35.17 64.27 73.97
CA ILE F 315 35.65 63.27 74.96
C ILE F 315 37.16 63.07 74.75
N SER F 316 37.91 62.86 75.84
CA SER F 316 39.34 62.48 75.82
C SER F 316 39.47 60.96 75.91
N LEU F 317 40.00 60.34 74.87
CA LEU F 317 40.23 58.87 74.80
C LEU F 317 41.71 58.60 74.56
N PRO F 318 42.23 57.47 75.09
CA PRO F 318 43.55 56.96 74.70
C PRO F 318 43.49 56.28 73.32
N THR F 319 44.62 55.71 72.89
CA THR F 319 44.90 55.21 71.53
C THR F 319 43.99 54.05 71.14
N ASN F 320 43.95 52.96 71.92
CA ASN F 320 43.33 51.67 71.48
C ASN F 320 42.08 51.37 72.30
N THR F 321 40.95 51.93 71.89
CA THR F 321 39.66 51.80 72.61
C THR F 321 38.71 50.94 71.78
N TYR F 322 37.76 50.34 72.49
CA TYR F 322 36.73 49.45 71.94
C TYR F 322 35.40 49.93 72.48
N ALA F 323 34.40 49.95 71.61
CA ALA F 323 33.04 50.40 71.95
C ALA F 323 32.16 49.16 72.03
N LYS F 324 31.48 49.01 73.17
CA LYS F 324 30.36 48.06 73.34
C LYS F 324 29.10 48.86 73.07
N ILE F 325 28.49 48.63 71.92
CA ILE F 325 27.23 49.29 71.52
C ILE F 325 26.10 48.38 71.94
N VAL F 326 25.25 48.88 72.84
CA VAL F 326 24.13 48.12 73.43
C VAL F 326 22.86 48.84 73.03
N LEU F 327 22.15 48.28 72.06
CA LEU F 327 20.82 48.78 71.65
C LEU F 327 19.76 47.83 72.17
N THR F 328 18.65 48.38 72.63
CA THR F 328 17.48 47.57 73.00
C THR F 328 16.26 48.10 72.27
N ASP F 329 15.41 47.16 71.87
CA ASP F 329 14.19 47.43 71.07
C ASP F 329 13.03 47.65 72.04
N ILE F 330 11.87 47.97 71.49
CA ILE F 330 10.67 48.32 72.30
C ILE F 330 10.17 47.10 73.05
N PHE F 331 10.65 45.90 72.73
CA PHE F 331 10.30 44.66 73.45
C PHE F 331 11.37 44.28 74.46
N ASP F 332 12.30 45.18 74.77
CA ASP F 332 13.42 44.97 75.73
C ASP F 332 14.36 43.85 75.24
N GLN F 333 14.44 43.61 73.94
CA GLN F 333 15.47 42.69 73.40
C GLN F 333 16.74 43.52 73.19
N THR F 334 17.86 43.00 73.64
CA THR F 334 19.15 43.74 73.58
C THR F 334 20.07 43.06 72.57
N VAL F 335 20.66 43.84 71.68
CA VAL F 335 21.72 43.36 70.78
C VAL F 335 22.96 44.23 70.96
N GLU F 336 24.05 43.56 71.26
CA GLU F 336 25.36 44.16 71.60
C GLU F 336 26.34 43.93 70.45
N LYS F 337 26.99 44.98 69.97
CA LYS F 337 28.14 44.90 69.02
C LYS F 337 29.40 45.47 69.67
N LYS F 338 30.54 44.82 69.42
CA LYS F 338 31.88 45.28 69.88
C LYS F 338 32.64 45.77 68.65
N VAL F 339 33.00 47.04 68.62
CA VAL F 339 33.72 47.64 67.46
C VAL F 339 34.96 48.38 67.97
N LYS F 340 36.09 48.14 67.31
CA LYS F 340 37.34 48.91 67.59
C LYS F 340 37.09 50.34 67.15
N ILE F 341 37.42 51.32 67.99
CA ILE F 341 37.28 52.76 67.60
C ILE F 341 38.48 53.12 66.71
N LYS F 342 38.24 53.67 65.51
CA LYS F 342 39.29 54.06 64.53
C LYS F 342 39.70 55.51 64.76
N ASN F 343 40.71 56.00 64.03
CA ASN F 343 41.11 57.44 63.99
C ASN F 343 40.90 58.09 62.60
N GLU F 344 39.86 57.71 61.84
CA GLU F 344 39.56 58.25 60.48
C GLU F 344 39.49 59.78 60.56
N GLY G 2 -11.51 -20.47 -87.52
CA GLY G 2 -10.98 -20.86 -88.84
C GLY G 2 -9.47 -20.95 -88.87
N GLY G 3 -8.83 -21.07 -87.71
CA GLY G 3 -7.37 -21.21 -87.64
C GLY G 3 -6.95 -22.61 -87.29
N ALA G 4 -5.79 -22.75 -86.66
CA ALA G 4 -5.30 -24.09 -86.24
C ALA G 4 -6.32 -24.75 -85.33
N SER G 5 -6.44 -26.06 -85.42
CA SER G 5 -7.46 -26.85 -84.71
C SER G 5 -6.82 -27.49 -83.48
N ALA G 6 -7.56 -27.62 -82.39
CA ALA G 6 -7.14 -28.47 -81.26
C ALA G 6 -7.04 -29.88 -81.78
N PRO G 7 -6.05 -30.67 -81.33
CA PRO G 7 -5.99 -32.09 -81.69
C PRO G 7 -7.18 -32.84 -81.09
N GLY G 8 -7.68 -33.83 -81.82
CA GLY G 8 -8.71 -34.75 -81.31
C GLY G 8 -8.15 -35.57 -80.17
N VAL G 9 -9.00 -35.97 -79.25
CA VAL G 9 -8.65 -36.97 -78.20
C VAL G 9 -9.69 -38.09 -78.26
N TYR G 10 -9.24 -39.33 -78.14
CA TYR G 10 -10.05 -40.55 -78.17
C TYR G 10 -9.94 -41.24 -76.82
N VAL G 11 -11.08 -41.65 -76.28
CA VAL G 11 -11.16 -42.53 -75.09
C VAL G 11 -11.86 -43.80 -75.52
N THR G 12 -11.17 -44.94 -75.42
CA THR G 12 -11.58 -46.21 -76.06
C THR G 12 -11.57 -47.33 -75.04
N PRO G 13 -12.71 -48.01 -74.81
CA PRO G 13 -12.73 -49.19 -73.94
C PRO G 13 -11.79 -50.26 -74.46
N LYS G 14 -11.20 -51.04 -73.55
CA LYS G 14 -10.30 -52.14 -73.92
C LYS G 14 -11.12 -53.36 -74.29
N ASN G 15 -12.38 -53.47 -73.83
CA ASN G 15 -13.12 -54.75 -73.82
C ASN G 15 -14.55 -54.59 -74.35
N SER G 16 -14.82 -53.63 -75.24
CA SER G 16 -16.21 -53.48 -75.76
C SER G 16 -16.51 -54.61 -76.77
N VAL G 17 -17.77 -55.01 -76.85
CA VAL G 17 -18.26 -56.06 -77.78
C VAL G 17 -19.56 -55.59 -78.44
N SER G 18 -20.07 -56.38 -79.38
CA SER G 18 -21.35 -56.12 -80.08
C SER G 18 -22.46 -56.02 -79.05
N SER G 19 -23.20 -54.92 -79.09
CA SER G 19 -24.14 -54.48 -78.03
C SER G 19 -25.47 -54.03 -78.61
N ASP G 20 -26.56 -54.17 -77.86
CA ASP G 20 -27.84 -53.52 -78.22
C ASP G 20 -28.12 -52.32 -77.30
N ILE G 21 -27.42 -52.19 -76.17
CA ILE G 21 -27.48 -50.99 -75.30
C ILE G 21 -26.04 -50.54 -75.05
N ILE G 22 -25.78 -49.26 -75.23
CA ILE G 22 -24.47 -48.65 -74.83
C ILE G 22 -24.75 -47.43 -73.96
N SER G 23 -23.98 -47.29 -72.89
CA SER G 23 -24.23 -46.22 -71.90
C SER G 23 -22.89 -45.63 -71.45
N ILE G 24 -22.84 -44.32 -71.28
CA ILE G 24 -21.68 -43.66 -70.62
C ILE G 24 -22.16 -42.37 -69.93
N ASP G 25 -21.46 -41.97 -68.88
CA ASP G 25 -21.69 -40.73 -68.11
C ASP G 25 -20.62 -39.72 -68.50
N TRP G 26 -21.03 -38.48 -68.78
CA TRP G 26 -20.17 -37.39 -69.26
C TRP G 26 -20.43 -36.13 -68.44
N SER G 27 -19.36 -35.41 -68.17
CA SER G 27 -19.42 -34.10 -67.46
C SER G 27 -18.45 -33.14 -68.11
N PRO G 28 -18.96 -31.98 -68.60
CA PRO G 28 -18.12 -30.97 -69.20
C PRO G 28 -17.40 -30.13 -68.12
N VAL G 29 -16.15 -29.79 -68.38
CA VAL G 29 -15.33 -28.94 -67.47
C VAL G 29 -14.98 -27.62 -68.16
N GLN G 30 -14.43 -27.65 -69.38
CA GLN G 30 -14.18 -26.43 -70.17
C GLN G 30 -14.79 -26.63 -71.56
N THR G 31 -15.45 -25.61 -72.11
CA THR G 31 -16.36 -25.81 -73.27
C THR G 31 -16.06 -24.75 -74.34
N ALA G 32 -14.92 -24.87 -74.99
CA ALA G 32 -14.59 -24.11 -76.21
C ALA G 32 -15.71 -24.28 -77.22
N PRO G 33 -16.10 -23.22 -77.96
CA PRO G 33 -17.07 -23.36 -79.03
C PRO G 33 -16.54 -24.30 -80.13
N TYR G 34 -17.46 -24.93 -80.84
CA TYR G 34 -17.20 -25.81 -82.01
C TYR G 34 -16.54 -27.08 -81.49
N THR G 35 -16.97 -27.53 -80.32
CA THR G 35 -16.49 -28.81 -79.72
C THR G 35 -17.63 -29.83 -79.80
N TYR G 36 -17.31 -31.03 -80.33
CA TYR G 36 -18.19 -32.21 -80.30
C TYR G 36 -17.54 -33.25 -79.41
N TRP G 37 -18.21 -33.60 -78.32
CA TRP G 37 -17.93 -34.78 -77.49
C TRP G 37 -18.84 -35.89 -78.02
N ALA G 38 -18.34 -36.66 -78.98
CA ALA G 38 -19.07 -37.83 -79.48
C ALA G 38 -18.80 -38.97 -78.48
N VAL G 39 -19.70 -39.18 -77.53
CA VAL G 39 -19.42 -40.10 -76.39
C VAL G 39 -19.72 -41.53 -76.81
N HIS G 40 -20.50 -41.71 -77.87
CA HIS G 40 -20.84 -43.02 -78.47
C HIS G 40 -20.53 -42.97 -79.97
N ASN G 41 -19.92 -44.03 -80.45
CA ASN G 41 -19.52 -44.20 -81.87
C ASN G 41 -19.69 -45.66 -82.19
N TRP G 42 -20.15 -45.99 -83.39
CA TRP G 42 -20.29 -47.41 -83.79
C TRP G 42 -20.14 -47.55 -85.31
N ASN G 43 -19.63 -48.71 -85.72
CA ASN G 43 -19.70 -49.24 -87.10
C ASN G 43 -19.02 -48.30 -88.09
N GLN G 44 -17.80 -47.82 -87.78
CA GLN G 44 -17.07 -46.89 -88.66
C GLN G 44 -16.85 -47.54 -90.04
N GLY G 45 -17.23 -46.86 -91.10
CA GLY G 45 -17.09 -47.36 -92.47
C GLY G 45 -18.07 -48.47 -92.77
N GLY G 46 -19.04 -48.73 -91.90
CA GLY G 46 -19.89 -49.93 -91.97
C GLY G 46 -21.37 -49.61 -91.99
N GLU G 47 -22.20 -50.64 -92.18
CA GLU G 47 -23.68 -50.50 -92.23
C GLU G 47 -24.18 -49.94 -90.88
N ALA G 48 -24.94 -48.86 -90.95
CA ALA G 48 -25.60 -48.16 -89.82
C ALA G 48 -24.53 -47.55 -88.92
N GLY G 49 -23.38 -47.16 -89.49
CA GLY G 49 -22.43 -46.31 -88.79
C GLY G 49 -23.14 -45.10 -88.18
N GLY G 50 -22.78 -44.74 -86.95
CA GLY G 50 -23.40 -43.59 -86.30
C GLY G 50 -22.58 -43.09 -85.13
N TYR G 51 -23.06 -41.99 -84.56
CA TYR G 51 -22.49 -41.42 -83.32
C TYR G 51 -23.54 -40.58 -82.61
N ALA G 52 -23.22 -40.25 -81.36
CA ALA G 52 -24.09 -39.42 -80.53
C ALA G 52 -23.25 -38.79 -79.42
N GLY G 53 -23.69 -37.61 -78.96
CA GLY G 53 -23.02 -36.94 -77.86
C GLY G 53 -23.53 -35.52 -77.69
N PHE G 54 -22.61 -34.66 -77.30
CA PHE G 54 -22.89 -33.28 -76.81
C PHE G 54 -22.08 -32.30 -77.64
N GLN G 55 -22.67 -31.14 -77.99
CA GLN G 55 -21.92 -30.10 -78.72
C GLN G 55 -22.06 -28.75 -78.01
N GLN G 56 -20.94 -28.03 -77.92
CA GLN G 56 -20.92 -26.56 -77.70
C GLN G 56 -20.87 -25.94 -79.10
N GLN G 57 -22.04 -25.59 -79.64
CA GLN G 57 -22.13 -25.12 -81.04
C GLN G 57 -21.71 -23.64 -81.16
N SER G 58 -21.84 -22.85 -80.09
CA SER G 58 -21.40 -21.43 -80.09
C SER G 58 -21.17 -20.99 -78.64
N GLY G 59 -20.28 -20.01 -78.45
CA GLY G 59 -19.97 -19.41 -77.14
C GLY G 59 -19.12 -20.35 -76.31
N PHE G 60 -18.75 -19.91 -75.12
CA PHE G 60 -17.77 -20.56 -74.21
C PHE G 60 -18.44 -21.14 -72.98
N ASP G 61 -19.76 -20.95 -72.83
CA ASP G 61 -20.44 -21.22 -71.54
C ASP G 61 -21.91 -21.53 -71.79
N GLU G 62 -22.68 -21.62 -70.71
CA GLU G 62 -24.12 -22.00 -70.74
C GLU G 62 -24.95 -20.97 -71.50
N ASN G 63 -24.43 -19.76 -71.73
CA ASN G 63 -25.16 -18.73 -72.52
C ASN G 63 -25.00 -18.99 -74.01
N GLY G 64 -24.11 -19.90 -74.41
CA GLY G 64 -23.91 -20.31 -75.80
C GLY G 64 -24.96 -21.35 -76.21
N LYS G 65 -24.85 -21.91 -77.40
CA LYS G 65 -25.82 -22.91 -77.89
C LYS G 65 -25.27 -24.31 -77.53
N ARG G 66 -25.89 -24.94 -76.54
CA ARG G 66 -25.49 -26.30 -76.10
C ARG G 66 -26.51 -27.31 -76.62
N THR G 67 -26.02 -28.43 -77.18
CA THR G 67 -26.91 -29.42 -77.81
C THR G 67 -26.51 -30.86 -77.46
N LEU G 68 -27.42 -31.78 -77.75
CA LEU G 68 -27.17 -33.22 -77.98
C LEU G 68 -27.13 -33.43 -79.48
N HIS G 69 -26.43 -34.47 -79.91
CA HIS G 69 -26.21 -34.82 -81.33
C HIS G 69 -26.43 -36.32 -81.44
N PHE G 70 -26.89 -36.76 -82.60
CA PHE G 70 -27.24 -38.17 -82.91
C PHE G 70 -27.28 -38.22 -84.44
N ALA G 71 -26.54 -39.13 -85.06
CA ALA G 71 -26.48 -39.24 -86.54
C ALA G 71 -26.32 -40.70 -86.89
N VAL G 72 -26.95 -41.13 -87.97
CA VAL G 72 -26.75 -42.49 -88.56
C VAL G 72 -26.57 -42.25 -90.05
N TRP G 73 -25.53 -42.85 -90.63
CA TRP G 73 -25.25 -42.73 -92.08
C TRP G 73 -26.24 -43.59 -92.87
N ASP G 74 -26.56 -43.15 -94.08
CA ASP G 74 -27.51 -43.84 -94.98
C ASP G 74 -27.10 -45.30 -95.20
N PRO G 75 -28.08 -46.16 -95.41
CA PRO G 75 -27.85 -47.56 -95.74
C PRO G 75 -26.92 -47.74 -96.94
N ILE G 76 -26.09 -48.78 -96.91
CA ILE G 76 -25.06 -49.06 -97.96
C ILE G 76 -25.76 -49.46 -99.25
N SER G 77 -26.73 -50.38 -99.17
CA SER G 77 -27.40 -50.98 -100.35
C SER G 77 -28.84 -50.47 -100.47
N SER G 78 -29.63 -50.50 -99.38
CA SER G 78 -31.09 -50.20 -99.43
C SER G 78 -31.28 -48.78 -99.94
N LYS G 79 -32.33 -48.56 -100.72
CA LYS G 79 -32.70 -47.23 -101.25
C LYS G 79 -33.74 -46.59 -100.33
N GLU G 80 -34.23 -47.33 -99.32
CA GLU G 80 -35.29 -46.83 -98.40
C GLU G 80 -34.63 -45.77 -97.51
N ALA G 81 -35.37 -44.73 -97.15
CA ALA G 81 -34.86 -43.62 -96.31
C ALA G 81 -34.84 -44.06 -94.84
N ILE G 82 -33.87 -43.54 -94.09
CA ILE G 82 -33.92 -43.51 -92.59
C ILE G 82 -35.03 -42.53 -92.23
N LYS G 83 -35.89 -42.94 -91.31
CA LYS G 83 -37.02 -42.12 -90.83
C LYS G 83 -36.71 -41.64 -89.41
N ALA G 84 -37.00 -40.37 -89.14
CA ALA G 84 -37.04 -39.85 -87.75
C ALA G 84 -38.38 -40.27 -87.15
N GLU G 85 -38.43 -41.39 -86.43
CA GLU G 85 -39.68 -41.93 -85.87
C GLU G 85 -40.17 -41.05 -84.70
N TYR G 86 -39.24 -40.52 -83.91
CA TYR G 86 -39.56 -39.66 -82.75
C TYR G 86 -38.46 -38.61 -82.61
N VAL G 87 -38.88 -37.35 -82.39
CA VAL G 87 -37.97 -36.23 -82.00
C VAL G 87 -38.62 -35.55 -80.80
N SER G 88 -37.83 -35.18 -79.81
CA SER G 88 -38.31 -34.53 -78.58
C SER G 88 -38.72 -33.11 -78.97
N PRO G 89 -39.45 -32.38 -78.11
CA PRO G 89 -39.89 -31.02 -78.44
C PRO G 89 -38.75 -30.05 -78.80
N THR G 90 -37.53 -30.28 -78.32
CA THR G 90 -36.37 -29.40 -78.63
C THR G 90 -35.42 -30.07 -79.63
N SER G 91 -35.87 -31.15 -80.28
CA SER G 91 -35.05 -31.89 -81.26
C SER G 91 -35.47 -31.50 -82.69
N VAL G 92 -34.51 -31.42 -83.60
CA VAL G 92 -34.79 -31.25 -85.05
C VAL G 92 -34.02 -32.31 -85.84
N ALA G 93 -34.76 -33.10 -86.62
CA ALA G 93 -34.22 -34.11 -87.57
C ALA G 93 -33.93 -33.43 -88.90
N SER G 94 -32.76 -33.68 -89.49
CA SER G 94 -32.44 -33.17 -90.84
C SER G 94 -31.51 -34.18 -91.53
N ASN G 95 -31.55 -34.18 -92.86
CA ASN G 95 -30.63 -34.99 -93.68
C ASN G 95 -29.33 -34.20 -93.78
N PHE G 96 -28.20 -34.87 -93.63
CA PHE G 96 -26.86 -34.28 -93.81
C PHE G 96 -26.29 -34.81 -95.12
N GLY G 97 -25.33 -34.06 -95.68
CA GLY G 97 -24.62 -34.38 -96.93
C GLY G 97 -23.23 -33.78 -96.87
N GLY G 98 -22.37 -34.12 -97.84
CA GLY G 98 -21.00 -33.56 -97.93
C GLY G 98 -20.06 -34.10 -96.88
N GLU G 99 -20.48 -35.18 -96.21
CA GLU G 99 -19.65 -35.89 -95.20
C GLU G 99 -20.21 -37.31 -95.17
N GLY G 100 -20.37 -37.90 -96.36
CA GLY G 100 -21.39 -38.92 -96.61
C GLY G 100 -22.77 -38.33 -96.41
N THR G 101 -23.79 -39.17 -96.40
CA THR G 101 -25.20 -38.73 -96.27
C THR G 101 -25.86 -39.56 -95.18
N GLY G 102 -26.89 -39.00 -94.55
CA GLY G 102 -27.70 -39.73 -93.59
C GLY G 102 -28.61 -38.81 -92.83
N LEU G 103 -29.01 -39.22 -91.64
CA LEU G 103 -29.99 -38.51 -90.81
C LEU G 103 -29.34 -38.11 -89.51
N LYS G 104 -29.58 -36.88 -89.08
CA LYS G 104 -29.10 -36.41 -87.77
C LYS G 104 -30.25 -35.77 -87.01
N ILE G 105 -30.20 -35.89 -85.69
CA ILE G 105 -31.12 -35.22 -84.76
C ILE G 105 -30.26 -34.35 -83.83
N GLN G 106 -30.48 -33.04 -83.89
CA GLN G 106 -29.82 -32.03 -83.03
C GLN G 106 -30.85 -31.52 -82.03
N THR G 107 -30.49 -31.53 -80.75
CA THR G 107 -31.43 -31.29 -79.62
C THR G 107 -30.86 -30.14 -78.79
N THR G 108 -31.56 -29.02 -78.70
CA THR G 108 -31.18 -27.97 -77.74
C THR G 108 -31.36 -28.54 -76.34
N TYR G 109 -30.33 -28.45 -75.52
CA TYR G 109 -30.30 -29.07 -74.18
C TYR G 109 -29.32 -28.28 -73.32
N ASP G 110 -29.83 -27.68 -72.25
CA ASP G 110 -29.03 -26.75 -71.38
C ASP G 110 -28.21 -27.58 -70.37
N TRP G 111 -27.26 -28.35 -70.85
CA TRP G 111 -26.38 -29.14 -69.96
C TRP G 111 -25.37 -28.17 -69.32
N LYS G 112 -24.87 -28.52 -68.15
CA LYS G 112 -24.13 -27.61 -67.23
C LYS G 112 -22.76 -28.17 -66.87
N ASN G 113 -21.80 -27.29 -66.69
CA ASN G 113 -20.42 -27.65 -66.29
C ASN G 113 -20.49 -28.35 -64.94
N TYR G 114 -19.72 -29.43 -64.80
CA TYR G 114 -19.49 -30.21 -63.56
C TYR G 114 -20.78 -30.95 -63.17
N ASN G 115 -21.75 -31.04 -64.07
CA ASN G 115 -22.94 -31.90 -63.89
C ASN G 115 -22.74 -33.15 -64.75
N TRP G 116 -23.41 -34.25 -64.39
CA TRP G 116 -23.24 -35.57 -65.03
C TRP G 116 -24.46 -35.83 -65.91
N TYR G 117 -24.19 -36.30 -67.12
CA TYR G 117 -25.25 -36.66 -68.09
C TYR G 117 -24.98 -38.08 -68.57
N ARG G 118 -26.02 -38.89 -68.48
CA ARG G 118 -25.93 -40.31 -68.86
C ARG G 118 -26.59 -40.43 -70.22
N MET G 119 -25.81 -40.69 -71.26
CA MET G 119 -26.37 -40.95 -72.60
C MET G 119 -26.42 -42.47 -72.81
N THR G 120 -27.62 -43.00 -72.96
CA THR G 120 -27.91 -44.44 -73.20
C THR G 120 -28.59 -44.56 -74.56
N MET G 121 -27.99 -45.37 -75.43
CA MET G 121 -28.52 -45.69 -76.78
C MET G 121 -28.98 -47.12 -76.77
N ARG G 122 -30.09 -47.38 -77.42
CA ARG G 122 -30.55 -48.76 -77.60
C ARG G 122 -30.86 -48.97 -79.09
N SER G 123 -30.50 -50.12 -79.60
CA SER G 123 -30.91 -50.59 -80.94
C SER G 123 -31.80 -51.80 -80.76
N TRP G 124 -32.83 -51.91 -81.56
CA TRP G 124 -33.77 -53.04 -81.46
C TRP G 124 -34.37 -53.34 -82.83
N GLN G 125 -34.87 -54.56 -82.98
CA GLN G 125 -35.56 -55.06 -84.19
C GLN G 125 -37.05 -54.79 -84.05
N GLU G 126 -37.67 -54.13 -85.05
CA GLU G 126 -39.12 -53.86 -85.09
C GLU G 126 -39.53 -53.86 -86.56
N ASN G 127 -40.47 -54.70 -86.95
CA ASN G 127 -41.09 -54.70 -88.32
C ASN G 127 -40.00 -54.83 -89.41
N GLY G 128 -38.99 -55.67 -89.20
CA GLY G 128 -37.97 -55.98 -90.23
C GLY G 128 -36.94 -54.88 -90.38
N HIS G 129 -37.04 -53.81 -89.58
CA HIS G 129 -36.06 -52.70 -89.54
C HIS G 129 -35.31 -52.70 -88.21
N THR G 130 -34.22 -51.95 -88.12
CA THR G 130 -33.51 -51.68 -86.85
C THR G 130 -33.84 -50.25 -86.40
N LYS G 131 -34.26 -50.09 -85.15
CA LYS G 131 -34.46 -48.76 -84.53
C LYS G 131 -33.23 -48.44 -83.69
N PHE G 132 -32.86 -47.18 -83.69
CA PHE G 132 -31.81 -46.60 -82.83
C PHE G 132 -32.44 -45.48 -82.00
N GLY G 133 -32.37 -45.63 -80.69
CA GLY G 133 -32.96 -44.67 -79.73
C GLY G 133 -31.89 -44.01 -78.88
N GLN G 134 -32.09 -42.72 -78.57
CA GLN G 134 -31.20 -41.92 -77.73
C GLN G 134 -31.99 -41.46 -76.49
N TRP G 135 -31.53 -41.86 -75.31
CA TRP G 135 -32.06 -41.43 -73.99
C TRP G 135 -30.98 -40.68 -73.23
N LEU G 136 -31.38 -39.71 -72.42
CA LEU G 136 -30.44 -38.89 -71.64
C LEU G 136 -30.98 -38.75 -70.23
N LYS G 137 -30.18 -39.14 -69.25
CA LYS G 137 -30.47 -38.92 -67.82
C LYS G 137 -29.70 -37.70 -67.36
N ASP G 138 -30.43 -36.72 -66.85
CA ASP G 138 -29.82 -35.58 -66.12
C ASP G 138 -29.63 -36.08 -64.69
N VAL G 139 -28.39 -36.35 -64.31
CA VAL G 139 -28.07 -37.09 -63.05
C VAL G 139 -28.44 -36.19 -61.87
N SER G 140 -28.14 -34.90 -61.95
CA SER G 140 -28.47 -33.91 -60.86
C SER G 140 -29.99 -33.87 -60.64
N LYS G 141 -30.77 -33.84 -61.71
CA LYS G 141 -32.25 -33.74 -61.65
CA LYS G 141 -32.25 -33.74 -61.62
C LYS G 141 -32.87 -35.12 -61.41
N ASN G 142 -32.11 -36.17 -61.63
CA ASN G 142 -32.57 -37.59 -61.46
C ASN G 142 -33.74 -37.82 -62.42
N GLN G 143 -33.56 -37.41 -63.67
CA GLN G 143 -34.65 -37.38 -64.67
C GLN G 143 -34.14 -37.87 -66.03
N TRP G 144 -34.82 -38.87 -66.57
CA TRP G 144 -34.57 -39.41 -67.93
C TRP G 144 -35.40 -38.62 -68.92
N LYS G 145 -34.91 -38.52 -70.15
CA LYS G 145 -35.70 -37.97 -71.28
C LYS G 145 -35.41 -38.81 -72.52
N LEU G 146 -36.45 -39.22 -73.23
CA LEU G 146 -36.33 -39.76 -74.61
C LEU G 146 -36.01 -38.60 -75.56
N ILE G 147 -34.89 -38.68 -76.28
CA ILE G 147 -34.48 -37.57 -77.18
C ILE G 147 -34.98 -37.85 -78.61
N GLY G 148 -34.72 -39.04 -79.15
CA GLY G 148 -34.93 -39.30 -80.57
C GLY G 148 -34.87 -40.77 -80.91
N ILE G 149 -35.62 -41.19 -81.92
CA ILE G 149 -35.59 -42.60 -82.42
C ILE G 149 -35.46 -42.52 -83.94
N MET G 150 -34.46 -43.17 -84.50
CA MET G 150 -34.29 -43.31 -85.95
C MET G 150 -34.69 -44.71 -86.35
N ASP G 151 -35.40 -44.80 -87.48
CA ASP G 151 -35.88 -46.07 -88.05
C ASP G 151 -34.99 -46.37 -89.25
N PHE G 152 -34.13 -47.36 -89.12
CA PHE G 152 -33.09 -47.68 -90.12
C PHE G 152 -33.56 -48.91 -90.91
N PRO G 153 -33.67 -48.80 -92.25
CA PRO G 153 -34.38 -49.81 -93.04
C PRO G 153 -33.57 -51.06 -93.39
N VAL G 154 -32.82 -51.59 -92.42
CA VAL G 154 -32.01 -52.82 -92.58
C VAL G 154 -32.16 -53.59 -91.28
N PRO G 155 -32.51 -54.88 -91.34
CA PRO G 155 -32.57 -55.71 -90.14
C PRO G 155 -31.20 -56.09 -89.61
N ASN G 156 -31.14 -56.40 -88.31
CA ASN G 156 -30.05 -57.15 -87.65
C ASN G 156 -28.76 -56.33 -87.69
N VAL G 157 -28.85 -55.01 -87.58
CA VAL G 157 -27.66 -54.17 -87.33
C VAL G 157 -27.76 -53.71 -85.88
N THR G 158 -26.65 -53.32 -85.27
CA THR G 158 -26.58 -52.98 -83.83
C THR G 158 -25.30 -52.15 -83.65
N PHE G 159 -24.92 -51.88 -82.39
CA PHE G 159 -23.63 -51.24 -82.03
C PHE G 159 -22.57 -52.34 -82.12
N ASN G 160 -22.15 -52.64 -83.34
CA ASN G 160 -21.48 -53.94 -83.65
C ASN G 160 -20.02 -53.87 -83.25
N TYR G 161 -19.34 -52.79 -83.56
CA TYR G 161 -17.91 -52.55 -83.24
C TYR G 161 -17.63 -51.05 -83.17
N GLY G 162 -16.42 -50.71 -82.73
CA GLY G 162 -15.83 -49.37 -82.84
C GLY G 162 -16.25 -48.43 -81.70
N GLN G 163 -16.72 -48.98 -80.59
CA GLN G 163 -17.08 -48.18 -79.40
C GLN G 163 -15.89 -47.30 -79.05
N THR G 164 -16.11 -45.99 -79.01
CA THR G 164 -15.07 -45.01 -78.65
C THR G 164 -15.78 -43.69 -78.37
N LEU G 165 -15.11 -42.82 -77.65
CA LEU G 165 -15.49 -41.41 -77.43
C LEU G 165 -14.46 -40.54 -78.13
N PHE G 166 -14.86 -39.43 -78.73
CA PHE G 166 -13.84 -38.44 -79.13
C PHE G 166 -14.33 -37.06 -78.72
N GLN G 167 -13.36 -36.21 -78.45
CA GLN G 167 -13.50 -34.74 -78.31
C GLN G 167 -12.89 -34.11 -79.55
N ALA G 168 -13.67 -33.38 -80.34
CA ALA G 168 -13.20 -32.81 -81.62
C ALA G 168 -13.53 -31.32 -81.70
N ASP G 169 -12.56 -30.55 -82.16
CA ASP G 169 -12.68 -29.15 -82.63
C ASP G 169 -13.01 -29.21 -84.12
N TRP G 170 -14.21 -28.80 -84.52
CA TRP G 170 -14.66 -28.94 -85.93
C TRP G 170 -14.43 -27.66 -86.75
N LEU G 171 -13.96 -26.55 -86.15
CA LEU G 171 -13.92 -25.26 -86.90
C LEU G 171 -12.50 -24.68 -86.96
N GLY G 172 -11.63 -24.98 -86.00
CA GLY G 172 -10.25 -24.46 -85.95
C GLY G 172 -10.12 -23.35 -84.94
N ASN G 173 -10.19 -23.68 -83.65
CA ASN G 173 -9.93 -22.73 -82.53
C ASN G 173 -9.08 -23.45 -81.48
N GLY G 174 -7.91 -23.93 -81.89
CA GLY G 174 -6.94 -24.66 -81.04
C GLY G 174 -6.48 -23.83 -79.85
N GLN G 175 -6.66 -22.50 -79.90
CA GLN G 175 -6.34 -21.57 -78.78
C GLN G 175 -7.27 -21.82 -77.60
N ASP G 176 -8.49 -22.30 -77.86
CA ASP G 176 -9.58 -22.44 -76.85
C ASP G 176 -9.51 -23.86 -76.27
N VAL G 177 -9.43 -23.97 -74.94
CA VAL G 177 -9.32 -25.28 -74.25
C VAL G 177 -10.71 -25.93 -74.15
N ARG G 178 -10.77 -27.25 -74.34
CA ARG G 178 -11.97 -28.09 -74.12
C ARG G 178 -11.53 -29.25 -73.23
N GLU G 179 -12.33 -29.56 -72.22
CA GLU G 179 -12.05 -30.57 -71.16
C GLU G 179 -13.38 -31.19 -70.73
N ALA G 180 -13.40 -32.50 -70.52
CA ALA G 180 -14.55 -33.23 -69.99
C ALA G 180 -14.06 -34.48 -69.26
N ARG G 181 -15.00 -35.14 -68.63
CA ARG G 181 -14.80 -36.32 -67.78
C ARG G 181 -15.81 -37.38 -68.21
N VAL G 182 -15.49 -38.66 -68.06
CA VAL G 182 -16.46 -39.75 -68.34
C VAL G 182 -16.21 -40.85 -67.31
N LYS G 183 -17.25 -41.60 -67.03
CA LYS G 183 -17.21 -42.81 -66.17
C LYS G 183 -18.46 -43.62 -66.51
N ASN G 184 -18.60 -44.80 -65.93
CA ASN G 184 -19.82 -45.62 -66.02
C ASN G 184 -20.08 -46.00 -67.48
N GLY G 185 -19.04 -46.32 -68.24
CA GLY G 185 -19.19 -46.94 -69.56
C GLY G 185 -19.60 -48.39 -69.45
N TYR G 186 -20.76 -48.75 -70.01
CA TYR G 186 -21.28 -50.14 -70.05
C TYR G 186 -21.95 -50.40 -71.39
N GLY G 187 -21.84 -51.63 -71.84
CA GLY G 187 -22.63 -52.16 -72.97
C GLY G 187 -23.42 -53.35 -72.54
N ARG G 188 -24.58 -53.55 -73.16
CA ARG G 188 -25.32 -54.82 -73.01
C ARG G 188 -25.02 -55.71 -74.22
N ASN G 189 -24.55 -56.93 -74.00
CA ASN G 189 -24.05 -57.85 -75.05
C ASN G 189 -25.21 -58.34 -75.92
N ILE G 190 -25.05 -58.35 -77.23
CA ILE G 190 -25.96 -59.09 -78.16
C ILE G 190 -25.97 -60.57 -77.81
N SER G 191 -24.81 -61.12 -77.53
CA SER G 191 -24.59 -62.59 -77.34
C SER G 191 -25.51 -63.12 -76.24
N ASP G 192 -25.52 -62.50 -75.05
CA ASP G 192 -26.20 -63.11 -73.87
C ASP G 192 -27.04 -62.09 -73.08
N LYS G 193 -27.23 -60.87 -73.57
CA LYS G 193 -28.00 -59.81 -72.87
C LYS G 193 -27.40 -59.53 -71.47
N LYS G 194 -26.10 -59.78 -71.29
CA LYS G 194 -25.39 -59.44 -70.02
C LYS G 194 -24.57 -58.19 -70.23
N TRP G 195 -24.21 -57.52 -69.15
CA TRP G 195 -23.49 -56.23 -69.22
C TRP G 195 -21.99 -56.48 -69.27
N THR G 196 -21.32 -55.70 -70.09
CA THR G 196 -19.84 -55.55 -70.13
C THR G 196 -19.50 -54.19 -69.52
N SER G 197 -18.61 -54.16 -68.55
CA SER G 197 -18.13 -52.93 -67.87
C SER G 197 -16.87 -52.45 -68.57
N TRP G 198 -16.87 -51.22 -69.12
CA TRP G 198 -15.68 -50.57 -69.74
C TRP G 198 -14.84 -49.92 -68.63
N ASN G 199 -14.37 -50.71 -67.66
CA ASN G 199 -13.68 -50.16 -66.47
C ASN G 199 -12.27 -49.73 -66.87
N THR G 200 -11.74 -50.27 -67.97
CA THR G 200 -10.38 -49.95 -68.48
C THR G 200 -10.50 -49.31 -69.86
N GLN G 201 -10.02 -48.08 -69.99
CA GLN G 201 -10.09 -47.29 -71.26
C GLN G 201 -8.74 -46.66 -71.53
N SER G 202 -8.38 -46.52 -72.79
CA SER G 202 -7.17 -45.79 -73.23
C SER G 202 -7.59 -44.34 -73.53
N ILE G 203 -6.72 -43.38 -73.21
CA ILE G 203 -6.82 -41.97 -73.63
C ILE G 203 -5.66 -41.70 -74.58
N GLU G 204 -5.94 -41.18 -75.77
CA GLU G 204 -4.97 -41.12 -76.88
C GLU G 204 -5.24 -39.87 -77.71
N GLY G 205 -4.24 -39.04 -77.93
CA GLY G 205 -4.33 -37.94 -78.91
C GLY G 205 -4.49 -38.49 -80.31
N GLN G 206 -5.21 -37.77 -81.15
CA GLN G 206 -5.49 -38.18 -82.55
C GLN G 206 -4.19 -38.21 -83.36
N GLU G 207 -3.28 -37.28 -83.10
CA GLU G 207 -2.02 -37.08 -83.85
C GLU G 207 -0.85 -37.37 -82.91
N PRO G 208 -0.13 -38.49 -83.08
CA PRO G 208 1.02 -38.79 -82.23
C PRO G 208 2.11 -37.70 -82.23
N LEU G 209 2.15 -36.81 -83.22
CA LEU G 209 3.14 -35.71 -83.32
C LEU G 209 2.61 -34.43 -82.64
N ASN G 210 1.36 -34.41 -82.20
CA ASN G 210 0.72 -33.21 -81.57
C ASN G 210 0.42 -33.53 -80.10
N ASN G 211 1.07 -32.81 -79.18
CA ASN G 211 0.97 -33.03 -77.71
C ASN G 211 0.13 -31.93 -77.04
N ASN G 212 -0.64 -31.15 -77.80
CA ASN G 212 -1.51 -30.05 -77.30
C ASN G 212 -2.83 -30.62 -76.73
N TRP G 213 -2.74 -31.62 -75.85
CA TRP G 213 -3.89 -32.29 -75.22
C TRP G 213 -3.31 -32.98 -73.99
N ASP G 214 -4.15 -33.48 -73.09
CA ASP G 214 -3.70 -34.14 -71.84
C ASP G 214 -4.85 -35.02 -71.36
N GLY G 215 -4.57 -35.97 -70.47
CA GLY G 215 -5.58 -36.88 -69.94
C GLY G 215 -5.06 -37.57 -68.71
N GLY G 216 -5.97 -38.15 -67.94
CA GLY G 216 -5.65 -38.92 -66.75
C GLY G 216 -6.92 -39.43 -66.13
N ALA G 217 -6.82 -39.91 -64.89
CA ALA G 217 -7.96 -40.50 -64.18
C ALA G 217 -7.82 -40.21 -62.69
N THR G 218 -8.95 -40.04 -62.03
CA THR G 218 -9.11 -40.19 -60.57
C THR G 218 -9.69 -41.59 -60.37
N SER G 219 -9.95 -41.98 -59.13
CA SER G 219 -10.64 -43.24 -58.80
C SER G 219 -12.06 -43.22 -59.39
N GLU G 220 -12.62 -42.03 -59.68
CA GLU G 220 -14.04 -41.84 -60.09
C GLU G 220 -14.18 -41.74 -61.62
N TYR G 221 -13.32 -41.00 -62.31
CA TYR G 221 -13.53 -40.68 -63.74
C TYR G 221 -12.21 -40.57 -64.50
N LEU G 222 -12.30 -40.75 -65.83
CA LEU G 222 -11.25 -40.38 -66.80
C LEU G 222 -11.50 -38.92 -67.17
N TRP G 223 -10.45 -38.14 -67.35
CA TRP G 223 -10.58 -36.75 -67.86
C TRP G 223 -9.61 -36.56 -69.02
N PHE G 224 -9.88 -35.58 -69.86
CA PHE G 224 -9.10 -35.29 -71.07
C PHE G 224 -9.37 -33.85 -71.43
N LYS G 225 -8.38 -33.19 -72.00
CA LYS G 225 -8.50 -31.84 -72.54
C LYS G 225 -7.62 -31.66 -73.78
N ALA G 226 -7.86 -30.60 -74.53
CA ALA G 226 -7.11 -30.27 -75.75
C ALA G 226 -7.23 -28.77 -75.98
N GLY G 227 -6.21 -28.17 -76.59
CA GLY G 227 -6.21 -26.75 -76.98
C GLY G 227 -5.59 -25.90 -75.90
N GLY G 228 -5.48 -24.60 -76.17
CA GLY G 228 -4.81 -23.63 -75.27
C GLY G 228 -3.46 -24.14 -74.82
N ASP G 229 -3.19 -24.13 -73.51
CA ASP G 229 -1.85 -24.46 -72.94
C ASP G 229 -1.79 -25.95 -72.58
N SER G 230 -2.75 -26.76 -73.01
CA SER G 230 -2.74 -28.23 -72.79
C SER G 230 -1.41 -28.81 -73.30
N ARG G 231 -0.76 -29.67 -72.51
CA ARG G 231 0.49 -30.36 -72.92
C ARG G 231 0.49 -31.76 -72.29
N SER G 232 0.65 -32.80 -73.10
CA SER G 232 0.45 -34.19 -72.64
C SER G 232 1.43 -34.51 -71.52
N THR G 233 0.90 -35.08 -70.45
CA THR G 233 1.67 -35.65 -69.32
C THR G 233 1.73 -37.17 -69.47
N ILE G 234 1.17 -37.73 -70.56
CA ILE G 234 1.00 -39.20 -70.72
C ILE G 234 1.50 -39.64 -72.11
N GLY G 235 2.51 -38.95 -72.65
CA GLY G 235 3.07 -39.24 -73.98
C GLY G 235 2.01 -39.18 -75.07
N THR G 236 1.90 -40.22 -75.88
CA THR G 236 0.95 -40.31 -77.02
C THR G 236 -0.37 -40.92 -76.52
N GLY G 237 -0.37 -41.47 -75.30
CA GLY G 237 -1.58 -42.07 -74.71
C GLY G 237 -1.26 -43.01 -73.59
N LYS G 238 -2.26 -43.41 -72.82
CA LYS G 238 -2.12 -44.23 -71.61
C LYS G 238 -3.48 -44.85 -71.29
N THR G 239 -3.50 -46.03 -70.68
CA THR G 239 -4.71 -46.76 -70.25
C THR G 239 -4.90 -46.53 -68.74
N PHE G 240 -6.15 -46.48 -68.30
CA PHE G 240 -6.54 -46.21 -66.89
C PHE G 240 -7.74 -47.10 -66.56
N THR G 241 -7.82 -47.55 -65.31
CA THR G 241 -8.91 -48.39 -64.79
C THR G 241 -9.69 -47.59 -63.74
N LEU G 242 -11.01 -47.64 -63.81
CA LEU G 242 -11.92 -47.05 -62.79
C LEU G 242 -12.48 -48.17 -61.93
N ASN G 243 -12.90 -47.84 -60.71
CA ASN G 243 -13.40 -48.83 -59.73
C ASN G 243 -14.93 -48.96 -59.86
N GLN G 244 -15.48 -48.78 -61.06
CA GLN G 244 -16.96 -48.88 -61.27
C GLN G 244 -17.39 -50.33 -61.05
N PRO G 245 -18.62 -50.58 -60.57
CA PRO G 245 -19.12 -51.94 -60.41
C PRO G 245 -19.22 -52.64 -61.78
N SER G 246 -19.04 -53.95 -61.80
CA SER G 246 -19.08 -54.77 -63.03
C SER G 246 -20.51 -54.77 -63.59
N GLN G 247 -21.53 -54.58 -62.76
CA GLN G 247 -22.95 -54.39 -63.20
C GLN G 247 -23.30 -52.92 -63.07
N PRO G 248 -23.96 -52.32 -64.08
CA PRO G 248 -24.36 -50.91 -64.00
C PRO G 248 -25.50 -50.75 -62.98
N GLU G 249 -25.57 -49.59 -62.31
CA GLU G 249 -26.70 -49.26 -61.39
C GLU G 249 -27.88 -48.86 -62.27
N ILE G 250 -28.90 -49.72 -62.27
CA ILE G 250 -30.14 -49.58 -63.06
C ILE G 250 -31.25 -49.26 -62.05
N GLY G 251 -31.95 -48.17 -62.28
CA GLY G 251 -33.09 -47.78 -61.45
C GLY G 251 -34.27 -48.69 -61.70
N LYS G 252 -35.42 -48.30 -61.18
CA LYS G 252 -36.66 -49.09 -61.28
C LYS G 252 -37.64 -48.36 -62.17
N LEU G 253 -38.49 -49.12 -62.83
CA LEU G 253 -39.66 -48.62 -63.55
C LEU G 253 -40.76 -48.44 -62.50
N ASP G 254 -41.40 -47.27 -62.50
CA ASP G 254 -42.42 -46.91 -61.50
C ASP G 254 -43.37 -45.93 -62.18
N TYR G 255 -44.67 -46.24 -62.20
CA TYR G 255 -45.68 -45.39 -62.87
C TYR G 255 -46.99 -45.50 -62.11
N ASP G 256 -47.84 -44.51 -62.33
CA ASP G 256 -49.21 -44.44 -61.80
C ASP G 256 -50.15 -44.47 -62.99
N VAL G 257 -51.14 -45.35 -62.94
CA VAL G 257 -52.27 -45.29 -63.91
C VAL G 257 -53.13 -44.08 -63.53
N LYS G 258 -53.43 -43.21 -64.50
CA LYS G 258 -54.10 -41.92 -64.27
C LYS G 258 -55.59 -42.05 -64.57
N SER G 259 -55.94 -42.81 -65.62
CA SER G 259 -57.33 -43.08 -66.03
C SER G 259 -57.43 -44.52 -66.55
N THR G 260 -58.57 -45.16 -66.28
CA THR G 260 -58.92 -46.51 -66.78
C THR G 260 -60.43 -46.60 -66.86
N TYR G 261 -61.03 -46.11 -67.94
CA TYR G 261 -62.51 -46.02 -68.05
C TYR G 261 -62.96 -46.30 -69.48
N TYR G 262 -64.21 -46.75 -69.58
CA TYR G 262 -64.91 -47.14 -70.81
C TYR G 262 -66.24 -46.37 -70.90
N GLU G 263 -66.47 -45.63 -71.97
CA GLU G 263 -67.61 -44.70 -72.14
C GLU G 263 -67.82 -44.45 -73.64
N ASN G 264 -69.04 -44.63 -74.13
CA ASN G 264 -69.43 -44.41 -75.56
C ASN G 264 -68.55 -45.25 -76.46
N GLU G 265 -68.29 -46.51 -76.07
CA GLU G 265 -67.54 -47.52 -76.87
C GLU G 265 -66.10 -47.02 -77.12
N LYS G 266 -65.53 -46.28 -76.17
CA LYS G 266 -64.11 -45.83 -76.21
C LYS G 266 -63.46 -46.20 -74.87
N LEU G 267 -62.38 -46.96 -74.93
CA LEU G 267 -61.53 -47.31 -73.76
C LEU G 267 -60.43 -46.26 -73.68
N ASN G 268 -60.28 -45.62 -72.52
CA ASN G 268 -59.21 -44.64 -72.21
C ASN G 268 -58.40 -45.17 -71.05
N ILE G 269 -57.12 -45.41 -71.31
CA ILE G 269 -56.13 -45.81 -70.27
C ILE G 269 -54.91 -44.94 -70.50
N THR G 270 -54.52 -44.22 -69.45
CA THR G 270 -53.36 -43.30 -69.46
C THR G 270 -52.55 -43.60 -68.20
N TRP G 271 -51.27 -43.27 -68.24
CA TRP G 271 -50.36 -43.46 -67.10
C TRP G 271 -49.28 -42.38 -67.16
N GLN G 272 -48.56 -42.24 -66.07
CA GLN G 272 -47.44 -41.29 -65.96
C GLN G 272 -46.35 -41.97 -65.17
N LEU G 273 -45.17 -42.11 -65.78
CA LEU G 273 -43.99 -42.60 -65.06
C LEU G 273 -43.67 -41.54 -64.00
N LYS G 274 -43.20 -41.98 -62.85
CA LYS G 274 -42.65 -41.11 -61.79
C LYS G 274 -41.45 -40.37 -62.37
N ASP G 275 -41.20 -39.17 -61.88
CA ASP G 275 -40.08 -38.28 -62.26
C ASP G 275 -38.77 -39.07 -62.29
N SER G 276 -38.56 -39.97 -61.31
CA SER G 276 -37.30 -40.71 -61.09
C SER G 276 -37.31 -42.08 -61.78
N SER G 277 -38.35 -42.42 -62.54
CA SER G 277 -38.48 -43.75 -63.17
C SER G 277 -37.45 -43.89 -64.29
N THR G 278 -36.98 -45.10 -64.52
CA THR G 278 -36.37 -45.49 -65.81
C THR G 278 -37.39 -45.19 -66.91
N PRO G 279 -36.94 -44.90 -68.14
CA PRO G 279 -37.85 -44.48 -69.20
C PRO G 279 -38.55 -45.66 -69.89
N GLN G 280 -39.72 -45.38 -70.42
CA GLN G 280 -40.60 -46.38 -71.06
C GLN G 280 -40.00 -46.85 -72.40
N PHE G 281 -39.98 -48.15 -72.62
CA PHE G 281 -39.55 -48.77 -73.90
C PHE G 281 -40.77 -49.23 -74.69
N LYS G 282 -41.69 -49.92 -74.03
CA LYS G 282 -42.91 -50.41 -74.72
C LYS G 282 -43.99 -50.71 -73.70
N GLY G 283 -45.17 -51.00 -74.23
CA GLY G 283 -46.34 -51.32 -73.43
C GLY G 283 -47.23 -52.31 -74.12
N LYS G 284 -48.07 -52.97 -73.35
CA LYS G 284 -49.14 -53.85 -73.83
C LYS G 284 -50.25 -53.81 -72.80
N ILE G 285 -51.49 -53.96 -73.24
CA ILE G 285 -52.66 -54.01 -72.32
C ILE G 285 -53.53 -55.19 -72.74
N GLU G 286 -53.67 -56.15 -71.84
CA GLU G 286 -54.60 -57.29 -71.99
C GLU G 286 -55.88 -56.94 -71.20
N ILE G 287 -57.05 -57.15 -71.79
CA ILE G 287 -58.36 -56.88 -71.14
C ILE G 287 -59.06 -58.22 -70.92
N TYR G 288 -59.41 -58.49 -69.67
CA TYR G 288 -60.04 -59.75 -69.21
C TYR G 288 -61.46 -59.45 -68.74
N ASN G 289 -62.34 -60.43 -68.83
CA ASN G 289 -63.74 -60.35 -68.36
C ASN G 289 -63.83 -60.86 -66.92
N ASN G 290 -62.71 -61.07 -66.23
CA ASN G 290 -62.70 -61.61 -64.84
C ASN G 290 -61.51 -61.01 -64.07
N GLU G 291 -61.66 -60.86 -62.76
CA GLU G 291 -60.68 -60.22 -61.84
C GLU G 291 -59.38 -61.04 -61.80
N ASN G 292 -59.46 -62.37 -61.83
CA ASN G 292 -58.26 -63.24 -61.67
C ASN G 292 -57.42 -63.26 -62.94
N MET G 293 -57.95 -62.78 -64.05
CA MET G 293 -57.30 -62.77 -65.40
C MET G 293 -56.88 -64.19 -65.77
N THR G 294 -57.81 -65.13 -65.58
CA THR G 294 -57.72 -66.54 -66.07
C THR G 294 -58.27 -66.57 -67.48
N GLY G 295 -58.04 -67.68 -68.19
CA GLY G 295 -58.45 -67.84 -69.59
C GLY G 295 -57.70 -66.89 -70.52
N GLN G 296 -58.35 -66.54 -71.62
CA GLN G 296 -57.81 -65.66 -72.67
C GLN G 296 -58.39 -64.27 -72.48
N PRO G 297 -57.58 -63.22 -72.71
CA PRO G 297 -58.11 -61.87 -72.74
C PRO G 297 -59.19 -61.79 -73.84
N ILE G 298 -60.19 -60.95 -73.64
CA ILE G 298 -61.23 -60.66 -74.68
C ILE G 298 -60.64 -59.66 -75.68
N ASN G 299 -59.64 -58.87 -75.29
CA ASN G 299 -58.95 -57.97 -76.23
C ASN G 299 -57.54 -57.69 -75.73
N VAL G 300 -56.66 -57.41 -76.69
CA VAL G 300 -55.25 -57.05 -76.41
C VAL G 300 -54.93 -55.80 -77.22
N ILE G 301 -54.30 -54.83 -76.58
CA ILE G 301 -53.73 -53.65 -77.27
C ILE G 301 -52.21 -53.85 -77.26
N ASN G 302 -51.65 -54.06 -78.43
CA ASN G 302 -50.21 -54.40 -78.62
C ASN G 302 -49.43 -53.17 -79.10
N ASP G 303 -48.10 -53.26 -79.02
CA ASP G 303 -47.15 -52.38 -79.74
C ASP G 303 -47.37 -50.94 -79.25
N ILE G 304 -47.58 -50.74 -77.94
CA ILE G 304 -47.58 -49.37 -77.35
C ILE G 304 -46.12 -48.93 -77.29
N LYS G 305 -45.81 -47.78 -77.90
CA LYS G 305 -44.43 -47.32 -78.20
C LYS G 305 -43.82 -46.65 -76.95
N SER G 306 -42.51 -46.41 -76.97
CA SER G 306 -41.78 -45.71 -75.90
C SER G 306 -42.40 -44.34 -75.64
N TYR G 307 -42.84 -43.66 -76.70
CA TYR G 307 -43.32 -42.25 -76.67
C TYR G 307 -44.85 -42.15 -76.48
N GLN G 308 -45.54 -43.22 -76.12
CA GLN G 308 -47.03 -43.20 -75.90
C GLN G 308 -47.33 -43.47 -74.43
N ASN G 309 -48.03 -42.57 -73.75
CA ASN G 309 -48.35 -42.71 -72.30
C ASN G 309 -49.86 -42.96 -72.14
N GLY G 310 -50.54 -43.36 -73.21
CA GLY G 310 -51.95 -43.79 -73.08
C GLY G 310 -52.49 -44.35 -74.37
N ILE G 311 -53.72 -44.84 -74.31
CA ILE G 311 -54.49 -45.31 -75.50
C ILE G 311 -55.90 -44.76 -75.37
N SER G 312 -56.51 -44.45 -76.51
CA SER G 312 -57.94 -44.10 -76.68
C SER G 312 -58.43 -44.88 -77.89
N GLN G 313 -59.23 -45.92 -77.65
CA GLN G 313 -59.52 -46.94 -78.69
C GLN G 313 -61.02 -47.27 -78.69
N SER G 314 -61.60 -47.28 -79.90
CA SER G 314 -62.97 -47.78 -80.18
C SER G 314 -62.98 -49.29 -79.98
N ILE G 315 -63.87 -49.79 -79.12
CA ILE G 315 -63.91 -51.22 -78.69
C ILE G 315 -65.26 -51.52 -78.03
N SER G 316 -65.79 -52.73 -78.23
CA SER G 316 -67.01 -53.24 -77.55
C SER G 316 -66.60 -54.08 -76.34
N LEU G 317 -66.94 -53.62 -75.14
CA LEU G 317 -66.61 -54.33 -73.88
C LEU G 317 -67.87 -54.67 -73.11
N PRO G 318 -67.89 -55.82 -72.40
CA PRO G 318 -68.92 -56.13 -71.42
C PRO G 318 -68.72 -55.32 -70.12
N THR G 319 -69.57 -55.58 -69.13
CA THR G 319 -69.78 -54.76 -67.91
C THR G 319 -68.52 -54.73 -67.03
N ASN G 320 -67.99 -55.89 -66.63
CA ASN G 320 -66.94 -55.98 -65.59
C ASN G 320 -65.63 -56.43 -66.24
N THR G 321 -64.84 -55.49 -66.75
CA THR G 321 -63.54 -55.79 -67.41
C THR G 321 -62.41 -55.30 -66.52
N TYR G 322 -61.26 -55.96 -66.66
CA TYR G 322 -60.02 -55.70 -65.91
C TYR G 322 -58.90 -55.58 -66.94
N ALA G 323 -58.05 -54.58 -66.74
CA ALA G 323 -56.91 -54.29 -67.64
C ALA G 323 -55.63 -54.75 -66.95
N LYS G 324 -54.87 -55.60 -67.62
CA LYS G 324 -53.48 -55.95 -67.25
C LYS G 324 -52.57 -55.01 -68.05
N ILE G 325 -52.01 -54.01 -67.38
CA ILE G 325 -51.12 -53.01 -68.02
C ILE G 325 -49.69 -53.49 -67.80
N VAL G 326 -49.00 -53.77 -68.90
CA VAL G 326 -47.63 -54.32 -68.89
C VAL G 326 -46.72 -53.30 -69.56
N LEU G 327 -45.97 -52.55 -68.77
CA LEU G 327 -44.97 -51.59 -69.28
C LEU G 327 -43.58 -52.17 -69.07
N THR G 328 -42.69 -51.95 -70.03
CA THR G 328 -41.27 -52.31 -69.87
C THR G 328 -40.40 -51.11 -70.22
N ASP G 329 -39.32 -50.98 -69.46
CA ASP G 329 -38.37 -49.86 -69.57
C ASP G 329 -37.26 -50.23 -70.57
N ILE G 330 -36.36 -49.30 -70.83
CA ILE G 330 -35.29 -49.46 -71.84
C ILE G 330 -34.29 -50.53 -71.38
N PHE G 331 -34.33 -50.94 -70.12
CA PHE G 331 -33.48 -52.04 -69.61
C PHE G 331 -34.24 -53.37 -69.56
N ASP G 332 -35.40 -53.46 -70.23
CA ASP G 332 -36.23 -54.68 -70.30
C ASP G 332 -36.78 -55.06 -68.91
N GLN G 333 -36.88 -54.11 -67.97
CA GLN G 333 -37.58 -54.38 -66.70
C GLN G 333 -39.07 -54.16 -66.92
N THR G 334 -39.88 -55.10 -66.46
CA THR G 334 -41.35 -55.06 -66.69
C THR G 334 -42.06 -54.79 -65.36
N VAL G 335 -43.01 -53.88 -65.37
CA VAL G 335 -43.94 -53.66 -64.23
C VAL G 335 -45.37 -53.79 -64.75
N GLU G 336 -46.11 -54.70 -64.14
CA GLU G 336 -47.51 -55.07 -64.50
C GLU G 336 -48.43 -54.53 -63.42
N LYS G 337 -49.48 -53.78 -63.81
CA LYS G 337 -50.58 -53.37 -62.90
C LYS G 337 -51.90 -53.96 -63.39
N LYS G 338 -52.76 -54.38 -62.46
CA LYS G 338 -54.15 -54.85 -62.75
C LYS G 338 -55.11 -53.76 -62.26
N VAL G 339 -55.90 -53.18 -63.16
CA VAL G 339 -56.87 -52.12 -62.80
C VAL G 339 -58.26 -52.48 -63.34
N LYS G 340 -59.28 -52.35 -62.49
CA LYS G 340 -60.68 -52.52 -62.92
C LYS G 340 -61.02 -51.38 -63.87
N ILE G 341 -61.61 -51.66 -65.03
CA ILE G 341 -62.04 -50.60 -65.97
C ILE G 341 -63.35 -50.01 -65.44
N LYS G 342 -63.44 -48.68 -65.28
CA LYS G 342 -64.63 -48.01 -64.69
C LYS G 342 -65.60 -47.62 -65.81
N GLY H 2 -26.33 -27.58 29.42
CA GLY H 2 -26.27 -27.43 30.89
C GLY H 2 -25.48 -28.55 31.59
N GLY H 3 -24.44 -29.06 30.97
CA GLY H 3 -23.57 -30.05 31.66
C GLY H 3 -22.27 -29.43 32.13
N ALA H 4 -21.18 -30.19 32.07
CA ALA H 4 -19.85 -29.68 32.47
C ALA H 4 -19.40 -28.56 31.52
N SER H 5 -18.64 -27.61 32.04
CA SER H 5 -18.27 -26.41 31.25
C SER H 5 -16.84 -26.57 30.76
N ALA H 6 -16.53 -26.08 29.56
CA ALA H 6 -15.14 -25.94 29.12
C ALA H 6 -14.45 -24.99 30.09
N PRO H 7 -13.18 -25.21 30.43
CA PRO H 7 -12.43 -24.24 31.23
C PRO H 7 -12.24 -22.93 30.44
N GLY H 8 -12.27 -21.81 31.15
CA GLY H 8 -11.96 -20.50 30.61
C GLY H 8 -10.48 -20.46 30.22
N VAL H 9 -10.17 -19.67 29.21
CA VAL H 9 -8.76 -19.36 28.85
C VAL H 9 -8.63 -17.84 28.82
N TYR H 10 -7.54 -17.33 29.39
CA TYR H 10 -7.22 -15.89 29.47
C TYR H 10 -5.95 -15.65 28.66
N VAL H 11 -5.98 -14.61 27.85
CA VAL H 11 -4.81 -14.08 27.11
C VAL H 11 -4.61 -12.65 27.59
N THR H 12 -3.45 -12.38 28.20
CA THR H 12 -3.23 -11.14 28.96
C THR H 12 -1.91 -10.50 28.51
N PRO H 13 -1.95 -9.24 28.03
CA PRO H 13 -0.73 -8.52 27.70
C PRO H 13 0.18 -8.40 28.93
N LYS H 14 1.49 -8.39 28.71
CA LYS H 14 2.47 -8.21 29.79
C LYS H 14 2.59 -6.74 30.15
N ASN H 15 2.22 -5.82 29.25
CA ASN H 15 2.66 -4.41 29.32
C ASN H 15 1.52 -3.43 29.04
N SER H 16 0.27 -3.79 29.31
CA SER H 16 -0.84 -2.83 29.07
C SER H 16 -0.84 -1.75 30.17
N VAL H 17 -1.30 -0.56 29.81
CA VAL H 17 -1.42 0.62 30.72
C VAL H 17 -2.78 1.28 30.50
N SER H 18 -3.07 2.29 31.32
CA SER H 18 -4.29 3.12 31.24
C SER H 18 -4.36 3.75 29.85
N SER H 19 -5.48 3.54 29.16
CA SER H 19 -5.67 3.79 27.72
C SER H 19 -7.01 4.49 27.45
N ASP H 20 -7.08 5.30 26.40
CA ASP H 20 -8.36 5.81 25.87
C ASP H 20 -8.77 5.07 24.59
N ILE H 21 -7.85 4.36 23.94
CA ILE H 21 -8.15 3.48 22.77
C ILE H 21 -7.55 2.12 23.07
N ILE H 22 -8.33 1.05 22.87
CA ILE H 22 -7.84 -0.34 22.95
C ILE H 22 -8.28 -1.08 21.68
N SER H 23 -7.36 -1.85 21.10
CA SER H 23 -7.62 -2.51 19.81
C SER H 23 -7.04 -3.92 19.84
N ILE H 24 -7.75 -4.88 19.27
CA ILE H 24 -7.21 -6.24 19.02
C ILE H 24 -7.90 -6.85 17.80
N ASP H 25 -7.18 -7.74 17.12
CA ASP H 25 -7.68 -8.51 15.95
C ASP H 25 -7.97 -9.93 16.41
N TRP H 26 -9.14 -10.47 16.02
CA TRP H 26 -9.64 -11.78 16.44
C TRP H 26 -10.13 -12.53 15.19
N SER H 27 -9.91 -13.82 15.20
CA SER H 27 -10.35 -14.76 14.13
C SER H 27 -10.84 -16.04 14.78
N PRO H 28 -12.12 -16.42 14.55
CA PRO H 28 -12.65 -17.64 15.10
C PRO H 28 -12.23 -18.85 14.26
N VAL H 29 -11.94 -19.96 14.93
CA VAL H 29 -11.50 -21.21 14.27
C VAL H 29 -12.50 -22.34 14.56
N GLN H 30 -12.88 -22.56 15.81
CA GLN H 30 -13.98 -23.49 16.15
C GLN H 30 -14.97 -22.75 17.06
N THR H 31 -16.28 -22.91 16.82
CA THR H 31 -17.28 -22.02 17.43
C THR H 31 -18.41 -22.83 18.08
N ALA H 32 -18.09 -23.52 19.17
CA ALA H 32 -19.07 -24.14 20.06
C ALA H 32 -20.11 -23.11 20.45
N PRO H 33 -21.41 -23.49 20.53
CA PRO H 33 -22.41 -22.57 21.02
C PRO H 33 -22.13 -22.18 22.48
N TYR H 34 -22.63 -21.02 22.87
CA TYR H 34 -22.58 -20.49 24.25
C TYR H 34 -21.12 -20.13 24.57
N THR H 35 -20.40 -19.65 23.56
CA THR H 35 -19.00 -19.17 23.71
C THR H 35 -18.99 -17.64 23.65
N TYR H 36 -18.35 -16.99 24.62
CA TYR H 36 -18.06 -15.55 24.59
C TYR H 36 -16.54 -15.39 24.54
N TRP H 37 -16.07 -14.79 23.44
CA TRP H 37 -14.69 -14.26 23.29
C TRP H 37 -14.76 -12.80 23.70
N ALA H 38 -14.55 -12.53 24.99
CA ALA H 38 -14.47 -11.15 25.47
C ALA H 38 -13.04 -10.67 25.18
N VAL H 39 -12.85 -9.96 24.05
CA VAL H 39 -11.48 -9.67 23.56
C VAL H 39 -10.94 -8.42 24.27
N HIS H 40 -11.85 -7.63 24.86
CA HIS H 40 -11.54 -6.43 25.65
C HIS H 40 -12.23 -6.53 27.01
N ASN H 41 -11.49 -6.18 28.06
CA ASN H 41 -11.96 -6.21 29.46
C ASN H 41 -11.30 -5.04 30.15
N TRP H 42 -12.01 -4.35 31.02
CA TRP H 42 -11.40 -3.23 31.78
C TRP H 42 -12.07 -3.06 33.14
N ASN H 43 -11.28 -2.59 34.10
CA ASN H 43 -11.76 -2.01 35.39
C ASN H 43 -12.56 -3.04 36.18
N GLN H 44 -12.04 -4.25 36.33
CA GLN H 44 -12.73 -5.34 37.06
C GLN H 44 -12.98 -4.90 38.50
N GLY H 45 -14.24 -4.99 38.96
CA GLY H 45 -14.59 -4.61 40.34
C GLY H 45 -14.56 -3.11 40.53
N GLY H 46 -14.43 -2.34 39.46
CA GLY H 46 -14.18 -0.89 39.55
C GLY H 46 -15.17 -0.06 38.78
N GLU H 47 -15.03 1.26 38.89
CA GLU H 47 -15.91 2.24 38.23
C GLU H 47 -15.77 2.07 36.72
N ALA H 48 -16.92 1.89 36.05
CA ALA H 48 -17.09 1.74 34.58
C ALA H 48 -16.41 0.46 34.13
N GLY H 49 -16.39 -0.56 34.98
CA GLY H 49 -16.05 -1.92 34.54
C GLY H 49 -16.85 -2.28 33.29
N GLY H 50 -16.20 -2.91 32.32
CA GLY H 50 -16.90 -3.33 31.10
C GLY H 50 -16.12 -4.41 30.36
N TYR H 51 -16.75 -4.89 29.29
CA TYR H 51 -16.13 -5.82 28.34
C TYR H 51 -16.82 -5.70 26.99
N ALA H 52 -16.17 -6.29 26.00
CA ALA H 52 -16.69 -6.33 24.62
C ALA H 52 -16.04 -7.49 23.88
N GLY H 53 -16.76 -8.02 22.90
CA GLY H 53 -16.21 -9.10 22.06
C GLY H 53 -17.30 -9.71 21.20
N PHE H 54 -17.18 -11.01 21.02
CA PHE H 54 -17.92 -11.80 20.00
C PHE H 54 -18.58 -12.98 20.69
N GLN H 55 -19.82 -13.33 20.29
CA GLN H 55 -20.49 -14.49 20.88
C GLN H 55 -21.04 -15.39 19.77
N GLN H 56 -20.86 -16.70 19.95
CA GLN H 56 -21.67 -17.74 19.28
C GLN H 56 -22.81 -18.06 20.24
N GLN H 57 -23.95 -17.42 20.05
CA GLN H 57 -25.10 -17.52 21.00
C GLN H 57 -25.88 -18.81 20.79
N SER H 58 -25.86 -19.38 19.58
CA SER H 58 -26.52 -20.67 19.28
C SER H 58 -25.87 -21.29 18.04
N GLY H 59 -25.92 -22.62 17.95
CA GLY H 59 -25.43 -23.40 16.79
C GLY H 59 -23.91 -23.44 16.81
N PHE H 60 -23.33 -24.13 15.82
CA PHE H 60 -21.90 -24.48 15.76
C PHE H 60 -21.20 -23.72 14.63
N ASP H 61 -21.93 -22.93 13.84
CA ASP H 61 -21.40 -22.40 12.57
C ASP H 61 -22.13 -21.10 12.23
N GLU H 62 -21.91 -20.60 11.01
CA GLU H 62 -22.45 -19.29 10.53
C GLU H 62 -23.99 -19.34 10.47
N ASN H 63 -24.60 -20.52 10.48
CA ASN H 63 -26.08 -20.63 10.45
C ASN H 63 -26.65 -20.43 11.85
N GLY H 64 -25.79 -20.42 12.88
CA GLY H 64 -26.19 -20.09 14.26
C GLY H 64 -26.27 -18.58 14.46
N LYS H 65 -26.54 -18.13 15.67
CA LYS H 65 -26.68 -16.69 15.98
C LYS H 65 -25.31 -16.16 16.43
N ARG H 66 -24.67 -15.38 15.57
CA ARG H 66 -23.34 -14.79 15.83
C ARG H 66 -23.52 -13.31 16.13
N THR H 67 -22.85 -12.83 17.18
CA THR H 67 -23.03 -11.43 17.65
C THR H 67 -21.70 -10.78 18.03
N LEU H 68 -21.76 -9.46 18.17
CA LEU H 68 -20.83 -8.62 18.97
C LEU H 68 -21.53 -8.35 20.29
N HIS H 69 -20.73 -8.11 21.31
CA HIS H 69 -21.19 -7.86 22.69
C HIS H 69 -20.42 -6.66 23.21
N PHE H 70 -21.04 -5.90 24.10
CA PHE H 70 -20.49 -4.67 24.71
C PHE H 70 -21.34 -4.44 25.96
N ALA H 71 -20.72 -4.30 27.12
CA ALA H 71 -21.45 -4.11 28.40
C ALA H 71 -20.62 -3.19 29.28
N VAL H 72 -21.30 -2.33 30.04
CA VAL H 72 -20.65 -1.49 31.08
C VAL H 72 -21.54 -1.61 32.31
N TRP H 73 -20.92 -1.88 33.45
CA TRP H 73 -21.67 -2.01 34.72
C TRP H 73 -22.08 -0.64 35.24
N ASP H 74 -23.21 -0.59 35.94
CA ASP H 74 -23.76 0.66 36.51
C ASP H 74 -22.74 1.36 37.39
N PRO H 75 -22.81 2.70 37.42
CA PRO H 75 -21.96 3.51 38.28
C PRO H 75 -22.02 3.07 39.76
N ILE H 76 -20.90 3.19 40.46
CA ILE H 76 -20.73 2.73 41.87
C ILE H 76 -21.60 3.61 42.78
N SER H 77 -21.51 4.94 42.62
CA SER H 77 -22.13 5.93 43.53
C SER H 77 -23.29 6.65 42.80
N SER H 78 -23.06 7.16 41.57
CA SER H 78 -24.05 8.01 40.88
C SER H 78 -25.34 7.19 40.68
N LYS H 79 -26.50 7.86 40.78
CA LYS H 79 -27.80 7.22 40.57
C LYS H 79 -28.26 7.44 39.12
N GLU H 80 -27.49 8.19 38.33
CA GLU H 80 -27.87 8.51 36.93
C GLU H 80 -27.70 7.24 36.10
N ALA H 81 -28.57 7.02 35.12
CA ALA H 81 -28.55 5.83 34.24
C ALA H 81 -27.45 6.00 33.18
N ILE H 82 -26.84 4.88 32.81
CA ILE H 82 -26.06 4.77 31.54
C ILE H 82 -27.06 4.87 30.39
N LYS H 83 -26.75 5.66 29.40
CA LYS H 83 -27.58 5.86 28.18
C LYS H 83 -26.93 5.17 26.99
N ALA H 84 -27.71 4.50 26.17
CA ALA H 84 -27.29 4.04 24.84
C ALA H 84 -27.41 5.25 23.90
N GLU H 85 -26.32 5.96 23.67
CA GLU H 85 -26.32 7.17 22.82
C GLU H 85 -26.49 6.79 21.34
N TYR H 86 -25.91 5.67 20.91
CA TYR H 86 -25.96 5.20 19.50
C TYR H 86 -25.94 3.68 19.51
N VAL H 87 -26.82 3.08 18.70
CA VAL H 87 -26.84 1.64 18.38
C VAL H 87 -26.92 1.52 16.85
N SER H 88 -26.17 0.60 16.27
CA SER H 88 -26.13 0.37 14.81
C SER H 88 -27.46 -0.26 14.43
N PRO H 89 -27.81 -0.35 13.13
CA PRO H 89 -29.09 -0.92 12.73
C PRO H 89 -29.31 -2.36 13.19
N THR H 90 -28.27 -3.14 13.45
CA THR H 90 -28.41 -4.54 13.95
C THR H 90 -28.05 -4.65 15.42
N SER H 91 -27.97 -3.51 16.12
CA SER H 91 -27.62 -3.48 17.56
C SER H 91 -28.86 -3.27 18.41
N VAL H 92 -28.93 -3.91 19.56
CA VAL H 92 -30.02 -3.68 20.57
C VAL H 92 -29.38 -3.42 21.94
N ALA H 93 -29.69 -2.28 22.54
CA ALA H 93 -29.33 -1.91 23.93
C ALA H 93 -30.38 -2.46 24.89
N SER H 94 -29.96 -3.07 26.00
CA SER H 94 -30.87 -3.52 27.07
C SER H 94 -30.13 -3.46 28.42
N ASN H 95 -30.90 -3.33 29.50
CA ASN H 95 -30.34 -3.35 30.87
C ASN H 95 -30.19 -4.83 31.26
N PHE H 96 -29.10 -5.17 31.89
CA PHE H 96 -28.89 -6.52 32.48
C PHE H 96 -28.99 -6.40 33.98
N GLY H 97 -29.25 -7.54 34.65
CA GLY H 97 -29.39 -7.71 36.10
C GLY H 97 -29.02 -9.11 36.47
N GLY H 98 -28.90 -9.40 37.77
CA GLY H 98 -28.58 -10.76 38.27
C GLY H 98 -27.14 -11.16 38.02
N GLU H 99 -26.30 -10.21 37.63
CA GLU H 99 -24.83 -10.42 37.43
C GLU H 99 -24.19 -9.05 37.65
N GLY H 100 -24.56 -8.42 38.76
CA GLY H 100 -24.61 -6.95 38.87
C GLY H 100 -25.60 -6.39 37.87
N THR H 101 -25.59 -5.08 37.68
CA THR H 101 -26.54 -4.39 36.80
C THR H 101 -25.76 -3.45 35.89
N GLY H 102 -26.32 -3.17 34.71
CA GLY H 102 -25.74 -2.18 33.81
C GLY H 102 -26.39 -2.24 32.46
N LEU H 103 -25.65 -1.80 31.45
CA LEU H 103 -26.18 -1.66 30.08
C LEU H 103 -25.34 -2.54 29.16
N LYS H 104 -26.02 -3.25 28.27
CA LYS H 104 -25.32 -4.03 27.23
C LYS H 104 -25.90 -3.69 25.86
N ILE H 105 -25.06 -3.77 24.85
CA ILE H 105 -25.45 -3.67 23.43
C ILE H 105 -25.03 -4.98 22.75
N GLN H 106 -26.00 -5.71 22.24
CA GLN H 106 -25.82 -6.98 21.49
C GLN H 106 -26.11 -6.67 20.02
N THR H 107 -25.21 -7.07 19.12
CA THR H 107 -25.21 -6.69 17.70
C THR H 107 -25.18 -7.98 16.87
N THR H 108 -26.22 -8.26 16.08
CA THR H 108 -26.16 -9.36 15.11
C THR H 108 -25.10 -9.00 14.09
N TYR H 109 -24.17 -9.91 13.87
CA TYR H 109 -23.00 -9.65 13.02
C TYR H 109 -22.53 -10.97 12.45
N ASP H 110 -22.58 -11.09 11.12
CA ASP H 110 -22.28 -12.38 10.42
C ASP H 110 -20.76 -12.52 10.24
N TRP H 111 -20.03 -12.62 11.34
CA TRP H 111 -18.57 -12.85 11.27
C TRP H 111 -18.34 -14.33 10.88
N LYS H 112 -17.21 -14.59 10.26
CA LYS H 112 -16.89 -15.86 9.55
C LYS H 112 -15.61 -16.47 10.08
N ASN H 113 -15.58 -17.81 10.11
CA ASN H 113 -14.39 -18.58 10.53
C ASN H 113 -13.23 -18.19 9.64
N TYR H 114 -12.06 -18.04 10.25
CA TYR H 114 -10.74 -17.84 9.59
C TYR H 114 -10.68 -16.47 8.92
N ASN H 115 -11.61 -15.60 9.22
CA ASN H 115 -11.55 -14.16 8.82
C ASN H 115 -11.16 -13.35 10.06
N TRP H 116 -10.63 -12.14 9.85
CA TRP H 116 -10.06 -11.29 10.93
C TRP H 116 -11.02 -10.15 11.19
N TYR H 117 -11.27 -9.87 12.48
CA TYR H 117 -12.13 -8.76 12.91
C TYR H 117 -11.36 -7.93 13.92
N ARG H 118 -11.32 -6.63 13.66
CA ARG H 118 -10.61 -5.68 14.53
C ARG H 118 -11.66 -4.99 15.38
N MET H 119 -11.65 -5.25 16.68
CA MET H 119 -12.52 -4.51 17.62
C MET H 119 -11.67 -3.41 18.28
N THR H 120 -12.05 -2.16 18.02
CA THR H 120 -11.42 -0.94 18.59
C THR H 120 -12.45 -0.21 19.44
N MET H 121 -12.11 0.02 20.70
CA MET H 121 -12.95 0.75 21.68
C MET H 121 -12.26 2.07 21.96
N ARG H 122 -13.03 3.12 22.11
CA ARG H 122 -12.50 4.43 22.52
C ARG H 122 -13.34 4.95 23.68
N SER H 123 -12.70 5.55 24.65
CA SER H 123 -13.38 6.29 25.75
C SER H 123 -12.97 7.75 25.63
N TRP H 124 -13.89 8.65 25.85
CA TRP H 124 -13.63 10.11 25.76
C TRP H 124 -14.54 10.88 26.71
N GLN H 125 -14.11 12.10 27.04
CA GLN H 125 -14.85 13.06 27.91
C GLN H 125 -15.76 13.92 27.03
N GLU H 126 -17.06 14.01 27.34
CA GLU H 126 -18.05 14.86 26.62
C GLU H 126 -19.10 15.28 27.65
N ASN H 127 -19.29 16.59 27.84
CA ASN H 127 -20.38 17.15 28.70
C ASN H 127 -20.32 16.58 30.13
N GLY H 128 -19.12 16.42 30.70
CA GLY H 128 -18.95 16.01 32.10
C GLY H 128 -19.18 14.53 32.32
N HIS H 129 -19.45 13.78 31.25
CA HIS H 129 -19.62 12.30 31.27
C HIS H 129 -18.46 11.63 30.52
N THR H 130 -18.31 10.32 30.67
CA THR H 130 -17.38 9.51 29.85
C THR H 130 -18.22 8.71 28.83
N LYS H 131 -17.86 8.78 27.57
CA LYS H 131 -18.44 7.94 26.49
C LYS H 131 -17.52 6.76 26.26
N PHE H 132 -18.13 5.61 25.96
CA PHE H 132 -17.45 4.38 25.53
C PHE H 132 -18.02 3.99 24.18
N GLY H 133 -17.16 3.88 23.18
CA GLY H 133 -17.56 3.57 21.80
C GLY H 133 -16.95 2.26 21.33
N GLN H 134 -17.70 1.51 20.54
CA GLN H 134 -17.28 0.21 19.95
C GLN H 134 -17.29 0.34 18.44
N TRP H 135 -16.14 0.14 17.80
CA TRP H 135 -15.95 0.08 16.33
C TRP H 135 -15.46 -1.31 15.94
N LEU H 136 -15.84 -1.75 14.74
CA LEU H 136 -15.44 -3.08 14.24
C LEU H 136 -15.02 -2.95 12.79
N LYS H 137 -13.79 -3.37 12.50
CA LYS H 137 -13.30 -3.45 11.12
C LYS H 137 -13.38 -4.90 10.64
N ASP H 138 -14.11 -5.10 9.55
CA ASP H 138 -14.11 -6.40 8.84
C ASP H 138 -12.87 -6.36 7.95
N VAL H 139 -11.83 -7.11 8.31
CA VAL H 139 -10.48 -6.95 7.69
C VAL H 139 -10.57 -7.43 6.23
N SER H 140 -11.26 -8.53 5.98
CA SER H 140 -11.43 -9.09 4.60
C SER H 140 -12.14 -8.06 3.71
N LYS H 141 -13.17 -7.41 4.20
CA LYS H 141 -13.97 -6.43 3.42
C LYS H 141 -13.31 -5.06 3.42
N ASN H 142 -12.36 -4.82 4.32
CA ASN H 142 -11.66 -3.53 4.47
C ASN H 142 -12.69 -2.44 4.79
N GLN H 143 -13.56 -2.72 5.75
CA GLN H 143 -14.73 -1.88 6.07
C GLN H 143 -14.88 -1.74 7.59
N TRP H 144 -14.89 -0.50 8.05
CA TRP H 144 -15.16 -0.14 9.46
C TRP H 144 -16.67 0.02 9.64
N LYS H 145 -17.13 -0.24 10.85
CA LYS H 145 -18.53 0.06 11.25
C LYS H 145 -18.53 0.57 12.68
N LEU H 146 -19.22 1.68 12.94
CA LEU H 146 -19.58 2.11 14.32
C LEU H 146 -20.68 1.20 14.85
N ILE H 147 -20.46 0.51 15.96
CA ILE H 147 -21.44 -0.43 16.51
C ILE H 147 -22.33 0.25 17.55
N GLY H 148 -21.72 0.91 18.54
CA GLY H 148 -22.49 1.39 19.70
C GLY H 148 -21.72 2.39 20.52
N ILE H 149 -22.43 3.33 21.16
CA ILE H 149 -21.79 4.33 22.08
C ILE H 149 -22.63 4.33 23.35
N MET H 150 -21.97 4.11 24.48
CA MET H 150 -22.64 4.24 25.79
C MET H 150 -22.17 5.53 26.44
N ASP H 151 -23.12 6.21 27.08
CA ASP H 151 -22.90 7.46 27.81
C ASP H 151 -22.90 7.13 29.29
N PHE H 152 -21.73 7.19 29.91
CA PHE H 152 -21.54 6.77 31.32
C PHE H 152 -21.44 8.02 32.18
N PRO H 153 -22.33 8.16 33.20
CA PRO H 153 -22.51 9.43 33.90
C PRO H 153 -21.48 9.74 34.98
N VAL H 154 -20.20 9.50 34.69
CA VAL H 154 -19.08 9.80 35.62
C VAL H 154 -17.94 10.29 34.75
N PRO H 155 -17.34 11.46 35.09
CA PRO H 155 -16.18 11.95 34.36
C PRO H 155 -14.91 11.18 34.69
N ASN H 156 -13.95 11.21 33.75
CA ASN H 156 -12.52 10.89 33.97
C ASN H 156 -12.37 9.41 34.30
N VAL H 157 -13.18 8.55 33.69
CA VAL H 157 -12.94 7.09 33.73
C VAL H 157 -12.45 6.71 32.33
N THR H 158 -11.76 5.60 32.20
CA THR H 158 -11.17 5.16 30.91
C THR H 158 -10.94 3.65 31.00
N PHE H 159 -10.20 3.06 30.06
CA PHE H 159 -9.73 1.66 30.14
C PHE H 159 -8.50 1.67 31.06
N ASN H 160 -8.76 1.70 32.35
CA ASN H 160 -7.76 2.13 33.35
C ASN H 160 -6.80 0.97 33.67
N TYR H 161 -7.32 -0.22 33.85
CA TYR H 161 -6.54 -1.44 34.18
C TYR H 161 -7.30 -2.69 33.72
N GLY H 162 -6.63 -3.85 33.81
CA GLY H 162 -7.23 -5.19 33.70
C GLY H 162 -7.41 -5.65 32.26
N GLN H 163 -6.69 -5.05 31.32
CA GLN H 163 -6.73 -5.47 29.89
C GLN H 163 -6.46 -6.97 29.83
N THR H 164 -7.39 -7.72 29.24
CA THR H 164 -7.27 -9.17 29.09
C THR H 164 -8.34 -9.60 28.09
N LEU H 165 -8.14 -10.76 27.49
CA LEU H 165 -9.12 -11.48 26.66
C LEU H 165 -9.50 -12.74 27.39
N PHE H 166 -10.77 -13.15 27.32
CA PHE H 166 -11.09 -14.51 27.76
C PHE H 166 -12.01 -15.16 26.72
N GLN H 167 -11.90 -16.46 26.65
CA GLN H 167 -12.82 -17.39 25.99
C GLN H 167 -13.59 -18.12 27.07
N ALA H 168 -14.92 -17.98 27.09
CA ALA H 168 -15.76 -18.57 28.17
C ALA H 168 -16.92 -19.35 27.56
N ASP H 169 -17.15 -20.54 28.11
CA ASP H 169 -18.38 -21.36 27.97
C ASP H 169 -19.35 -20.91 29.06
N TRP H 170 -20.46 -20.27 28.70
CA TRP H 170 -21.40 -19.72 29.71
C TRP H 170 -22.56 -20.67 30.03
N LEU H 171 -22.69 -21.83 29.38
CA LEU H 171 -23.91 -22.66 29.58
C LEU H 171 -23.58 -24.08 30.06
N GLY H 172 -22.40 -24.60 29.76
CA GLY H 172 -21.97 -25.95 30.18
C GLY H 172 -22.05 -26.92 29.02
N ASN H 173 -21.15 -26.79 28.04
CA ASN H 173 -21.00 -27.77 26.92
C ASN H 173 -19.50 -27.97 26.69
N GLY H 174 -18.80 -28.43 27.74
CA GLY H 174 -17.35 -28.71 27.71
C GLY H 174 -16.97 -29.75 26.66
N GLN H 175 -17.94 -30.53 26.15
CA GLN H 175 -17.72 -31.53 25.07
C GLN H 175 -17.39 -30.82 23.75
N ASP H 176 -17.88 -29.58 23.59
CA ASP H 176 -17.81 -28.81 22.32
C ASP H 176 -16.54 -27.95 22.34
N VAL H 177 -15.70 -28.07 21.30
CA VAL H 177 -14.40 -27.32 21.25
C VAL H 177 -14.68 -25.88 20.78
N ARG H 178 -13.98 -24.92 21.38
CA ARG H 178 -13.96 -23.50 20.95
C ARG H 178 -12.49 -23.10 20.83
N GLU H 179 -12.17 -22.40 19.75
CA GLU H 179 -10.79 -22.04 19.36
C GLU H 179 -10.85 -20.71 18.62
N ALA H 180 -9.88 -19.82 18.89
CA ALA H 180 -9.72 -18.57 18.14
C ALA H 180 -8.25 -18.16 18.17
N ARG H 181 -7.98 -17.13 17.40
CA ARG H 181 -6.64 -16.56 17.20
C ARG H 181 -6.76 -15.06 17.47
N VAL H 182 -5.69 -14.43 17.97
CA VAL H 182 -5.66 -12.96 18.16
C VAL H 182 -4.26 -12.48 17.82
N LYS H 183 -4.18 -11.23 17.38
CA LYS H 183 -2.91 -10.53 17.10
C LYS H 183 -3.24 -9.04 17.09
N ASN H 184 -2.23 -8.20 16.96
CA ASN H 184 -2.40 -6.73 16.76
C ASN H 184 -3.12 -6.13 17.97
N GLY H 185 -2.79 -6.57 19.17
CA GLY H 185 -3.21 -5.90 20.43
C GLY H 185 -2.43 -4.62 20.66
N TYR H 186 -3.12 -3.48 20.71
CA TYR H 186 -2.53 -2.15 20.96
C TYR H 186 -3.45 -1.34 21.86
N GLY H 187 -2.85 -0.52 22.72
CA GLY H 187 -3.57 0.53 23.46
C GLY H 187 -2.98 1.88 23.15
N ARG H 188 -3.79 2.92 23.21
CA ARG H 188 -3.28 4.30 23.17
C ARG H 188 -3.23 4.84 24.60
N ASN H 189 -2.06 5.31 25.04
CA ASN H 189 -1.80 5.69 26.45
C ASN H 189 -2.57 6.96 26.79
N ILE H 190 -3.21 7.00 27.95
CA ILE H 190 -3.74 8.26 28.56
C ILE H 190 -2.58 9.24 28.79
N SER H 191 -1.45 8.75 29.27
CA SER H 191 -0.28 9.57 29.69
C SER H 191 0.18 10.47 28.54
N ASP H 192 0.44 9.93 27.35
CA ASP H 192 1.14 10.69 26.29
C ASP H 192 0.49 10.50 24.90
N LYS H 193 -0.68 9.86 24.80
CA LYS H 193 -1.37 9.61 23.51
C LYS H 193 -0.45 8.83 22.55
N LYS H 194 0.50 8.05 23.06
CA LYS H 194 1.35 7.16 22.23
C LYS H 194 0.84 5.73 22.37
N TRP H 195 1.20 4.89 21.42
CA TRP H 195 0.71 3.50 21.35
C TRP H 195 1.61 2.60 22.16
N THR H 196 1.01 1.68 22.87
CA THR H 196 1.64 0.52 23.54
C THR H 196 1.30 -0.72 22.73
N SER H 197 2.31 -1.48 22.29
CA SER H 197 2.14 -2.75 21.55
C SER H 197 2.10 -3.91 22.53
N TRP H 198 1.01 -4.68 22.58
CA TRP H 198 0.88 -5.92 23.40
C TRP H 198 1.51 -7.08 22.63
N ASN H 199 2.80 -6.99 22.30
CA ASN H 199 3.48 -8.00 21.44
C ASN H 199 3.72 -9.26 22.26
N THR H 200 3.74 -9.15 23.59
CA THR H 200 4.01 -10.28 24.52
C THR H 200 2.78 -10.49 25.40
N GLN H 201 2.17 -11.67 25.29
CA GLN H 201 0.92 -12.00 26.03
C GLN H 201 1.09 -13.38 26.64
N SER H 202 0.50 -13.59 27.81
CA SER H 202 0.42 -14.90 28.48
C SER H 202 -0.90 -15.57 28.06
N ILE H 203 -0.87 -16.88 27.86
CA ILE H 203 -2.07 -17.73 27.66
C ILE H 203 -2.14 -18.65 28.87
N GLU H 204 -3.28 -18.68 29.56
CA GLU H 204 -3.42 -19.31 30.88
C GLU H 204 -4.83 -19.88 30.99
N GLY H 205 -4.96 -21.16 31.33
CA GLY H 205 -6.24 -21.75 31.71
C GLY H 205 -6.76 -21.10 32.98
N GLN H 206 -8.07 -21.00 33.11
CA GLN H 206 -8.74 -20.37 34.28
C GLN H 206 -8.46 -21.19 35.55
N GLU H 207 -8.42 -22.52 35.42
CA GLU H 207 -8.28 -23.48 36.55
C GLU H 207 -6.96 -24.21 36.40
N PRO H 208 -5.96 -23.93 37.26
CA PRO H 208 -4.67 -24.64 37.18
C PRO H 208 -4.80 -26.17 37.28
N LEU H 209 -5.90 -26.70 37.82
CA LEU H 209 -6.12 -28.17 37.96
C LEU H 209 -6.84 -28.75 36.74
N ASN H 210 -7.29 -27.91 35.80
CA ASN H 210 -8.03 -28.35 34.59
C ASN H 210 -7.18 -28.08 33.34
N ASN H 211 -6.83 -29.14 32.63
CA ASN H 211 -5.90 -29.09 31.45
C ASN H 211 -6.70 -29.29 30.13
N ASN H 212 -8.02 -29.17 30.15
CA ASN H 212 -8.91 -29.36 28.97
C ASN H 212 -8.92 -28.07 28.10
N TRP H 213 -7.76 -27.55 27.76
CA TRP H 213 -7.57 -26.32 26.95
C TRP H 213 -6.13 -26.41 26.43
N ASP H 214 -5.77 -25.58 25.48
CA ASP H 214 -4.41 -25.57 24.90
C ASP H 214 -4.20 -24.19 24.28
N GLY H 215 -2.94 -23.83 24.04
CA GLY H 215 -2.61 -22.53 23.45
C GLY H 215 -1.20 -22.56 22.90
N GLY H 216 -0.89 -21.60 22.05
CA GLY H 216 0.44 -21.44 21.46
C GLY H 216 0.43 -20.25 20.56
N ALA H 217 1.47 -20.12 19.75
CA ALA H 217 1.64 -18.96 18.87
C ALA H 217 2.43 -19.40 17.65
N THR H 218 2.11 -18.76 16.53
CA THR H 218 2.97 -18.68 15.34
C THR H 218 3.63 -17.32 15.41
N SER H 219 4.45 -16.97 14.44
CA SER H 219 5.04 -15.62 14.33
C SER H 219 3.93 -14.57 14.13
N GLU H 220 2.74 -14.99 13.67
CA GLU H 220 1.63 -14.09 13.26
C GLU H 220 0.60 -13.91 14.39
N TYR H 221 0.20 -14.97 15.10
CA TYR H 221 -0.94 -14.91 16.03
C TYR H 221 -0.73 -15.85 17.22
N LEU H 222 -1.43 -15.52 18.31
CA LEU H 222 -1.65 -16.42 19.47
C LEU H 222 -2.91 -17.21 19.13
N TRP H 223 -2.95 -18.48 19.50
CA TRP H 223 -4.18 -19.28 19.40
C TRP H 223 -4.44 -19.97 20.73
N PHE H 224 -5.70 -20.35 20.96
CA PHE H 224 -6.11 -20.96 22.24
C PHE H 224 -7.41 -21.71 21.92
N LYS H 225 -7.61 -22.82 22.60
CA LYS H 225 -8.85 -23.60 22.50
C LYS H 225 -9.15 -24.24 23.85
N ALA H 226 -10.39 -24.71 24.01
CA ALA H 226 -10.87 -25.35 25.24
C ALA H 226 -12.03 -26.27 24.86
N GLY H 227 -12.21 -27.34 25.62
CA GLY H 227 -13.34 -28.27 25.45
C GLY H 227 -12.95 -29.43 24.55
N GLY H 228 -13.88 -30.36 24.37
CA GLY H 228 -13.65 -31.62 23.63
C GLY H 228 -12.34 -32.29 24.05
N ASP H 229 -11.48 -32.65 23.09
CA ASP H 229 -10.25 -33.42 23.33
C ASP H 229 -9.06 -32.48 23.57
N SER H 230 -9.29 -31.18 23.77
CA SER H 230 -8.21 -30.20 24.08
C SER H 230 -7.41 -30.69 25.30
N ARG H 231 -6.08 -30.66 25.22
CA ARG H 231 -5.20 -31.05 26.36
C ARG H 231 -3.96 -30.16 26.34
N SER H 232 -3.66 -29.47 27.44
CA SER H 232 -2.61 -28.43 27.47
C SER H 232 -1.27 -29.03 27.10
N THR H 233 -0.57 -28.38 26.18
CA THR H 233 0.82 -28.67 25.80
C THR H 233 1.75 -27.65 26.47
N ILE H 234 1.19 -26.75 27.29
CA ILE H 234 1.96 -25.58 27.84
C ILE H 234 1.72 -25.48 29.35
N GLY H 235 1.52 -26.62 30.01
CA GLY H 235 1.28 -26.67 31.47
C GLY H 235 0.06 -25.84 31.87
N THR H 236 0.21 -24.96 32.84
CA THR H 236 -0.86 -24.10 33.37
C THR H 236 -0.90 -22.79 32.56
N GLY H 237 0.14 -22.53 31.76
CA GLY H 237 0.20 -21.31 30.94
C GLY H 237 1.60 -21.03 30.46
N LYS H 238 1.73 -20.12 29.49
CA LYS H 238 3.02 -19.78 28.85
C LYS H 238 2.86 -18.40 28.20
N THR H 239 3.94 -17.65 28.10
CA THR H 239 4.00 -16.32 27.44
C THR H 239 4.58 -16.50 26.04
N PHE H 240 4.13 -15.69 25.08
CA PHE H 240 4.52 -15.74 23.66
C PHE H 240 4.64 -14.33 23.15
N THR H 241 5.58 -14.11 22.24
CA THR H 241 5.83 -12.80 21.59
C THR H 241 5.49 -12.92 20.11
N LEU H 242 4.77 -11.93 19.58
CA LEU H 242 4.46 -11.80 18.14
C LEU H 242 5.37 -10.75 17.54
N ASN H 243 5.54 -10.85 16.22
CA ASN H 243 6.37 -9.99 15.36
C ASN H 243 5.63 -8.71 14.96
N GLN H 244 4.57 -8.30 15.68
CA GLN H 244 3.75 -7.14 15.24
C GLN H 244 4.59 -5.88 15.38
N PRO H 245 4.37 -4.86 14.50
CA PRO H 245 5.09 -3.60 14.63
C PRO H 245 4.73 -2.90 15.95
N SER H 246 5.66 -2.14 16.49
CA SER H 246 5.49 -1.40 17.76
C SER H 246 4.42 -0.31 17.57
N GLN H 247 4.23 0.20 16.35
CA GLN H 247 3.12 1.15 16.01
C GLN H 247 2.04 0.39 15.25
N PRO H 248 0.75 0.57 15.59
CA PRO H 248 -0.33 -0.09 14.85
C PRO H 248 -0.47 0.49 13.44
N GLU H 249 -0.88 -0.31 12.47
CA GLU H 249 -1.21 0.17 11.10
C GLU H 249 -2.56 0.87 11.16
N ILE H 250 -2.52 2.18 10.98
CA ILE H 250 -3.70 3.09 11.04
C ILE H 250 -3.91 3.58 9.61
N GLY H 251 -5.12 3.38 9.09
CA GLY H 251 -5.48 3.88 7.77
C GLY H 251 -5.63 5.39 7.77
N LYS H 252 -6.17 5.92 6.69
CA LYS H 252 -6.38 7.37 6.51
C LYS H 252 -7.88 7.65 6.50
N LEU H 253 -8.21 8.86 6.93
CA LEU H 253 -9.57 9.41 6.83
C LEU H 253 -9.69 9.96 5.41
N ASP H 254 -10.76 9.62 4.71
CA ASP H 254 -10.98 9.98 3.29
C ASP H 254 -12.50 10.08 3.10
N TYR H 255 -12.98 11.23 2.63
CA TYR H 255 -14.42 11.45 2.43
C TYR H 255 -14.62 12.39 1.24
N ASP H 256 -15.82 12.33 0.70
CA ASP H 256 -16.29 13.22 -0.39
C ASP H 256 -17.42 14.06 0.19
N VAL H 257 -17.35 15.37 -0.01
CA VAL H 257 -18.52 16.25 0.26
C VAL H 257 -19.53 16.00 -0.87
N LYS H 258 -20.78 15.72 -0.53
CA LYS H 258 -21.83 15.28 -1.48
C LYS H 258 -22.69 16.50 -1.86
N SER H 259 -22.99 17.36 -0.90
CA SER H 259 -23.78 18.59 -1.09
C SER H 259 -23.21 19.70 -0.20
N THR H 260 -23.28 20.93 -0.71
CA THR H 260 -22.90 22.17 0.03
C THR H 260 -23.70 23.33 -0.57
N TYR H 261 -24.94 23.52 -0.15
CA TYR H 261 -25.84 24.52 -0.76
C TYR H 261 -26.72 25.17 0.31
N TYR H 262 -27.16 26.38 -0.02
CA TYR H 262 -28.01 27.27 0.82
C TYR H 262 -29.24 27.70 0.00
N GLU H 263 -30.43 27.44 0.52
CA GLU H 263 -31.73 27.55 -0.22
C GLU H 263 -32.87 27.69 0.81
N ASN H 264 -33.68 28.73 0.70
CA ASN H 264 -34.81 29.05 1.61
C ASN H 264 -34.33 29.09 3.06
N GLU H 265 -33.19 29.75 3.30
CA GLU H 265 -32.61 30.00 4.65
C GLU H 265 -32.31 28.66 5.35
N LYS H 266 -31.93 27.63 4.57
CA LYS H 266 -31.48 26.32 5.09
C LYS H 266 -30.14 25.97 4.43
N LEU H 267 -29.11 25.74 5.25
CA LEU H 267 -27.77 25.28 4.82
C LEU H 267 -27.79 23.74 4.88
N ASN H 268 -27.44 23.09 3.78
CA ASN H 268 -27.33 21.61 3.65
C ASN H 268 -25.89 21.30 3.26
N ILE H 269 -25.21 20.56 4.14
CA ILE H 269 -23.84 20.03 3.88
C ILE H 269 -23.88 18.57 4.31
N THR H 270 -23.53 17.70 3.38
CA THR H 270 -23.51 16.23 3.59
C THR H 270 -22.18 15.73 3.04
N TRP H 271 -21.75 14.57 3.54
CA TRP H 271 -20.49 13.95 3.10
C TRP H 271 -20.65 12.44 3.25
N GLN H 272 -19.74 11.71 2.64
CA GLN H 272 -19.70 10.24 2.72
C GLN H 272 -18.24 9.83 2.83
N LEU H 273 -17.88 9.16 3.91
CA LEU H 273 -16.55 8.57 4.02
C LEU H 273 -16.49 7.47 2.97
N LYS H 274 -15.31 7.29 2.39
CA LYS H 274 -15.02 6.20 1.45
C LYS H 274 -15.19 4.89 2.22
N ASP H 275 -15.56 3.83 1.51
CA ASP H 275 -15.71 2.45 2.04
C ASP H 275 -14.52 2.08 2.93
N SER H 276 -13.30 2.42 2.50
CA SER H 276 -12.01 2.03 3.11
C SER H 276 -11.50 3.09 4.08
N SER H 277 -12.26 4.13 4.36
CA SER H 277 -11.83 5.19 5.32
C SER H 277 -11.81 4.64 6.74
N THR H 278 -10.92 5.16 7.58
CA THR H 278 -11.08 5.12 9.05
C THR H 278 -12.43 5.74 9.39
N PRO H 279 -13.07 5.34 10.49
CA PRO H 279 -14.40 5.82 10.83
C PRO H 279 -14.39 7.22 11.49
N GLN H 280 -15.50 7.93 11.30
CA GLN H 280 -15.68 9.33 11.78
C GLN H 280 -15.82 9.35 13.30
N PHE H 281 -15.09 10.25 13.96
CA PHE H 281 -15.20 10.49 15.42
C PHE H 281 -16.01 11.77 15.68
N LYS H 282 -15.70 12.83 14.96
CA LYS H 282 -16.42 14.11 15.17
C LYS H 282 -16.22 15.01 13.96
N GLY H 283 -16.98 16.09 13.97
CA GLY H 283 -16.96 17.08 12.87
C GLY H 283 -17.19 18.46 13.40
N LYS H 284 -16.80 19.44 12.58
CA LYS H 284 -17.07 20.87 12.84
C LYS H 284 -17.10 21.54 11.48
N ILE H 285 -17.93 22.57 11.34
CA ILE H 285 -18.02 23.35 10.08
C ILE H 285 -17.97 24.82 10.45
N GLU H 286 -16.96 25.52 9.98
CA GLU H 286 -16.84 26.99 10.09
C GLU H 286 -17.32 27.57 8.75
N ILE H 287 -18.14 28.61 8.80
CA ILE H 287 -18.64 29.31 7.58
C ILE H 287 -18.06 30.71 7.58
N TYR H 288 -17.37 31.05 6.49
CA TYR H 288 -16.67 32.32 6.29
C TYR H 288 -17.37 33.09 5.17
N ASN H 289 -17.28 34.41 5.26
CA ASN H 289 -17.81 35.35 4.24
C ASN H 289 -16.71 35.66 3.21
N ASN H 290 -15.58 34.95 3.22
CA ASN H 290 -14.45 35.20 2.29
C ASN H 290 -13.72 33.89 1.96
N GLU H 291 -13.16 33.80 0.75
CA GLU H 291 -12.50 32.57 0.21
C GLU H 291 -11.27 32.20 1.05
N ASN H 292 -10.50 33.19 1.53
CA ASN H 292 -9.23 32.91 2.24
C ASN H 292 -9.49 32.43 3.67
N MET H 293 -10.72 32.57 4.16
CA MET H 293 -11.13 32.20 5.54
C MET H 293 -10.24 32.92 6.56
N THR H 294 -10.05 34.23 6.34
CA THR H 294 -9.41 35.18 7.29
C THR H 294 -10.50 35.71 8.22
N GLY H 295 -10.10 36.37 9.30
CA GLY H 295 -11.03 36.89 10.32
C GLY H 295 -11.72 35.76 11.07
N GLN H 296 -12.92 36.07 11.56
CA GLN H 296 -13.77 35.14 12.32
C GLN H 296 -14.83 34.57 11.40
N PRO H 297 -15.17 33.28 11.55
CA PRO H 297 -16.32 32.73 10.85
C PRO H 297 -17.57 33.50 11.24
N ILE H 298 -18.51 33.63 10.31
CA ILE H 298 -19.83 34.27 10.59
C ILE H 298 -20.72 33.25 11.30
N ASN H 299 -20.46 31.95 11.14
CA ASN H 299 -21.19 30.91 11.89
C ASN H 299 -20.30 29.67 12.02
N VAL H 300 -20.53 28.94 13.09
CA VAL H 300 -19.83 27.66 13.37
C VAL H 300 -20.89 26.65 13.73
N ILE H 301 -20.80 25.48 13.11
CA ILE H 301 -21.61 24.30 13.51
C ILE H 301 -20.66 23.38 14.26
N ASN H 302 -20.88 23.24 15.57
CA ASN H 302 -20.00 22.49 16.49
C ASN H 302 -20.63 21.15 16.81
N ASP H 303 -19.80 20.25 17.37
CA ASP H 303 -20.26 19.03 18.07
C ASP H 303 -21.01 18.15 17.06
N ILE H 304 -20.52 18.04 15.83
CA ILE H 304 -21.06 17.05 14.84
C ILE H 304 -20.53 15.68 15.30
N LYS H 305 -21.42 14.73 15.51
CA LYS H 305 -21.14 13.44 16.20
C LYS H 305 -20.53 12.44 15.22
N SER H 306 -20.01 11.34 15.75
CA SER H 306 -19.45 10.20 14.97
C SER H 306 -20.51 9.68 13.99
N TYR H 307 -21.79 9.67 14.40
CA TYR H 307 -22.91 9.04 13.69
C TYR H 307 -23.67 10.04 12.81
N GLN H 308 -23.16 11.24 12.58
CA GLN H 308 -23.83 12.27 11.73
C GLN H 308 -23.01 12.52 10.46
N ASN H 309 -23.58 12.34 9.27
CA ASN H 309 -22.85 12.51 7.98
C ASN H 309 -23.39 13.75 7.26
N GLY H 310 -24.11 14.61 7.96
CA GLY H 310 -24.51 15.90 7.36
C GLY H 310 -25.19 16.80 8.36
N ILE H 311 -25.50 18.00 7.93
CA ILE H 311 -26.25 19.02 8.73
C ILE H 311 -27.26 19.65 7.78
N SER H 312 -28.42 19.99 8.35
CA SER H 312 -29.50 20.76 7.70
C SER H 312 -29.95 21.79 8.74
N GLN H 313 -29.59 23.05 8.55
CA GLN H 313 -29.71 24.07 9.62
C GLN H 313 -30.33 25.36 9.05
N SER H 314 -31.32 25.88 9.77
CA SER H 314 -31.93 27.21 9.54
C SER H 314 -30.89 28.27 9.93
N ILE H 315 -30.56 29.16 9.00
CA ILE H 315 -29.44 30.15 9.16
C ILE H 315 -29.58 31.25 8.11
N SER H 316 -29.23 32.49 8.46
CA SER H 316 -29.16 33.64 7.53
C SER H 316 -27.72 33.81 7.04
N LEU H 317 -27.48 33.63 5.75
CA LEU H 317 -26.14 33.77 5.14
C LEU H 317 -26.15 34.87 4.08
N PRO H 318 -25.02 35.61 3.95
CA PRO H 318 -24.80 36.52 2.84
C PRO H 318 -24.46 35.76 1.56
N THR H 319 -24.14 36.50 0.49
CA THR H 319 -24.05 36.04 -0.92
C THR H 319 -22.97 34.98 -1.13
N ASN H 320 -21.72 35.26 -0.77
CA ASN H 320 -20.55 34.40 -1.11
C ASN H 320 -20.02 33.81 0.18
N THR H 321 -20.49 32.63 0.58
CA THR H 321 -19.97 31.94 1.80
C THR H 321 -19.15 30.72 1.42
N TYR H 322 -18.21 30.38 2.29
CA TYR H 322 -17.27 29.24 2.14
C TYR H 322 -17.35 28.43 3.43
N ALA H 323 -17.37 27.11 3.29
CA ALA H 323 -17.46 26.17 4.44
C ALA H 323 -16.11 25.51 4.61
N LYS H 324 -15.56 25.60 5.82
CA LYS H 324 -14.38 24.81 6.26
C LYS H 324 -14.93 23.59 6.98
N ILE H 325 -14.88 22.44 6.32
CA ILE H 325 -15.40 21.16 6.87
C ILE H 325 -14.22 20.44 7.50
N VAL H 326 -14.30 20.23 8.81
CA VAL H 326 -13.21 19.63 9.61
C VAL H 326 -13.73 18.33 10.21
N LEU H 327 -13.37 17.20 9.63
CA LEU H 327 -13.71 15.86 10.17
C LEU H 327 -12.48 15.24 10.82
N THR H 328 -12.69 14.54 11.92
CA THR H 328 -11.60 13.77 12.55
C THR H 328 -12.09 12.36 12.82
N ASP H 329 -11.17 11.42 12.64
CA ASP H 329 -11.45 9.96 12.78
C ASP H 329 -11.18 9.53 14.21
N ILE H 330 -11.45 8.26 14.50
CA ILE H 330 -11.32 7.70 15.88
C ILE H 330 -9.86 7.68 16.33
N PHE H 331 -8.92 7.87 15.41
CA PHE H 331 -7.48 7.95 15.75
C PHE H 331 -7.00 9.40 15.81
N ASP H 332 -7.93 10.36 15.88
CA ASP H 332 -7.64 11.82 15.99
C ASP H 332 -6.92 12.33 14.74
N GLN H 333 -7.06 11.68 13.59
CA GLN H 333 -6.54 12.22 12.32
C GLN H 333 -7.60 13.17 11.77
N THR H 334 -7.18 14.35 11.35
CA THR H 334 -8.11 15.40 10.86
C THR H 334 -7.92 15.58 9.35
N VAL H 335 -9.02 15.64 8.62
CA VAL H 335 -9.01 16.09 7.20
C VAL H 335 -9.96 17.25 7.04
N GLU H 336 -9.43 18.37 6.55
CA GLU H 336 -10.16 19.65 6.36
C GLU H 336 -10.39 19.87 4.87
N LYS H 337 -11.63 20.12 4.45
CA LYS H 337 -11.97 20.57 3.07
C LYS H 337 -12.57 21.98 3.10
N LYS H 338 -12.22 22.81 2.11
CA LYS H 338 -12.84 24.16 1.89
C LYS H 338 -13.75 24.05 0.67
N VAL H 339 -15.04 24.31 0.84
CA VAL H 339 -16.02 24.21 -0.28
C VAL H 339 -16.83 25.51 -0.35
N LYS H 340 -16.98 26.07 -1.55
CA LYS H 340 -17.86 27.25 -1.74
C LYS H 340 -19.30 26.77 -1.55
N ILE H 341 -20.10 27.49 -0.76
CA ILE H 341 -21.54 27.14 -0.57
C ILE H 341 -22.30 27.63 -1.82
N LYS H 342 -23.08 26.75 -2.46
CA LYS H 342 -23.88 27.06 -3.68
C LYS H 342 -25.24 27.63 -3.25
N ASN H 343 -25.72 28.64 -4.01
CA ASN H 343 -26.80 29.60 -3.63
C ASN H 343 -26.44 30.26 -2.29
N ALA I 4 22.81 -35.01 -8.64
CA ALA I 4 22.04 -36.01 -9.36
C ALA I 4 20.55 -36.13 -8.79
N ALA I 5 19.99 -35.07 -8.11
CA ALA I 5 18.68 -35.25 -7.41
C ALA I 5 17.49 -35.56 -8.34
N THR I 6 16.68 -36.57 -7.99
CA THR I 6 15.49 -36.85 -8.85
C THR I 6 14.22 -36.69 -8.01
N THR I 7 13.16 -36.21 -8.65
CA THR I 7 11.84 -35.96 -8.06
C THR I 7 10.81 -36.44 -9.08
N THR I 8 10.57 -37.71 -8.93
CA THR I 8 9.70 -38.51 -9.85
C THR I 8 8.26 -38.31 -9.48
N THR I 9 7.44 -38.82 -10.37
CA THR I 9 5.98 -38.74 -10.24
C THR I 9 5.26 -40.06 -10.36
N PRO I 10 3.99 -40.03 -9.94
CA PRO I 10 3.18 -41.23 -10.00
C PRO I 10 2.87 -41.62 -11.34
N ALA I 11 2.85 -42.93 -11.53
CA ALA I 11 2.50 -43.46 -12.86
C ALA I 11 1.01 -43.29 -13.08
N PRO I 12 0.65 -43.15 -14.38
CA PRO I 12 -0.76 -43.17 -14.74
C PRO I 12 -1.35 -44.43 -14.45
N ALA I 13 -2.72 -44.40 -14.34
CA ALA I 13 -3.46 -45.64 -14.16
C ALA I 13 -3.31 -46.48 -15.46
N LYS I 14 -3.24 -47.81 -15.25
CA LYS I 14 -3.23 -48.73 -16.40
C LYS I 14 -4.73 -49.11 -16.69
N NH2 I 15 -5.03 -49.33 -17.94
N ALA J 4 -36.99 -0.91 -50.77
CA ALA J 4 -37.19 -0.89 -49.31
C ALA J 4 -37.33 -2.35 -48.71
N ALA J 5 -36.80 -3.38 -49.38
CA ALA J 5 -37.00 -4.79 -48.97
C ALA J 5 -36.41 -5.09 -47.58
N THR J 6 -37.19 -5.88 -46.78
CA THR J 6 -36.66 -6.37 -45.49
C THR J 6 -36.81 -7.88 -45.50
N THR J 7 -36.02 -8.45 -44.61
CA THR J 7 -35.90 -9.92 -44.54
C THR J 7 -35.73 -10.26 -43.05
N THR J 8 -36.92 -10.44 -42.35
CA THR J 8 -36.99 -10.46 -40.90
C THR J 8 -36.65 -11.88 -40.50
N THR J 9 -36.51 -12.00 -39.26
CA THR J 9 -36.18 -13.32 -38.60
C THR J 9 -37.27 -13.68 -37.57
N PRO J 10 -37.28 -14.96 -37.12
CA PRO J 10 -38.20 -15.38 -36.07
C PRO J 10 -37.86 -14.73 -34.82
N ALA J 11 -38.90 -14.53 -33.99
CA ALA J 11 -38.74 -13.95 -32.68
C ALA J 11 -38.14 -15.03 -31.77
N PRO J 12 -37.30 -14.63 -30.82
CA PRO J 12 -36.98 -15.70 -29.76
C PRO J 12 -38.20 -16.05 -29.00
N ALA J 13 -38.11 -17.20 -28.28
CA ALA J 13 -39.18 -17.68 -27.40
C ALA J 13 -39.32 -16.67 -26.26
N LYS J 14 -40.56 -16.44 -25.85
CA LYS J 14 -40.86 -15.60 -24.71
C LYS J 14 -40.77 -16.52 -23.47
N NH2 J 15 -40.32 -15.98 -22.34
N ALA K 4 15.21 -3.54 -25.47
CA ALA K 4 15.83 -3.09 -26.68
C ALA K 4 17.17 -2.40 -26.27
N ALA K 5 17.42 -2.01 -24.98
CA ALA K 5 18.76 -1.33 -24.74
C ALA K 5 19.97 -2.21 -25.17
N THR K 6 21.04 -1.65 -25.76
CA THR K 6 22.24 -2.44 -26.13
C THR K 6 23.45 -1.58 -25.60
N THR K 7 24.50 -2.31 -25.33
CA THR K 7 25.78 -1.79 -24.81
C THR K 7 26.86 -2.43 -25.69
N THR K 8 27.08 -1.71 -26.76
CA THR K 8 28.01 -2.16 -27.83
C THR K 8 29.43 -1.98 -27.38
N THR K 9 30.32 -2.56 -28.19
CA THR K 9 31.75 -2.46 -27.98
C THR K 9 32.45 -2.00 -29.17
N PRO K 10 33.74 -1.60 -28.98
CA PRO K 10 34.49 -1.12 -30.10
C PRO K 10 34.91 -2.14 -30.98
N ALA K 11 34.94 -1.78 -32.24
CA ALA K 11 35.36 -2.76 -33.27
C ALA K 11 36.80 -3.06 -33.20
N PRO K 12 37.20 -4.27 -33.61
CA PRO K 12 38.62 -4.55 -33.77
C PRO K 12 39.24 -3.80 -34.78
N ALA K 13 40.61 -3.66 -34.67
CA ALA K 13 41.30 -3.02 -35.74
C ALA K 13 41.14 -3.79 -37.10
N LYS K 14 41.06 -3.05 -38.19
CA LYS K 14 41.09 -3.62 -39.53
C LYS K 14 42.58 -3.75 -39.90
N NH2 K 15 42.91 -4.81 -40.57
N ALA L 4 -31.63 -16.79 33.08
CA ALA L 4 -30.69 -17.38 33.99
C ALA L 4 -29.27 -17.15 33.33
N ALA L 5 -29.07 -17.05 31.96
CA ALA L 5 -27.65 -16.99 31.49
C ALA L 5 -26.87 -15.73 31.96
N THR L 6 -25.65 -15.97 32.51
CA THR L 6 -24.72 -14.90 32.92
C THR L 6 -23.35 -15.14 32.24
N THR L 7 -22.58 -14.08 32.14
CA THR L 7 -21.24 -14.09 31.49
C THR L 7 -20.38 -13.19 32.37
N THR L 8 -19.84 -13.88 33.38
CA THR L 8 -19.09 -13.25 34.48
C THR L 8 -17.68 -12.93 34.03
N THR L 9 -17.04 -12.22 34.91
CA THR L 9 -15.66 -11.75 34.65
C THR L 9 -14.70 -12.12 35.80
N PRO L 10 -13.37 -12.00 35.53
CA PRO L 10 -12.32 -12.26 36.53
C PRO L 10 -12.28 -11.26 37.59
N ALA L 11 -12.00 -11.70 38.81
CA ALA L 11 -11.93 -10.71 39.91
C ALA L 11 -10.67 -9.86 39.79
N PRO L 12 -10.69 -8.70 40.41
CA PRO L 12 -9.44 -7.91 40.49
C PRO L 12 -8.54 -8.54 41.39
N ALA L 13 -7.25 -8.18 41.24
CA ALA L 13 -6.24 -8.74 42.12
C ALA L 13 -6.48 -8.19 43.54
N LYS L 14 -6.13 -9.00 44.54
CA LYS L 14 -6.18 -8.60 45.96
C LYS L 14 -4.84 -7.98 46.37
N NH2 L 15 -4.93 -6.91 47.17
N ALA M 4 4.34 53.68 18.54
CA ALA M 4 5.73 53.27 18.36
C ALA M 4 6.18 52.26 19.49
N ALA M 5 5.46 52.21 20.64
CA ALA M 5 5.84 51.38 21.83
C ALA M 5 5.72 49.85 21.66
N THR M 6 6.85 49.12 21.75
CA THR M 6 6.83 47.64 21.63
C THR M 6 7.36 47.01 22.95
N THR M 7 7.13 45.71 23.14
CA THR M 7 7.41 44.93 24.37
C THR M 7 7.77 43.55 23.89
N THR M 8 9.05 43.41 23.50
CA THR M 8 9.55 42.22 22.83
C THR M 8 9.79 41.18 23.86
N THR M 9 10.07 39.99 23.34
CA THR M 9 10.31 38.80 24.15
C THR M 9 11.66 38.19 23.76
N PRO M 10 12.13 37.28 24.57
CA PRO M 10 13.42 36.61 24.26
C PRO M 10 13.27 35.73 23.15
N ALA M 11 14.31 35.58 22.32
CA ALA M 11 14.21 34.67 21.19
C ALA M 11 14.41 33.23 21.74
N PRO M 12 13.88 32.21 21.05
CA PRO M 12 14.10 30.81 21.28
C PRO M 12 15.48 30.47 21.06
N ALA M 13 15.87 29.35 21.62
CA ALA M 13 17.21 28.80 21.47
C ALA M 13 17.40 28.36 20.00
N LYS M 14 18.61 28.59 19.49
CA LYS M 14 18.96 28.14 18.13
C LYS M 14 19.46 26.68 18.26
N NH2 M 15 19.13 25.88 17.24
N ALA N 5 -14.70 69.27 65.51
CA ALA N 5 -15.34 67.97 65.73
C ALA N 5 -14.76 67.40 67.02
N THR N 6 -15.49 66.51 67.65
CA THR N 6 -14.94 65.82 68.89
C THR N 6 -14.98 64.28 68.64
N THR N 7 -14.17 63.56 69.43
CA THR N 7 -14.12 62.08 69.29
C THR N 7 -13.99 61.53 70.75
N THR N 8 -15.17 61.31 71.32
CA THR N 8 -15.28 61.10 72.75
C THR N 8 -14.92 59.64 73.03
N THR N 9 -14.82 59.36 74.29
CA THR N 9 -14.49 58.00 74.76
C THR N 9 -15.61 57.50 75.64
N PRO N 10 -15.59 56.14 75.89
CA PRO N 10 -16.58 55.59 76.80
C PRO N 10 -16.30 56.03 78.18
N ALA N 11 -17.35 56.14 78.93
CA ALA N 11 -17.26 56.54 80.30
C ALA N 11 -16.74 55.34 81.11
N PRO N 12 -16.03 55.64 82.20
CA PRO N 12 -15.72 54.54 83.13
C PRO N 12 -16.96 54.06 83.72
N ALA N 13 -16.90 52.85 84.33
CA ALA N 13 -18.03 52.24 84.97
C ALA N 13 -18.45 53.09 86.18
N LYS N 14 -19.71 53.11 86.51
CA LYS N 14 -20.03 53.82 87.72
C LYS N 14 -20.01 52.78 88.89
N NH2 N 15 -19.65 53.26 90.06
N ALA O 4 -24.19 -27.40 -91.31
CA ALA O 4 -23.45 -27.60 -92.55
C ALA O 4 -21.96 -27.97 -92.22
N ALA O 5 -21.25 -27.32 -91.19
CA ALA O 5 -19.79 -27.66 -90.93
C ALA O 5 -19.67 -29.17 -90.68
N THR O 6 -18.63 -29.81 -91.21
CA THR O 6 -18.51 -31.29 -91.05
C THR O 6 -17.89 -31.72 -89.71
N THR O 7 -18.27 -32.92 -89.30
CA THR O 7 -17.83 -33.50 -88.01
C THR O 7 -17.55 -34.98 -88.33
N THR O 8 -16.32 -35.26 -88.74
CA THR O 8 -15.91 -36.57 -89.26
C THR O 8 -15.67 -37.53 -88.15
N THR O 9 -15.47 -38.77 -88.55
CA THR O 9 -15.19 -39.88 -87.64
C THR O 9 -13.90 -40.57 -87.99
N PRO O 10 -13.41 -41.42 -87.06
CA PRO O 10 -12.15 -42.09 -87.29
C PRO O 10 -12.35 -43.12 -88.28
N ALA O 11 -11.35 -43.33 -89.15
CA ALA O 11 -11.51 -44.42 -90.15
C ALA O 11 -11.43 -45.78 -89.43
N PRO O 12 -12.08 -46.80 -89.98
CA PRO O 12 -11.91 -48.19 -89.49
C PRO O 12 -10.56 -48.69 -89.76
N ALA O 13 -10.22 -49.77 -89.05
CA ALA O 13 -8.90 -50.34 -89.19
C ALA O 13 -8.77 -50.93 -90.60
N LYS O 14 -7.60 -50.77 -91.18
CA LYS O 14 -7.33 -51.42 -92.48
C LYS O 14 -6.86 -52.88 -92.19
N NH2 O 15 -7.33 -53.79 -93.05
N ALA P 4 44.26 30.62 17.92
CA ALA P 4 43.19 31.62 17.80
C ALA P 4 41.86 30.93 17.36
N ALA P 5 41.89 29.72 16.68
CA ALA P 5 40.62 29.08 16.16
C ALA P 5 39.64 28.70 17.29
N THR P 6 38.40 29.16 17.17
CA THR P 6 37.35 28.75 18.14
C THR P 6 36.16 28.34 17.30
N THR P 7 35.36 27.48 17.91
CA THR P 7 34.11 26.90 17.31
C THR P 7 33.05 26.96 18.44
N THR P 8 32.37 28.09 18.40
CA THR P 8 31.40 28.54 19.41
C THR P 8 30.07 27.80 19.18
N THR P 9 29.19 28.00 20.16
CA THR P 9 27.85 27.34 20.14
C THR P 9 26.77 28.36 20.43
N PRO P 10 25.52 27.99 20.12
CA PRO P 10 24.34 28.82 20.38
C PRO P 10 24.17 29.04 21.76
N ALA P 11 23.84 30.26 22.13
CA ALA P 11 23.51 30.54 23.56
C ALA P 11 22.12 29.87 23.93
N PRO P 12 21.92 29.45 25.19
CA PRO P 12 20.57 28.98 25.63
C PRO P 12 19.61 30.05 25.57
N ALA P 13 18.34 29.62 25.53
CA ALA P 13 17.23 30.56 25.57
C ALA P 13 17.30 31.31 26.90
N LYS P 14 16.99 32.59 26.85
CA LYS P 14 16.77 33.39 28.07
C LYS P 14 15.25 33.14 28.50
N NH2 P 15 14.97 32.89 29.79
C1 GOL Q . -2.37 -22.67 8.81
O1 GOL Q . -1.01 -23.06 8.87
C2 GOL Q . -2.80 -21.91 10.05
O2 GOL Q . -2.37 -20.55 9.97
C3 GOL Q . -4.30 -21.91 10.15
O3 GOL Q . -4.86 -21.36 8.96
C1 GOL R . 6.05 -39.39 -20.24
O1 GOL R . 6.53 -39.36 -18.91
C2 GOL R . 6.39 -38.12 -20.97
O2 GOL R . 5.91 -38.22 -22.29
C3 GOL R . 5.90 -36.85 -20.29
O3 GOL R . 4.65 -36.98 -19.60
ZN ZN S . 6.21 -24.43 -32.83
C1 GOL T . -29.79 -8.31 -32.44
O1 GOL T . -29.97 -9.72 -32.44
C2 GOL T . -30.48 -7.63 -31.28
O2 GOL T . -30.61 -6.22 -31.46
C3 GOL T . -31.87 -8.19 -31.06
O3 GOL T . -32.57 -8.25 -32.30
ZN ZN U . -13.21 -3.51 -29.75
C1 GOL V . 26.24 11.06 -5.69
O1 GOL V . 25.29 9.99 -5.60
C2 GOL V . 26.91 11.20 -7.05
O2 GOL V . 26.59 10.11 -7.91
C3 GOL V . 26.62 12.51 -7.74
O3 GOL V . 27.15 12.53 -9.07
C1 GOL W . 31.08 -12.49 -33.24
O1 GOL W . 31.32 -13.87 -33.04
C2 GOL W . 32.06 -11.67 -32.42
O2 GOL W . 31.73 -10.28 -32.49
C3 GOL W . 32.11 -12.04 -30.96
O3 GOL W . 33.29 -11.52 -30.36
C1 GOL X . 29.43 25.15 29.88
O1 GOL X . 28.27 24.61 29.22
C2 GOL X . 29.16 26.51 30.48
O2 GOL X . 29.89 26.68 31.70
C3 GOL X . 29.49 27.64 29.52
O3 GOL X . 28.43 27.80 28.58
C1 GOL Y . 4.83 33.86 17.52
O1 GOL Y . 5.27 33.03 18.57
C2 GOL Y . 5.92 34.17 16.50
O2 GOL Y . 7.23 34.02 17.05
C3 GOL Y . 5.80 33.33 15.26
O3 GOL Y . 5.00 34.00 14.30
ZN ZN Z . -11.30 27.57 13.56
C1 GOL AA . -8.22 63.10 82.68
O1 GOL AA . -8.78 64.22 83.37
C2 GOL AA . -9.30 62.11 82.28
O2 GOL AA . -8.76 61.09 81.44
C3 GOL AA . -10.49 62.81 81.65
O3 GOL AA . -11.71 62.12 81.91
O1 MES BA . -2.71 62.41 43.65
C2 MES BA . -2.28 62.40 45.00
C3 MES BA . -3.42 62.47 45.98
N4 MES BA . -4.31 61.26 45.89
C5 MES BA . -4.16 60.63 44.54
C6 MES BA . -3.90 61.66 43.46
C7 MES BA . -4.11 60.28 47.04
C8 MES BA . -2.85 59.43 46.91
S MES BA . -2.47 58.44 48.35
O1S MES BA . -3.00 57.13 48.03
O2S MES BA . -3.19 59.11 49.41
O3S MES BA . -1.05 58.52 48.49
ZN ZN CA . 8.14 67.58 85.69
ZN ZN DA . 27.92 47.44 81.43
C1 GOL EA . -21.04 -44.87 -92.74
O1 GOL EA . -20.89 -46.11 -92.07
C2 GOL EA . -20.50 -44.89 -94.15
O2 GOL EA . -19.07 -44.87 -94.14
C3 GOL EA . -21.01 -46.07 -94.94
O3 GOL EA . -21.11 -45.72 -96.31
ZN ZN FA . -38.13 -51.14 -95.21
ZN ZN GA . -50.49 -62.41 -71.72
C1 GOL HA . -3.94 -25.06 16.86
O1 GOL HA . -5.22 -25.66 16.73
C2 GOL HA . -3.17 -25.16 15.55
O2 GOL HA . -3.18 -23.92 14.80
C3 GOL HA . -1.75 -25.63 15.77
O3 GOL HA . -1.01 -25.58 14.55
C1 GOL IA . -19.62 -3.24 40.85
O1 GOL IA . -20.17 -1.95 40.62
C2 GOL IA . -18.46 -3.47 39.90
O2 GOL IA . -18.13 -4.86 39.90
C3 GOL IA . -18.70 -3.00 38.49
O3 GOL IA . -17.48 -2.88 37.78
C1 GOL JA . -17.28 -20.98 7.82
O1 GOL JA . -16.24 -21.89 8.11
C2 GOL JA . -17.96 -20.56 9.09
O2 GOL JA . -18.09 -19.13 9.14
C3 GOL JA . -19.31 -21.19 9.28
O3 GOL JA . -19.63 -22.05 8.19
ZN ZN KA . -24.92 13.27 34.52
O5 A2G LA . 13.17 -31.72 -7.68
C1 A2G LA . 12.65 -32.42 -8.90
C2 A2G LA . 13.37 -32.03 -10.11
N2 A2G LA . 12.82 -32.76 -11.25
C3 A2G LA . 14.84 -32.32 -9.93
O3 A2G LA . 15.54 -32.04 -11.11
C4 A2G LA . 15.35 -31.55 -8.70
O4 A2G LA . 15.22 -30.13 -8.93
C5 A2G LA . 14.57 -31.96 -7.50
C6 A2G LA . 15.02 -31.27 -6.15
O6 A2G LA . 15.18 -29.87 -6.30
C7 A2G LA . 12.07 -32.10 -12.16
O7 A2G LA . 11.82 -30.90 -12.08
C8 A2G LA . 11.49 -32.92 -13.32
O5 A2G MA . 9.19 -42.71 -8.69
C1 A2G MA . 8.67 -41.42 -8.24
C2 A2G MA . 8.25 -41.52 -6.81
N2 A2G MA . 7.78 -40.20 -6.31
C3 A2G MA . 9.38 -42.03 -5.93
O3 A2G MA . 8.88 -42.15 -4.61
C4 A2G MA . 9.88 -43.42 -6.43
O4 A2G MA . 8.78 -44.25 -6.49
C5 A2G MA . 10.30 -43.28 -7.85
C6 A2G MA . 10.51 -44.63 -8.45
O6 A2G MA . 11.07 -44.40 -9.69
C7 A2G MA . 6.48 -39.98 -6.08
O7 A2G MA . 5.58 -40.73 -6.36
C8 A2G MA . 6.13 -38.58 -5.54
O5 A2G NA . 4.24 -37.40 -14.09
C1 A2G NA . 4.89 -38.62 -13.65
C2 A2G NA . 5.47 -39.40 -14.90
N2 A2G NA . 6.10 -40.65 -14.29
C3 A2G NA . 6.39 -38.53 -15.60
O3 A2G NA . 7.03 -39.17 -16.75
C4 A2G NA . 5.62 -37.26 -16.05
O4 A2G NA . 4.54 -37.55 -16.97
C5 A2G NA . 5.04 -36.58 -14.79
C6 A2G NA . 4.15 -35.36 -15.12
O6 A2G NA . 3.70 -34.82 -13.85
C7 A2G NA . 5.68 -41.86 -14.65
O7 A2G NA . 4.78 -42.06 -15.45
C8 A2G NA . 6.36 -43.04 -13.92
O5 A2G OA . -32.61 -9.72 -47.59
C1 A2G OA . -32.56 -9.50 -46.18
C2 A2G OA . -31.70 -8.29 -45.87
N2 A2G OA . -31.70 -8.05 -44.47
C3 A2G OA . -32.36 -7.05 -46.63
O3 A2G OA . -31.77 -5.93 -46.22
C4 A2G OA . -32.29 -7.30 -48.09
O4 A2G OA . -30.91 -7.33 -48.52
C5 A2G OA . -33.12 -8.49 -48.35
C6 A2G OA . -33.27 -8.99 -49.84
O6 A2G OA . -31.91 -9.05 -50.52
C7 A2G OA . -30.59 -8.31 -43.72
O7 A2G OA . -29.49 -8.67 -44.17
C8 A2G OA . -30.77 -7.93 -42.25
O5 A2G PA . -41.07 -10.77 -39.41
C1 A2G PA . -40.11 -11.57 -40.10
C2 A2G PA . -40.87 -12.74 -40.80
N2 A2G PA . -39.88 -13.63 -41.48
C3 A2G PA . -41.93 -12.18 -41.74
O3 A2G PA . -42.70 -13.21 -42.33
C4 A2G PA . -42.93 -11.26 -40.98
O4 A2G PA . -43.58 -12.03 -39.99
C5 A2G PA . -42.04 -10.19 -40.31
C6 A2G PA . -42.92 -9.22 -39.47
O6 A2G PA . -41.99 -8.30 -38.93
C7 A2G PA . -39.59 -14.86 -41.09
O7 A2G PA . -39.81 -15.28 -39.98
C8 A2G PA . -38.58 -15.63 -41.98
O5 A2G QA . -33.11 -13.00 -35.50
C1 A2G QA . -34.40 -12.45 -35.74
C2 A2G QA . -34.55 -11.15 -34.88
N2 A2G QA . -35.91 -10.64 -34.99
C3 A2G QA . -33.52 -10.13 -35.28
O3 A2G QA . -33.68 -8.95 -34.48
C4 A2G QA . -32.16 -10.78 -35.09
O4 A2G QA . -31.89 -11.09 -33.73
C5 A2G QA . -32.15 -12.07 -35.94
C6 A2G QA . -30.85 -12.79 -35.89
O6 A2G QA . -30.91 -13.95 -36.73
C7 A2G QA . -36.72 -10.58 -33.92
O7 A2G QA . -36.38 -10.85 -32.77
C8 A2G QA . -38.17 -10.18 -34.22
O5 A2G RA . 24.26 -3.39 -20.92
C1 A2G RA . 24.88 -4.09 -22.00
C2 A2G RA . 24.16 -5.35 -22.24
N2 A2G RA . 24.76 -6.12 -23.32
C3 A2G RA . 22.68 -5.01 -22.55
O3 A2G RA . 22.14 -6.20 -22.95
C4 A2G RA . 22.04 -4.30 -21.36
O4 A2G RA . 22.11 -5.29 -20.27
C5 A2G RA . 22.84 -3.12 -21.12
C6 A2G RA . 22.31 -2.29 -19.93
O6 A2G RA . 22.24 -3.07 -18.71
C7 A2G RA . 25.45 -7.25 -23.11
O7 A2G RA . 25.78 -7.69 -22.00
C8 A2G RA . 26.05 -7.93 -24.36
O5 A2G SA . 28.70 0.66 -31.07
C1 A2G SA . 29.05 0.48 -29.69
C2 A2G SA . 29.45 1.83 -29.20
N2 A2G SA . 29.86 1.77 -27.78
C3 A2G SA . 28.32 2.83 -29.39
O3 A2G SA . 28.85 4.01 -28.84
C4 A2G SA . 27.97 2.99 -30.90
O4 A2G SA . 29.19 3.45 -31.51
C5 A2G SA . 27.59 1.59 -31.30
C6 A2G SA . 27.12 1.52 -32.76
O6 A2G SA . 26.58 0.21 -32.98
C7 A2G SA . 31.13 1.87 -27.46
O7 A2G SA . 32.07 1.87 -28.30
C8 A2G SA . 31.39 1.84 -25.96
O5 A2G TA . 33.65 -6.44 -28.49
C1 A2G TA . 33.03 -5.52 -29.35
C2 A2G TA . 32.41 -6.37 -30.56
N2 A2G TA . 31.73 -5.33 -31.47
C3 A2G TA . 31.49 -7.35 -30.15
O3 A2G TA . 30.80 -8.07 -31.28
C4 A2G TA . 32.28 -8.34 -29.22
O4 A2G TA . 33.37 -8.92 -29.87
C5 A2G TA . 32.80 -7.46 -28.06
C6 A2G TA . 33.61 -8.25 -27.07
O6 A2G TA . 34.00 -7.41 -26.00
C7 A2G TA . 32.14 -5.21 -32.76
O7 A2G TA . 33.01 -5.90 -33.26
C8 A2G TA . 31.47 -4.12 -33.60
O5 A2G UA . -15.24 -7.51 35.53
C1 A2G UA . -15.48 -8.63 36.31
C2 A2G UA . -16.28 -8.18 37.63
N2 A2G UA . -16.50 -9.42 38.42
C3 A2G UA . -17.51 -7.54 37.27
O3 A2G UA . -18.21 -7.02 38.43
C4 A2G UA . -17.19 -6.33 36.36
O4 A2G UA . -16.33 -5.37 37.05
C5 A2G UA . -16.42 -6.82 35.14
C6 A2G UA . -15.92 -5.71 34.25
O6 A2G UA . -15.28 -6.31 33.10
C7 A2G UA . -15.99 -9.57 39.64
O7 A2G UA . -15.36 -8.67 40.21
C8 A2G UA . -16.16 -10.94 40.29
O5 A2G VA . -17.47 -16.04 37.42
C1 A2G VA . -17.15 -15.57 36.09
C2 A2G VA . -16.26 -16.62 35.42
N2 A2G VA . -16.01 -16.30 34.02
C3 A2G VA . -16.97 -18.01 35.45
O3 A2G VA . -16.13 -18.95 34.86
C4 A2G VA . -17.31 -18.42 36.92
O4 A2G VA . -16.12 -18.42 37.68
C5 A2G VA . -18.17 -17.31 37.49
C6 A2G VA . -18.43 -17.54 38.99
O6 A2G VA . -19.16 -16.41 39.46
C7 A2G VA . -14.78 -15.92 33.64
O7 A2G VA . -13.90 -15.59 34.42
C8 A2G VA . -14.53 -15.68 32.12
O5 A2G WA . -23.28 -12.77 27.71
C1 A2G WA . -22.90 -12.04 28.93
C2 A2G WA . -24.03 -11.13 29.32
N2 A2G WA . -23.64 -10.29 30.49
C3 A2G WA . -25.34 -11.91 29.61
O3 A2G WA . -26.34 -10.98 30.01
C4 A2G WA . -25.75 -12.64 28.34
O4 A2G WA . -26.16 -11.65 27.27
C5 A2G WA . -24.63 -13.53 27.94
C6 A2G WA . -24.92 -14.39 26.70
O6 A2G WA . -25.36 -13.65 25.55
C7 A2G WA . -23.41 -9.01 30.36
O7 A2G WA . -23.45 -8.38 29.30
C8 A2G WA . -23.07 -8.28 31.65
O5 A2G XA . 3.45 46.23 26.14
C1 A2G XA . 3.75 45.20 25.19
C2 A2G XA . 2.74 45.25 24.10
N2 A2G XA . 2.99 44.20 23.15
C3 A2G XA . 2.83 46.61 23.41
O3 A2G XA . 1.98 46.63 22.28
C4 A2G XA . 2.49 47.74 24.42
O4 A2G XA . 1.11 47.63 24.83
C5 A2G XA . 3.45 47.62 25.54
C6 A2G XA . 3.25 48.65 26.62
O6 A2G XA . 1.94 48.61 27.18
C7 A2G XA . 2.19 43.12 23.09
O7 A2G XA . 1.23 42.94 23.83
C8 A2G XA . 2.59 42.01 22.03
O5 A2G YA . 13.73 42.44 21.88
C1 A2G YA . 13.00 42.15 23.07
C2 A2G YA . 13.86 42.47 24.27
N2 A2G YA . 13.06 42.30 25.48
C3 A2G YA . 14.29 43.90 24.23
O3 A2G YA . 15.17 44.12 25.38
C4 A2G YA . 15.07 44.19 22.92
O4 A2G YA . 16.20 43.34 22.97
C5 A2G YA . 14.21 43.81 21.74
C6 A2G YA . 15.06 43.94 20.43
O6 A2G YA . 14.26 43.48 19.35
C7 A2G YA . 13.17 41.25 26.28
O7 A2G YA . 13.89 40.29 26.09
C8 A2G YA . 12.30 41.31 27.53
O5 A2G ZA . 8.13 35.31 22.58
C1 A2G ZA . 9.16 36.14 22.06
C2 A2G ZA . 9.12 36.08 20.46
N2 A2G ZA . 10.20 36.93 19.95
C3 A2G ZA . 7.81 36.53 19.95
O3 A2G ZA . 7.80 36.61 18.49
C4 A2G ZA . 6.77 35.60 20.53
O4 A2G ZA . 7.05 34.25 20.16
C5 A2G ZA . 6.87 35.71 22.08
C6 A2G ZA . 5.97 34.77 22.82
O6 A2G ZA . 6.08 35.08 24.25
C7 A2G ZA . 11.26 36.47 19.25
O7 A2G ZA . 11.36 35.31 18.86
C8 A2G ZA . 12.35 37.52 18.95
O5 A2G AB . -10.67 62.82 66.52
C1 A2G AB . -10.75 62.86 67.97
C2 A2G AB . -10.04 64.07 68.45
N2 A2G AB . -10.07 64.13 69.90
C3 A2G AB . -10.69 65.40 67.81
O3 A2G AB . -10.03 66.56 68.30
C4 A2G AB . -10.52 65.30 66.29
O4 A2G AB . -9.11 65.32 65.94
C5 A2G AB . -11.24 64.08 65.83
C6 A2G AB . -11.30 63.79 64.31
O6 A2G AB . -9.98 63.87 63.70
C7 A2G AB . -8.96 63.93 70.61
O7 A2G AB . -7.85 63.75 70.12
C8 A2G AB . -9.10 64.05 72.14
O5 A2G BB . -19.43 60.36 74.00
C1 A2G BB . -18.39 59.65 73.25
C2 A2G BB . -19.07 58.62 72.37
N2 A2G BB . -18.10 57.83 71.58
C3 A2G BB . -20.12 59.26 71.42
O3 A2G BB . -20.84 58.18 70.79
C4 A2G BB . -21.14 60.11 72.21
O4 A2G BB . -21.93 59.28 72.97
C5 A2G BB . -20.41 61.09 73.15
C6 A2G BB . -21.46 61.90 73.97
O6 A2G BB . -20.73 62.81 74.77
C7 A2G BB . -17.77 56.55 71.85
O7 A2G BB . -18.14 55.95 72.83
C8 A2G BB . -16.76 55.90 70.89
O5 A2G CB . -11.55 58.15 77.89
C1 A2G CB . -12.90 58.57 77.79
C2 A2G CB . -13.15 59.75 78.79
N2 A2G CB . -14.55 60.12 78.63
C3 A2G CB . -12.21 60.85 78.55
O3 A2G CB . -12.37 61.99 79.52
C4 A2G CB . -10.81 60.31 78.69
O4 A2G CB . -10.59 59.89 80.07
C5 A2G CB . -10.62 59.16 77.68
C6 A2G CB . -9.29 58.44 77.80
O6 A2G CB . -9.24 57.37 76.82
C7 A2G CB . -15.37 60.06 79.70
O7 A2G CB . -14.96 59.75 80.83
C8 A2G CB . -16.82 60.44 79.49
O5 A2G DB . -11.80 -36.69 -90.47
C1 A2G DB . -12.51 -36.70 -89.19
C2 A2G DB . -11.59 -36.20 -88.08
N2 A2G DB . -12.32 -36.10 -86.81
C3 A2G DB . -10.93 -34.85 -88.41
O3 A2G DB . -9.98 -34.59 -87.36
C4 A2G DB . -10.18 -35.00 -89.78
O4 A2G DB . -9.23 -36.04 -89.70
C5 A2G DB . -11.21 -35.43 -90.82
C6 A2G DB . -10.51 -35.61 -92.19
O6 A2G DB . -11.54 -35.84 -93.14
C7 A2G DB . -12.20 -37.06 -85.87
O7 A2G DB . -11.55 -38.09 -86.00
C8 A2G DB . -13.01 -36.79 -84.60
O5 A2G EB . -17.57 -43.34 -88.53
C1 A2G EB . -16.50 -42.68 -89.24
C2 A2G EB . -16.63 -42.95 -90.78
N2 A2G EB . -15.61 -42.19 -91.50
C3 A2G EB . -18.03 -42.55 -91.28
O3 A2G EB . -18.18 -42.79 -92.70
C4 A2G EB . -19.13 -43.29 -90.49
O4 A2G EB . -19.08 -44.70 -90.71
C5 A2G EB . -18.91 -42.99 -88.97
C6 A2G EB . -19.90 -43.64 -88.09
O6 A2G EB . -19.50 -43.31 -86.74
C7 A2G EB . -14.69 -42.87 -92.24
O7 A2G EB . -14.66 -44.11 -92.30
C8 A2G EB . -13.64 -42.04 -92.95
O5 A2G FB . -21.68 -31.90 -86.18
C1 A2G FB . -21.47 -33.03 -87.07
C2 A2G FB . -22.54 -33.05 -88.08
N2 A2G FB . -22.43 -34.25 -88.91
C3 A2G FB . -22.51 -31.76 -88.94
O3 A2G FB . -23.60 -31.83 -89.94
C4 A2G FB . -22.69 -30.55 -87.98
O4 A2G FB . -24.00 -30.60 -87.45
C5 A2G FB . -21.63 -30.56 -86.89
C6 A2G FB . -21.62 -29.38 -85.88
O6 A2G FB . -22.95 -29.27 -85.42
C7 A2G FB . -23.20 -35.35 -88.72
O7 A2G FB . -24.08 -35.43 -87.86
C8 A2G FB . -22.92 -36.52 -89.62
O5 A2G GB . 36.81 23.42 16.43
C1 A2G GB . 36.07 23.81 17.69
C2 A2G GB . 37.00 23.60 18.82
N2 A2G GB . 36.29 23.98 20.03
C3 A2G GB . 38.30 24.45 18.61
O3 A2G GB . 39.17 24.34 19.74
C4 A2G GB . 39.00 24.04 17.31
O4 A2G GB . 39.44 22.67 17.54
C5 A2G GB . 38.05 24.14 16.10
C6 A2G GB . 38.63 23.55 14.74
O6 A2G GB . 39.16 22.19 14.95
C7 A2G GB . 36.04 23.04 20.98
O7 A2G GB . 36.17 21.84 20.89
C8 A2G GB . 35.33 23.56 22.25
O5 A2G HB . 29.31 32.27 18.76
C1 A2G HB . 29.32 30.95 18.17
C2 A2G HB . 28.73 31.08 16.79
N2 A2G HB . 28.71 29.72 16.23
C3 A2G HB . 29.59 32.01 15.92
O3 A2G HB . 28.97 32.06 14.66
C4 A2G HB . 29.66 33.43 16.58
O4 A2G HB . 28.35 34.03 16.56
C5 A2G HB . 30.13 33.23 18.01
C6 A2G HB . 30.13 34.55 18.82
O6 A2G HB . 31.04 34.26 19.92
C7 A2G HB . 27.57 29.01 16.15
O7 A2G HB . 26.55 29.38 16.69
C8 A2G HB . 27.69 27.56 15.59
O5 A2G IB . 26.98 25.38 23.89
C1 A2G IB . 27.11 26.71 23.52
C2 A2G IB . 27.67 27.50 24.76
N2 A2G IB . 27.84 28.87 24.28
C3 A2G IB . 28.91 26.93 25.31
O3 A2G IB . 29.45 27.64 26.51
C4 A2G IB . 28.65 25.52 25.71
O4 A2G IB . 27.69 25.38 26.73
C5 A2G IB . 28.10 24.80 24.45
C6 A2G IB . 27.74 23.38 24.75
O6 A2G IB . 27.43 22.80 23.47
C7 A2G IB . 27.15 29.88 24.87
O7 A2G IB . 26.38 29.71 25.82
C8 A2G IB . 27.29 31.24 24.22
#